data_8B3B
#
_entry.id   8B3B
#
_cell.length_a   50.107
_cell.length_b   170.885
_cell.length_c   163.652
_cell.angle_alpha   90.00
_cell.angle_beta   90.71
_cell.angle_gamma   90.00
#
_symmetry.space_group_name_H-M   'P 1 21 1'
#
loop_
_entity.id
_entity.type
_entity.pdbx_description
1 polymer 'Variant surface glycoprotein 531'
2 polymer 'Variant surface glycoprotein 531'
3 polymer 'Variant surface glycoprotein 531'
4 branched alpha-D-mannopyranose-(1-2)-alpha-D-mannopyranose-(1-3)-[alpha-D-mannopyranose-(1-6)]beta-D-mannopyranose-(1-4)-2-acetamido-2-deoxy-beta-D-glucopyranose-(1-4)-2-acetamido-2-deoxy-beta-D-glucopyranose
5 non-polymer 2-acetamido-2-deoxy-beta-D-glucopyranose
6 non-polymer beta-D-mannopyranose
7 non-polymer alpha-D-mannopyranose
8 water water
#
loop_
_entity_poly.entity_id
_entity_poly.type
_entity_poly.pdbx_seq_one_letter_code
_entity_poly.pdbx_strand_id
1 'polypeptide(L)'
;VNGAGLLQTVWGPVCELTSELDGQAGAALKKEQEMLAKINDMQMAQLRAAIYLAKNPSTPHQNALAVLTAYYAERAGSGK
AYFLHALPKAVDSIRRAAYLKGHLDEYLNLLEKSSGGNNKCLVTTDDATVATRGGDQKLAGKNCKLSLSPLKPVDAALTY
ITKAGVGKLRYDDGGAGGNAVTPSKSGVHACKLLIAHNTAGYGDGGGVTADIDVFAGYMKVKATDAEPKLAAKSDLEEGG
GGGAEAWKALHTAIKQEADAEAAELTNETGKLGERRHFLAAATNVLGTGAAGTGNAGRAAVEAAFGSDSEGGDRKIIELI
EKELIVKGTANRDADESLGNIKTLKELGELLSYFQLKNSNTINELRNKLKA
;
A,C
2 'polypeptide(L)'
;VNGAGLLQTVWGPVCELTSELDGQAGAALKKEQEMLAKINDMQMAQLRAAIYLAKNPSTPHQNALAVLTAYYAERAGSGK
AYFLHALPKAVDSIRRAAYLKGHLDEYLNLLEKSSGGNNKCLVTTDDATVATRGGDQKLAGKNCKLSLSPLKPVDAALTY
ITKAGVGKLRYDDGGAGGNAVTPSKSGVHACKLLIAHNTAGYGDGGGVTADIDVFAGYMKVKATDAEPKLAAKSDLEEGG
GGGAEAWKALHTAIKQEADAEAAELTNETGKLGERRHFLAAATNVLGTGAAGTGNAGRAAVEAAFGSDSEGGDRKIIELI
EKELIVKGTANRDADESLGNIKTLKELGELLSYFQLKNSNTINELRNKLKAV
;
D,G,H
3 'polypeptide(L)'
;VNGAGLLQTVWGPVCELTSELDGQAGAALKKEQEMLAKINDMQMAQLRAAIYLAKNPSTPHQNALAVLTAYYAERAGSGK
AYFLHALPKAVDSIRRAAYLKGHLDEYLNLLEKSSGGNNKCLVTTDDATVATRGGDQKLAGKNCKLSLSPLKPVDAALTY
ITKAGVGKLRYDDGGAGGNAVTPSKSGVHACKLLIAHNTAGYGDGGGVTADIDVFAGYMKVKATDAEPKLAAKSDLEEGG
GGGAEAWKALHTAIKQEADAEAAELTNETGKLGERRHFLAAATNVLGTGAAGTGNAGRAAVEAAFGSDSEGGDRKIIELI
EKELIVKGTANRDADESLGNIKTLKELGELLSYFQLKNSNTINELRNKLK
;
B,E,F
#
# COMPACT_ATOMS: atom_id res chain seq x y z
N VAL A 1 -10.00 81.43 -18.92
CA VAL A 1 -8.91 81.28 -19.89
C VAL A 1 -8.81 79.81 -20.30
N ASN A 2 -8.75 79.58 -21.61
CA ASN A 2 -8.72 78.23 -22.15
C ASN A 2 -7.30 77.67 -22.11
N GLY A 3 -7.21 76.33 -22.05
CA GLY A 3 -5.95 75.63 -22.19
C GLY A 3 -5.53 74.76 -21.03
N ALA A 4 -6.32 74.59 -19.97
CA ALA A 4 -5.94 73.72 -18.86
C ALA A 4 -6.45 72.30 -19.12
N GLY A 5 -6.31 71.42 -18.14
CA GLY A 5 -6.70 70.04 -18.29
C GLY A 5 -8.18 69.82 -18.05
N LEU A 6 -8.56 68.56 -18.00
CA LEU A 6 -9.96 68.15 -17.91
C LEU A 6 -10.33 67.94 -16.45
N LEU A 7 -11.44 68.56 -16.02
CA LEU A 7 -11.88 68.45 -14.63
C LEU A 7 -12.32 67.02 -14.31
N GLN A 8 -12.10 66.62 -13.05
CA GLN A 8 -12.45 65.28 -12.63
C GLN A 8 -13.95 65.03 -12.61
N THR A 9 -14.77 66.08 -12.48
CA THR A 9 -16.21 65.88 -12.59
C THR A 9 -16.61 65.37 -13.96
N VAL A 10 -15.73 65.51 -14.96
CA VAL A 10 -16.00 64.98 -16.29
C VAL A 10 -15.40 63.57 -16.39
N TRP A 11 -14.09 63.43 -16.19
CA TRP A 11 -13.45 62.14 -16.46
C TRP A 11 -13.65 61.11 -15.34
N GLY A 12 -13.96 61.55 -14.13
CA GLY A 12 -14.18 60.62 -13.03
C GLY A 12 -15.24 59.60 -13.38
N PRO A 13 -16.43 60.08 -13.75
CA PRO A 13 -17.49 59.14 -14.18
C PRO A 13 -17.09 58.28 -15.36
N VAL A 14 -16.29 58.80 -16.30
CA VAL A 14 -15.86 57.99 -17.43
C VAL A 14 -14.91 56.88 -16.97
N CYS A 15 -14.03 57.18 -16.02
CA CYS A 15 -13.18 56.16 -15.42
C CYS A 15 -14.02 55.06 -14.77
N GLU A 16 -15.03 55.45 -13.99
CA GLU A 16 -15.87 54.45 -13.32
C GLU A 16 -16.61 53.60 -14.32
N LEU A 17 -17.11 54.20 -15.40
CA LEU A 17 -17.83 53.45 -16.43
C LEU A 17 -16.92 52.42 -17.08
N THR A 18 -15.76 52.85 -17.57
CA THR A 18 -14.87 51.93 -18.27
C THR A 18 -14.43 50.80 -17.34
N SER A 19 -14.30 51.08 -16.04
CA SER A 19 -14.03 50.01 -15.09
C SER A 19 -15.18 49.01 -15.03
N GLU A 20 -16.42 49.50 -15.12
CA GLU A 20 -17.55 48.59 -15.13
C GLU A 20 -17.61 47.77 -16.42
N LEU A 21 -17.25 48.37 -17.56
CA LEU A 21 -17.32 47.65 -18.82
C LEU A 21 -16.40 46.43 -18.83
N ASP A 22 -15.35 46.44 -18.00
CA ASP A 22 -14.40 45.34 -17.95
C ASP A 22 -15.07 44.00 -17.66
N GLY A 23 -16.06 44.00 -16.78
CA GLY A 23 -16.74 42.78 -16.37
C GLY A 23 -17.99 42.46 -17.16
N GLN A 24 -18.29 43.21 -18.22
CA GLN A 24 -19.54 42.98 -18.96
C GLN A 24 -19.54 41.61 -19.65
N ALA A 25 -18.41 41.23 -20.25
CA ALA A 25 -18.37 39.97 -20.98
C ALA A 25 -18.60 38.78 -20.06
N GLY A 26 -18.03 38.82 -18.85
CA GLY A 26 -18.21 37.72 -17.92
C GLY A 26 -19.64 37.60 -17.42
N ALA A 27 -20.31 38.73 -17.20
CA ALA A 27 -21.71 38.69 -16.80
C ALA A 27 -22.57 38.10 -17.91
N ALA A 28 -22.28 38.47 -19.16
CA ALA A 28 -23.00 37.92 -20.29
C ALA A 28 -22.74 36.43 -20.45
N LEU A 29 -21.50 36.00 -20.19
CA LEU A 29 -21.18 34.58 -20.24
C LEU A 29 -21.95 33.81 -19.17
N LYS A 30 -22.00 34.35 -17.95
CA LYS A 30 -22.73 33.68 -16.87
C LYS A 30 -24.20 33.52 -17.23
N LYS A 31 -24.83 34.56 -17.80
CA LYS A 31 -26.24 34.47 -18.16
C LYS A 31 -26.49 33.43 -19.25
N GLU A 32 -25.62 33.36 -20.25
CA GLU A 32 -25.80 32.34 -21.30
C GLU A 32 -25.66 30.94 -20.73
N GLN A 33 -24.66 30.74 -19.87
CA GLN A 33 -24.46 29.44 -19.25
C GLN A 33 -25.68 29.04 -18.42
N GLU A 34 -26.22 29.97 -17.65
CA GLU A 34 -27.38 29.66 -16.82
C GLU A 34 -28.60 29.36 -17.68
N MET A 35 -28.73 30.04 -18.81
CA MET A 35 -29.84 29.78 -19.74
C MET A 35 -29.74 28.39 -20.35
N LEU A 36 -28.53 28.01 -20.78
CA LEU A 36 -28.34 26.68 -21.36
C LEU A 36 -28.59 25.60 -20.34
N ALA A 37 -28.30 25.88 -19.06
CA ALA A 37 -28.53 24.91 -18.00
C ALA A 37 -30.03 24.65 -17.81
N LYS A 38 -30.86 25.70 -17.88
CA LYS A 38 -32.30 25.51 -17.76
C LYS A 38 -32.84 24.68 -18.93
N ILE A 39 -32.41 24.99 -20.14
CA ILE A 39 -32.86 24.23 -21.31
C ILE A 39 -32.50 22.76 -21.16
N ASN A 40 -31.27 22.49 -20.73
CA ASN A 40 -30.84 21.12 -20.55
C ASN A 40 -31.63 20.42 -19.44
N ASP A 41 -32.02 21.16 -18.39
CA ASP A 41 -32.84 20.57 -17.33
C ASP A 41 -34.19 20.14 -17.87
N MET A 42 -34.77 20.92 -18.79
CA MET A 42 -36.04 20.53 -19.40
C MET A 42 -35.89 19.25 -20.22
N GLN A 43 -34.82 19.17 -21.02
CA GLN A 43 -34.60 18.00 -21.86
C GLN A 43 -34.42 16.75 -21.00
N MET A 44 -33.70 16.87 -19.89
CA MET A 44 -33.47 15.71 -19.03
C MET A 44 -34.72 15.33 -18.26
N ALA A 45 -35.55 16.30 -17.87
CA ALA A 45 -36.82 15.97 -17.23
C ALA A 45 -37.74 15.21 -18.19
N GLN A 46 -37.73 15.60 -19.47
CA GLN A 46 -38.48 14.84 -20.47
C GLN A 46 -38.00 13.40 -20.52
N LEU A 47 -36.69 13.18 -20.51
CA LEU A 47 -36.15 11.84 -20.65
C LEU A 47 -36.47 10.98 -19.43
N ARG A 48 -36.46 11.57 -18.23
CA ARG A 48 -36.76 10.80 -17.02
C ARG A 48 -38.22 10.36 -16.98
N ALA A 49 -39.14 11.26 -17.32
CA ALA A 49 -40.55 10.87 -17.40
C ALA A 49 -40.76 9.78 -18.44
N ALA A 50 -40.07 9.89 -19.57
CA ALA A 50 -40.17 8.87 -20.61
C ALA A 50 -39.57 7.54 -20.15
N ILE A 51 -38.45 7.61 -19.41
CA ILE A 51 -37.85 6.38 -18.88
C ILE A 51 -38.79 5.71 -17.89
N TYR A 52 -39.41 6.50 -17.01
CA TYR A 52 -40.30 5.92 -16.00
C TYR A 52 -41.48 5.20 -16.64
N LEU A 53 -42.06 5.79 -17.69
CA LEU A 53 -43.19 5.16 -18.36
C LEU A 53 -42.77 3.88 -19.07
N ALA A 54 -41.63 3.92 -19.76
CA ALA A 54 -41.11 2.73 -20.42
C ALA A 54 -40.78 1.66 -19.40
N LYS A 55 -40.22 2.05 -18.26
CA LYS A 55 -39.85 1.07 -17.25
C LYS A 55 -41.07 0.47 -16.57
N ASN A 56 -42.15 1.25 -16.45
CA ASN A 56 -43.35 0.85 -15.72
C ASN A 56 -44.58 0.99 -16.61
N PRO A 57 -44.71 0.17 -17.65
CA PRO A 57 -45.87 0.31 -18.56
C PRO A 57 -47.20 0.19 -17.83
N SER A 58 -47.25 -0.56 -16.74
CA SER A 58 -48.49 -0.82 -16.03
C SER A 58 -48.77 0.23 -14.96
N THR A 59 -48.00 1.32 -14.95
CA THR A 59 -48.25 2.40 -14.01
C THR A 59 -49.70 2.85 -14.10
N PRO A 60 -50.32 3.25 -12.99
CA PRO A 60 -51.62 3.92 -13.07
C PRO A 60 -51.52 5.38 -13.50
N HIS A 61 -50.31 5.92 -13.63
CA HIS A 61 -50.09 7.32 -13.99
C HIS A 61 -49.69 7.47 -15.46
N GLN A 62 -50.12 6.55 -16.31
CA GLN A 62 -49.67 6.57 -17.70
C GLN A 62 -50.08 7.85 -18.42
N ASN A 63 -51.30 8.34 -18.17
CA ASN A 63 -51.73 9.58 -18.82
C ASN A 63 -50.93 10.77 -18.31
N ALA A 64 -50.69 10.83 -16.99
CA ALA A 64 -49.89 11.92 -16.44
C ALA A 64 -48.48 11.91 -17.00
N LEU A 65 -47.88 10.73 -17.17
CA LEU A 65 -46.53 10.66 -17.71
C LEU A 65 -46.50 11.08 -19.17
N ALA A 66 -47.53 10.73 -19.93
CA ALA A 66 -47.59 11.17 -21.31
C ALA A 66 -47.72 12.69 -21.39
N VAL A 67 -48.45 13.29 -20.46
CA VAL A 67 -48.59 14.74 -20.45
C VAL A 67 -47.26 15.39 -20.09
N LEU A 68 -46.59 14.87 -19.06
CA LEU A 68 -45.34 15.49 -18.61
C LEU A 68 -44.26 15.41 -19.67
N THR A 69 -44.12 14.25 -20.34
CA THR A 69 -43.09 14.11 -21.36
C THR A 69 -43.34 15.10 -22.50
N ALA A 70 -44.59 15.24 -22.94
CA ALA A 70 -44.90 16.19 -23.99
C ALA A 70 -44.73 17.62 -23.51
N TYR A 71 -45.02 17.89 -22.24
CA TYR A 71 -44.83 19.23 -21.69
C TYR A 71 -43.34 19.57 -21.60
N TYR A 72 -42.53 18.67 -21.05
CA TYR A 72 -41.10 18.96 -20.95
C TYR A 72 -40.46 19.11 -22.33
N ALA A 73 -41.01 18.42 -23.33
CA ALA A 73 -40.52 18.59 -24.70
C ALA A 73 -40.82 19.99 -25.23
N GLU A 74 -42.04 20.48 -24.99
CA GLU A 74 -42.39 21.84 -25.38
C GLU A 74 -41.52 22.85 -24.65
N ARG A 75 -41.25 22.60 -23.37
CA ARG A 75 -40.41 23.51 -22.60
C ARG A 75 -38.97 23.53 -23.14
N ALA A 76 -38.44 22.36 -23.51
CA ALA A 76 -37.08 22.32 -24.05
C ALA A 76 -37.00 23.01 -25.40
N GLY A 77 -38.03 22.84 -26.23
CA GLY A 77 -38.06 23.55 -27.51
C GLY A 77 -38.26 25.04 -27.34
N SER A 78 -39.12 25.43 -26.39
CA SER A 78 -39.38 26.84 -26.14
C SER A 78 -38.16 27.53 -25.56
N GLY A 79 -37.44 26.86 -24.67
CA GLY A 79 -36.21 27.43 -24.13
C GLY A 79 -35.13 27.55 -25.19
N LYS A 80 -34.98 26.51 -26.03
CA LYS A 80 -33.98 26.53 -27.09
C LYS A 80 -34.24 27.65 -28.08
N ALA A 81 -35.50 27.85 -28.47
CA ALA A 81 -35.83 28.92 -29.40
C ALA A 81 -35.55 30.29 -28.78
N TYR A 82 -35.84 30.44 -27.49
CA TYR A 82 -35.57 31.70 -26.82
C TYR A 82 -34.07 31.99 -26.75
N PHE A 83 -33.27 30.94 -26.50
CA PHE A 83 -31.83 31.13 -26.46
C PHE A 83 -31.29 31.53 -27.83
N LEU A 84 -31.76 30.86 -28.89
CA LEU A 84 -31.30 31.18 -30.24
C LEU A 84 -31.69 32.58 -30.65
N HIS A 85 -32.86 33.06 -30.21
CA HIS A 85 -33.26 34.43 -30.49
C HIS A 85 -32.41 35.43 -29.70
N ALA A 86 -31.99 35.05 -28.49
CA ALA A 86 -31.20 35.93 -27.64
C ALA A 86 -29.73 35.95 -28.01
N LEU A 87 -29.25 34.94 -28.75
CA LEU A 87 -27.82 34.80 -28.99
C LEU A 87 -27.23 35.96 -29.77
N PRO A 88 -27.84 36.45 -30.86
CA PRO A 88 -27.29 37.65 -31.52
C PRO A 88 -27.28 38.86 -30.62
N LYS A 89 -28.26 38.99 -29.73
CA LYS A 89 -28.31 40.11 -28.80
C LYS A 89 -27.20 40.01 -27.77
N ALA A 90 -26.89 38.79 -27.32
CA ALA A 90 -25.78 38.59 -26.39
C ALA A 90 -24.46 38.93 -27.04
N VAL A 91 -24.22 38.40 -28.24
CA VAL A 91 -22.97 38.69 -28.95
C VAL A 91 -22.79 40.19 -29.10
N ASP A 92 -23.84 40.89 -29.52
CA ASP A 92 -23.71 42.32 -29.79
C ASP A 92 -23.44 43.10 -28.50
N SER A 93 -24.04 42.68 -27.39
CA SER A 93 -23.79 43.38 -26.14
C SER A 93 -22.33 43.23 -25.70
N ILE A 94 -21.76 42.03 -25.90
CA ILE A 94 -20.35 41.81 -25.63
C ILE A 94 -19.49 42.65 -26.57
N ARG A 95 -19.85 42.64 -27.84
CA ARG A 95 -19.09 43.36 -28.86
C ARG A 95 -19.14 44.87 -28.61
N ARG A 96 -20.34 45.40 -28.40
CA ARG A 96 -20.49 46.84 -28.28
C ARG A 96 -19.89 47.37 -26.98
N ALA A 97 -20.02 46.61 -25.89
CA ALA A 97 -19.51 47.09 -24.61
C ALA A 97 -18.00 47.15 -24.61
N ALA A 98 -17.34 46.10 -25.12
CA ALA A 98 -15.89 46.09 -25.18
C ALA A 98 -15.37 47.11 -26.18
N TYR A 99 -16.10 47.34 -27.28
CA TYR A 99 -15.70 48.34 -28.25
C TYR A 99 -15.73 49.74 -27.66
N LEU A 100 -16.78 50.07 -26.90
CA LEU A 100 -16.80 51.36 -26.21
C LEU A 100 -15.66 51.47 -25.23
N LYS A 101 -15.41 50.40 -24.45
CA LYS A 101 -14.34 50.44 -23.46
C LYS A 101 -12.99 50.70 -24.12
N GLY A 102 -12.75 50.10 -25.29
CA GLY A 102 -11.52 50.36 -26.00
C GLY A 102 -11.36 51.82 -26.36
N HIS A 103 -12.43 52.45 -26.85
CA HIS A 103 -12.41 53.88 -27.11
C HIS A 103 -12.04 54.66 -25.85
N LEU A 104 -12.74 54.40 -24.74
CA LEU A 104 -12.54 55.19 -23.53
C LEU A 104 -11.13 54.98 -22.96
N ASP A 105 -10.62 53.76 -23.03
CA ASP A 105 -9.31 53.47 -22.45
C ASP A 105 -8.19 54.12 -23.27
N GLU A 106 -8.32 54.15 -24.60
CA GLU A 106 -7.29 54.78 -25.42
C GLU A 106 -7.12 56.26 -25.05
N TYR A 107 -8.21 56.99 -24.98
CA TYR A 107 -8.12 58.44 -24.74
C TYR A 107 -7.81 58.74 -23.27
N LEU A 108 -8.39 57.98 -22.33
CA LEU A 108 -8.07 58.17 -20.93
C LEU A 108 -6.59 57.98 -20.66
N ASN A 109 -6.01 56.90 -21.20
CA ASN A 109 -4.58 56.65 -21.03
C ASN A 109 -3.74 57.79 -21.61
N LEU A 110 -4.09 58.26 -22.82
CA LEU A 110 -3.35 59.35 -23.43
C LEU A 110 -3.35 60.58 -22.54
N LEU A 111 -4.52 60.94 -21.98
CA LEU A 111 -4.59 62.12 -21.10
C LEU A 111 -3.87 61.87 -19.78
N GLU A 112 -4.09 60.70 -19.17
CA GLU A 112 -3.45 60.40 -17.90
C GLU A 112 -1.94 60.45 -18.02
N LYS A 113 -1.39 59.91 -19.11
CA LYS A 113 0.05 59.87 -19.28
C LYS A 113 0.63 61.16 -19.83
N SER A 114 -0.20 62.07 -20.33
CA SER A 114 0.26 63.39 -20.77
C SER A 114 0.41 64.29 -19.54
N SER A 115 1.33 63.90 -18.68
CA SER A 115 1.55 64.50 -17.38
C SER A 115 3.05 64.61 -17.15
N GLY A 116 3.46 65.75 -16.58
CA GLY A 116 4.88 65.99 -16.38
C GLY A 116 5.24 67.44 -16.64
N GLY A 117 5.92 68.08 -15.69
CA GLY A 117 6.22 69.49 -15.85
C GLY A 117 4.93 70.29 -15.93
N ASN A 118 4.85 71.19 -16.92
CA ASN A 118 3.63 71.97 -17.10
C ASN A 118 2.46 71.12 -17.58
N ASN A 119 2.72 69.97 -18.21
CA ASN A 119 1.65 69.16 -18.79
C ASN A 119 0.80 68.54 -17.69
N LYS A 120 -0.49 68.87 -17.68
CA LYS A 120 -1.42 68.35 -16.67
C LYS A 120 -2.78 68.23 -17.36
N CYS A 121 -3.07 67.03 -17.88
CA CYS A 121 -4.23 66.83 -18.75
C CYS A 121 -5.44 66.26 -18.02
N LEU A 122 -5.24 65.45 -16.99
CA LEU A 122 -6.33 65.06 -16.10
C LEU A 122 -6.08 65.72 -14.75
N VAL A 123 -6.90 66.71 -14.41
CA VAL A 123 -6.73 67.45 -13.18
C VAL A 123 -7.92 67.14 -12.26
N THR A 124 -7.85 67.65 -11.03
CA THR A 124 -8.92 67.44 -10.08
C THR A 124 -9.93 68.59 -10.14
N THR A 125 -9.68 69.64 -9.34
CA THR A 125 -10.56 70.80 -9.26
C THR A 125 -9.93 72.09 -9.77
N ASP A 126 -8.61 72.14 -9.93
CA ASP A 126 -7.93 73.33 -10.40
C ASP A 126 -6.88 72.92 -11.44
N ASP A 127 -6.29 73.93 -12.09
CA ASP A 127 -5.42 73.67 -13.22
C ASP A 127 -4.08 73.06 -12.82
N ALA A 128 -3.71 73.15 -11.55
CA ALA A 128 -2.37 72.80 -11.10
C ALA A 128 -2.27 71.45 -10.41
N THR A 129 -3.39 70.77 -10.18
CA THR A 129 -3.42 69.52 -9.44
C THR A 129 -3.71 68.38 -10.40
N VAL A 130 -2.66 67.67 -10.79
CA VAL A 130 -2.76 66.57 -11.75
C VAL A 130 -3.09 65.29 -11.01
N ALA A 131 -3.86 64.43 -11.68
CA ALA A 131 -4.26 63.16 -11.08
C ALA A 131 -3.10 62.18 -11.10
N THR A 132 -2.97 61.41 -10.01
CA THR A 132 -1.94 60.39 -9.89
C THR A 132 -2.56 59.08 -9.40
N ARG A 133 -1.84 57.99 -9.65
CA ARG A 133 -2.27 56.68 -9.16
C ARG A 133 -1.83 56.49 -7.72
N GLY A 134 -2.74 56.01 -6.88
CA GLY A 134 -2.42 55.67 -5.50
C GLY A 134 -1.92 54.25 -5.40
N GLY A 135 -1.72 53.81 -4.15
CA GLY A 135 -1.26 52.45 -3.91
C GLY A 135 -2.25 51.40 -4.40
N ASP A 136 -3.54 51.66 -4.21
CA ASP A 136 -4.61 50.78 -4.67
C ASP A 136 -4.89 50.92 -6.17
N GLN A 137 -4.02 51.59 -6.92
CA GLN A 137 -4.17 51.82 -8.36
C GLN A 137 -5.41 52.65 -8.71
N LYS A 138 -6.01 53.33 -7.75
CA LYS A 138 -7.05 54.29 -8.06
C LYS A 138 -6.42 55.57 -8.59
N LEU A 139 -7.15 56.23 -9.50
CA LEU A 139 -6.69 57.47 -10.14
C LEU A 139 -7.40 58.64 -9.47
N ALA A 140 -6.67 59.37 -8.61
CA ALA A 140 -7.24 60.43 -7.78
C ALA A 140 -8.50 59.94 -7.07
N GLY A 141 -8.41 58.74 -6.50
CA GLY A 141 -9.50 58.17 -5.75
C GLY A 141 -10.57 57.47 -6.56
N LYS A 142 -10.39 57.36 -7.88
CA LYS A 142 -11.39 56.77 -8.74
C LYS A 142 -10.90 55.43 -9.30
N ASN A 143 -11.81 54.47 -9.40
CA ASN A 143 -11.52 53.25 -10.16
C ASN A 143 -11.34 53.62 -11.63
N CYS A 144 -10.18 53.26 -12.19
CA CYS A 144 -9.88 53.59 -13.59
C CYS A 144 -9.00 52.48 -14.15
N LYS A 145 -9.61 51.32 -14.41
CA LYS A 145 -8.89 50.17 -14.93
C LYS A 145 -8.96 50.22 -16.46
N LEU A 146 -7.84 50.56 -17.08
CA LEU A 146 -7.77 50.76 -18.53
C LEU A 146 -7.30 49.51 -19.26
N SER A 147 -7.79 48.34 -18.82
CA SER A 147 -7.44 47.06 -19.45
C SER A 147 -8.54 46.05 -19.14
N LEU A 148 -8.50 44.93 -19.86
CA LEU A 148 -9.48 43.87 -19.67
C LEU A 148 -8.92 42.84 -18.68
N SER A 149 -9.73 42.49 -17.68
CA SER A 149 -9.39 41.42 -16.75
C SER A 149 -9.63 40.06 -17.40
N PRO A 150 -9.02 39.00 -16.87
CA PRO A 150 -9.32 37.66 -17.41
C PRO A 150 -10.81 37.38 -17.34
N LEU A 151 -11.33 36.74 -18.38
CA LEU A 151 -12.76 36.47 -18.47
C LEU A 151 -13.18 35.48 -17.40
N LYS A 152 -14.19 35.88 -16.60
CA LYS A 152 -14.72 35.02 -15.54
C LYS A 152 -16.24 35.09 -15.58
N PRO A 153 -16.94 33.96 -15.52
CA PRO A 153 -18.42 33.99 -15.49
C PRO A 153 -18.92 34.40 -14.11
N VAL A 154 -18.79 35.68 -13.81
CA VAL A 154 -19.16 36.21 -12.52
C VAL A 154 -19.98 37.47 -12.73
N ASP A 155 -20.90 37.73 -11.80
CA ASP A 155 -21.73 38.92 -11.92
C ASP A 155 -20.84 40.15 -11.87
N ALA A 156 -21.22 41.17 -12.63
CA ALA A 156 -20.50 42.43 -12.65
C ALA A 156 -21.51 43.50 -12.95
N ALA A 157 -21.69 44.42 -12.01
CA ALA A 157 -22.70 45.46 -12.18
C ALA A 157 -22.31 46.40 -13.31
N LEU A 158 -23.27 46.73 -14.15
CA LEU A 158 -23.13 47.80 -15.15
C LEU A 158 -24.27 48.74 -14.84
N THR A 159 -23.95 49.84 -14.16
CA THR A 159 -24.92 50.76 -13.62
C THR A 159 -24.97 52.10 -14.36
N TYR A 160 -23.90 52.48 -15.06
CA TYR A 160 -23.87 53.73 -15.80
C TYR A 160 -24.66 53.68 -17.11
N ILE A 161 -24.92 52.49 -17.64
CA ILE A 161 -25.74 52.31 -18.84
C ILE A 161 -26.68 51.16 -18.57
N THR A 162 -27.98 51.42 -18.65
CA THR A 162 -29.01 50.44 -18.36
C THR A 162 -30.09 50.56 -19.45
N LYS A 163 -31.18 49.82 -19.26
CA LYS A 163 -32.30 49.89 -20.20
C LYS A 163 -32.87 51.31 -20.25
N ALA A 164 -32.82 52.04 -19.14
CA ALA A 164 -33.36 53.39 -19.09
C ALA A 164 -32.47 54.41 -19.79
N GLY A 165 -31.20 54.07 -20.06
CA GLY A 165 -30.27 54.96 -20.71
C GLY A 165 -29.01 55.09 -19.89
N VAL A 166 -28.28 56.18 -20.13
CA VAL A 166 -27.06 56.44 -19.39
C VAL A 166 -27.40 57.22 -18.13
N GLY A 167 -26.48 57.22 -17.19
CA GLY A 167 -26.65 58.01 -15.98
C GLY A 167 -25.31 58.32 -15.34
N LYS A 168 -25.33 59.30 -14.44
CA LYS A 168 -24.21 59.63 -13.56
C LYS A 168 -23.02 60.25 -14.29
N LEU A 169 -23.19 60.70 -15.53
CA LEU A 169 -22.19 61.46 -16.24
C LEU A 169 -22.63 62.91 -16.33
N ARG A 170 -21.68 63.80 -16.59
CA ARG A 170 -22.02 65.17 -16.93
C ARG A 170 -22.40 65.25 -18.40
N TYR A 171 -23.30 66.18 -18.72
CA TYR A 171 -23.79 66.36 -20.08
C TYR A 171 -23.78 67.84 -20.44
N ASP A 172 -23.86 68.11 -21.75
CA ASP A 172 -24.27 69.39 -22.30
C ASP A 172 -23.22 70.49 -22.25
N ASP A 173 -22.47 70.58 -21.15
CA ASP A 173 -21.67 71.76 -20.88
C ASP A 173 -20.46 71.88 -21.81
N GLY A 174 -19.90 73.09 -21.85
CA GLY A 174 -18.67 73.35 -22.57
C GLY A 174 -18.89 73.91 -23.96
N GLY A 175 -17.81 73.87 -24.74
CA GLY A 175 -17.82 74.30 -26.12
C GLY A 175 -17.47 75.75 -26.36
N ALA A 176 -17.02 76.49 -25.35
CA ALA A 176 -16.66 77.89 -25.52
C ALA A 176 -15.64 78.33 -24.46
N GLY A 177 -15.82 79.52 -23.89
CA GLY A 177 -14.87 80.07 -22.93
C GLY A 177 -15.34 80.10 -21.51
N GLY A 178 -16.40 79.40 -21.14
CA GLY A 178 -16.95 79.47 -19.79
C GLY A 178 -16.26 78.59 -18.76
N ASN A 179 -15.30 77.76 -19.19
CA ASN A 179 -14.55 76.89 -18.28
C ASN A 179 -15.47 76.05 -17.40
N ALA A 180 -16.44 75.40 -18.06
CA ALA A 180 -17.31 74.44 -17.40
C ALA A 180 -16.72 73.04 -17.34
N VAL A 181 -15.88 72.68 -18.32
CA VAL A 181 -15.30 71.34 -18.37
C VAL A 181 -13.80 71.35 -18.13
N THR A 182 -13.12 72.49 -18.28
CA THR A 182 -11.73 72.70 -17.92
C THR A 182 -11.66 73.87 -16.94
N PRO A 183 -10.74 73.84 -15.98
CA PRO A 183 -10.56 75.02 -15.12
C PRO A 183 -9.84 76.12 -15.89
N SER A 184 -10.09 77.36 -15.46
CA SER A 184 -9.44 78.50 -16.10
C SER A 184 -7.92 78.40 -15.94
N LYS A 185 -7.21 78.65 -17.03
CA LYS A 185 -5.75 78.52 -17.08
C LYS A 185 -5.08 79.69 -16.39
N SER A 186 -4.57 79.46 -15.17
CA SER A 186 -4.03 80.54 -14.36
C SER A 186 -2.58 80.88 -14.69
N GLY A 187 -1.83 79.96 -15.30
CA GLY A 187 -0.42 80.19 -15.55
C GLY A 187 0.21 79.23 -16.52
N VAL A 188 1.22 78.50 -16.05
CA VAL A 188 2.00 77.61 -16.92
C VAL A 188 1.37 76.24 -17.10
N HIS A 189 0.48 75.81 -16.20
CA HIS A 189 -0.14 74.50 -16.30
C HIS A 189 -1.00 74.44 -17.55
N ALA A 190 -0.85 73.38 -18.34
CA ALA A 190 -1.52 73.32 -19.62
C ALA A 190 -1.78 71.89 -20.05
N CYS A 191 -2.74 71.73 -20.96
CA CYS A 191 -2.98 70.47 -21.66
C CYS A 191 -3.43 70.83 -23.08
N LYS A 192 -2.48 70.80 -24.01
CA LYS A 192 -2.73 71.22 -25.39
C LYS A 192 -3.56 70.21 -26.18
N LEU A 193 -3.80 69.01 -25.65
CA LEU A 193 -4.53 67.99 -26.38
C LEU A 193 -6.02 68.29 -26.49
N LEU A 194 -6.57 69.09 -25.58
CA LEU A 194 -8.02 69.19 -25.46
C LEU A 194 -8.65 70.24 -26.37
N ILE A 195 -7.87 70.95 -27.18
CA ILE A 195 -8.38 71.91 -28.16
C ILE A 195 -7.59 71.75 -29.45
N ALA A 196 -8.28 71.53 -30.57
CA ALA A 196 -7.62 71.34 -31.85
C ALA A 196 -7.46 72.68 -32.58
N HIS A 197 -6.78 73.59 -31.91
CA HIS A 197 -6.61 74.97 -32.36
C HIS A 197 -5.31 75.48 -31.77
N ASN A 198 -4.75 76.51 -32.41
CA ASN A 198 -3.38 76.89 -32.13
C ASN A 198 -3.21 77.82 -30.93
N THR A 199 -4.23 78.57 -30.53
CA THR A 199 -4.03 79.55 -29.46
C THR A 199 -3.71 78.87 -28.14
N ALA A 200 -4.52 77.88 -27.74
CA ALA A 200 -4.32 77.18 -26.48
C ALA A 200 -4.32 75.66 -26.65
N GLY A 201 -4.26 75.16 -27.88
CA GLY A 201 -4.30 73.73 -28.15
C GLY A 201 -3.14 73.24 -29.01
N TYR A 202 -3.34 72.12 -29.70
CA TYR A 202 -2.29 71.48 -30.46
C TYR A 202 -2.32 71.80 -31.95
N GLY A 203 -3.25 72.63 -32.41
CA GLY A 203 -3.26 73.03 -33.80
C GLY A 203 -2.02 73.83 -34.17
N ASP A 204 -1.59 73.67 -35.41
CA ASP A 204 -0.46 74.43 -35.94
C ASP A 204 -0.97 75.47 -36.90
N GLY A 205 -0.73 76.75 -36.58
CA GLY A 205 -1.10 77.85 -37.44
C GLY A 205 -2.58 78.09 -37.58
N GLY A 206 -3.42 77.29 -36.94
CA GLY A 206 -4.85 77.42 -37.10
C GLY A 206 -5.53 76.17 -36.62
N GLY A 207 -6.86 76.18 -36.73
CA GLY A 207 -7.64 75.06 -36.30
C GLY A 207 -7.74 73.97 -37.36
N VAL A 208 -8.27 72.82 -36.94
CA VAL A 208 -8.53 71.73 -37.86
C VAL A 208 -9.85 72.03 -38.57
N THR A 209 -10.28 71.14 -39.45
CA THR A 209 -11.43 71.45 -40.29
C THR A 209 -12.73 71.45 -39.49
N ALA A 210 -12.88 70.54 -38.53
CA ALA A 210 -14.15 70.42 -37.82
C ALA A 210 -13.91 69.81 -36.45
N ASP A 211 -14.87 70.02 -35.55
CA ASP A 211 -14.78 69.45 -34.21
C ASP A 211 -14.56 67.95 -34.29
N ILE A 212 -13.88 67.40 -33.28
CA ILE A 212 -13.45 66.00 -33.30
C ILE A 212 -14.13 65.25 -32.15
N ASP A 213 -14.78 64.14 -32.49
CA ASP A 213 -15.39 63.28 -31.49
C ASP A 213 -14.30 62.47 -30.79
N VAL A 214 -14.24 62.58 -29.46
CA VAL A 214 -13.35 61.77 -28.63
C VAL A 214 -14.21 61.09 -27.57
N PHE A 215 -13.61 60.15 -26.84
CA PHE A 215 -14.37 59.30 -25.93
C PHE A 215 -15.56 58.69 -26.69
N ALA A 216 -15.32 58.36 -27.97
CA ALA A 216 -16.34 57.78 -28.84
C ALA A 216 -17.55 58.68 -29.00
N GLY A 217 -17.36 59.99 -28.90
CA GLY A 217 -18.44 60.94 -29.13
C GLY A 217 -19.10 61.49 -27.89
N TYR A 218 -18.67 61.05 -26.70
CA TYR A 218 -19.18 61.65 -25.48
C TYR A 218 -18.76 63.11 -25.35
N MET A 219 -17.66 63.49 -26.00
CA MET A 219 -17.08 64.82 -25.90
C MET A 219 -16.54 65.21 -27.27
N LYS A 220 -16.60 66.49 -27.59
CA LYS A 220 -16.07 67.03 -28.84
C LYS A 220 -14.87 67.91 -28.52
N VAL A 221 -13.73 67.61 -29.13
CA VAL A 221 -12.60 68.54 -29.09
C VAL A 221 -12.82 69.56 -30.21
N LYS A 222 -12.76 70.84 -29.87
CA LYS A 222 -13.22 71.89 -30.77
C LYS A 222 -12.13 72.29 -31.75
N ALA A 223 -12.56 72.60 -32.99
CA ALA A 223 -11.67 73.12 -34.02
C ALA A 223 -11.44 74.61 -33.87
N THR A 224 -12.08 75.25 -32.90
CA THR A 224 -11.93 76.67 -32.60
C THR A 224 -11.35 76.81 -31.20
N ASP A 225 -11.02 78.05 -30.83
CA ASP A 225 -10.46 78.33 -29.51
C ASP A 225 -11.58 78.20 -28.48
N ALA A 226 -11.83 76.95 -28.06
CA ALA A 226 -12.96 76.65 -27.19
C ALA A 226 -12.71 75.34 -26.46
N GLU A 227 -13.17 75.27 -25.21
CA GLU A 227 -13.02 74.04 -24.43
C GLU A 227 -13.95 72.96 -24.97
N PRO A 228 -13.69 71.69 -24.65
CA PRO A 228 -14.49 70.61 -25.22
C PRO A 228 -15.97 70.72 -24.85
N LYS A 229 -16.81 70.15 -25.71
CA LYS A 229 -18.26 70.18 -25.57
C LYS A 229 -18.77 68.78 -25.24
N LEU A 230 -19.46 68.65 -24.11
CA LEU A 230 -20.02 67.37 -23.70
C LEU A 230 -21.33 67.09 -24.43
N ALA A 231 -21.55 65.84 -24.83
CA ALA A 231 -22.79 65.49 -25.52
C ALA A 231 -23.98 65.62 -24.57
N ALA A 232 -25.15 65.85 -25.16
CA ALA A 232 -26.38 65.80 -24.38
C ALA A 232 -26.72 64.36 -24.02
N LYS A 233 -27.39 64.19 -22.87
CA LYS A 233 -27.75 62.85 -22.42
C LYS A 233 -28.47 62.06 -23.51
N SER A 234 -29.41 62.71 -24.20
CA SER A 234 -30.20 61.99 -25.20
C SER A 234 -29.37 61.58 -26.41
N ASP A 235 -28.27 62.25 -26.70
CA ASP A 235 -27.37 61.88 -27.83
C ASP A 235 -26.64 60.57 -27.51
N LEU A 236 -26.60 60.15 -26.24
CA LEU A 236 -25.90 58.93 -25.86
C LEU A 236 -26.84 57.73 -25.78
N GLU A 237 -28.10 57.90 -26.14
CA GLU A 237 -29.14 56.89 -25.95
C GLU A 237 -29.84 56.61 -27.26
N GLU A 238 -30.49 55.44 -27.31
CA GLU A 238 -31.27 55.05 -28.47
C GLU A 238 -32.21 56.16 -28.90
N GLY A 239 -32.26 56.41 -30.21
CA GLY A 239 -33.12 57.43 -30.76
C GLY A 239 -32.50 58.81 -30.82
N GLY A 240 -31.31 58.99 -30.27
CA GLY A 240 -30.68 60.29 -30.19
C GLY A 240 -30.15 60.77 -31.52
N GLY A 241 -29.64 62.00 -31.50
CA GLY A 241 -29.00 62.58 -32.66
C GLY A 241 -27.67 61.92 -32.96
N GLY A 242 -26.82 62.57 -33.75
CA GLY A 242 -25.56 62.00 -34.14
C GLY A 242 -24.39 62.42 -33.26
N GLY A 243 -23.25 61.80 -33.53
CA GLY A 243 -21.99 62.12 -32.89
C GLY A 243 -21.49 61.08 -31.92
N ALA A 244 -22.35 60.19 -31.42
CA ALA A 244 -21.95 59.18 -30.44
C ALA A 244 -22.64 57.84 -30.72
N GLU A 245 -22.41 57.30 -31.93
CA GLU A 245 -23.09 56.07 -32.33
C GLU A 245 -22.73 54.91 -31.42
N ALA A 246 -21.47 54.85 -30.98
CA ALA A 246 -21.03 53.73 -30.16
C ALA A 246 -21.76 53.69 -28.83
N TRP A 247 -22.17 54.86 -28.33
CA TRP A 247 -22.95 54.93 -27.09
C TRP A 247 -24.39 54.51 -27.33
N LYS A 248 -25.02 55.06 -28.36
CA LYS A 248 -26.41 54.70 -28.65
C LYS A 248 -26.54 53.21 -28.92
N ALA A 249 -25.60 52.65 -29.71
CA ALA A 249 -25.66 51.24 -30.07
C ALA A 249 -25.50 50.34 -28.85
N LEU A 250 -24.69 50.75 -27.88
CA LEU A 250 -24.57 49.94 -26.66
C LEU A 250 -25.85 50.03 -25.83
N HIS A 251 -26.44 51.22 -25.71
CA HIS A 251 -27.72 51.32 -25.00
C HIS A 251 -28.76 50.40 -25.64
N THR A 252 -28.87 50.44 -26.97
CA THR A 252 -29.81 49.58 -27.68
C THR A 252 -29.55 48.11 -27.38
N ALA A 253 -28.30 47.67 -27.47
CA ALA A 253 -27.98 46.28 -27.17
C ALA A 253 -28.38 45.92 -25.74
N ILE A 254 -28.17 46.84 -24.79
CA ILE A 254 -28.52 46.56 -23.40
C ILE A 254 -30.03 46.51 -23.22
N LYS A 255 -30.76 47.39 -23.94
CA LYS A 255 -32.22 47.37 -23.89
C LYS A 255 -32.77 46.04 -24.36
N GLN A 256 -32.11 45.40 -25.32
CA GLN A 256 -32.59 44.18 -25.96
C GLN A 256 -32.02 42.93 -25.32
N GLU A 257 -31.39 43.05 -24.16
CA GLU A 257 -30.81 41.89 -23.49
C GLU A 257 -31.90 40.94 -23.03
N ALA A 258 -31.58 39.64 -23.06
CA ALA A 258 -32.55 38.61 -22.72
C ALA A 258 -32.76 38.53 -21.22
N ASP A 259 -33.90 37.97 -20.84
CA ASP A 259 -34.29 37.76 -19.45
C ASP A 259 -33.89 36.36 -19.04
N ALA A 260 -33.00 36.24 -18.04
CA ALA A 260 -32.51 34.94 -17.62
C ALA A 260 -33.58 34.08 -16.98
N GLU A 261 -34.65 34.70 -16.46
CA GLU A 261 -35.77 33.97 -15.89
C GLU A 261 -37.03 34.14 -16.74
N ALA A 262 -36.84 34.33 -18.04
CA ALA A 262 -37.96 34.51 -18.95
C ALA A 262 -38.94 33.34 -18.83
N ALA A 263 -40.22 33.64 -19.09
CA ALA A 263 -41.24 32.60 -19.05
C ALA A 263 -40.91 31.45 -19.99
N GLU A 264 -40.25 31.75 -21.12
CA GLU A 264 -39.93 30.74 -22.12
C GLU A 264 -38.91 29.72 -21.62
N LEU A 265 -38.23 29.98 -20.49
CA LEU A 265 -37.16 29.14 -19.98
C LEU A 265 -37.52 28.38 -18.71
N THR A 266 -38.67 28.62 -18.11
CA THR A 266 -38.94 28.13 -16.77
C THR A 266 -40.19 27.25 -16.74
N ASN A 267 -40.34 26.52 -15.66
CA ASN A 267 -41.53 25.66 -15.48
C ASN A 267 -42.75 26.55 -15.37
N GLU A 268 -43.87 26.07 -15.85
CA GLU A 268 -45.16 26.71 -15.59
C GLU A 268 -45.67 26.33 -14.20
N THR A 269 -46.34 27.28 -13.54
CA THR A 269 -46.83 27.09 -12.18
C THR A 269 -48.35 27.31 -12.15
N GLY A 270 -48.93 27.12 -10.97
CA GLY A 270 -50.36 27.35 -10.77
C GLY A 270 -51.17 26.07 -10.87
N LYS A 271 -52.49 26.25 -10.89
CA LYS A 271 -53.40 25.13 -11.06
C LYS A 271 -53.10 24.43 -12.38
N LEU A 272 -53.04 23.10 -12.33
CA LEU A 272 -52.69 22.33 -13.51
C LEU A 272 -53.58 22.69 -14.69
N GLY A 273 -54.89 22.74 -14.47
CA GLY A 273 -55.84 23.00 -15.54
C GLY A 273 -55.74 24.38 -16.16
N GLU A 274 -54.93 25.27 -15.60
CA GLU A 274 -54.71 26.60 -16.15
C GLU A 274 -53.32 26.79 -16.72
N ARG A 275 -52.45 25.79 -16.63
CA ARG A 275 -51.14 25.84 -17.27
C ARG A 275 -51.32 25.66 -18.77
N ARG A 276 -51.06 26.72 -19.55
CA ARG A 276 -51.38 26.69 -20.97
C ARG A 276 -50.71 25.52 -21.68
N HIS A 277 -49.46 25.24 -21.36
CA HIS A 277 -48.71 24.22 -22.10
C HIS A 277 -48.95 22.81 -21.58
N PHE A 278 -49.33 22.67 -20.30
CA PHE A 278 -49.91 21.41 -19.85
C PHE A 278 -51.18 21.09 -20.63
N LEU A 279 -52.05 22.08 -20.77
CA LEU A 279 -53.32 21.89 -21.47
C LEU A 279 -53.08 21.53 -22.93
N ALA A 280 -52.11 22.21 -23.56
CA ALA A 280 -51.81 21.94 -24.96
C ALA A 280 -51.22 20.53 -25.12
N ALA A 281 -50.36 20.13 -24.19
CA ALA A 281 -49.81 18.77 -24.23
C ALA A 281 -50.91 17.73 -24.10
N ALA A 282 -51.79 17.89 -23.09
CA ALA A 282 -52.88 16.94 -22.92
C ALA A 282 -53.76 16.89 -24.16
N THR A 283 -54.07 18.04 -24.75
CA THR A 283 -54.93 18.07 -25.92
C THR A 283 -54.34 17.26 -27.07
N ASN A 284 -53.02 17.31 -27.25
CA ASN A 284 -52.42 16.72 -28.44
C ASN A 284 -52.14 15.22 -28.30
N VAL A 285 -51.79 14.74 -27.11
CA VAL A 285 -51.43 13.33 -26.97
C VAL A 285 -52.59 12.49 -26.45
N LEU A 286 -53.62 13.10 -25.87
CA LEU A 286 -54.78 12.37 -25.37
C LEU A 286 -56.04 12.59 -26.19
N GLY A 287 -56.20 13.77 -26.79
CA GLY A 287 -57.41 14.11 -27.52
C GLY A 287 -58.52 14.64 -26.62
N GLY A 297 -59.71 19.27 -22.51
CA GLY A 297 -58.37 19.70 -22.14
C GLY A 297 -58.16 19.69 -20.64
N ARG A 298 -58.65 20.73 -19.96
CA ARG A 298 -58.54 20.79 -18.51
C ARG A 298 -59.06 19.52 -17.85
N ALA A 299 -60.13 18.94 -18.40
CA ALA A 299 -60.69 17.72 -17.81
C ALA A 299 -59.71 16.55 -17.94
N ALA A 300 -59.06 16.42 -19.10
CA ALA A 300 -58.09 15.34 -19.28
C ALA A 300 -56.92 15.49 -18.32
N VAL A 301 -56.48 16.72 -18.08
CA VAL A 301 -55.33 16.95 -17.21
C VAL A 301 -55.68 16.59 -15.77
N GLU A 302 -56.84 17.02 -15.29
CA GLU A 302 -57.24 16.73 -13.92
C GLU A 302 -57.40 15.23 -13.70
N ALA A 303 -57.94 14.52 -14.69
CA ALA A 303 -58.08 13.08 -14.58
C ALA A 303 -56.73 12.37 -14.54
N ALA A 304 -55.75 12.88 -15.28
CA ALA A 304 -54.46 12.21 -15.38
C ALA A 304 -53.69 12.31 -14.07
N PHE A 305 -53.71 13.46 -13.42
CA PHE A 305 -52.93 13.70 -12.21
C PHE A 305 -53.71 13.48 -10.93
N GLY A 306 -55.00 13.20 -11.02
CA GLY A 306 -55.79 12.97 -9.82
C GLY A 306 -55.99 14.18 -8.94
N SER A 307 -55.67 15.38 -9.43
CA SER A 307 -55.82 16.58 -8.63
C SER A 307 -56.04 17.78 -9.53
N ASP A 308 -56.55 18.85 -8.93
CA ASP A 308 -56.59 20.17 -9.56
C ASP A 308 -55.73 21.18 -8.82
N SER A 309 -55.16 20.81 -7.67
CA SER A 309 -54.43 21.75 -6.85
C SER A 309 -53.24 22.33 -7.60
N GLU A 310 -52.57 23.29 -6.96
CA GLU A 310 -51.37 23.88 -7.55
C GLU A 310 -50.24 22.86 -7.63
N GLY A 311 -50.24 21.87 -6.74
CA GLY A 311 -49.17 20.88 -6.69
C GLY A 311 -49.63 19.49 -7.09
N GLY A 312 -50.57 19.41 -8.04
CA GLY A 312 -51.07 18.12 -8.46
C GLY A 312 -50.02 17.25 -9.13
N ASP A 313 -49.02 17.87 -9.75
CA ASP A 313 -47.98 17.14 -10.45
C ASP A 313 -46.85 16.67 -9.54
N ARG A 314 -46.82 17.12 -8.29
CA ARG A 314 -45.71 16.81 -7.37
C ARG A 314 -45.65 15.31 -7.08
N LYS A 315 -46.75 14.56 -7.07
CA LYS A 315 -46.71 13.15 -6.72
C LYS A 315 -46.00 12.33 -7.81
N ILE A 316 -46.37 12.55 -9.08
CA ILE A 316 -45.72 11.82 -10.16
C ILE A 316 -44.29 12.29 -10.35
N ILE A 317 -44.03 13.58 -10.18
CA ILE A 317 -42.67 14.09 -10.31
C ILE A 317 -41.76 13.42 -9.28
N GLU A 318 -42.22 13.30 -8.03
CA GLU A 318 -41.41 12.66 -7.00
C GLU A 318 -41.20 11.17 -7.31
N LEU A 319 -42.22 10.49 -7.85
CA LEU A 319 -42.07 9.08 -8.20
C LEU A 319 -40.99 8.90 -9.25
N ILE A 320 -40.96 9.78 -10.25
CA ILE A 320 -39.92 9.71 -11.27
C ILE A 320 -38.54 9.87 -10.63
N GLU A 321 -38.37 10.92 -9.82
CA GLU A 321 -37.06 11.22 -9.26
C GLU A 321 -36.55 10.11 -8.35
N LYS A 322 -37.43 9.49 -7.58
CA LYS A 322 -37.03 8.49 -6.59
C LYS A 322 -36.99 7.08 -7.16
N GLU A 323 -37.32 6.88 -8.43
CA GLU A 323 -37.30 5.55 -9.01
C GLU A 323 -35.88 4.98 -8.97
N LEU A 324 -35.74 3.76 -8.46
CA LEU A 324 -34.42 3.15 -8.33
C LEU A 324 -34.01 2.50 -9.64
N ILE A 325 -32.82 2.85 -10.11
CA ILE A 325 -32.20 2.21 -11.27
C ILE A 325 -31.09 1.32 -10.72
N VAL A 326 -31.29 0.00 -10.76
CA VAL A 326 -30.37 -0.92 -10.11
C VAL A 326 -29.12 -1.10 -10.96
N LYS A 327 -28.01 -1.43 -10.30
CA LYS A 327 -26.79 -1.82 -11.00
C LYS A 327 -27.10 -2.87 -12.06
N GLY A 328 -26.44 -2.75 -13.21
CA GLY A 328 -26.67 -3.65 -14.32
C GLY A 328 -27.70 -3.18 -15.32
N THR A 329 -28.59 -2.26 -14.93
CA THR A 329 -29.53 -1.68 -15.87
C THR A 329 -28.76 -0.82 -16.88
N ALA A 330 -28.86 -1.15 -18.16
CA ALA A 330 -28.09 -0.46 -19.19
C ALA A 330 -26.60 -0.52 -18.89
N ASN A 331 -26.15 -1.62 -18.29
CA ASN A 331 -24.75 -1.86 -17.98
C ASN A 331 -24.19 -0.85 -16.97
N ARG A 332 -25.06 -0.20 -16.18
CA ARG A 332 -24.61 0.74 -15.17
C ARG A 332 -23.96 -0.01 -14.00
N ASP A 333 -22.96 0.63 -13.38
CA ASP A 333 -22.12 -0.07 -12.42
C ASP A 333 -22.58 0.04 -10.97
N ALA A 334 -23.63 0.80 -10.69
CA ALA A 334 -24.10 0.97 -9.31
C ALA A 334 -25.56 1.37 -9.31
N ASP A 335 -26.24 1.05 -8.20
CA ASP A 335 -27.61 1.51 -8.01
C ASP A 335 -27.63 3.03 -7.94
N GLU A 336 -28.72 3.63 -8.42
CA GLU A 336 -28.85 5.08 -8.38
C GLU A 336 -30.31 5.46 -8.57
N SER A 337 -30.69 6.60 -7.98
CA SER A 337 -32.02 7.15 -8.20
C SER A 337 -32.07 7.88 -9.53
N LEU A 338 -33.18 7.71 -10.24
CA LEU A 338 -33.33 8.32 -11.56
C LEU A 338 -33.18 9.83 -11.52
N GLY A 339 -33.62 10.47 -10.43
CA GLY A 339 -33.53 11.91 -10.30
C GLY A 339 -32.11 12.44 -10.16
N ASN A 340 -31.13 11.57 -9.95
CA ASN A 340 -29.73 11.97 -9.84
C ASN A 340 -28.93 11.69 -11.09
N ILE A 341 -29.52 11.06 -12.10
CA ILE A 341 -28.83 10.76 -13.35
C ILE A 341 -28.96 11.98 -14.23
N LYS A 342 -27.82 12.57 -14.60
CA LYS A 342 -27.80 13.93 -15.13
C LYS A 342 -26.84 14.09 -16.31
N THR A 343 -26.78 13.09 -17.19
CA THR A 343 -26.13 13.26 -18.49
C THR A 343 -27.05 12.72 -19.58
N LEU A 344 -26.95 13.31 -20.77
CA LEU A 344 -27.78 12.86 -21.88
C LEU A 344 -27.39 11.48 -22.35
N LYS A 345 -26.10 11.14 -22.27
CA LYS A 345 -25.67 9.79 -22.63
C LYS A 345 -26.32 8.76 -21.72
N GLU A 346 -26.24 8.97 -20.40
CA GLU A 346 -26.78 8.00 -19.46
C GLU A 346 -28.30 7.88 -19.60
N LEU A 347 -29.00 9.01 -19.66
CA LEU A 347 -30.46 8.97 -19.76
C LEU A 347 -30.89 8.39 -21.10
N GLY A 348 -30.17 8.72 -22.17
CA GLY A 348 -30.51 8.17 -23.48
C GLY A 348 -30.28 6.68 -23.55
N GLU A 349 -29.26 6.16 -22.87
CA GLU A 349 -29.04 4.72 -22.84
C GLU A 349 -30.12 4.01 -22.02
N LEU A 350 -30.62 4.67 -20.97
CA LEU A 350 -31.70 4.08 -20.18
C LEU A 350 -33.01 4.03 -20.97
N LEU A 351 -33.37 5.12 -21.66
CA LEU A 351 -34.58 5.09 -22.48
C LEU A 351 -34.48 4.03 -23.56
N SER A 352 -33.31 3.89 -24.19
CA SER A 352 -33.11 2.87 -25.21
C SER A 352 -33.24 1.48 -24.61
N TYR A 353 -32.62 1.26 -23.45
CA TYR A 353 -32.69 -0.04 -22.78
C TYR A 353 -34.15 -0.43 -22.52
N PHE A 354 -34.95 0.49 -21.98
CA PHE A 354 -36.32 0.15 -21.62
C PHE A 354 -37.26 0.15 -22.84
N GLN A 355 -37.00 0.96 -23.87
CA GLN A 355 -37.78 0.84 -25.10
C GLN A 355 -37.59 -0.53 -25.73
N LEU A 356 -36.35 -1.03 -25.72
CA LEU A 356 -36.08 -2.38 -26.23
C LEU A 356 -36.81 -3.42 -25.39
N LYS A 357 -36.76 -3.29 -24.07
CA LYS A 357 -37.50 -4.19 -23.20
C LYS A 357 -38.99 -4.18 -23.56
N ASN A 358 -39.54 -2.99 -23.83
CA ASN A 358 -40.95 -2.90 -24.23
C ASN A 358 -41.22 -3.70 -25.49
N SER A 359 -40.35 -3.58 -26.50
CA SER A 359 -40.52 -4.34 -27.73
C SER A 359 -40.51 -5.84 -27.46
N ASN A 360 -39.56 -6.30 -26.64
CA ASN A 360 -39.46 -7.71 -26.35
C ASN A 360 -40.62 -8.19 -25.49
N THR A 361 -41.09 -7.34 -24.58
CA THR A 361 -42.27 -7.68 -23.80
C THR A 361 -43.49 -7.83 -24.70
N ILE A 362 -43.61 -6.96 -25.70
CA ILE A 362 -44.74 -7.00 -26.61
C ILE A 362 -44.71 -8.26 -27.46
N ASN A 363 -43.53 -8.55 -28.05
CA ASN A 363 -43.41 -9.72 -28.89
C ASN A 363 -43.64 -11.01 -28.11
N GLU A 364 -43.07 -11.10 -26.91
CA GLU A 364 -43.25 -12.29 -26.10
C GLU A 364 -44.71 -12.50 -25.73
N LEU A 365 -45.40 -11.41 -25.36
CA LEU A 365 -46.81 -11.53 -25.01
C LEU A 365 -47.63 -11.97 -26.22
N ARG A 366 -47.34 -11.42 -27.39
CA ARG A 366 -48.11 -11.78 -28.58
C ARG A 366 -47.91 -13.24 -28.94
N ASN A 367 -46.67 -13.74 -28.83
CA ASN A 367 -46.42 -15.14 -29.12
C ASN A 367 -47.07 -16.05 -28.09
N LYS A 368 -47.04 -15.66 -26.81
CA LYS A 368 -47.72 -16.46 -25.79
C LYS A 368 -49.23 -16.50 -26.06
N LEU A 369 -49.81 -15.38 -26.45
CA LEU A 369 -51.25 -15.29 -26.69
C LEU A 369 -51.68 -15.86 -28.03
N LYS A 370 -50.77 -15.99 -29.00
CA LYS A 370 -51.12 -16.48 -30.33
C LYS A 370 -52.08 -17.66 -30.26
N ALA A 371 -53.12 -17.60 -31.08
CA ALA A 371 -54.10 -18.67 -31.16
C ALA A 371 -53.69 -19.70 -32.22
N VAL B 1 -29.15 -3.64 -4.68
CA VAL B 1 -30.15 -4.16 -3.75
C VAL B 1 -29.93 -5.66 -3.52
N ASN B 2 -29.92 -6.09 -2.25
CA ASN B 2 -29.69 -7.49 -1.92
C ASN B 2 -30.96 -8.32 -2.11
N GLY B 3 -30.78 -9.61 -2.35
CA GLY B 3 -31.88 -10.57 -2.31
C GLY B 3 -32.13 -11.36 -3.57
N ALA B 4 -31.35 -11.21 -4.64
CA ALA B 4 -31.53 -12.01 -5.84
C ALA B 4 -30.69 -13.28 -5.76
N GLY B 5 -30.67 -14.06 -6.84
CA GLY B 5 -29.99 -15.33 -6.89
C GLY B 5 -28.50 -15.21 -7.14
N LEU B 6 -27.86 -16.37 -7.31
CA LEU B 6 -26.41 -16.48 -7.40
C LEU B 6 -25.99 -16.37 -8.87
N LEU B 7 -25.01 -15.51 -9.15
CA LEU B 7 -24.56 -15.31 -10.52
C LEU B 7 -23.85 -16.55 -11.05
N GLN B 8 -24.00 -16.77 -12.36
CA GLN B 8 -23.41 -17.96 -12.98
C GLN B 8 -21.89 -17.90 -13.02
N THR B 9 -21.27 -16.72 -12.98
CA THR B 9 -19.82 -16.67 -12.88
C THR B 9 -19.34 -17.25 -11.55
N VAL B 10 -20.22 -17.38 -10.57
CA VAL B 10 -19.85 -18.04 -9.33
C VAL B 10 -20.14 -19.54 -9.47
N TRP B 11 -21.39 -19.91 -9.75
CA TRP B 11 -21.77 -21.32 -9.63
C TRP B 11 -21.41 -22.16 -10.86
N GLY B 12 -21.19 -21.53 -12.01
CA GLY B 12 -20.79 -22.26 -13.19
C GLY B 12 -19.52 -23.07 -13.00
N PRO B 13 -18.46 -22.42 -12.54
CA PRO B 13 -17.23 -23.16 -12.24
C PRO B 13 -17.41 -24.25 -11.19
N VAL B 14 -18.28 -24.00 -10.20
CA VAL B 14 -18.54 -25.00 -9.18
C VAL B 14 -19.23 -26.21 -9.79
N CYS B 15 -20.18 -25.97 -10.71
CA CYS B 15 -20.82 -27.06 -11.44
C CYS B 15 -19.78 -27.88 -12.21
N GLU B 16 -18.88 -27.20 -12.95
CA GLU B 16 -17.88 -27.93 -13.74
C GLU B 16 -16.96 -28.73 -12.83
N LEU B 17 -16.55 -28.15 -11.71
CA LEU B 17 -15.69 -28.87 -10.77
C LEU B 17 -16.40 -30.11 -10.25
N THR B 18 -17.67 -29.98 -9.84
CA THR B 18 -18.35 -31.13 -9.28
C THR B 18 -18.58 -32.20 -10.33
N SER B 19 -18.69 -31.79 -11.60
CA SER B 19 -18.81 -32.76 -12.69
C SER B 19 -17.49 -33.51 -12.90
N GLU B 20 -16.36 -32.84 -12.72
CA GLU B 20 -15.07 -33.50 -12.82
C GLU B 20 -14.84 -34.47 -11.66
N LEU B 21 -15.30 -34.11 -10.46
CA LEU B 21 -15.06 -34.99 -9.31
C LEU B 21 -15.74 -36.35 -9.47
N ASP B 22 -16.82 -36.41 -10.24
CA ASP B 22 -17.53 -37.65 -10.48
C ASP B 22 -16.60 -38.78 -10.88
N GLY B 23 -15.67 -38.51 -11.80
CA GLY B 23 -14.79 -39.53 -12.33
C GLY B 23 -13.49 -39.76 -11.59
N GLN B 24 -13.26 -39.05 -10.49
CA GLN B 24 -11.96 -39.14 -9.82
C GLN B 24 -11.69 -40.55 -9.30
N ALA B 25 -12.70 -41.18 -8.70
CA ALA B 25 -12.48 -42.51 -8.11
C ALA B 25 -12.14 -43.53 -9.17
N GLY B 26 -12.79 -43.46 -10.34
CA GLY B 26 -12.47 -44.37 -11.41
C GLY B 26 -11.06 -44.19 -11.95
N ALA B 27 -10.58 -42.95 -11.96
CA ALA B 27 -9.21 -42.71 -12.41
C ALA B 27 -8.21 -43.23 -11.37
N ALA B 28 -8.55 -43.12 -10.08
CA ALA B 28 -7.69 -43.69 -9.05
C ALA B 28 -7.64 -45.20 -9.12
N LEU B 29 -8.80 -45.83 -9.39
CA LEU B 29 -8.84 -47.28 -9.53
C LEU B 29 -7.95 -47.75 -10.67
N LYS B 30 -8.07 -47.09 -11.83
CA LYS B 30 -7.24 -47.44 -12.98
C LYS B 30 -5.76 -47.36 -12.63
N LYS B 31 -5.36 -46.31 -11.90
CA LYS B 31 -3.96 -46.14 -11.53
C LYS B 31 -3.51 -47.23 -10.57
N GLU B 32 -4.39 -47.64 -9.65
CA GLU B 32 -4.03 -48.73 -8.74
C GLU B 32 -3.94 -50.05 -9.48
N GLN B 33 -4.85 -50.30 -10.43
CA GLN B 33 -4.83 -51.52 -11.21
C GLN B 33 -3.59 -51.59 -12.10
N GLU B 34 -3.18 -50.47 -12.69
CA GLU B 34 -1.99 -50.47 -13.54
C GLU B 34 -0.72 -50.71 -12.71
N MET B 35 -0.67 -50.17 -11.49
CA MET B 35 0.45 -50.40 -10.60
C MET B 35 0.55 -51.88 -10.22
N LEU B 36 -0.58 -52.46 -9.82
CA LEU B 36 -0.58 -53.87 -9.45
C LEU B 36 -0.17 -54.77 -10.61
N ALA B 37 -0.53 -54.40 -11.84
CA ALA B 37 -0.14 -55.19 -13.00
C ALA B 37 1.37 -55.17 -13.19
N LYS B 38 2.03 -54.03 -12.93
CA LYS B 38 3.47 -53.96 -13.07
C LYS B 38 4.16 -54.83 -12.03
N ILE B 39 3.67 -54.80 -10.80
CA ILE B 39 4.24 -55.64 -9.74
C ILE B 39 4.11 -57.11 -10.10
N ASN B 40 2.92 -57.51 -10.58
CA ASN B 40 2.69 -58.90 -10.96
C ASN B 40 3.58 -59.32 -12.12
N ASP B 41 3.80 -58.42 -13.08
CA ASP B 41 4.66 -58.75 -14.21
C ASP B 41 6.09 -59.00 -13.76
N MET B 42 6.57 -58.26 -12.76
CA MET B 42 7.89 -58.53 -12.21
C MET B 42 7.93 -59.92 -11.57
N GLN B 43 6.93 -60.23 -10.75
CA GLN B 43 6.91 -61.50 -10.04
C GLN B 43 6.89 -62.68 -11.02
N MET B 44 6.11 -62.56 -12.09
CA MET B 44 6.06 -63.64 -13.08
C MET B 44 7.34 -63.72 -13.90
N ALA B 45 7.98 -62.59 -14.18
CA ALA B 45 9.27 -62.63 -14.87
C ALA B 45 10.30 -63.36 -14.03
N GLN B 46 10.28 -63.17 -12.71
CA GLN B 46 11.17 -63.93 -11.85
C GLN B 46 10.92 -65.43 -12.01
N LEU B 47 9.64 -65.84 -11.97
CA LEU B 47 9.34 -67.27 -12.02
C LEU B 47 9.74 -67.87 -13.36
N ARG B 48 9.52 -67.15 -14.46
CA ARG B 48 9.86 -67.69 -15.76
C ARG B 48 11.36 -67.91 -15.90
N ALA B 49 12.17 -66.98 -15.39
CA ALA B 49 13.62 -67.17 -15.43
C ALA B 49 14.05 -68.34 -14.53
N ALA B 50 13.40 -68.50 -13.38
CA ALA B 50 13.75 -69.64 -12.52
C ALA B 50 13.35 -70.95 -13.17
N ILE B 51 12.19 -70.98 -13.84
CA ILE B 51 11.76 -72.18 -14.56
C ILE B 51 12.75 -72.53 -15.67
N TYR B 52 13.19 -71.52 -16.42
CA TYR B 52 14.08 -71.79 -17.55
C TYR B 52 15.41 -72.36 -17.06
N LEU B 53 15.93 -71.84 -15.94
CA LEU B 53 17.17 -72.35 -15.38
C LEU B 53 16.99 -73.77 -14.85
N ALA B 54 15.90 -74.01 -14.10
CA ALA B 54 15.65 -75.35 -13.59
C ALA B 54 15.43 -76.34 -14.73
N LYS B 55 14.79 -75.89 -15.80
CA LYS B 55 14.52 -76.77 -16.93
C LYS B 55 15.74 -77.04 -17.79
N ASN B 56 16.73 -76.13 -17.81
CA ASN B 56 17.89 -76.25 -18.68
C ASN B 56 19.18 -76.05 -17.88
N PRO B 57 19.50 -76.97 -16.98
CA PRO B 57 20.69 -76.78 -16.14
C PRO B 57 21.97 -76.58 -16.92
N SER B 58 22.04 -77.10 -18.14
CA SER B 58 23.27 -77.02 -18.93
C SER B 58 23.30 -75.80 -19.84
N THR B 59 22.37 -74.86 -19.67
CA THR B 59 22.37 -73.67 -20.50
C THR B 59 23.72 -72.95 -20.35
N PRO B 60 24.21 -72.33 -21.42
CA PRO B 60 25.40 -71.47 -21.27
C PRO B 60 25.11 -70.19 -20.52
N HIS B 61 23.87 -69.93 -20.13
CA HIS B 61 23.44 -68.68 -19.51
C HIS B 61 23.11 -68.83 -18.03
N GLN B 62 23.81 -69.72 -17.31
CA GLN B 62 23.48 -69.96 -15.92
C GLN B 62 23.62 -68.68 -15.10
N ASN B 63 24.72 -67.96 -15.29
CA ASN B 63 24.98 -66.78 -14.47
C ASN B 63 24.02 -65.64 -14.80
N ALA B 64 23.68 -65.48 -16.08
CA ALA B 64 22.70 -64.46 -16.47
C ALA B 64 21.33 -64.76 -15.86
N LEU B 65 20.92 -66.03 -15.88
CA LEU B 65 19.62 -66.39 -15.32
C LEU B 65 19.59 -66.20 -13.81
N ALA B 66 20.71 -66.45 -13.13
CA ALA B 66 20.77 -66.20 -11.69
C ALA B 66 20.61 -64.71 -11.40
N VAL B 67 21.23 -63.86 -12.22
CA VAL B 67 21.11 -62.42 -12.03
C VAL B 67 19.69 -61.96 -12.28
N LEU B 68 19.05 -62.49 -13.32
CA LEU B 68 17.70 -62.05 -13.68
C LEU B 68 16.67 -62.44 -12.62
N THR B 69 16.77 -63.67 -12.09
CA THR B 69 15.81 -64.09 -11.07
C THR B 69 15.94 -63.24 -9.81
N ALA B 70 17.18 -62.96 -9.39
CA ALA B 70 17.38 -62.12 -8.22
C ALA B 70 16.97 -60.68 -8.49
N TYR B 71 17.15 -60.21 -9.73
CA TYR B 71 16.76 -58.84 -10.08
C TYR B 71 15.24 -58.68 -10.11
N TYR B 72 14.53 -59.59 -10.78
CA TYR B 72 13.07 -59.48 -10.82
C TYR B 72 12.47 -59.61 -9.43
N ALA B 73 13.12 -60.39 -8.54
CA ALA B 73 12.66 -60.48 -7.16
C ALA B 73 12.79 -59.13 -6.45
N GLU B 74 13.93 -58.45 -6.64
CA GLU B 74 14.08 -57.11 -6.07
C GLU B 74 13.05 -56.16 -6.63
N ARG B 75 12.79 -56.23 -7.94
CA ARG B 75 11.78 -55.38 -8.56
C ARG B 75 10.41 -55.65 -7.99
N ALA B 76 10.08 -56.93 -7.76
CA ALA B 76 8.77 -57.26 -7.21
C ALA B 76 8.63 -56.70 -5.80
N GLY B 77 9.67 -56.83 -4.97
CA GLY B 77 9.60 -56.28 -3.63
C GLY B 77 9.57 -54.76 -3.61
N SER B 78 10.32 -54.12 -4.50
CA SER B 78 10.34 -52.66 -4.51
C SER B 78 9.03 -52.09 -5.03
N GLY B 79 8.47 -52.70 -6.09
CA GLY B 79 7.15 -52.28 -6.54
C GLY B 79 6.10 -52.48 -5.46
N LYS B 80 6.09 -53.65 -4.83
CA LYS B 80 5.14 -53.93 -3.76
C LYS B 80 5.25 -52.90 -2.64
N ALA B 81 6.48 -52.56 -2.23
CA ALA B 81 6.65 -51.58 -1.15
C ALA B 81 6.13 -50.22 -1.58
N TYR B 82 6.38 -49.84 -2.83
CA TYR B 82 5.89 -48.56 -3.33
C TYR B 82 4.38 -48.54 -3.35
N PHE B 83 3.75 -49.63 -3.81
CA PHE B 83 2.30 -49.71 -3.80
C PHE B 83 1.73 -49.56 -2.40
N LEU B 84 2.33 -50.24 -1.42
CA LEU B 84 1.78 -50.17 -0.07
C LEU B 84 1.96 -48.78 0.53
N HIS B 85 3.00 -48.06 0.12
CA HIS B 85 3.17 -46.68 0.53
C HIS B 85 2.12 -45.78 -0.12
N ALA B 86 1.71 -46.09 -1.34
CA ALA B 86 0.77 -45.26 -2.07
C ALA B 86 -0.68 -45.51 -1.71
N LEU B 87 -0.98 -46.67 -1.10
CA LEU B 87 -2.37 -47.06 -0.90
C LEU B 87 -3.11 -46.12 0.06
N PRO B 88 -2.56 -45.73 1.21
CA PRO B 88 -3.28 -44.75 2.04
C PRO B 88 -3.53 -43.45 1.31
N LYS B 89 -2.59 -43.01 0.48
CA LYS B 89 -2.77 -41.76 -0.26
C LYS B 89 -3.85 -41.90 -1.32
N ALA B 90 -3.92 -43.06 -1.97
CA ALA B 90 -4.97 -43.28 -2.96
C ALA B 90 -6.34 -43.33 -2.30
N VAL B 91 -6.46 -44.06 -1.18
CA VAL B 91 -7.74 -44.11 -0.47
C VAL B 91 -8.19 -42.71 -0.06
N ASP B 92 -7.27 -41.92 0.52
CA ASP B 92 -7.67 -40.60 1.00
C ASP B 92 -8.04 -39.67 -0.15
N SER B 93 -7.43 -39.81 -1.33
CA SER B 93 -7.82 -38.95 -2.44
C SER B 93 -9.23 -39.29 -2.91
N ILE B 94 -9.55 -40.59 -3.01
CA ILE B 94 -10.91 -41.00 -3.35
C ILE B 94 -11.89 -40.48 -2.31
N ARG B 95 -11.52 -40.58 -1.03
CA ARG B 95 -12.39 -40.16 0.05
C ARG B 95 -12.59 -38.66 0.05
N ARG B 96 -11.50 -37.89 -0.06
CA ARG B 96 -11.59 -36.44 0.01
C ARG B 96 -12.31 -35.85 -1.20
N ALA B 97 -12.12 -36.44 -2.39
CA ALA B 97 -12.79 -35.95 -3.58
C ALA B 97 -14.29 -36.20 -3.53
N ALA B 98 -14.69 -37.42 -3.16
CA ALA B 98 -16.11 -37.73 -3.09
C ALA B 98 -16.80 -36.92 -2.00
N TYR B 99 -16.10 -36.67 -0.90
CA TYR B 99 -16.69 -35.90 0.19
C TYR B 99 -16.96 -34.46 -0.22
N LEU B 100 -16.01 -33.82 -0.91
CA LEU B 100 -16.26 -32.48 -1.42
C LEU B 100 -17.42 -32.48 -2.41
N LYS B 101 -17.46 -33.48 -3.30
CA LYS B 101 -18.54 -33.54 -4.28
C LYS B 101 -19.90 -33.63 -3.59
N GLY B 102 -20.00 -34.43 -2.54
CA GLY B 102 -21.26 -34.50 -1.80
C GLY B 102 -21.68 -33.15 -1.24
N HIS B 103 -20.72 -32.41 -0.66
CA HIS B 103 -21.01 -31.05 -0.20
C HIS B 103 -21.58 -30.19 -1.33
N LEU B 104 -20.86 -30.14 -2.46
CA LEU B 104 -21.25 -29.25 -3.54
C LEU B 104 -22.59 -29.65 -4.14
N ASP B 105 -22.78 -30.96 -4.36
CA ASP B 105 -24.02 -31.43 -4.99
C ASP B 105 -25.23 -31.11 -4.11
N GLU B 106 -25.07 -31.21 -2.80
CA GLU B 106 -26.20 -30.95 -1.90
C GLU B 106 -26.65 -29.50 -2.03
N TYR B 107 -25.72 -28.55 -2.02
CA TYR B 107 -26.10 -27.14 -2.06
C TYR B 107 -26.49 -26.71 -3.47
N LEU B 108 -25.78 -27.18 -4.50
CA LEU B 108 -26.15 -26.85 -5.87
C LEU B 108 -27.56 -27.33 -6.20
N ASN B 109 -27.92 -28.52 -5.73
CA ASN B 109 -29.27 -29.05 -5.96
C ASN B 109 -30.31 -28.22 -5.22
N LEU B 110 -30.01 -27.82 -3.99
CA LEU B 110 -30.94 -27.00 -3.24
C LEU B 110 -31.22 -25.69 -3.98
N LEU B 111 -30.16 -25.04 -4.46
CA LEU B 111 -30.32 -23.77 -5.19
C LEU B 111 -31.00 -23.98 -6.53
N GLU B 112 -30.58 -25.01 -7.29
CA GLU B 112 -31.16 -25.26 -8.61
C GLU B 112 -32.66 -25.50 -8.50
N LYS B 113 -33.09 -26.25 -7.49
CA LYS B 113 -34.48 -26.62 -7.37
C LYS B 113 -35.32 -25.54 -6.68
N SER B 114 -34.67 -24.56 -6.05
CA SER B 114 -35.39 -23.43 -5.47
C SER B 114 -35.72 -22.43 -6.57
N SER B 115 -36.57 -22.90 -7.47
CA SER B 115 -36.92 -22.21 -8.70
C SER B 115 -38.41 -22.35 -8.91
N GLY B 116 -39.07 -21.24 -9.22
CA GLY B 116 -40.50 -21.24 -9.47
C GLY B 116 -41.12 -19.91 -9.09
N GLY B 117 -41.89 -19.31 -10.00
CA GLY B 117 -42.45 -17.99 -9.70
C GLY B 117 -41.33 -16.99 -9.46
N ASN B 118 -41.47 -16.22 -8.38
CA ASN B 118 -40.44 -15.25 -8.02
C ASN B 118 -39.12 -15.93 -7.66
N ASN B 119 -39.16 -17.16 -7.15
CA ASN B 119 -37.95 -17.81 -6.67
C ASN B 119 -37.02 -18.12 -7.84
N LYS B 120 -35.83 -17.50 -7.82
CA LYS B 120 -34.80 -17.72 -8.84
C LYS B 120 -33.46 -17.67 -8.11
N CYS B 121 -32.91 -18.85 -7.78
CA CYS B 121 -31.73 -18.94 -6.92
C CYS B 121 -30.43 -19.18 -7.66
N LEU B 122 -30.46 -19.85 -8.82
CA LEU B 122 -29.32 -19.92 -9.73
C LEU B 122 -29.70 -19.13 -10.98
N VAL B 123 -29.07 -17.98 -11.17
CA VAL B 123 -29.38 -17.11 -12.30
C VAL B 123 -28.16 -17.01 -13.21
N THR B 124 -28.36 -16.43 -14.39
CA THR B 124 -27.26 -16.26 -15.33
C THR B 124 -26.53 -14.97 -15.05
N THR B 125 -26.98 -13.86 -15.64
CA THR B 125 -26.32 -12.57 -15.48
C THR B 125 -27.20 -11.50 -14.83
N ASP B 126 -28.50 -11.72 -14.69
CA ASP B 126 -29.39 -10.77 -14.06
C ASP B 126 -30.37 -11.52 -13.16
N ASP B 127 -31.14 -10.75 -12.38
CA ASP B 127 -32.01 -11.33 -11.37
C ASP B 127 -33.17 -12.11 -11.96
N ALA B 128 -33.47 -11.93 -13.25
CA ALA B 128 -34.72 -12.42 -13.81
C ALA B 128 -34.57 -13.70 -14.62
N THR B 129 -33.34 -14.16 -14.88
CA THR B 129 -33.06 -15.30 -15.77
C THR B 129 -32.56 -16.48 -14.95
N VAL B 130 -33.45 -17.42 -14.66
CA VAL B 130 -33.13 -18.59 -13.84
C VAL B 130 -32.54 -19.67 -14.74
N ALA B 131 -31.60 -20.43 -14.19
CA ALA B 131 -30.97 -21.50 -14.94
C ALA B 131 -31.93 -22.68 -15.11
N THR B 132 -31.92 -23.27 -16.31
CA THR B 132 -32.74 -24.43 -16.60
C THR B 132 -31.90 -25.50 -17.28
N ARG B 133 -32.37 -26.74 -17.17
CA ARG B 133 -31.72 -27.85 -17.83
C ARG B 133 -32.11 -27.90 -19.30
N GLY B 134 -31.12 -28.14 -20.15
CA GLY B 134 -31.37 -28.36 -21.56
C GLY B 134 -31.54 -29.83 -21.88
N GLY B 135 -31.70 -30.11 -23.17
CA GLY B 135 -31.91 -31.48 -23.60
C GLY B 135 -30.71 -32.38 -23.34
N ASP B 136 -29.52 -31.80 -23.31
CA ASP B 136 -28.30 -32.55 -22.99
C ASP B 136 -27.99 -32.54 -21.49
N GLN B 137 -28.95 -32.16 -20.66
CA GLN B 137 -28.82 -32.11 -19.20
C GLN B 137 -27.81 -31.06 -18.74
N LYS B 138 -27.34 -30.19 -19.62
CA LYS B 138 -26.53 -29.07 -19.19
C LYS B 138 -27.39 -28.07 -18.43
N LEU B 139 -26.79 -27.35 -17.50
CA LEU B 139 -27.49 -26.34 -16.72
C LEU B 139 -27.00 -24.98 -17.21
N ALA B 140 -27.86 -24.28 -17.95
CA ALA B 140 -27.50 -23.03 -18.60
C ALA B 140 -26.14 -23.15 -19.31
N GLY B 141 -25.97 -24.26 -20.02
CA GLY B 141 -24.78 -24.46 -20.84
C GLY B 141 -23.60 -25.09 -20.12
N LYS B 142 -23.73 -25.40 -18.84
CA LYS B 142 -22.63 -25.94 -18.05
C LYS B 142 -22.90 -27.40 -17.69
N ASN B 143 -21.85 -28.22 -17.75
CA ASN B 143 -21.93 -29.55 -17.16
C ASN B 143 -22.21 -29.39 -15.68
N CYS B 144 -23.24 -30.07 -15.18
CA CYS B 144 -23.57 -29.98 -13.77
C CYS B 144 -24.21 -31.31 -13.35
N LYS B 145 -23.37 -32.34 -13.26
CA LYS B 145 -23.77 -33.69 -12.87
C LYS B 145 -23.76 -33.78 -11.35
N LEU B 146 -24.96 -33.80 -10.75
CA LEU B 146 -25.10 -33.77 -9.30
C LEU B 146 -25.29 -35.16 -8.71
N SER B 147 -24.55 -36.14 -9.23
CA SER B 147 -24.63 -37.50 -8.74
C SER B 147 -23.37 -38.23 -9.20
N LEU B 148 -23.18 -39.43 -8.66
CA LEU B 148 -22.07 -40.28 -9.03
C LEU B 148 -22.50 -41.25 -10.13
N SER B 149 -21.70 -41.31 -11.19
CA SER B 149 -21.90 -42.28 -12.25
C SER B 149 -21.31 -43.63 -11.84
N PRO B 150 -21.72 -44.72 -12.50
CA PRO B 150 -21.16 -46.03 -12.17
C PRO B 150 -19.64 -46.01 -12.27
N LEU B 151 -19.00 -46.63 -11.29
CA LEU B 151 -17.55 -46.67 -11.24
C LEU B 151 -16.97 -47.46 -12.40
N LYS B 152 -16.04 -46.86 -13.14
CA LYS B 152 -15.32 -47.51 -14.22
C LYS B 152 -13.86 -47.07 -14.21
N PRO B 153 -12.92 -48.00 -14.43
CA PRO B 153 -11.50 -47.61 -14.41
C PRO B 153 -11.05 -46.91 -15.69
N VAL B 154 -11.45 -45.65 -15.81
CA VAL B 154 -11.14 -44.85 -16.99
C VAL B 154 -10.58 -43.52 -16.52
N ASP B 155 -9.70 -42.95 -17.35
CA ASP B 155 -9.14 -41.65 -17.03
C ASP B 155 -10.26 -40.61 -17.04
N ALA B 156 -10.14 -39.64 -16.14
CA ALA B 156 -11.11 -38.57 -16.02
C ALA B 156 -10.33 -37.35 -15.58
N ALA B 157 -10.36 -36.30 -16.38
CA ALA B 157 -9.57 -35.12 -16.08
C ALA B 157 -10.09 -34.42 -14.83
N LEU B 158 -9.16 -34.01 -13.96
CA LEU B 158 -9.45 -33.16 -12.81
C LEU B 158 -8.56 -31.93 -13.00
N THR B 159 -9.17 -30.84 -13.48
CA THR B 159 -8.42 -29.66 -13.89
C THR B 159 -8.63 -28.46 -12.98
N TYR B 160 -9.73 -28.43 -12.21
CA TYR B 160 -10.00 -27.32 -11.31
C TYR B 160 -9.19 -27.38 -10.02
N ILE B 161 -8.68 -28.56 -9.66
CA ILE B 161 -7.81 -28.72 -8.50
C ILE B 161 -6.68 -29.66 -8.92
N THR B 162 -5.45 -29.20 -8.79
CA THR B 162 -4.26 -29.94 -9.15
C THR B 162 -3.21 -29.75 -8.07
N LYS B 163 -2.01 -30.28 -8.31
CA LYS B 163 -0.93 -30.12 -7.34
C LYS B 163 -0.63 -28.65 -7.10
N ALA B 164 -0.83 -27.77 -8.08
CA ALA B 164 -0.51 -26.36 -7.92
C ALA B 164 -1.57 -25.58 -7.14
N GLY B 165 -2.73 -26.16 -6.88
CA GLY B 165 -3.79 -25.48 -6.16
C GLY B 165 -5.08 -25.53 -6.95
N VAL B 166 -6.00 -24.61 -6.61
CA VAL B 166 -7.27 -24.52 -7.32
C VAL B 166 -7.12 -23.56 -8.49
N GLY B 167 -8.06 -23.64 -9.43
CA GLY B 167 -8.05 -22.72 -10.56
C GLY B 167 -9.44 -22.52 -11.09
N LYS B 168 -9.62 -21.41 -11.81
CA LYS B 168 -10.79 -21.15 -12.62
C LYS B 168 -12.05 -20.91 -11.81
N LEU B 169 -11.92 -20.61 -10.53
CA LEU B 169 -13.02 -20.16 -9.69
C LEU B 169 -12.86 -18.67 -9.42
N ARG B 170 -13.97 -18.03 -9.09
CA ARG B 170 -13.94 -16.69 -8.54
C ARG B 170 -13.57 -16.75 -7.07
N TYR B 171 -12.83 -15.75 -6.61
CA TYR B 171 -12.41 -15.68 -5.22
C TYR B 171 -12.76 -14.30 -4.65
N ASP B 172 -12.78 -14.24 -3.32
CA ASP B 172 -12.70 -13.00 -2.55
C ASP B 172 -13.97 -12.15 -2.50
N ASP B 173 -14.68 -12.03 -3.63
CA ASP B 173 -15.69 -10.99 -3.74
C ASP B 173 -16.92 -11.29 -2.88
N GLY B 174 -17.69 -10.24 -2.61
CA GLY B 174 -18.95 -10.35 -1.91
C GLY B 174 -18.86 -9.90 -0.46
N GLY B 175 -19.91 -10.25 0.29
CA GLY B 175 -19.98 -9.99 1.71
C GLY B 175 -20.61 -8.68 2.13
N ALA B 176 -21.17 -7.91 1.20
CA ALA B 176 -21.85 -6.67 1.56
C ALA B 176 -22.92 -6.32 0.52
N GLY B 177 -23.03 -5.03 0.16
CA GLY B 177 -24.07 -4.59 -0.74
C GLY B 177 -23.62 -4.24 -2.14
N GLY B 178 -22.47 -4.77 -2.56
CA GLY B 178 -21.93 -4.44 -3.87
C GLY B 178 -22.49 -5.24 -5.04
N ASN B 179 -23.32 -6.24 -4.77
CA ASN B 179 -23.83 -7.14 -5.81
C ASN B 179 -22.73 -7.63 -6.75
N ALA B 180 -21.63 -8.11 -6.15
CA ALA B 180 -20.55 -8.73 -6.92
C ALA B 180 -20.78 -10.21 -7.19
N VAL B 181 -21.50 -10.90 -6.30
CA VAL B 181 -21.78 -12.31 -6.47
C VAL B 181 -23.26 -12.59 -6.72
N THR B 182 -24.13 -11.61 -6.49
CA THR B 182 -25.55 -11.68 -6.85
C THR B 182 -25.92 -10.44 -7.64
N PRO B 183 -26.81 -10.55 -8.63
CA PRO B 183 -27.23 -9.33 -9.34
C PRO B 183 -28.15 -8.49 -8.46
N SER B 184 -28.17 -7.19 -8.74
CA SER B 184 -29.01 -6.30 -7.95
C SER B 184 -30.48 -6.66 -8.17
N LYS B 185 -31.23 -6.72 -7.06
CA LYS B 185 -32.63 -7.12 -7.07
C LYS B 185 -33.50 -5.98 -7.60
N SER B 186 -34.02 -6.14 -8.83
CA SER B 186 -34.74 -5.08 -9.51
C SER B 186 -36.24 -5.10 -9.25
N GLY B 187 -36.80 -6.22 -8.83
CA GLY B 187 -38.24 -6.36 -8.72
C GLY B 187 -38.67 -7.47 -7.79
N VAL B 188 -39.51 -8.37 -8.33
CA VAL B 188 -40.08 -9.46 -7.55
C VAL B 188 -39.19 -10.69 -7.50
N HIS B 189 -38.17 -10.78 -8.35
CA HIS B 189 -37.32 -11.97 -8.41
C HIS B 189 -36.42 -12.03 -7.18
N ALA B 190 -36.29 -13.21 -6.60
CA ALA B 190 -35.65 -13.30 -5.29
C ALA B 190 -35.12 -14.70 -5.04
N CYS B 191 -34.16 -14.78 -4.11
CA CYS B 191 -33.68 -16.04 -3.54
C CYS B 191 -33.35 -15.78 -2.07
N LYS B 192 -34.26 -16.16 -1.16
CA LYS B 192 -34.04 -15.91 0.26
C LYS B 192 -32.97 -16.81 0.87
N LEU B 193 -32.57 -17.90 0.20
CA LEU B 193 -31.61 -18.84 0.78
C LEU B 193 -30.22 -18.24 0.96
N LEU B 194 -29.86 -17.23 0.16
CA LEU B 194 -28.46 -16.79 0.10
C LEU B 194 -28.06 -15.81 1.20
N ILE B 195 -28.99 -15.40 2.06
CA ILE B 195 -28.67 -14.52 3.18
C ILE B 195 -29.43 -15.02 4.41
N ALA B 196 -28.71 -15.23 5.52
CA ALA B 196 -29.32 -15.71 6.76
C ALA B 196 -29.72 -14.53 7.66
N HIS B 197 -30.61 -13.71 7.11
CA HIS B 197 -31.04 -12.45 7.72
C HIS B 197 -32.43 -12.15 7.17
N ASN B 198 -33.18 -11.32 7.90
CA ASN B 198 -34.61 -11.18 7.61
C ASN B 198 -34.92 -10.15 6.54
N THR B 199 -34.06 -9.16 6.31
CA THR B 199 -34.42 -8.09 5.38
C THR B 199 -34.55 -8.62 3.96
N ALA B 200 -33.55 -9.40 3.50
CA ALA B 200 -33.55 -9.94 2.15
C ALA B 200 -33.26 -11.44 2.10
N GLY B 201 -33.25 -12.13 3.25
CA GLY B 201 -32.90 -13.54 3.31
C GLY B 201 -33.96 -14.34 4.05
N TYR B 202 -33.53 -15.45 4.65
CA TYR B 202 -34.45 -16.41 5.25
C TYR B 202 -34.49 -16.32 6.77
N GLY B 203 -33.81 -15.36 7.37
CA GLY B 203 -33.88 -15.20 8.81
C GLY B 203 -35.23 -14.64 9.24
N ASP B 204 -35.69 -15.10 10.40
CA ASP B 204 -36.95 -14.66 10.97
C ASP B 204 -36.69 -13.65 12.07
N GLY B 205 -37.18 -12.42 11.86
CA GLY B 205 -37.03 -11.35 12.83
C GLY B 205 -35.63 -10.82 13.00
N GLY B 206 -34.64 -11.46 12.41
CA GLY B 206 -33.27 -11.04 12.57
C GLY B 206 -32.35 -12.10 11.98
N GLY B 207 -31.04 -11.84 12.10
CA GLY B 207 -30.04 -12.74 11.56
C GLY B 207 -29.68 -13.89 12.49
N VAL B 208 -28.89 -14.83 11.95
CA VAL B 208 -28.34 -15.93 12.72
C VAL B 208 -27.10 -15.44 13.48
N THR B 209 -26.54 -16.31 14.32
CA THR B 209 -25.46 -15.91 15.22
C THR B 209 -24.18 -15.56 14.46
N ALA B 210 -23.81 -16.37 13.47
CA ALA B 210 -22.53 -16.19 12.78
C ALA B 210 -22.70 -16.60 11.32
N ASP B 211 -21.79 -16.08 10.48
CA ASP B 211 -21.81 -16.45 9.07
C ASP B 211 -21.68 -17.97 8.92
N ILE B 212 -22.28 -18.49 7.85
CA ILE B 212 -22.43 -19.93 7.65
C ILE B 212 -21.61 -20.35 6.43
N ASP B 213 -20.74 -21.34 6.61
CA ASP B 213 -19.97 -21.89 5.50
C ASP B 213 -20.85 -22.82 4.68
N VAL B 214 -20.94 -22.54 3.37
CA VAL B 214 -21.61 -23.43 2.43
C VAL B 214 -20.62 -23.73 1.30
N PHE B 215 -21.02 -24.68 0.43
CA PHE B 215 -20.10 -25.23 -0.58
C PHE B 215 -18.81 -25.67 0.09
N ALA B 216 -18.93 -26.26 1.29
CA ALA B 216 -17.81 -26.72 2.11
C ALA B 216 -16.83 -25.58 2.44
N GLY B 217 -17.34 -24.36 2.53
CA GLY B 217 -16.52 -23.22 2.90
C GLY B 217 -15.98 -22.40 1.74
N TYR B 218 -16.31 -22.74 0.50
CA TYR B 218 -15.94 -21.88 -0.62
C TYR B 218 -16.67 -20.55 -0.55
N MET B 219 -17.81 -20.51 0.11
CA MET B 219 -18.67 -19.32 0.21
C MET B 219 -19.22 -19.24 1.63
N LYS B 220 -19.41 -18.02 2.12
CA LYS B 220 -20.09 -17.79 3.40
C LYS B 220 -21.42 -17.11 3.15
N VAL B 221 -22.49 -17.70 3.66
CA VAL B 221 -23.77 -17.01 3.72
C VAL B 221 -23.76 -16.13 4.97
N LYS B 222 -24.11 -14.86 4.80
CA LYS B 222 -23.90 -13.89 5.86
C LYS B 222 -25.05 -13.88 6.86
N ALA B 223 -24.70 -13.61 8.12
CA ALA B 223 -25.67 -13.43 9.19
C ALA B 223 -26.20 -12.01 9.26
N THR B 224 -25.69 -11.13 8.41
CA THR B 224 -26.12 -9.74 8.25
C THR B 224 -26.74 -9.56 6.88
N ASP B 225 -27.34 -8.38 6.68
CA ASP B 225 -27.93 -8.04 5.38
C ASP B 225 -26.78 -7.79 4.41
N ALA B 226 -26.29 -8.89 3.83
CA ALA B 226 -25.13 -8.87 2.95
C ALA B 226 -25.14 -10.10 2.06
N GLU B 227 -24.66 -9.93 0.84
CA GLU B 227 -24.55 -11.04 -0.09
C GLU B 227 -23.41 -11.97 0.33
N PRO B 228 -23.38 -13.19 -0.19
CA PRO B 228 -22.37 -14.15 0.24
C PRO B 228 -20.94 -13.67 -0.03
N LYS B 229 -20.02 -14.19 0.79
CA LYS B 229 -18.61 -13.86 0.71
C LYS B 229 -17.85 -15.06 0.17
N LEU B 230 -17.15 -14.87 -0.95
CA LEU B 230 -16.33 -15.92 -1.55
C LEU B 230 -14.99 -16.04 -0.83
N ALA B 231 -14.47 -17.26 -0.77
CA ALA B 231 -13.21 -17.52 -0.11
C ALA B 231 -12.04 -16.94 -0.90
N ALA B 232 -10.97 -16.62 -0.20
CA ALA B 232 -9.70 -16.32 -0.87
C ALA B 232 -9.13 -17.61 -1.43
N LYS B 233 -8.41 -17.49 -2.56
CA LYS B 233 -7.84 -18.66 -3.23
C LYS B 233 -6.98 -19.46 -2.27
N SER B 234 -6.19 -18.77 -1.45
CA SER B 234 -5.30 -19.46 -0.53
C SER B 234 -6.08 -20.14 0.59
N ASP B 235 -7.32 -19.74 0.86
CA ASP B 235 -8.13 -20.46 1.84
C ASP B 235 -8.51 -21.85 1.34
N LEU B 236 -8.43 -22.08 0.02
CA LEU B 236 -8.83 -23.36 -0.55
C LEU B 236 -7.65 -24.31 -0.76
N GLU B 237 -6.46 -23.93 -0.32
CA GLU B 237 -5.25 -24.65 -0.66
C GLU B 237 -4.44 -24.95 0.58
N GLU B 238 -3.60 -25.99 0.46
CA GLU B 238 -2.74 -26.43 1.55
C GLU B 238 -2.01 -25.25 2.18
N GLY B 239 -1.96 -25.26 3.51
CA GLY B 239 -1.31 -24.22 4.27
C GLY B 239 -2.13 -22.96 4.44
N GLY B 240 -3.32 -22.89 3.84
CA GLY B 240 -4.14 -21.70 3.91
C GLY B 240 -4.87 -21.54 5.23
N GLY B 241 -5.57 -20.42 5.34
CA GLY B 241 -6.36 -20.13 6.52
C GLY B 241 -7.54 -21.07 6.67
N GLY B 242 -8.34 -20.78 7.70
CA GLY B 242 -9.44 -21.64 8.05
C GLY B 242 -10.70 -21.33 7.25
N GLY B 243 -11.71 -22.20 7.41
CA GLY B 243 -13.00 -22.03 6.81
C GLY B 243 -13.34 -22.92 5.61
N ALA B 244 -12.37 -23.59 5.01
CA ALA B 244 -12.63 -24.49 3.87
C ALA B 244 -11.74 -25.73 3.96
N GLU B 245 -11.80 -26.41 5.11
CA GLU B 245 -10.90 -27.53 5.36
C GLU B 245 -11.06 -28.66 4.33
N ALA B 246 -12.30 -28.91 3.88
CA ALA B 246 -12.50 -29.96 2.87
C ALA B 246 -11.77 -29.65 1.57
N TRP B 247 -11.64 -28.36 1.23
CA TRP B 247 -10.90 -27.96 0.04
C TRP B 247 -9.40 -28.14 0.22
N LYS B 248 -8.86 -27.60 1.31
CA LYS B 248 -7.43 -27.75 1.56
C LYS B 248 -7.05 -29.23 1.63
N ALA B 249 -7.87 -30.05 2.26
CA ALA B 249 -7.53 -31.47 2.45
C ALA B 249 -7.52 -32.23 1.13
N LEU B 250 -8.40 -31.85 0.19
CA LEU B 250 -8.37 -32.48 -1.13
C LEU B 250 -7.13 -32.05 -1.91
N HIS B 251 -6.76 -30.76 -1.82
CA HIS B 251 -5.54 -30.30 -2.48
C HIS B 251 -4.33 -31.06 -1.94
N THR B 252 -4.27 -31.26 -0.61
CA THR B 252 -3.16 -31.99 -0.02
C THR B 252 -3.12 -33.43 -0.52
N ALA B 253 -4.28 -34.09 -0.59
CA ALA B 253 -4.33 -35.47 -1.05
C ALA B 253 -3.89 -35.57 -2.51
N ILE B 254 -4.28 -34.59 -3.33
CA ILE B 254 -3.86 -34.57 -4.73
C ILE B 254 -2.36 -34.33 -4.83
N LYS B 255 -1.81 -33.46 -3.97
CA LYS B 255 -0.37 -33.22 -4.01
C LYS B 255 0.43 -34.47 -3.67
N GLN B 256 -0.10 -35.32 -2.80
CA GLN B 256 0.64 -36.47 -2.30
C GLN B 256 0.42 -37.73 -3.12
N GLU B 257 -0.30 -37.64 -4.24
CA GLU B 257 -0.57 -38.83 -5.04
C GLU B 257 0.73 -39.42 -5.57
N ALA B 258 0.73 -40.75 -5.73
CA ALA B 258 1.90 -41.47 -6.20
C ALA B 258 2.03 -41.37 -7.72
N ASP B 259 3.24 -41.66 -8.20
CA ASP B 259 3.55 -41.64 -9.62
C ASP B 259 3.39 -43.04 -10.20
N ALA B 260 2.48 -43.18 -11.18
CA ALA B 260 2.23 -44.48 -11.80
C ALA B 260 3.42 -45.03 -12.56
N GLU B 261 4.40 -44.18 -12.87
CA GLU B 261 5.61 -44.59 -13.59
C GLU B 261 6.86 -44.38 -12.74
N ALA B 262 6.72 -44.51 -11.42
CA ALA B 262 7.86 -44.34 -10.54
C ALA B 262 8.95 -45.34 -10.89
N ALA B 263 10.20 -44.94 -10.63
CA ALA B 263 11.32 -45.84 -10.89
C ALA B 263 11.20 -47.13 -10.11
N GLU B 264 10.52 -47.10 -8.96
CA GLU B 264 10.35 -48.28 -8.11
C GLU B 264 9.49 -49.36 -8.75
N LEU B 265 8.78 -49.05 -9.84
CA LEU B 265 7.82 -49.97 -10.44
C LEU B 265 8.23 -50.52 -11.80
N THR B 266 9.30 -50.01 -12.39
CA THR B 266 9.55 -50.04 -13.86
C THR B 266 10.92 -50.69 -14.08
N ASN B 267 11.06 -51.52 -15.10
CA ASN B 267 12.34 -52.17 -15.41
C ASN B 267 13.44 -51.10 -15.48
N GLU B 268 14.60 -51.43 -14.95
CA GLU B 268 15.82 -50.61 -15.16
C GLU B 268 16.26 -50.69 -16.63
N THR B 269 16.84 -49.60 -17.14
CA THR B 269 17.26 -49.50 -18.54
C THR B 269 18.72 -49.07 -18.59
N GLY B 270 19.25 -48.99 -19.81
CA GLY B 270 20.61 -48.54 -20.04
C GLY B 270 21.59 -49.70 -20.09
N LYS B 271 22.87 -49.33 -20.27
CA LYS B 271 23.93 -50.33 -20.30
C LYS B 271 23.86 -51.21 -19.06
N LEU B 272 24.02 -52.52 -19.26
CA LEU B 272 23.88 -53.46 -18.16
C LEU B 272 24.76 -53.08 -16.97
N GLY B 273 25.99 -52.65 -17.23
CA GLY B 273 26.91 -52.32 -16.16
C GLY B 273 26.53 -51.10 -15.34
N GLU B 274 25.61 -50.28 -15.84
CA GLU B 274 25.18 -49.08 -15.13
C GLU B 274 23.83 -49.24 -14.45
N ARG B 275 23.29 -50.45 -14.39
CA ARG B 275 21.99 -50.70 -13.77
C ARG B 275 22.23 -51.10 -12.31
N ARG B 276 21.84 -50.22 -11.38
CA ARG B 276 22.20 -50.43 -9.99
C ARG B 276 21.67 -51.75 -9.45
N HIS B 277 20.43 -52.11 -9.81
CA HIS B 277 19.83 -53.31 -9.24
C HIS B 277 20.26 -54.58 -9.96
N PHE B 278 20.70 -54.50 -11.22
CA PHE B 278 21.40 -55.63 -11.84
C PHE B 278 22.70 -55.94 -11.10
N LEU B 279 23.48 -54.89 -10.80
CA LEU B 279 24.76 -55.10 -10.12
C LEU B 279 24.57 -55.66 -8.72
N ALA B 280 23.59 -55.13 -7.99
CA ALA B 280 23.32 -55.64 -6.65
C ALA B 280 22.91 -57.11 -6.69
N ALA B 281 22.19 -57.52 -7.74
CA ALA B 281 21.80 -58.91 -7.86
C ALA B 281 23.02 -59.81 -8.08
N ALA B 282 23.89 -59.44 -9.01
CA ALA B 282 25.08 -60.24 -9.28
C ALA B 282 26.02 -60.28 -8.09
N THR B 283 26.20 -59.13 -7.42
CA THR B 283 27.08 -59.07 -6.26
C THR B 283 26.68 -60.09 -5.19
N ASN B 284 25.38 -60.30 -5.01
CA ASN B 284 24.93 -61.14 -3.91
C ASN B 284 24.79 -62.61 -4.29
N VAL B 285 24.53 -62.92 -5.56
CA VAL B 285 24.27 -64.29 -5.96
C VAL B 285 25.43 -64.93 -6.74
N LEU B 286 26.33 -64.14 -7.32
CA LEU B 286 27.44 -64.69 -8.09
C LEU B 286 28.75 -64.64 -7.30
N ARG B 298 30.39 -55.67 -11.78
CA ARG B 298 30.17 -54.97 -13.04
C ARG B 298 30.83 -55.72 -14.19
N ALA B 299 32.04 -56.23 -13.94
CA ALA B 299 32.66 -57.11 -14.92
C ALA B 299 31.93 -58.45 -15.00
N ALA B 300 31.38 -58.93 -13.89
CA ALA B 300 30.65 -60.20 -13.89
C ALA B 300 29.33 -60.08 -14.64
N VAL B 301 28.66 -58.92 -14.54
CA VAL B 301 27.40 -58.74 -15.23
C VAL B 301 27.59 -58.76 -16.74
N GLU B 302 28.61 -58.05 -17.23
CA GLU B 302 28.88 -58.06 -18.66
C GLU B 302 29.34 -59.44 -19.13
N ALA B 303 30.05 -60.16 -18.27
CA ALA B 303 30.46 -61.53 -18.60
C ALA B 303 29.26 -62.46 -18.68
N ALA B 304 28.34 -62.37 -17.72
CA ALA B 304 27.21 -63.30 -17.67
C ALA B 304 26.34 -63.18 -18.91
N PHE B 305 26.13 -61.97 -19.40
CA PHE B 305 25.25 -61.73 -20.53
C PHE B 305 26.00 -61.64 -21.86
N GLY B 306 27.32 -61.74 -21.85
CA GLY B 306 28.09 -61.67 -23.08
C GLY B 306 27.93 -60.36 -23.83
N SER B 307 27.77 -59.25 -23.10
CA SER B 307 27.55 -57.96 -23.75
C SER B 307 27.52 -56.85 -22.68
N ASP B 308 27.89 -55.65 -23.11
CA ASP B 308 27.82 -54.46 -22.25
C ASP B 308 26.81 -53.45 -22.75
N SER B 309 26.03 -53.80 -23.78
CA SER B 309 25.16 -52.85 -24.45
C SER B 309 23.84 -52.68 -23.70
N GLU B 310 23.16 -51.57 -24.00
CA GLU B 310 21.85 -51.30 -23.41
C GLU B 310 20.90 -52.47 -23.57
N GLY B 311 21.03 -53.23 -24.66
CA GLY B 311 20.17 -54.37 -24.90
C GLY B 311 20.86 -55.71 -24.66
N GLY B 312 21.90 -55.69 -23.84
CA GLY B 312 22.70 -56.89 -23.61
C GLY B 312 21.93 -58.07 -23.06
N ASP B 313 20.69 -57.86 -22.61
CA ASP B 313 19.91 -58.91 -21.97
C ASP B 313 18.74 -59.38 -22.81
N ARG B 314 18.57 -58.86 -24.03
CA ARG B 314 17.44 -59.26 -24.86
C ARG B 314 17.57 -60.71 -25.32
N LYS B 315 18.79 -61.22 -25.45
CA LYS B 315 18.98 -62.58 -25.94
C LYS B 315 18.43 -63.60 -24.94
N ILE B 316 18.85 -63.51 -23.67
CA ILE B 316 18.39 -64.46 -22.68
C ILE B 316 16.90 -64.27 -22.41
N ILE B 317 16.44 -63.02 -22.37
CA ILE B 317 15.02 -62.75 -22.11
C ILE B 317 14.15 -63.40 -23.19
N GLU B 318 14.53 -63.23 -24.46
CA GLU B 318 13.75 -63.84 -25.54
C GLU B 318 13.81 -65.36 -25.49
N LEU B 319 14.95 -65.93 -25.10
CA LEU B 319 15.05 -67.38 -24.95
C LEU B 319 14.02 -67.87 -23.93
N ILE B 320 13.91 -67.19 -22.80
CA ILE B 320 12.94 -67.56 -21.77
C ILE B 320 11.53 -67.51 -22.34
N GLU B 321 11.21 -66.42 -23.03
CA GLU B 321 9.84 -66.21 -23.51
C GLU B 321 9.45 -67.24 -24.56
N LYS B 322 10.38 -67.64 -25.41
CA LYS B 322 10.07 -68.55 -26.50
C LYS B 322 10.26 -70.02 -26.11
N GLU B 323 10.80 -70.30 -24.93
CA GLU B 323 10.99 -71.68 -24.49
C GLU B 323 9.67 -72.44 -24.56
N LEU B 324 9.73 -73.62 -25.15
CA LEU B 324 8.54 -74.44 -25.35
C LEU B 324 8.28 -75.28 -24.11
N ILE B 325 7.05 -75.20 -23.60
CA ILE B 325 6.57 -76.04 -22.52
C ILE B 325 5.56 -76.99 -23.13
N VAL B 326 5.93 -78.27 -23.28
CA VAL B 326 5.09 -79.20 -24.02
C VAL B 326 3.94 -79.70 -23.15
N LYS B 327 2.84 -80.03 -23.83
CA LYS B 327 1.74 -80.77 -23.23
C LYS B 327 2.26 -81.90 -22.35
N GLY B 328 1.64 -82.06 -21.19
CA GLY B 328 2.05 -83.06 -20.23
C GLY B 328 3.03 -82.56 -19.18
N THR B 329 3.76 -81.49 -19.45
CA THR B 329 4.64 -80.90 -18.45
C THR B 329 3.78 -80.33 -17.33
N ALA B 330 4.00 -80.82 -16.11
CA ALA B 330 3.18 -80.44 -14.95
C ALA B 330 1.70 -80.60 -15.26
N ASN B 331 1.37 -81.64 -16.04
CA ASN B 331 -0.01 -82.01 -16.38
C ASN B 331 -0.71 -80.96 -17.24
N ARG B 332 0.03 -80.14 -17.97
CA ARG B 332 -0.59 -79.10 -18.79
C ARG B 332 -1.27 -79.71 -20.01
N ASP B 333 -2.38 -79.08 -20.42
CA ASP B 333 -3.26 -79.64 -21.44
C ASP B 333 -2.77 -79.43 -22.87
N ALA B 334 -1.77 -78.58 -23.10
CA ALA B 334 -1.35 -78.30 -24.47
C ALA B 334 0.02 -77.63 -24.46
N ASP B 335 0.68 -77.66 -25.63
CA ASP B 335 1.95 -76.98 -25.80
C ASP B 335 1.74 -75.47 -25.64
N GLU B 336 2.75 -74.79 -25.11
CA GLU B 336 2.67 -73.34 -24.97
C GLU B 336 4.08 -72.77 -24.80
N SER B 337 4.25 -71.52 -25.22
CA SER B 337 5.49 -70.82 -24.97
C SER B 337 5.51 -70.27 -23.55
N LEU B 338 6.66 -70.37 -22.89
CA LEU B 338 6.76 -69.98 -21.48
C LEU B 338 6.38 -68.52 -21.27
N GLY B 339 6.71 -67.66 -22.23
CA GLY B 339 6.41 -66.24 -22.14
C GLY B 339 4.93 -65.91 -22.15
N ASN B 340 4.07 -66.85 -22.53
CA ASN B 340 2.63 -66.63 -22.56
C ASN B 340 1.91 -67.23 -21.35
N ILE B 341 2.63 -67.91 -20.46
CA ILE B 341 2.04 -68.48 -19.25
C ILE B 341 2.01 -67.39 -18.18
N LYS B 342 0.82 -67.02 -17.73
CA LYS B 342 0.64 -65.76 -16.99
C LYS B 342 -0.32 -65.92 -15.80
N THR B 343 -0.19 -67.02 -15.06
CA THR B 343 -0.87 -67.16 -13.78
C THR B 343 0.10 -67.76 -12.77
N LEU B 344 0.00 -67.33 -11.51
CA LEU B 344 0.92 -67.83 -10.49
C LEU B 344 0.75 -69.32 -10.26
N LYS B 345 -0.47 -69.84 -10.35
CA LYS B 345 -0.67 -71.28 -10.21
C LYS B 345 0.10 -72.04 -11.28
N GLU B 346 -0.01 -71.61 -12.52
CA GLU B 346 0.68 -72.31 -13.62
C GLU B 346 2.19 -72.22 -13.46
N LEU B 347 2.70 -71.02 -13.22
CA LEU B 347 4.16 -70.82 -13.11
C LEU B 347 4.66 -71.55 -11.87
N GLY B 348 3.95 -71.56 -10.75
CA GLY B 348 4.40 -72.26 -9.55
C GLY B 348 4.46 -73.76 -9.74
N GLU B 349 3.46 -74.32 -10.44
CA GLU B 349 3.47 -75.75 -10.69
C GLU B 349 4.61 -76.15 -11.62
N LEU B 350 4.97 -75.29 -12.57
CA LEU B 350 6.09 -75.58 -13.45
C LEU B 350 7.41 -75.52 -12.69
N LEU B 351 7.62 -74.48 -11.88
CA LEU B 351 8.86 -74.39 -11.11
C LEU B 351 9.00 -75.58 -10.18
N SER B 352 7.92 -75.93 -9.47
CA SER B 352 7.96 -77.06 -8.56
C SER B 352 8.29 -78.34 -9.32
N TYR B 353 7.62 -78.55 -10.45
CA TYR B 353 7.85 -79.74 -11.25
C TYR B 353 9.33 -79.88 -11.63
N PHE B 354 9.94 -78.80 -12.12
CA PHE B 354 11.33 -78.87 -12.56
C PHE B 354 12.32 -78.87 -11.40
N GLN B 355 11.99 -78.25 -10.26
CA GLN B 355 12.84 -78.38 -9.08
C GLN B 355 12.87 -79.83 -8.63
N LEU B 356 11.71 -80.48 -8.64
CA LEU B 356 11.64 -81.90 -8.30
C LEU B 356 12.47 -82.72 -9.27
N LYS B 357 12.39 -82.41 -10.56
CA LYS B 357 13.22 -83.08 -11.55
C LYS B 357 14.70 -82.89 -11.25
N ASN B 358 15.10 -81.68 -10.86
CA ASN B 358 16.52 -81.44 -10.56
C ASN B 358 16.96 -82.25 -9.34
N SER B 359 16.11 -82.33 -8.31
CA SER B 359 16.46 -83.12 -7.14
C SER B 359 16.67 -84.59 -7.50
N ASN B 360 15.74 -85.14 -8.30
CA ASN B 360 15.84 -86.54 -8.69
C ASN B 360 16.99 -86.77 -9.67
N THR B 361 17.31 -85.77 -10.49
CA THR B 361 18.47 -85.92 -11.38
C THR B 361 19.77 -85.94 -10.58
N ILE B 362 19.88 -85.08 -9.56
CA ILE B 362 21.08 -85.04 -8.74
C ILE B 362 21.24 -86.35 -7.97
N ASN B 363 20.15 -86.85 -7.38
CA ASN B 363 20.24 -88.10 -6.62
C ASN B 363 20.71 -89.23 -7.51
N GLU B 364 20.10 -89.37 -8.69
CA GLU B 364 20.46 -90.45 -9.59
C GLU B 364 21.92 -90.36 -10.01
N LEU B 365 22.39 -89.15 -10.33
CA LEU B 365 23.76 -88.98 -10.78
C LEU B 365 24.75 -89.37 -9.70
N ARG B 366 24.57 -88.87 -8.47
CA ARG B 366 25.53 -89.17 -7.41
C ARG B 366 25.62 -90.67 -7.16
N ASN B 367 24.52 -91.39 -7.33
CA ASN B 367 24.53 -92.84 -7.14
C ASN B 367 25.24 -93.55 -8.28
N LYS B 368 25.11 -93.03 -9.50
CA LYS B 368 25.79 -93.62 -10.64
C LYS B 368 27.31 -93.42 -10.55
N LEU B 369 27.76 -92.33 -9.95
CA LEU B 369 29.21 -92.08 -9.76
C LEU B 369 29.74 -93.16 -8.81
N LYS B 370 28.90 -93.76 -7.95
CA LYS B 370 29.34 -94.74 -6.96
C LYS B 370 28.91 -96.16 -7.36
N ALA B 371 28.81 -96.41 -8.66
CA ALA B 371 28.43 -97.73 -9.15
C ALA B 371 28.80 -97.89 -10.62
N VAL C 1 -49.13 -26.10 13.72
CA VAL C 1 -48.77 -24.94 12.91
C VAL C 1 -47.38 -25.17 12.31
N ASN C 2 -47.25 -24.94 11.01
CA ASN C 2 -45.99 -25.16 10.32
C ASN C 2 -45.04 -24.00 10.56
N GLY C 3 -43.74 -24.29 10.43
CA GLY C 3 -42.72 -23.27 10.34
C GLY C 3 -41.61 -23.34 11.38
N ALA C 4 -41.62 -24.31 12.30
CA ALA C 4 -40.57 -24.42 13.30
C ALA C 4 -39.46 -25.35 12.79
N GLY C 5 -38.49 -25.63 13.66
CA GLY C 5 -37.32 -26.40 13.28
C GLY C 5 -37.57 -27.90 13.24
N LEU C 6 -36.47 -28.63 13.01
CA LEU C 6 -36.48 -30.06 12.78
C LEU C 6 -36.28 -30.82 14.09
N LEU C 7 -37.16 -31.80 14.36
CA LEU C 7 -37.10 -32.56 15.60
C LEU C 7 -35.85 -33.44 15.67
N GLN C 8 -35.32 -33.61 16.88
CA GLN C 8 -34.10 -34.39 17.04
C GLN C 8 -34.31 -35.88 16.78
N THR C 9 -35.54 -36.38 16.90
CA THR C 9 -35.78 -37.78 16.53
C THR C 9 -35.54 -38.00 15.04
N VAL C 10 -35.55 -36.93 14.24
CA VAL C 10 -35.19 -37.03 12.83
C VAL C 10 -33.69 -36.86 12.66
N TRP C 11 -33.14 -35.71 13.12
CA TRP C 11 -31.76 -35.39 12.78
C TRP C 11 -30.74 -36.05 13.70
N GLY C 12 -31.12 -36.48 14.89
CA GLY C 12 -30.21 -37.18 15.77
C GLY C 12 -29.59 -38.42 15.14
N PRO C 13 -30.42 -39.32 14.64
CA PRO C 13 -29.88 -40.50 13.93
C PRO C 13 -29.02 -40.12 12.73
N VAL C 14 -29.36 -39.04 12.03
CA VAL C 14 -28.56 -38.62 10.88
C VAL C 14 -27.19 -38.15 11.36
N CYS C 15 -27.13 -37.45 12.50
CA CYS C 15 -25.84 -37.06 13.08
C CYS C 15 -25.00 -38.29 13.39
N GLU C 16 -25.59 -39.29 14.05
CA GLU C 16 -24.83 -40.49 14.39
C GLU C 16 -24.33 -41.20 13.15
N LEU C 17 -25.16 -41.30 12.11
CA LEU C 17 -24.75 -41.95 10.87
C LEU C 17 -23.57 -41.22 10.24
N THR C 18 -23.65 -39.89 10.13
CA THR C 18 -22.57 -39.18 9.46
C THR C 18 -21.29 -39.24 10.28
N SER C 19 -21.41 -39.39 11.60
CA SER C 19 -20.23 -39.58 12.43
C SER C 19 -19.58 -40.94 12.15
N GLU C 20 -20.40 -41.96 11.88
CA GLU C 20 -19.85 -43.28 11.53
C GLU C 20 -19.17 -43.27 10.18
N LEU C 21 -19.71 -42.53 9.21
CA LEU C 21 -19.13 -42.51 7.87
C LEU C 21 -17.72 -41.95 7.88
N ASP C 22 -17.42 -41.08 8.85
CA ASP C 22 -16.08 -40.50 8.98
C ASP C 22 -14.99 -41.58 8.93
N GLY C 23 -15.20 -42.67 9.65
CA GLY C 23 -14.20 -43.73 9.76
C GLY C 23 -14.26 -44.83 8.71
N GLN C 24 -15.19 -44.75 7.77
CA GLN C 24 -15.38 -45.86 6.84
C GLN C 24 -14.16 -46.07 5.95
N ALA C 25 -13.52 -44.98 5.49
CA ALA C 25 -12.39 -45.15 4.58
C ALA C 25 -11.21 -45.83 5.27
N GLY C 26 -10.96 -45.48 6.54
CA GLY C 26 -9.87 -46.11 7.27
C GLY C 26 -10.10 -47.59 7.51
N ALA C 27 -11.36 -47.98 7.74
CA ALA C 27 -11.67 -49.39 7.92
C ALA C 27 -11.51 -50.15 6.61
N ALA C 28 -11.87 -49.54 5.49
CA ALA C 28 -11.65 -50.16 4.19
C ALA C 28 -10.16 -50.30 3.91
N LEU C 29 -9.37 -49.26 4.24
CA LEU C 29 -7.93 -49.33 4.07
C LEU C 29 -7.34 -50.47 4.87
N LYS C 30 -7.73 -50.59 6.15
CA LYS C 30 -7.25 -51.68 6.99
C LYS C 30 -7.56 -53.03 6.37
N LYS C 31 -8.77 -53.19 5.84
CA LYS C 31 -9.17 -54.45 5.23
C LYS C 31 -8.35 -54.74 3.98
N GLU C 32 -8.03 -53.70 3.20
CA GLU C 32 -7.20 -53.91 2.02
C GLU C 32 -5.77 -54.29 2.41
N GLN C 33 -5.22 -53.62 3.43
CA GLN C 33 -3.86 -53.90 3.86
C GLN C 33 -3.73 -55.32 4.41
N GLU C 34 -4.75 -55.79 5.12
CA GLU C 34 -4.70 -57.15 5.67
C GLU C 34 -4.79 -58.20 4.58
N MET C 35 -5.61 -57.96 3.54
CA MET C 35 -5.66 -58.89 2.43
C MET C 35 -4.31 -58.96 1.74
N LEU C 36 -3.70 -57.80 1.47
CA LEU C 36 -2.39 -57.78 0.83
C LEU C 36 -1.36 -58.51 1.69
N ALA C 37 -1.47 -58.43 3.01
CA ALA C 37 -0.53 -59.14 3.87
C ALA C 37 -0.68 -60.66 3.73
N LYS C 38 -1.92 -61.14 3.60
CA LYS C 38 -2.14 -62.57 3.46
C LYS C 38 -1.61 -63.08 2.12
N ILE C 39 -1.84 -62.34 1.05
CA ILE C 39 -1.32 -62.72 -0.26
C ILE C 39 0.20 -62.79 -0.22
N ASN C 40 0.83 -61.79 0.38
CA ASN C 40 2.30 -61.79 0.45
C ASN C 40 2.81 -62.96 1.27
N ASP C 41 2.09 -63.33 2.33
CA ASP C 41 2.52 -64.45 3.16
C ASP C 41 2.50 -65.76 2.37
N MET C 42 1.51 -65.94 1.49
CA MET C 42 1.49 -67.11 0.62
C MET C 42 2.69 -67.13 -0.32
N GLN C 43 2.95 -65.99 -0.97
CA GLN C 43 4.06 -65.91 -1.91
C GLN C 43 5.38 -66.19 -1.23
N MET C 44 5.59 -65.65 -0.03
CA MET C 44 6.83 -65.91 0.69
C MET C 44 6.91 -67.35 1.16
N ALA C 45 5.76 -67.96 1.51
CA ALA C 45 5.76 -69.37 1.88
C ALA C 45 6.18 -70.26 0.71
N GLN C 46 5.72 -69.92 -0.50
CA GLN C 46 6.15 -70.65 -1.68
C GLN C 46 7.67 -70.56 -1.84
N LEU C 47 8.22 -69.37 -1.68
CA LEU C 47 9.66 -69.18 -1.86
C LEU C 47 10.45 -69.94 -0.81
N ARG C 48 9.96 -69.97 0.43
CA ARG C 48 10.68 -70.67 1.49
C ARG C 48 10.75 -72.17 1.22
N ALA C 49 9.65 -72.77 0.75
CA ALA C 49 9.67 -74.19 0.42
C ALA C 49 10.58 -74.43 -0.78
N ALA C 50 10.57 -73.52 -1.75
CA ALA C 50 11.43 -73.67 -2.92
C ALA C 50 12.90 -73.51 -2.54
N ILE C 51 13.22 -72.56 -1.65
CA ILE C 51 14.60 -72.40 -1.22
C ILE C 51 15.08 -73.66 -0.49
N TYR C 52 14.24 -74.21 0.40
CA TYR C 52 14.67 -75.37 1.19
C TYR C 52 14.93 -76.56 0.29
N LEU C 53 14.12 -76.74 -0.75
CA LEU C 53 14.35 -77.82 -1.70
C LEU C 53 15.62 -77.59 -2.50
N ALA C 54 15.82 -76.37 -3.00
CA ALA C 54 17.05 -76.06 -3.72
C ALA C 54 18.27 -76.18 -2.82
N LYS C 55 18.13 -75.84 -1.54
CA LYS C 55 19.24 -75.91 -0.60
C LYS C 55 19.56 -77.33 -0.18
N ASN C 56 18.59 -78.24 -0.26
CA ASN C 56 18.74 -79.62 0.19
C ASN C 56 18.24 -80.55 -0.91
N PRO C 57 18.95 -80.61 -2.05
CA PRO C 57 18.46 -81.41 -3.18
C PRO C 57 18.23 -82.87 -2.84
N SER C 58 18.97 -83.42 -1.88
CA SER C 58 18.88 -84.83 -1.52
C SER C 58 17.95 -85.09 -0.34
N THR C 59 17.15 -84.09 0.04
CA THR C 59 16.23 -84.26 1.16
C THR C 59 15.32 -85.46 0.91
N PRO C 60 14.91 -86.17 1.95
CA PRO C 60 13.90 -87.24 1.77
C PRO C 60 12.50 -86.72 1.51
N HIS C 61 12.27 -85.41 1.57
CA HIS C 61 10.94 -84.83 1.43
C HIS C 61 10.75 -84.08 0.12
N GLN C 62 11.38 -84.53 -0.96
CA GLN C 62 11.31 -83.80 -2.22
C GLN C 62 9.86 -83.69 -2.71
N ASN C 63 9.09 -84.77 -2.59
CA ASN C 63 7.72 -84.73 -3.11
C ASN C 63 6.81 -83.85 -2.27
N ALA C 64 7.01 -83.85 -0.94
CA ALA C 64 6.22 -82.96 -0.09
C ALA C 64 6.53 -81.50 -0.38
N LEU C 65 7.82 -81.17 -0.58
CA LEU C 65 8.20 -79.80 -0.90
C LEU C 65 7.69 -79.38 -2.27
N ALA C 66 7.65 -80.32 -3.23
CA ALA C 66 7.04 -80.00 -4.52
C ALA C 66 5.56 -79.70 -4.36
N VAL C 67 4.88 -80.46 -3.49
CA VAL C 67 3.47 -80.20 -3.23
C VAL C 67 3.28 -78.87 -2.52
N LEU C 68 4.16 -78.55 -1.57
CA LEU C 68 4.02 -77.31 -0.82
C LEU C 68 4.23 -76.07 -1.69
N THR C 69 5.26 -76.09 -2.56
CA THR C 69 5.51 -74.92 -3.40
C THR C 69 4.37 -74.68 -4.37
N ALA C 70 3.87 -75.75 -5.01
CA ALA C 70 2.77 -75.60 -5.95
C ALA C 70 1.49 -75.19 -5.26
N TYR C 71 1.28 -75.64 -4.02
CA TYR C 71 0.08 -75.25 -3.29
C TYR C 71 0.13 -73.77 -2.89
N TYR C 72 1.26 -73.33 -2.34
CA TYR C 72 1.37 -71.92 -1.97
C TYR C 72 1.27 -71.00 -3.20
N ALA C 73 1.74 -71.48 -4.36
CA ALA C 73 1.59 -70.71 -5.59
C ALA C 73 0.12 -70.54 -5.97
N GLU C 74 -0.65 -71.62 -5.86
CA GLU C 74 -2.09 -71.52 -6.08
C GLU C 74 -2.72 -70.58 -5.07
N ARG C 75 -2.28 -70.65 -3.80
CA ARG C 75 -2.83 -69.75 -2.80
C ARG C 75 -2.51 -68.30 -3.15
N ALA C 76 -1.29 -68.02 -3.62
CA ALA C 76 -0.93 -66.65 -3.99
C ALA C 76 -1.76 -66.17 -5.16
N GLY C 77 -1.96 -67.02 -6.16
CA GLY C 77 -2.77 -66.65 -7.30
C GLY C 77 -4.24 -66.46 -6.95
N SER C 78 -4.77 -67.28 -6.05
CA SER C 78 -6.16 -67.13 -5.66
C SER C 78 -6.38 -65.89 -4.81
N GLY C 79 -5.47 -65.61 -3.88
CA GLY C 79 -5.54 -64.38 -3.13
C GLY C 79 -5.43 -63.15 -4.02
N LYS C 80 -4.42 -63.15 -4.90
CA LYS C 80 -4.25 -62.03 -5.84
C LYS C 80 -5.52 -61.82 -6.66
N ALA C 81 -6.09 -62.90 -7.19
CA ALA C 81 -7.30 -62.77 -8.00
C ALA C 81 -8.44 -62.22 -7.16
N TYR C 82 -8.54 -62.68 -5.91
CA TYR C 82 -9.59 -62.20 -5.03
C TYR C 82 -9.42 -60.73 -4.71
N PHE C 83 -8.18 -60.30 -4.42
CA PHE C 83 -7.93 -58.89 -4.14
C PHE C 83 -8.30 -58.01 -5.33
N LEU C 84 -7.93 -58.43 -6.55
CA LEU C 84 -8.25 -57.62 -7.72
C LEU C 84 -9.75 -57.56 -7.96
N HIS C 85 -10.47 -58.60 -7.55
CA HIS C 85 -11.93 -58.58 -7.61
C HIS C 85 -12.50 -57.63 -6.56
N ALA C 86 -11.87 -57.56 -5.39
CA ALA C 86 -12.39 -56.74 -4.30
C ALA C 86 -12.04 -55.27 -4.44
N LEU C 87 -11.03 -54.94 -5.27
CA LEU C 87 -10.52 -53.57 -5.31
C LEU C 87 -11.55 -52.58 -5.82
N PRO C 88 -12.24 -52.82 -6.94
CA PRO C 88 -13.29 -51.87 -7.36
C PRO C 88 -14.38 -51.71 -6.33
N LYS C 89 -14.74 -52.81 -5.65
CA LYS C 89 -15.80 -52.77 -4.65
C LYS C 89 -15.36 -51.94 -3.44
N ALA C 90 -14.09 -52.06 -3.05
CA ALA C 90 -13.58 -51.25 -1.96
C ALA C 90 -13.52 -49.77 -2.33
N VAL C 91 -13.05 -49.46 -3.54
CA VAL C 91 -13.01 -48.07 -4.00
C VAL C 91 -14.41 -47.49 -4.02
N ASP C 92 -15.38 -48.22 -4.58
CA ASP C 92 -16.72 -47.66 -4.66
C ASP C 92 -17.35 -47.52 -3.27
N SER C 93 -16.97 -48.36 -2.30
CA SER C 93 -17.48 -48.19 -0.94
C SER C 93 -16.92 -46.92 -0.30
N ILE C 94 -15.61 -46.67 -0.46
CA ILE C 94 -15.02 -45.43 0.05
C ILE C 94 -15.67 -44.21 -0.60
N ARG C 95 -15.86 -44.28 -1.91
CA ARG C 95 -16.42 -43.15 -2.66
C ARG C 95 -17.86 -42.88 -2.27
N ARG C 96 -18.70 -43.92 -2.26
CA ARG C 96 -20.13 -43.75 -1.99
C ARG C 96 -20.39 -43.33 -0.55
N ALA C 97 -19.59 -43.84 0.40
CA ALA C 97 -19.78 -43.48 1.80
C ALA C 97 -19.37 -42.03 2.05
N ALA C 98 -18.23 -41.62 1.50
CA ALA C 98 -17.77 -40.24 1.67
C ALA C 98 -18.71 -39.26 0.97
N TYR C 99 -19.25 -39.68 -0.18
CA TYR C 99 -20.16 -38.83 -0.93
C TYR C 99 -21.44 -38.58 -0.14
N LEU C 100 -22.00 -39.63 0.46
CA LEU C 100 -23.18 -39.42 1.31
C LEU C 100 -22.84 -38.53 2.49
N LYS C 101 -21.67 -38.75 3.12
CA LYS C 101 -21.31 -37.93 4.28
C LYS C 101 -21.25 -36.45 3.91
N GLY C 102 -20.67 -36.15 2.74
CA GLY C 102 -20.62 -34.77 2.28
C GLY C 102 -22.00 -34.16 2.11
N HIS C 103 -22.92 -34.91 1.53
CA HIS C 103 -24.31 -34.47 1.46
C HIS C 103 -24.88 -34.17 2.86
N LEU C 104 -24.72 -35.12 3.77
CA LEU C 104 -25.32 -34.96 5.10
C LEU C 104 -24.68 -33.80 5.86
N ASP C 105 -23.35 -33.68 5.78
CA ASP C 105 -22.65 -32.64 6.53
C ASP C 105 -23.02 -31.24 6.03
N GLU C 106 -23.21 -31.07 4.72
CA GLU C 106 -23.53 -29.76 4.17
C GLU C 106 -24.88 -29.28 4.70
N TYR C 107 -25.89 -30.15 4.67
CA TYR C 107 -27.21 -29.72 5.12
C TYR C 107 -27.29 -29.66 6.64
N LEU C 108 -26.66 -30.61 7.34
CA LEU C 108 -26.67 -30.56 8.81
C LEU C 108 -25.99 -29.30 9.32
N ASN C 109 -24.88 -28.91 8.68
CA ASN C 109 -24.19 -27.70 9.09
C ASN C 109 -25.04 -26.46 8.83
N LEU C 110 -25.74 -26.44 7.69
CA LEU C 110 -26.60 -25.30 7.37
C LEU C 110 -27.70 -25.15 8.41
N LEU C 111 -28.37 -26.24 8.76
CA LEU C 111 -29.43 -26.19 9.76
C LEU C 111 -28.86 -25.85 11.14
N GLU C 112 -27.74 -26.49 11.52
CA GLU C 112 -27.17 -26.25 12.84
C GLU C 112 -26.81 -24.78 13.03
N LYS C 113 -26.22 -24.16 11.99
CA LYS C 113 -25.75 -22.78 12.10
C LYS C 113 -26.85 -21.76 11.83
N SER C 114 -28.00 -22.20 11.31
CA SER C 114 -29.17 -21.32 11.17
C SER C 114 -29.87 -21.22 12.51
N SER C 115 -29.15 -20.62 13.45
CA SER C 115 -29.53 -20.53 14.85
C SER C 115 -29.18 -19.14 15.33
N GLY C 116 -30.11 -18.50 16.04
CA GLY C 116 -29.89 -17.17 16.57
C GLY C 116 -31.18 -16.39 16.63
N GLY C 117 -31.50 -15.82 17.79
CA GLY C 117 -32.78 -15.15 17.91
C GLY C 117 -33.92 -16.13 17.70
N ASN C 118 -34.90 -15.70 16.91
CA ASN C 118 -36.05 -16.56 16.60
C ASN C 118 -35.65 -17.80 15.81
N ASN C 119 -34.56 -17.73 15.04
CA ASN C 119 -34.16 -18.83 14.17
C ASN C 119 -33.68 -20.02 15.00
N LYS C 120 -34.38 -21.15 14.88
CA LYS C 120 -33.99 -22.38 15.55
C LYS C 120 -34.34 -23.53 14.61
N CYS C 121 -33.36 -24.05 13.87
CA CYS C 121 -33.61 -24.99 12.81
C CYS C 121 -33.36 -26.44 13.21
N LEU C 122 -32.43 -26.69 14.12
CA LEU C 122 -32.28 -28.00 14.74
C LEU C 122 -32.70 -27.85 16.20
N VAL C 123 -33.86 -28.41 16.54
CA VAL C 123 -34.41 -28.31 17.88
C VAL C 123 -34.46 -29.73 18.48
N THR C 124 -34.72 -29.79 19.79
CA THR C 124 -34.80 -31.09 20.45
C THR C 124 -36.22 -31.64 20.33
N THR C 125 -37.10 -31.30 21.27
CA THR C 125 -38.46 -31.81 21.25
C THR C 125 -39.52 -30.72 21.06
N ASP C 126 -39.17 -29.44 21.19
CA ASP C 126 -40.14 -28.37 20.99
C ASP C 126 -39.51 -27.24 20.19
N ASP C 127 -40.34 -26.27 19.82
CA ASP C 127 -39.92 -25.22 18.90
C ASP C 127 -38.90 -24.27 19.52
N ALA C 128 -38.74 -24.27 20.84
CA ALA C 128 -37.99 -23.25 21.54
C ALA C 128 -36.61 -23.70 21.98
N THR C 129 -36.29 -24.98 21.87
CA THR C 129 -35.05 -25.54 22.45
C THR C 129 -34.12 -25.88 21.29
N VAL C 130 -33.19 -24.97 21.00
CA VAL C 130 -32.28 -25.13 19.88
C VAL C 130 -31.09 -25.97 20.31
N ALA C 131 -30.59 -26.79 19.39
CA ALA C 131 -29.45 -27.64 19.69
C ALA C 131 -28.17 -26.82 19.75
N THR C 132 -27.32 -27.14 20.73
CA THR C 132 -26.03 -26.48 20.90
C THR C 132 -24.95 -27.53 21.14
N ARG C 133 -23.71 -27.14 20.85
CA ARG C 133 -22.55 -27.98 21.09
C ARG C 133 -22.12 -27.93 22.55
N GLY C 134 -21.78 -29.10 23.11
CA GLY C 134 -21.23 -29.16 24.43
C GLY C 134 -19.71 -29.12 24.43
N GLY C 135 -19.14 -29.23 25.64
CA GLY C 135 -17.69 -29.22 25.76
C GLY C 135 -17.04 -30.40 25.09
N ASP C 136 -17.76 -31.52 24.99
CA ASP C 136 -17.30 -32.71 24.31
C ASP C 136 -17.65 -32.71 22.83
N GLN C 137 -18.07 -31.57 22.30
CA GLN C 137 -18.40 -31.36 20.89
C GLN C 137 -19.62 -32.15 20.43
N LYS C 138 -20.36 -32.79 21.34
CA LYS C 138 -21.63 -33.38 20.99
C LYS C 138 -22.69 -32.29 20.75
N LEU C 139 -23.65 -32.59 19.89
CA LEU C 139 -24.74 -31.67 19.56
C LEU C 139 -26.02 -32.16 20.23
N ALA C 140 -26.45 -31.44 21.28
CA ALA C 140 -27.56 -31.88 22.13
C ALA C 140 -27.42 -33.36 22.48
N GLY C 141 -26.20 -33.75 22.85
CA GLY C 141 -25.93 -35.08 23.33
C GLY C 141 -25.62 -36.12 22.27
N LYS C 142 -25.58 -35.74 21.00
CA LYS C 142 -25.35 -36.70 19.92
C LYS C 142 -23.99 -36.46 19.28
N ASN C 143 -23.28 -37.54 18.97
CA ASN C 143 -22.11 -37.42 18.10
C ASN C 143 -22.55 -36.80 16.78
N CYS C 144 -21.86 -35.74 16.35
CA CYS C 144 -22.21 -35.09 15.09
C CYS C 144 -20.93 -34.45 14.53
N LYS C 145 -20.05 -35.31 14.01
CA LYS C 145 -18.78 -34.86 13.43
C LYS C 145 -19.03 -34.52 11.96
N LEU C 146 -19.04 -33.23 11.66
CA LEU C 146 -19.40 -32.76 10.31
C LEU C 146 -18.16 -32.51 9.46
N SER C 147 -17.16 -33.37 9.56
CA SER C 147 -15.93 -33.24 8.79
C SER C 147 -15.23 -34.59 8.79
N LEU C 148 -14.19 -34.70 7.96
CA LEU C 148 -13.39 -35.92 7.88
C LEU C 148 -12.18 -35.80 8.81
N SER C 149 -11.99 -36.81 9.65
CA SER C 149 -10.80 -36.91 10.48
C SER C 149 -9.63 -37.49 9.68
N PRO C 150 -8.41 -37.33 10.17
CA PRO C 150 -7.27 -37.91 9.45
C PRO C 150 -7.43 -39.41 9.24
N LEU C 151 -7.05 -39.87 8.05
CA LEU C 151 -7.18 -41.27 7.69
C LEU C 151 -6.23 -42.14 8.54
N LYS C 152 -6.79 -43.15 9.19
CA LYS C 152 -5.98 -44.10 9.93
C LYS C 152 -6.55 -45.50 9.72
N PRO C 153 -5.68 -46.52 9.58
CA PRO C 153 -6.16 -47.89 9.32
C PRO C 153 -6.71 -48.56 10.58
N VAL C 154 -7.91 -48.14 10.97
CA VAL C 154 -8.54 -48.64 12.19
C VAL C 154 -9.98 -49.02 11.89
N ASP C 155 -10.46 -50.02 12.62
CA ASP C 155 -11.85 -50.44 12.49
C ASP C 155 -12.78 -49.31 12.92
N ALA C 156 -13.90 -49.20 12.23
CA ALA C 156 -14.89 -48.18 12.54
C ALA C 156 -16.26 -48.77 12.24
N ALA C 157 -17.09 -48.89 13.26
CA ALA C 157 -18.39 -49.53 13.11
C ALA C 157 -19.29 -48.69 12.22
N LEU C 158 -20.00 -49.37 11.32
CA LEU C 158 -21.04 -48.75 10.49
C LEU C 158 -22.30 -49.56 10.77
N THR C 159 -23.18 -48.98 11.59
CA THR C 159 -24.35 -49.70 12.08
C THR C 159 -25.67 -49.18 11.55
N TYR C 160 -25.71 -47.93 11.06
CA TYR C 160 -26.93 -47.38 10.50
C TYR C 160 -27.17 -47.88 9.08
N ILE C 161 -26.14 -48.36 8.40
CA ILE C 161 -26.28 -48.97 7.08
C ILE C 161 -25.43 -50.23 7.09
N THR C 162 -26.05 -51.37 6.78
CA THR C 162 -25.35 -52.64 6.72
C THR C 162 -25.83 -53.37 5.49
N LYS C 163 -25.34 -54.60 5.31
CA LYS C 163 -25.78 -55.41 4.19
C LYS C 163 -27.28 -55.63 4.21
N ALA C 164 -27.88 -55.64 5.39
CA ALA C 164 -29.32 -55.87 5.51
C ALA C 164 -30.15 -54.64 5.19
N GLY C 165 -29.54 -53.47 5.03
CA GLY C 165 -30.26 -52.25 4.71
C GLY C 165 -29.93 -51.17 5.71
N VAL C 166 -30.78 -50.17 5.75
CA VAL C 166 -30.61 -49.10 6.71
C VAL C 166 -31.33 -49.48 8.00
N GLY C 167 -30.94 -48.83 9.09
CA GLY C 167 -31.59 -49.06 10.37
C GLY C 167 -31.47 -47.85 11.26
N LYS C 168 -32.38 -47.79 12.22
CA LYS C 168 -32.33 -46.86 13.34
C LYS C 168 -32.64 -45.42 12.92
N LEU C 169 -33.27 -45.24 11.76
CA LEU C 169 -33.76 -43.94 11.31
C LEU C 169 -35.29 -43.91 11.32
N ARG C 170 -35.85 -42.70 11.40
CA ARG C 170 -37.28 -42.51 11.17
C ARG C 170 -37.57 -42.52 9.68
N TYR C 171 -38.75 -43.06 9.31
CA TYR C 171 -39.17 -43.12 7.92
C TYR C 171 -40.58 -42.56 7.75
N ASP C 172 -40.93 -42.26 6.50
CA ASP C 172 -42.31 -42.12 6.04
C ASP C 172 -43.03 -40.84 6.48
N ASP C 173 -42.80 -40.39 7.71
CA ASP C 173 -43.66 -39.39 8.32
C ASP C 173 -43.45 -38.00 7.69
N GLY C 174 -44.44 -37.14 7.88
CA GLY C 174 -44.34 -35.76 7.44
C GLY C 174 -45.11 -35.49 6.17
N GLY C 175 -44.82 -34.34 5.58
CA GLY C 175 -45.39 -33.98 4.30
C GLY C 175 -46.71 -33.27 4.35
N ALA C 176 -47.19 -32.90 5.55
CA ALA C 176 -48.46 -32.18 5.67
C ALA C 176 -48.45 -31.29 6.91
N GLY C 177 -49.57 -31.21 7.61
CA GLY C 177 -49.68 -30.32 8.76
C GLY C 177 -49.74 -31.01 10.11
N GLY C 178 -49.25 -32.24 10.19
CA GLY C 178 -49.31 -33.01 11.42
C GLY C 178 -48.22 -32.76 12.43
N ASN C 179 -47.23 -31.93 12.11
CA ASN C 179 -46.08 -31.70 12.99
C ASN C 179 -45.51 -33.02 13.50
N ALA C 180 -45.29 -33.95 12.55
CA ALA C 180 -44.66 -35.22 12.87
C ALA C 180 -43.14 -35.12 12.86
N VAL C 181 -42.57 -34.24 12.03
CA VAL C 181 -41.12 -34.07 11.95
C VAL C 181 -40.68 -32.68 12.41
N THR C 182 -41.60 -31.73 12.58
CA THR C 182 -41.31 -30.45 13.20
C THR C 182 -42.32 -30.20 14.32
N PRO C 183 -41.92 -29.60 15.43
CA PRO C 183 -42.89 -29.29 16.47
C PRO C 183 -43.78 -28.14 16.02
N SER C 184 -44.97 -28.06 16.61
CA SER C 184 -45.88 -27.00 16.24
C SER C 184 -45.26 -25.65 16.56
N LYS C 185 -45.40 -24.71 15.62
CA LYS C 185 -44.86 -23.36 15.77
C LYS C 185 -45.78 -22.59 16.69
N SER C 186 -45.39 -22.44 17.96
CA SER C 186 -46.28 -21.88 18.96
C SER C 186 -46.13 -20.37 19.11
N GLY C 187 -45.03 -19.80 18.66
CA GLY C 187 -44.75 -18.41 18.89
C GLY C 187 -43.79 -17.84 17.86
N VAL C 188 -42.71 -17.20 18.31
CA VAL C 188 -41.78 -16.55 17.39
C VAL C 188 -40.70 -17.47 16.87
N HIS C 189 -40.50 -18.64 17.46
CA HIS C 189 -39.43 -19.54 17.02
C HIS C 189 -39.77 -20.10 15.65
N ALA C 190 -38.78 -20.15 14.77
CA ALA C 190 -39.04 -20.46 13.37
C ALA C 190 -37.81 -21.00 12.69
N CYS C 191 -38.04 -21.73 11.59
CA CYS C 191 -36.98 -22.15 10.67
C CYS C 191 -37.57 -22.13 9.25
N LYS C 192 -37.28 -21.08 8.50
CA LYS C 192 -37.82 -20.94 7.15
C LYS C 192 -37.17 -21.88 6.14
N LEU C 193 -36.05 -22.50 6.46
CA LEU C 193 -35.35 -23.36 5.50
C LEU C 193 -36.12 -24.63 5.18
N LEU C 194 -36.99 -25.09 6.09
CA LEU C 194 -37.54 -26.44 5.98
C LEU C 194 -38.77 -26.53 5.07
N ILE C 195 -39.26 -25.42 4.53
CA ILE C 195 -40.39 -25.43 3.60
C ILE C 195 -40.07 -24.46 2.46
N ALA C 196 -40.25 -24.93 1.22
CA ALA C 196 -40.00 -24.11 0.05
C ALA C 196 -41.29 -23.43 -0.42
N HIS C 197 -41.87 -22.64 0.49
CA HIS C 197 -43.16 -22.01 0.26
C HIS C 197 -43.19 -20.75 1.12
N ASN C 198 -44.07 -19.81 0.76
CA ASN C 198 -43.97 -18.49 1.36
C ASN C 198 -44.68 -18.36 2.71
N THR C 199 -45.70 -19.18 3.00
CA THR C 199 -46.46 -18.97 4.23
C THR C 199 -45.60 -19.19 5.47
N ALA C 200 -44.86 -20.30 5.53
CA ALA C 200 -44.05 -20.62 6.69
C ALA C 200 -42.61 -20.99 6.35
N GLY C 201 -42.18 -20.80 5.10
CA GLY C 201 -40.86 -21.17 4.65
C GLY C 201 -40.17 -20.03 3.94
N TYR C 202 -39.25 -20.39 3.04
CA TYR C 202 -38.36 -19.42 2.43
C TYR C 202 -38.77 -19.04 1.00
N GLY C 203 -39.93 -19.48 0.53
CA GLY C 203 -40.36 -19.09 -0.79
C GLY C 203 -40.84 -17.65 -0.84
N ASP C 204 -40.57 -16.98 -1.96
CA ASP C 204 -40.99 -15.60 -2.14
C ASP C 204 -42.26 -15.58 -2.98
N GLY C 205 -43.35 -15.09 -2.40
CA GLY C 205 -44.61 -14.95 -3.10
C GLY C 205 -45.33 -16.24 -3.42
N GLY C 206 -44.70 -17.39 -3.23
CA GLY C 206 -45.31 -18.66 -3.58
C GLY C 206 -44.28 -19.76 -3.48
N GLY C 207 -44.71 -20.96 -3.87
CA GLY C 207 -43.83 -22.10 -3.78
C GLY C 207 -42.91 -22.25 -4.97
N VAL C 208 -41.95 -23.15 -4.82
CA VAL C 208 -41.07 -23.54 -5.92
C VAL C 208 -41.82 -24.54 -6.77
N THR C 209 -41.21 -24.97 -7.88
CA THR C 209 -41.91 -25.82 -8.84
C THR C 209 -42.23 -27.19 -8.26
N ALA C 210 -41.29 -27.81 -7.54
CA ALA C 210 -41.47 -29.17 -7.06
C ALA C 210 -40.73 -29.38 -5.75
N ASP C 211 -41.16 -30.40 -5.00
CA ASP C 211 -40.50 -30.76 -3.75
C ASP C 211 -39.01 -31.00 -4.00
N ILE C 212 -38.19 -30.70 -3.01
CA ILE C 212 -36.74 -30.69 -3.15
C ILE C 212 -36.13 -31.76 -2.26
N ASP C 213 -35.29 -32.60 -2.86
CA ASP C 213 -34.55 -33.62 -2.12
C ASP C 213 -33.39 -32.98 -1.35
N VAL C 214 -33.38 -33.20 -0.04
CA VAL C 214 -32.27 -32.81 0.82
C VAL C 214 -31.84 -34.04 1.62
N PHE C 215 -30.71 -33.93 2.32
CA PHE C 215 -30.09 -35.09 2.96
C PHE C 215 -29.90 -36.21 1.94
N ALA C 216 -29.51 -35.84 0.72
CA ALA C 216 -29.33 -36.77 -0.39
C ALA C 216 -30.60 -37.58 -0.65
N GLY C 217 -31.75 -36.99 -0.35
CA GLY C 217 -33.02 -37.63 -0.61
C GLY C 217 -33.64 -38.34 0.57
N TYR C 218 -33.01 -38.32 1.75
CA TYR C 218 -33.65 -38.88 2.93
C TYR C 218 -34.90 -38.08 3.32
N MET C 219 -34.93 -36.81 2.94
CA MET C 219 -36.02 -35.91 3.31
C MET C 219 -36.36 -35.05 2.10
N LYS C 220 -37.65 -34.76 1.92
CA LYS C 220 -38.13 -33.82 0.91
C LYS C 220 -38.63 -32.56 1.58
N VAL C 221 -38.07 -31.42 1.18
CA VAL C 221 -38.63 -30.12 1.51
C VAL C 221 -39.73 -29.81 0.50
N LYS C 222 -40.91 -29.47 1.01
CA LYS C 222 -42.10 -29.39 0.17
C LYS C 222 -42.21 -28.04 -0.52
N ALA C 223 -42.74 -28.06 -1.75
CA ALA C 223 -43.05 -26.84 -2.49
C ALA C 223 -44.42 -26.27 -2.13
N THR C 224 -45.14 -26.92 -1.23
CA THR C 224 -46.40 -26.46 -0.67
C THR C 224 -46.21 -26.19 0.82
N ASP C 225 -47.23 -25.58 1.43
CA ASP C 225 -47.22 -25.32 2.85
C ASP C 225 -47.37 -26.63 3.62
N ALA C 226 -46.25 -27.31 3.83
CA ALA C 226 -46.25 -28.60 4.50
C ALA C 226 -44.86 -28.86 5.06
N GLU C 227 -44.81 -29.55 6.20
CA GLU C 227 -43.54 -29.91 6.81
C GLU C 227 -42.84 -30.97 5.95
N PRO C 228 -41.54 -31.18 6.16
CA PRO C 228 -40.80 -32.10 5.30
C PRO C 228 -41.33 -33.53 5.36
N LYS C 229 -41.08 -34.27 4.28
CA LYS C 229 -41.51 -35.66 4.13
C LYS C 229 -40.31 -36.59 4.23
N LEU C 230 -40.34 -37.51 5.20
CA LEU C 230 -39.28 -38.48 5.32
C LEU C 230 -39.46 -39.61 4.31
N ALA C 231 -38.34 -40.10 3.77
CA ALA C 231 -38.39 -41.18 2.81
C ALA C 231 -38.85 -42.48 3.47
N ALA C 232 -39.42 -43.37 2.67
CA ALA C 232 -39.67 -44.73 3.12
C ALA C 232 -38.35 -45.50 3.21
N LYS C 233 -38.30 -46.44 4.15
CA LYS C 233 -37.09 -47.23 4.34
C LYS C 233 -36.66 -47.89 3.03
N SER C 234 -37.61 -48.42 2.27
CA SER C 234 -37.25 -49.13 1.06
C SER C 234 -36.67 -48.21 -0.01
N ASP C 235 -36.95 -46.90 0.06
CA ASP C 235 -36.35 -45.94 -0.86
C ASP C 235 -34.86 -45.72 -0.58
N LEU C 236 -34.38 -46.08 0.60
CA LEU C 236 -32.99 -45.90 0.97
C LEU C 236 -32.14 -47.13 0.71
N GLU C 237 -32.71 -48.16 0.09
CA GLU C 237 -32.07 -49.46 -0.02
C GLU C 237 -32.08 -49.94 -1.47
N GLU C 238 -31.18 -50.87 -1.76
CA GLU C 238 -31.07 -51.44 -3.09
C GLU C 238 -32.45 -51.84 -3.62
N GLY C 239 -32.70 -51.55 -4.89
CA GLY C 239 -33.94 -51.91 -5.53
C GLY C 239 -35.12 -51.00 -5.25
N GLY C 240 -34.95 -49.97 -4.42
CA GLY C 240 -36.05 -49.11 -4.06
C GLY C 240 -36.39 -48.09 -5.14
N GLY C 241 -37.45 -47.33 -4.87
CA GLY C 241 -37.86 -46.26 -5.75
C GLY C 241 -36.85 -45.14 -5.78
N GLY C 242 -37.21 -44.10 -6.53
CA GLY C 242 -36.30 -42.99 -6.78
C GLY C 242 -36.30 -41.95 -5.69
N GLY C 243 -35.35 -41.03 -5.82
CA GLY C 243 -35.22 -39.90 -4.93
C GLY C 243 -34.12 -39.98 -3.88
N ALA C 244 -33.51 -41.13 -3.68
CA ALA C 244 -32.44 -41.26 -2.68
C ALA C 244 -31.34 -42.16 -3.23
N GLU C 245 -30.88 -41.87 -4.46
CA GLU C 245 -29.93 -42.72 -5.14
C GLU C 245 -28.62 -42.88 -4.39
N ALA C 246 -28.15 -41.82 -3.74
CA ALA C 246 -26.90 -41.92 -2.99
C ALA C 246 -27.02 -42.91 -1.84
N TRP C 247 -28.20 -43.01 -1.25
CA TRP C 247 -28.41 -43.98 -0.18
C TRP C 247 -28.44 -45.39 -0.74
N LYS C 248 -29.26 -45.62 -1.77
CA LYS C 248 -29.37 -46.96 -2.35
C LYS C 248 -28.03 -47.46 -2.86
N ALA C 249 -27.24 -46.58 -3.49
CA ALA C 249 -25.97 -46.99 -4.05
C ALA C 249 -24.94 -47.31 -2.97
N LEU C 250 -25.00 -46.61 -1.83
CA LEU C 250 -24.10 -46.98 -0.75
C LEU C 250 -24.50 -48.33 -0.16
N HIS C 251 -25.80 -48.60 -0.04
CA HIS C 251 -26.24 -49.90 0.45
C HIS C 251 -25.75 -51.02 -0.48
N THR C 252 -25.84 -50.79 -1.80
CA THR C 252 -25.36 -51.78 -2.75
C THR C 252 -23.86 -52.01 -2.61
N ALA C 253 -23.10 -50.93 -2.45
CA ALA C 253 -21.65 -51.08 -2.30
C ALA C 253 -21.29 -51.84 -1.03
N ILE C 254 -22.02 -51.60 0.05
CA ILE C 254 -21.76 -52.31 1.30
C ILE C 254 -22.11 -53.79 1.14
N LYS C 255 -23.19 -54.09 0.41
CA LYS C 255 -23.57 -55.48 0.17
C LYS C 255 -22.52 -56.22 -0.63
N GLN C 256 -21.86 -55.55 -1.56
CA GLN C 256 -20.90 -56.18 -2.46
C GLN C 256 -19.47 -56.14 -1.95
N GLU C 257 -19.27 -55.66 -0.72
CA GLU C 257 -17.94 -55.62 -0.13
C GLU C 257 -17.38 -57.03 0.05
N ALA C 258 -16.07 -57.14 -0.03
CA ALA C 258 -15.40 -58.43 0.08
C ALA C 258 -15.23 -58.84 1.54
N ASP C 259 -15.00 -60.13 1.74
CA ASP C 259 -14.74 -60.71 3.04
C ASP C 259 -13.24 -60.81 3.26
N ALA C 260 -12.74 -60.13 4.29
CA ALA C 260 -11.32 -60.15 4.60
C ALA C 260 -10.83 -61.55 4.98
N GLU C 261 -11.75 -62.45 5.31
CA GLU C 261 -11.40 -63.81 5.71
C GLU C 261 -11.95 -64.83 4.72
N ALA C 262 -12.10 -64.44 3.46
CA ALA C 262 -12.60 -65.35 2.45
C ALA C 262 -11.70 -66.57 2.35
N ALA C 263 -12.30 -67.70 1.97
CA ALA C 263 -11.51 -68.92 1.79
C ALA C 263 -10.42 -68.72 0.74
N GLU C 264 -10.65 -67.82 -0.23
CA GLU C 264 -9.69 -67.58 -1.28
C GLU C 264 -8.38 -66.98 -0.77
N LEU C 265 -8.36 -66.49 0.47
CA LEU C 265 -7.21 -65.77 1.02
C LEU C 265 -6.44 -66.54 2.07
N THR C 266 -7.02 -67.61 2.64
CA THR C 266 -6.82 -68.02 4.07
C THR C 266 -6.57 -69.54 4.16
N ASN C 267 -5.62 -70.09 3.41
CA ASN C 267 -4.95 -71.39 3.68
C ASN C 267 -6.04 -72.47 3.60
N GLU C 268 -5.67 -73.71 3.68
CA GLU C 268 -6.61 -74.84 3.65
C GLU C 268 -6.32 -75.78 4.81
N THR C 269 -7.35 -76.18 5.55
CA THR C 269 -7.22 -76.94 6.79
C THR C 269 -7.83 -78.32 6.62
N GLY C 270 -7.63 -79.15 7.64
CA GLY C 270 -8.17 -80.51 7.65
C GLY C 270 -7.14 -81.55 7.26
N LYS C 271 -7.61 -82.78 7.17
CA LYS C 271 -6.75 -83.88 6.73
C LYS C 271 -6.24 -83.61 5.31
N LEU C 272 -4.98 -84.00 5.07
CA LEU C 272 -4.32 -83.64 3.82
C LEU C 272 -5.05 -84.22 2.62
N GLY C 273 -5.57 -85.45 2.76
CA GLY C 273 -6.26 -86.09 1.65
C GLY C 273 -7.61 -85.48 1.30
N GLU C 274 -8.09 -84.53 2.11
CA GLU C 274 -9.34 -83.84 1.83
C GLU C 274 -9.14 -82.40 1.38
N ARG C 275 -7.90 -81.91 1.36
CA ARG C 275 -7.62 -80.54 0.96
C ARG C 275 -7.58 -80.49 -0.56
N ARG C 276 -8.58 -79.83 -1.16
CA ARG C 276 -8.75 -79.87 -2.60
C ARG C 276 -7.52 -79.33 -3.32
N HIS C 277 -6.92 -78.24 -2.82
CA HIS C 277 -5.80 -77.63 -3.52
C HIS C 277 -4.48 -78.34 -3.23
N PHE C 278 -4.36 -79.04 -2.09
CA PHE C 278 -3.27 -80.00 -1.94
C PHE C 278 -3.38 -81.10 -2.98
N LEU C 279 -4.59 -81.64 -3.17
CA LEU C 279 -4.77 -82.76 -4.09
C LEU C 279 -4.50 -82.32 -5.52
N ALA C 280 -4.98 -81.13 -5.91
CA ALA C 280 -4.75 -80.63 -7.27
C ALA C 280 -3.28 -80.38 -7.52
N ALA C 281 -2.55 -79.88 -6.52
CA ALA C 281 -1.13 -79.63 -6.69
C ALA C 281 -0.36 -80.93 -6.90
N ALA C 282 -0.63 -81.94 -6.06
CA ALA C 282 0.06 -83.21 -6.21
C ALA C 282 -0.27 -83.84 -7.56
N THR C 283 -1.52 -83.72 -7.99
CA THR C 283 -1.90 -84.26 -9.29
C THR C 283 -1.07 -83.65 -10.42
N ASN C 284 -0.74 -82.37 -10.31
CA ASN C 284 -0.07 -81.68 -11.41
C ASN C 284 1.45 -81.74 -11.31
N VAL C 285 2.01 -81.89 -10.11
CA VAL C 285 3.46 -81.87 -9.96
C VAL C 285 4.07 -83.26 -9.74
N LEU C 286 3.28 -84.23 -9.29
CA LEU C 286 3.80 -85.57 -9.04
C LEU C 286 3.38 -86.56 -10.13
N ARG C 298 -4.25 -88.38 -3.92
CA ARG C 298 -4.53 -88.74 -2.54
C ARG C 298 -3.37 -89.54 -1.95
N ALA C 299 -3.04 -90.67 -2.57
CA ALA C 299 -1.95 -91.51 -2.07
C ALA C 299 -0.62 -90.79 -2.16
N ALA C 300 -0.37 -90.10 -3.29
CA ALA C 300 0.85 -89.30 -3.41
C ALA C 300 0.96 -88.32 -2.24
N VAL C 301 -0.14 -87.63 -1.93
CA VAL C 301 -0.12 -86.67 -0.83
C VAL C 301 0.22 -87.37 0.49
N GLU C 302 -0.41 -88.51 0.75
CA GLU C 302 -0.16 -89.22 2.00
C GLU C 302 1.25 -89.81 2.03
N ALA C 303 1.75 -90.27 0.89
CA ALA C 303 3.11 -90.79 0.83
C ALA C 303 4.14 -89.69 1.03
N ALA C 304 4.01 -88.59 0.28
CA ALA C 304 4.97 -87.49 0.40
C ALA C 304 5.02 -86.95 1.83
N PHE C 305 3.85 -86.82 2.47
CA PHE C 305 3.78 -86.28 3.82
C PHE C 305 3.76 -87.35 4.90
N GLY C 306 3.50 -88.61 4.54
CA GLY C 306 3.53 -89.68 5.50
C GLY C 306 2.48 -89.56 6.59
N SER C 307 1.25 -89.24 6.20
CA SER C 307 0.16 -89.12 7.17
C SER C 307 -1.12 -88.81 6.41
N ASP C 308 -2.23 -88.92 7.14
CA ASP C 308 -3.53 -88.42 6.69
C ASP C 308 -4.13 -87.46 7.71
N SER C 309 -3.35 -86.99 8.67
CA SER C 309 -3.85 -86.20 9.79
C SER C 309 -4.10 -84.76 9.38
N GLU C 310 -4.82 -84.03 10.25
CA GLU C 310 -5.02 -82.61 10.05
C GLU C 310 -3.74 -81.80 10.26
N GLY C 311 -2.71 -82.38 10.86
CA GLY C 311 -1.44 -81.72 11.03
C GLY C 311 -0.32 -82.46 10.35
N GLY C 312 -0.63 -83.20 9.28
CA GLY C 312 0.38 -83.95 8.55
C GLY C 312 1.42 -83.09 7.89
N ASP C 313 1.11 -81.82 7.63
CA ASP C 313 2.06 -80.90 7.02
C ASP C 313 2.94 -80.20 8.03
N ARG C 314 2.71 -80.39 9.33
CA ARG C 314 3.40 -79.59 10.34
C ARG C 314 4.90 -79.87 10.36
N LYS C 315 5.30 -81.14 10.14
CA LYS C 315 6.71 -81.50 10.28
C LYS C 315 7.56 -80.79 9.24
N ILE C 316 7.19 -80.90 7.96
CA ILE C 316 7.98 -80.27 6.90
C ILE C 316 7.93 -78.76 7.02
N ILE C 317 6.79 -78.19 7.42
CA ILE C 317 6.69 -76.74 7.56
C ILE C 317 7.68 -76.23 8.61
N GLU C 318 7.75 -76.91 9.76
CA GLU C 318 8.66 -76.49 10.81
C GLU C 318 10.12 -76.60 10.37
N LEU C 319 10.46 -77.66 9.61
CA LEU C 319 11.81 -77.77 9.09
C LEU C 319 12.16 -76.59 8.19
N ILE C 320 11.23 -76.19 7.32
CA ILE C 320 11.48 -75.03 6.47
C ILE C 320 11.75 -73.79 7.32
N GLU C 321 10.89 -73.53 8.31
CA GLU C 321 10.98 -72.31 9.08
C GLU C 321 12.26 -72.25 9.90
N LYS C 322 12.70 -73.39 10.43
CA LYS C 322 13.85 -73.43 11.32
C LYS C 322 15.17 -73.65 10.59
N GLU C 323 15.14 -73.90 9.27
CA GLU C 323 16.38 -74.08 8.53
C GLU C 323 17.27 -72.86 8.70
N LEU C 324 18.54 -73.11 9.03
CA LEU C 324 19.50 -72.04 9.26
C LEU C 324 20.12 -71.60 7.93
N ILE C 325 20.11 -70.29 7.70
CA ILE C 325 20.81 -69.68 6.57
C ILE C 325 22.04 -68.99 7.15
N VAL C 326 23.20 -69.56 6.91
CA VAL C 326 24.41 -69.09 7.58
C VAL C 326 24.92 -67.82 6.92
N LYS C 327 25.56 -66.99 7.73
CA LYS C 327 26.28 -65.82 7.22
C LYS C 327 27.10 -66.19 5.99
N GLY C 328 27.11 -65.30 5.01
CA GLY C 328 27.84 -65.52 3.78
C GLY C 328 27.05 -66.15 2.66
N THR C 329 25.98 -66.88 2.98
CA THR C 329 25.10 -67.42 1.95
C THR C 329 24.42 -66.29 1.21
N ALA C 330 24.63 -66.23 -0.11
CA ALA C 330 24.12 -65.13 -0.94
C ALA C 330 24.51 -63.78 -0.35
N ASN C 331 25.70 -63.71 0.23
CA ASN C 331 26.27 -62.48 0.75
C ASN C 331 25.49 -61.94 1.95
N ARG C 332 24.77 -62.78 2.68
CA ARG C 332 24.01 -62.29 3.81
C ARG C 332 24.94 -61.96 4.98
N ASP C 333 24.61 -60.89 5.70
CA ASP C 333 25.51 -60.33 6.71
C ASP C 333 25.50 -61.10 8.03
N ALA C 334 24.55 -62.02 8.23
CA ALA C 334 24.46 -62.69 9.52
C ALA C 334 23.60 -63.94 9.37
N ASP C 335 23.74 -64.84 10.35
CA ASP C 335 22.90 -66.02 10.41
C ASP C 335 21.45 -65.64 10.66
N GLU C 336 20.55 -66.44 10.11
CA GLU C 336 19.12 -66.23 10.32
C GLU C 336 18.40 -67.53 10.01
N SER C 337 17.26 -67.71 10.66
CA SER C 337 16.38 -68.83 10.33
C SER C 337 15.56 -68.48 9.10
N LEU C 338 15.41 -69.45 8.20
CA LEU C 338 14.72 -69.18 6.94
C LEU C 338 13.32 -68.67 7.19
N GLY C 339 12.66 -69.16 8.24
CA GLY C 339 11.32 -68.74 8.55
C GLY C 339 11.21 -67.28 8.94
N ASN C 340 12.33 -66.62 9.25
CA ASN C 340 12.35 -65.22 9.63
C ASN C 340 12.75 -64.29 8.50
N ILE C 341 13.07 -64.81 7.32
CA ILE C 341 13.42 -63.98 6.17
C ILE C 341 12.13 -63.60 5.46
N LYS C 342 11.85 -62.28 5.36
CA LYS C 342 10.52 -61.82 4.99
C LYS C 342 10.58 -60.64 4.02
N THR C 343 11.50 -60.69 3.05
CA THR C 343 11.48 -59.74 1.94
C THR C 343 11.70 -60.50 0.65
N LEU C 344 11.01 -60.09 -0.41
CA LEU C 344 11.09 -60.80 -1.68
C LEU C 344 12.49 -60.73 -2.26
N LYS C 345 13.19 -59.63 -2.03
CA LYS C 345 14.58 -59.51 -2.49
C LYS C 345 15.46 -60.57 -1.85
N GLU C 346 15.35 -60.74 -0.53
CA GLU C 346 16.17 -61.73 0.16
C GLU C 346 15.82 -63.15 -0.27
N LEU C 347 14.52 -63.47 -0.33
CA LEU C 347 14.11 -64.83 -0.68
C LEU C 347 14.45 -65.13 -2.14
N GLY C 348 14.28 -64.15 -3.02
CA GLY C 348 14.62 -64.36 -4.41
C GLY C 348 16.10 -64.57 -4.63
N GLU C 349 16.94 -63.83 -3.91
CA GLU C 349 18.38 -64.00 -4.04
C GLU C 349 18.85 -65.34 -3.50
N LEU C 350 18.19 -65.85 -2.45
CA LEU C 350 18.53 -67.16 -1.92
C LEU C 350 18.15 -68.26 -2.90
N LEU C 351 16.94 -68.18 -3.46
CA LEU C 351 16.53 -69.17 -4.45
C LEU C 351 17.48 -69.18 -5.64
N SER C 352 17.83 -68.00 -6.15
CA SER C 352 18.74 -67.92 -7.28
C SER C 352 20.09 -68.51 -6.94
N TYR C 353 20.62 -68.17 -5.76
CA TYR C 353 21.92 -68.68 -5.34
C TYR C 353 21.95 -70.20 -5.35
N PHE C 354 20.92 -70.83 -4.77
CA PHE C 354 20.89 -72.28 -4.67
C PHE C 354 20.48 -72.94 -5.99
N GLN C 355 19.64 -72.29 -6.80
CA GLN C 355 19.38 -72.83 -8.13
C GLN C 355 20.65 -72.85 -8.96
N LEU C 356 21.44 -71.78 -8.87
CA LEU C 356 22.71 -71.74 -9.57
C LEU C 356 23.64 -72.85 -9.10
N LYS C 357 23.71 -73.06 -7.78
CA LYS C 357 24.51 -74.15 -7.23
C LYS C 357 24.06 -75.49 -7.78
N ASN C 358 22.75 -75.70 -7.86
CA ASN C 358 22.23 -76.97 -8.37
C ASN C 358 22.58 -77.16 -9.84
N SER C 359 22.49 -76.09 -10.63
CA SER C 359 22.82 -76.21 -12.06
C SER C 359 24.27 -76.65 -12.25
N ASN C 360 25.19 -76.04 -11.50
CA ASN C 360 26.60 -76.44 -11.61
C ASN C 360 26.83 -77.84 -11.08
N THR C 361 26.02 -78.29 -10.12
CA THR C 361 26.14 -79.67 -9.64
C THR C 361 25.74 -80.67 -10.72
N ILE C 362 24.65 -80.41 -11.42
CA ILE C 362 24.20 -81.34 -12.46
C ILE C 362 25.22 -81.40 -13.59
N ASN C 363 25.69 -80.23 -14.05
CA ASN C 363 26.67 -80.21 -15.13
C ASN C 363 27.94 -80.96 -14.73
N GLU C 364 28.45 -80.70 -13.53
CA GLU C 364 29.69 -81.34 -13.09
C GLU C 364 29.51 -82.86 -13.02
N LEU C 365 28.41 -83.32 -12.43
CA LEU C 365 28.18 -84.76 -12.34
C LEU C 365 28.01 -85.38 -13.72
N ARG C 366 27.13 -84.79 -14.55
CA ARG C 366 26.90 -85.36 -15.87
C ARG C 366 28.16 -85.35 -16.71
N ASN C 367 29.05 -84.37 -16.48
CA ASN C 367 30.29 -84.32 -17.24
C ASN C 367 31.27 -85.40 -16.80
N LYS C 368 31.27 -85.76 -15.52
CA LYS C 368 32.14 -86.84 -15.07
C LYS C 368 31.71 -88.19 -15.64
N LEU C 369 30.40 -88.42 -15.77
CA LEU C 369 29.94 -89.64 -16.44
C LEU C 369 30.30 -89.66 -17.92
N LYS C 370 30.53 -88.51 -18.54
CA LYS C 370 30.85 -88.43 -19.95
C LYS C 370 32.34 -88.46 -20.22
N ALA C 371 33.17 -88.62 -19.20
CA ALA C 371 34.60 -88.69 -19.40
C ALA C 371 34.95 -89.87 -20.31
N VAL C 372 35.92 -89.66 -21.19
CA VAL C 372 36.33 -90.69 -22.14
C VAL C 372 37.75 -91.14 -21.84
N VAL D 1 13.84 66.35 -40.13
CA VAL D 1 13.33 67.20 -39.07
C VAL D 1 12.03 66.61 -38.52
N ASN D 2 11.88 66.65 -37.20
CA ASN D 2 10.74 66.04 -36.53
C ASN D 2 9.53 66.96 -36.54
N GLY D 3 8.34 66.36 -36.46
CA GLY D 3 7.10 67.11 -36.24
C GLY D 3 6.06 66.95 -37.32
N ALA D 4 6.25 66.14 -38.35
CA ALA D 4 5.25 65.95 -39.39
C ALA D 4 4.30 64.82 -39.01
N GLY D 5 3.41 64.45 -39.93
CA GLY D 5 2.41 63.45 -39.67
C GLY D 5 2.93 62.03 -39.83
N LEU D 6 2.00 61.08 -39.75
CA LEU D 6 2.30 59.66 -39.74
C LEU D 6 2.20 59.09 -41.14
N LEU D 7 3.25 58.35 -41.55
CA LEU D 7 3.30 57.77 -42.88
C LEU D 7 2.25 56.67 -43.06
N GLN D 8 1.73 56.57 -44.29
CA GLN D 8 0.71 55.58 -44.60
C GLN D 8 1.22 54.15 -44.53
N THR D 9 2.53 53.93 -44.70
CA THR D 9 3.06 52.59 -44.50
C THR D 9 2.86 52.13 -43.07
N VAL D 10 2.59 53.04 -42.13
CA VAL D 10 2.29 52.65 -40.76
C VAL D 10 0.79 52.50 -40.57
N TRP D 11 0.03 53.58 -40.80
CA TRP D 11 -1.39 53.55 -40.44
C TRP D 11 -2.25 52.80 -41.45
N GLY D 12 -1.79 52.65 -42.69
CA GLY D 12 -2.53 51.93 -43.70
C GLY D 12 -2.88 50.53 -43.26
N PRO D 13 -1.87 49.75 -42.88
CA PRO D 13 -2.14 48.40 -42.35
C PRO D 13 -3.03 48.41 -41.12
N VAL D 14 -2.91 49.42 -40.25
CA VAL D 14 -3.77 49.48 -39.07
C VAL D 14 -5.22 49.72 -39.49
N CYS D 15 -5.43 50.59 -40.49
CA CYS D 15 -6.77 50.80 -41.05
C CYS D 15 -7.35 49.49 -41.57
N GLU D 16 -6.54 48.72 -42.32
CA GLU D 16 -7.03 47.46 -42.87
C GLU D 16 -7.38 46.48 -41.74
N LEU D 17 -6.55 46.44 -40.69
CA LEU D 17 -6.82 45.54 -39.58
C LEU D 17 -8.10 45.92 -38.87
N THR D 18 -8.26 47.19 -38.48
CA THR D 18 -9.46 47.57 -37.76
C THR D 18 -10.70 47.35 -38.62
N SER D 19 -10.57 47.50 -39.93
CA SER D 19 -11.69 47.21 -40.82
C SER D 19 -12.05 45.72 -40.79
N GLU D 20 -11.05 44.84 -40.67
CA GLU D 20 -11.33 43.40 -40.55
C GLU D 20 -11.97 43.09 -39.21
N LEU D 21 -11.55 43.77 -38.14
CA LEU D 21 -12.10 43.50 -36.82
C LEU D 21 -13.59 43.78 -36.77
N ASP D 22 -14.09 44.65 -37.64
CA ASP D 22 -15.51 45.00 -37.63
C ASP D 22 -16.38 43.76 -37.72
N GLY D 23 -16.00 42.80 -38.57
CA GLY D 23 -16.78 41.62 -38.82
C GLY D 23 -16.46 40.42 -37.95
N GLN D 24 -15.60 40.56 -36.95
CA GLN D 24 -15.20 39.40 -36.16
C GLN D 24 -16.38 38.85 -35.35
N ALA D 25 -17.20 39.74 -34.78
CA ALA D 25 -18.31 39.28 -33.94
C ALA D 25 -19.33 38.50 -34.75
N GLY D 26 -19.61 38.96 -35.98
CA GLY D 26 -20.57 38.25 -36.82
C GLY D 26 -20.07 36.88 -37.25
N ALA D 27 -18.76 36.76 -37.48
CA ALA D 27 -18.18 35.46 -37.80
C ALA D 27 -18.30 34.50 -36.63
N ALA D 28 -18.02 35.00 -35.42
CA ALA D 28 -18.13 34.16 -34.23
C ALA D 28 -19.59 33.75 -33.98
N LEU D 29 -20.52 34.67 -34.21
CA LEU D 29 -21.94 34.33 -34.08
C LEU D 29 -22.33 33.24 -35.06
N LYS D 30 -21.86 33.34 -36.30
CA LYS D 30 -22.16 32.30 -37.30
C LYS D 30 -21.62 30.94 -36.84
N LYS D 31 -20.41 30.91 -36.30
CA LYS D 31 -19.85 29.64 -35.85
C LYS D 31 -20.64 29.08 -34.68
N GLU D 32 -21.07 29.94 -33.75
CA GLU D 32 -21.87 29.45 -32.63
C GLU D 32 -23.21 28.89 -33.10
N GLN D 33 -23.86 29.58 -34.04
CA GLN D 33 -25.14 29.10 -34.56
C GLN D 33 -24.99 27.75 -35.25
N GLU D 34 -23.92 27.58 -36.04
CA GLU D 34 -23.71 26.32 -36.74
C GLU D 34 -23.43 25.18 -35.76
N MET D 35 -22.72 25.48 -34.67
CA MET D 35 -22.45 24.47 -33.66
C MET D 35 -23.73 24.04 -32.97
N LEU D 36 -24.60 24.99 -32.63
CA LEU D 36 -25.86 24.66 -31.99
C LEU D 36 -26.78 23.88 -32.93
N ALA D 37 -26.69 24.15 -34.24
CA ALA D 37 -27.50 23.43 -35.22
C ALA D 37 -27.12 21.96 -35.27
N LYS D 38 -25.82 21.66 -35.19
CA LYS D 38 -25.36 20.27 -35.16
C LYS D 38 -25.86 19.54 -33.92
N ILE D 39 -25.74 20.18 -32.76
CA ILE D 39 -26.18 19.55 -31.51
C ILE D 39 -27.67 19.23 -31.58
N ASN D 40 -28.47 20.19 -32.05
CA ASN D 40 -29.90 19.98 -32.17
C ASN D 40 -30.20 18.89 -33.20
N ASP D 41 -29.38 18.78 -34.25
CA ASP D 41 -29.57 17.71 -35.22
C ASP D 41 -29.41 16.33 -34.58
N MET D 42 -28.43 16.20 -33.67
CA MET D 42 -28.24 14.93 -32.97
C MET D 42 -29.43 14.63 -32.07
N GLN D 43 -29.89 15.64 -31.32
CA GLN D 43 -31.00 15.45 -30.40
C GLN D 43 -32.27 15.04 -31.14
N MET D 44 -32.52 15.62 -32.31
CA MET D 44 -33.72 15.27 -33.04
C MET D 44 -33.61 13.89 -33.69
N ALA D 45 -32.40 13.50 -34.11
CA ALA D 45 -32.20 12.16 -34.65
C ALA D 45 -32.45 11.10 -33.59
N GLN D 46 -32.08 11.38 -32.33
CA GLN D 46 -32.38 10.47 -31.23
C GLN D 46 -33.88 10.26 -31.10
N LEU D 47 -34.65 11.36 -31.13
CA LEU D 47 -36.10 11.27 -30.93
C LEU D 47 -36.79 10.57 -32.09
N ARG D 48 -36.32 10.79 -33.33
CA ARG D 48 -36.94 10.15 -34.47
C ARG D 48 -36.77 8.64 -34.40
N ALA D 49 -35.56 8.19 -34.07
CA ALA D 49 -35.33 6.77 -33.89
C ALA D 49 -36.19 6.21 -32.76
N ALA D 50 -36.34 6.98 -31.67
CA ALA D 50 -37.17 6.54 -30.55
C ALA D 50 -38.64 6.50 -30.94
N ILE D 51 -39.09 7.49 -31.72
CA ILE D 51 -40.48 7.50 -32.19
C ILE D 51 -40.75 6.29 -33.08
N TYR D 52 -39.84 6.00 -34.00
CA TYR D 52 -40.04 4.87 -34.90
C TYR D 52 -40.13 3.56 -34.13
N LEU D 53 -39.28 3.40 -33.11
CA LEU D 53 -39.32 2.18 -32.32
C LEU D 53 -40.61 2.09 -31.51
N ALA D 54 -41.03 3.21 -30.90
CA ALA D 54 -42.29 3.22 -30.17
C ALA D 54 -43.47 3.00 -31.12
N LYS D 55 -43.38 3.54 -32.35
CA LYS D 55 -44.47 3.40 -33.30
C LYS D 55 -44.58 1.97 -33.83
N ASN D 56 -43.46 1.26 -33.96
CA ASN D 56 -43.41 -0.06 -34.56
C ASN D 56 -42.72 -1.01 -33.59
N PRO D 57 -43.36 -1.32 -32.45
CA PRO D 57 -42.67 -2.13 -31.44
C PRO D 57 -42.22 -3.49 -31.95
N SER D 58 -42.95 -4.08 -32.91
CA SER D 58 -42.64 -5.40 -33.41
C SER D 58 -41.69 -5.37 -34.59
N THR D 59 -41.08 -4.21 -34.87
CA THR D 59 -40.11 -4.08 -35.93
C THR D 59 -39.02 -5.14 -35.78
N PRO D 60 -38.47 -5.66 -36.89
CA PRO D 60 -37.31 -6.54 -36.81
C PRO D 60 -36.01 -5.82 -36.52
N HIS D 61 -36.01 -4.48 -36.49
CA HIS D 61 -34.80 -3.70 -36.29
C HIS D 61 -34.69 -3.11 -34.89
N GLN D 62 -35.30 -3.74 -33.87
CA GLN D 62 -35.33 -3.11 -32.57
C GLN D 62 -33.91 -2.92 -32.02
N ASN D 63 -33.03 -3.89 -32.27
CA ASN D 63 -31.67 -3.76 -31.75
C ASN D 63 -30.94 -2.61 -32.41
N ALA D 64 -31.07 -2.47 -33.73
CA ALA D 64 -30.45 -1.34 -34.42
C ALA D 64 -31.02 -0.02 -33.92
N LEU D 65 -32.33 0.03 -33.67
CA LEU D 65 -32.96 1.26 -33.19
C LEU D 65 -32.51 1.59 -31.77
N ALA D 66 -32.32 0.57 -30.93
CA ALA D 66 -31.83 0.83 -29.57
C ALA D 66 -30.42 1.36 -29.60
N VAL D 67 -29.59 0.88 -30.52
CA VAL D 67 -28.23 1.37 -30.63
C VAL D 67 -28.22 2.81 -31.14
N LEU D 68 -29.04 3.09 -32.15
CA LEU D 68 -29.05 4.43 -32.74
C LEU D 68 -29.56 5.47 -31.75
N THR D 69 -30.60 5.16 -30.97
CA THR D 69 -31.07 6.13 -29.99
C THR D 69 -30.00 6.41 -28.94
N ALA D 70 -29.32 5.37 -28.47
CA ALA D 70 -28.26 5.56 -27.48
C ALA D 70 -27.06 6.27 -28.08
N TYR D 71 -26.76 6.03 -29.36
CA TYR D 71 -25.64 6.70 -30.00
C TYR D 71 -25.93 8.19 -30.20
N TYR D 72 -27.12 8.53 -30.71
CA TYR D 72 -27.44 9.93 -30.93
C TYR D 72 -27.53 10.69 -29.61
N ALA D 73 -27.90 10.02 -28.53
CA ALA D 73 -27.91 10.67 -27.21
C ALA D 73 -26.49 11.02 -26.76
N GLU D 74 -25.54 10.09 -26.94
CA GLU D 74 -24.15 10.39 -26.63
C GLU D 74 -23.62 11.50 -27.51
N ARG D 75 -24.00 11.51 -28.79
CA ARG D 75 -23.58 12.57 -29.68
C ARG D 75 -24.15 13.91 -29.22
N ALA D 76 -25.39 13.92 -28.73
CA ALA D 76 -26.00 15.16 -28.25
C ALA D 76 -25.32 15.66 -26.98
N GLY D 77 -24.97 14.73 -26.08
CA GLY D 77 -24.25 15.13 -24.87
C GLY D 77 -22.83 15.56 -25.16
N SER D 78 -22.15 14.87 -26.07
CA SER D 78 -20.77 15.24 -26.42
C SER D 78 -20.72 16.57 -27.15
N GLY D 79 -21.69 16.81 -28.05
CA GLY D 79 -21.74 18.11 -28.72
C GLY D 79 -22.06 19.22 -27.76
N LYS D 80 -23.00 18.98 -26.84
CA LYS D 80 -23.36 19.98 -25.84
C LYS D 80 -22.16 20.34 -24.96
N ALA D 81 -21.40 19.33 -24.53
CA ALA D 81 -20.23 19.59 -23.70
C ALA D 81 -19.18 20.37 -24.48
N TYR D 82 -18.98 20.05 -25.76
CA TYR D 82 -18.01 20.80 -26.55
C TYR D 82 -18.44 22.26 -26.70
N PHE D 83 -19.74 22.50 -26.88
CA PHE D 83 -20.21 23.88 -27.01
C PHE D 83 -19.95 24.67 -25.74
N LEU D 84 -20.24 24.08 -24.57
CA LEU D 84 -19.99 24.75 -23.30
C LEU D 84 -18.51 24.99 -23.08
N HIS D 85 -17.68 24.07 -23.56
CA HIS D 85 -16.24 24.23 -23.47
C HIS D 85 -15.77 25.37 -24.37
N ALA D 86 -16.41 25.53 -25.53
CA ALA D 86 -16.02 26.57 -26.48
C ALA D 86 -16.65 27.93 -26.17
N LEU D 87 -17.70 27.98 -25.35
CA LEU D 87 -18.41 29.25 -25.16
C LEU D 87 -17.56 30.33 -24.52
N PRO D 88 -16.82 30.08 -23.43
CA PRO D 88 -15.96 31.14 -22.90
C PRO D 88 -14.92 31.61 -23.89
N LYS D 89 -14.40 30.71 -24.74
CA LYS D 89 -13.38 31.10 -25.70
C LYS D 89 -13.97 31.98 -26.80
N ALA D 90 -15.19 31.68 -27.25
CA ALA D 90 -15.86 32.51 -28.24
C ALA D 90 -16.17 33.89 -27.67
N VAL D 91 -16.73 33.94 -26.47
CA VAL D 91 -17.03 35.23 -25.83
C VAL D 91 -15.77 36.09 -25.76
N ASP D 92 -14.66 35.51 -25.32
CA ASP D 92 -13.46 36.31 -25.14
C ASP D 92 -12.90 36.80 -26.47
N SER D 93 -13.01 36.00 -27.55
CA SER D 93 -12.54 36.44 -28.84
C SER D 93 -13.38 37.61 -29.35
N ILE D 94 -14.69 37.58 -29.10
CA ILE D 94 -15.55 38.72 -29.43
C ILE D 94 -15.13 39.93 -28.60
N ARG D 95 -14.90 39.71 -27.30
CA ARG D 95 -14.54 40.78 -26.38
C ARG D 95 -13.20 41.40 -26.73
N ARG D 96 -12.18 40.57 -26.95
CA ARG D 96 -10.82 41.08 -27.16
C ARG D 96 -10.68 41.75 -28.51
N ALA D 97 -11.36 41.23 -29.53
CA ALA D 97 -11.27 41.82 -30.86
C ALA D 97 -11.92 43.19 -30.90
N ALA D 98 -13.12 43.32 -30.33
CA ALA D 98 -13.79 44.61 -30.31
C ALA D 98 -13.08 45.62 -29.43
N TYR D 99 -12.46 45.15 -28.33
CA TYR D 99 -11.71 46.05 -27.44
C TYR D 99 -10.49 46.62 -28.15
N LEU D 100 -9.76 45.78 -28.89
CA LEU D 100 -8.65 46.28 -29.69
C LEU D 100 -9.15 47.25 -30.76
N LYS D 101 -10.28 46.92 -31.41
CA LYS D 101 -10.81 47.80 -32.45
C LYS D 101 -11.17 49.17 -31.88
N GLY D 102 -11.72 49.20 -30.68
CA GLY D 102 -12.04 50.49 -30.05
C GLY D 102 -10.83 51.36 -29.82
N HIS D 103 -9.74 50.75 -29.35
CA HIS D 103 -8.46 51.45 -29.24
C HIS D 103 -8.04 52.04 -30.57
N LEU D 104 -8.02 51.22 -31.63
CA LEU D 104 -7.52 51.68 -32.92
C LEU D 104 -8.43 52.74 -33.51
N ASP D 105 -9.74 52.61 -33.33
CA ASP D 105 -10.65 53.58 -33.94
C ASP D 105 -10.56 54.93 -33.25
N GLU D 106 -10.37 54.95 -31.92
CA GLU D 106 -10.25 56.21 -31.22
C GLU D 106 -9.05 57.02 -31.73
N TYR D 107 -7.88 56.38 -31.83
CA TYR D 107 -6.67 57.11 -32.19
C TYR D 107 -6.60 57.39 -33.69
N LEU D 108 -7.02 56.43 -34.52
CA LEU D 108 -7.06 56.70 -35.96
C LEU D 108 -8.01 57.86 -36.26
N ASN D 109 -9.19 57.87 -35.63
CA ASN D 109 -10.14 58.95 -35.84
C ASN D 109 -9.54 60.30 -35.43
N LEU D 110 -8.89 60.35 -34.25
CA LEU D 110 -8.28 61.58 -33.80
C LEU D 110 -7.26 62.10 -34.81
N LEU D 111 -6.42 61.21 -35.34
CA LEU D 111 -5.41 61.63 -36.31
C LEU D 111 -6.04 62.03 -37.64
N GLU D 112 -7.02 61.25 -38.12
CA GLU D 112 -7.65 61.56 -39.40
C GLU D 112 -8.34 62.92 -39.35
N LYS D 113 -9.03 63.21 -38.23
CA LYS D 113 -9.76 64.45 -38.12
C LYS D 113 -8.87 65.63 -37.75
N SER D 114 -7.64 65.37 -37.29
CA SER D 114 -6.69 66.45 -36.99
C SER D 114 -6.04 66.89 -38.30
N SER D 115 -6.89 67.43 -39.17
CA SER D 115 -6.54 67.80 -40.52
C SER D 115 -7.22 69.13 -40.84
N GLY D 116 -6.48 70.01 -41.52
CA GLY D 116 -6.93 71.36 -41.81
C GLY D 116 -5.79 72.35 -41.73
N GLY D 117 -5.58 73.12 -42.80
CA GLY D 117 -4.45 74.04 -42.82
C GLY D 117 -3.15 73.30 -42.69
N ASN D 118 -2.27 73.81 -41.81
CA ASN D 118 -0.99 73.15 -41.63
C ASN D 118 -1.12 71.78 -40.99
N ASN D 119 -2.20 71.53 -40.25
CA ASN D 119 -2.35 70.27 -39.54
C ASN D 119 -2.55 69.13 -40.52
N LYS D 120 -1.62 68.17 -40.52
CA LYS D 120 -1.68 67.03 -41.42
C LYS D 120 -1.10 65.83 -40.66
N CYS D 121 -1.99 65.07 -40.01
CA CYS D 121 -1.58 64.02 -39.09
C CYS D 121 -1.58 62.63 -39.70
N LEU D 122 -2.46 62.34 -40.65
CA LEU D 122 -2.37 61.13 -41.46
C LEU D 122 -1.95 61.57 -42.86
N VAL D 123 -0.71 61.27 -43.24
CA VAL D 123 -0.16 61.67 -44.53
C VAL D 123 0.15 60.39 -45.33
N THR D 124 0.53 60.57 -46.59
CA THR D 124 0.86 59.42 -47.41
C THR D 124 2.36 59.15 -47.34
N THR D 125 3.14 59.79 -48.22
CA THR D 125 4.58 59.58 -48.25
C THR D 125 5.37 60.80 -47.80
N ASP D 126 4.76 61.99 -47.77
CA ASP D 126 5.46 63.21 -47.38
C ASP D 126 4.58 64.08 -46.48
N ASP D 127 5.19 65.14 -45.96
CA ASP D 127 4.55 65.96 -44.94
C ASP D 127 3.36 66.75 -45.47
N ALA D 128 3.23 66.91 -46.79
CA ALA D 128 2.27 67.85 -47.35
C ALA D 128 1.01 67.19 -47.91
N THR D 129 0.95 65.86 -47.99
CA THR D 129 -0.18 65.17 -48.61
C THR D 129 -0.98 64.47 -47.53
N VAL D 130 -2.10 65.09 -47.11
CA VAL D 130 -2.94 64.54 -46.05
C VAL D 130 -3.95 63.58 -46.66
N ALA D 131 -4.29 62.55 -45.89
CA ALA D 131 -5.26 61.56 -46.34
C ALA D 131 -6.67 62.13 -46.28
N THR D 132 -7.47 61.80 -47.31
CA THR D 132 -8.86 62.21 -47.37
C THR D 132 -9.71 61.01 -47.78
N ARG D 133 -11.01 61.11 -47.49
CA ARG D 133 -11.96 60.07 -47.86
C ARG D 133 -12.40 60.25 -49.31
N GLY D 134 -12.40 59.14 -50.04
CA GLY D 134 -12.92 59.13 -51.40
C GLY D 134 -14.40 58.83 -51.43
N GLY D 135 -14.99 58.95 -52.61
CA GLY D 135 -16.40 58.63 -52.77
C GLY D 135 -16.77 57.28 -52.18
N ASP D 136 -15.91 56.29 -52.34
CA ASP D 136 -16.12 54.96 -51.76
C ASP D 136 -15.75 54.88 -50.28
N GLN D 137 -15.60 55.98 -49.56
CA GLN D 137 -15.24 56.02 -48.14
C GLN D 137 -13.93 55.31 -47.86
N LYS D 138 -13.05 55.08 -48.83
CA LYS D 138 -11.69 54.66 -48.52
C LYS D 138 -10.85 55.87 -48.12
N LEU D 139 -9.88 55.63 -47.24
CA LEU D 139 -8.99 56.68 -46.76
C LEU D 139 -7.66 56.55 -47.49
N ALA D 140 -7.42 57.44 -48.44
CA ALA D 140 -6.25 57.37 -49.31
C ALA D 140 -6.09 55.97 -49.89
N GLY D 141 -7.21 55.41 -50.35
CA GLY D 141 -7.23 54.12 -51.01
C GLY D 141 -7.29 52.91 -50.10
N LYS D 142 -7.35 53.08 -48.79
CA LYS D 142 -7.39 51.97 -47.85
C LYS D 142 -8.76 51.87 -47.18
N ASN D 143 -9.21 50.63 -46.94
CA ASN D 143 -10.38 50.42 -46.09
C ASN D 143 -10.07 50.93 -44.70
N CYS D 144 -10.92 51.82 -44.18
CA CYS D 144 -10.70 52.38 -42.86
C CYS D 144 -12.07 52.67 -42.24
N LYS D 145 -12.73 51.60 -41.84
CA LYS D 145 -14.07 51.67 -41.23
C LYS D 145 -13.88 51.82 -39.73
N LEU D 146 -14.09 53.03 -39.21
CA LEU D 146 -13.82 53.34 -37.81
C LEU D 146 -15.06 53.26 -36.94
N SER D 147 -15.92 52.28 -37.20
CA SER D 147 -17.12 52.04 -36.40
C SER D 147 -17.55 50.61 -36.65
N LEU D 148 -18.51 50.15 -35.84
CA LEU D 148 -19.04 48.80 -35.96
C LEU D 148 -20.27 48.82 -36.86
N SER D 149 -20.28 47.94 -37.85
CA SER D 149 -21.44 47.71 -38.69
C SER D 149 -22.48 46.87 -37.96
N PRO D 150 -23.72 46.89 -38.41
CA PRO D 150 -24.74 46.04 -37.77
C PRO D 150 -24.31 44.58 -37.75
N LEU D 151 -24.61 43.91 -36.65
CA LEU D 151 -24.21 42.52 -36.45
C LEU D 151 -24.93 41.60 -37.43
N LYS D 152 -24.16 40.83 -38.20
CA LYS D 152 -24.73 39.89 -39.16
C LYS D 152 -23.96 38.58 -39.08
N PRO D 153 -24.64 37.42 -39.03
CA PRO D 153 -23.90 36.15 -39.03
C PRO D 153 -23.35 35.79 -40.42
N VAL D 154 -22.27 36.45 -40.80
CA VAL D 154 -21.60 36.18 -42.06
C VAL D 154 -20.10 36.12 -41.77
N ASP D 155 -19.40 35.25 -42.48
CA ASP D 155 -17.98 35.13 -42.27
C ASP D 155 -17.27 36.41 -42.70
N ALA D 156 -16.16 36.69 -42.02
CA ALA D 156 -15.38 37.89 -42.30
C ALA D 156 -13.93 37.56 -42.04
N ALA D 157 -13.10 37.69 -43.09
CA ALA D 157 -11.71 37.30 -43.00
C ALA D 157 -10.97 38.18 -41.99
N LEU D 158 -10.11 37.54 -41.20
CA LEU D 158 -9.18 38.24 -40.31
C LEU D 158 -7.78 37.71 -40.65
N THR D 159 -7.02 38.50 -41.41
CA THR D 159 -5.74 38.06 -41.94
C THR D 159 -4.55 38.75 -41.30
N TYR D 160 -4.76 39.92 -40.68
CA TYR D 160 -3.67 40.63 -40.01
C TYR D 160 -3.31 40.02 -38.66
N ILE D 161 -4.22 39.25 -38.05
CA ILE D 161 -3.94 38.53 -36.81
C ILE D 161 -4.52 37.13 -36.93
N THR D 162 -3.66 36.12 -36.78
CA THR D 162 -4.11 34.72 -36.88
C THR D 162 -3.47 33.94 -35.73
N LYS D 163 -3.69 32.62 -35.75
CA LYS D 163 -3.07 31.76 -34.74
C LYS D 163 -1.56 31.89 -34.78
N ALA D 164 -1.01 32.16 -35.96
CA ALA D 164 0.43 32.29 -36.12
C ALA D 164 0.97 33.61 -35.59
N GLY D 165 0.12 34.60 -35.36
CA GLY D 165 0.55 35.87 -34.82
C GLY D 165 0.08 37.01 -35.70
N VAL D 166 0.75 38.15 -35.59
CA VAL D 166 0.42 39.31 -36.41
C VAL D 166 1.21 39.23 -37.71
N GLY D 167 0.73 39.96 -38.71
CA GLY D 167 1.41 40.04 -39.98
C GLY D 167 1.02 41.29 -40.74
N LYS D 168 1.83 41.62 -41.74
CA LYS D 168 1.53 42.67 -42.70
C LYS D 168 1.56 44.07 -42.09
N LEU D 169 2.15 44.21 -40.91
CA LEU D 169 2.37 45.51 -40.28
C LEU D 169 3.85 45.86 -40.29
N ARG D 170 4.14 47.14 -40.14
CA ARG D 170 5.51 47.58 -39.88
C ARG D 170 5.80 47.42 -38.38
N TYR D 171 7.06 47.16 -38.07
CA TYR D 171 7.50 46.97 -36.70
C TYR D 171 8.79 47.75 -36.45
N ASP D 172 9.10 47.94 -35.17
CA ASP D 172 10.44 48.28 -34.69
C ASP D 172 10.88 49.72 -34.94
N ASP D 173 10.56 50.27 -36.10
CA ASP D 173 11.22 51.50 -36.54
C ASP D 173 10.78 52.71 -35.71
N GLY D 174 11.59 53.76 -35.80
CA GLY D 174 11.30 55.03 -35.17
C GLY D 174 12.00 55.21 -33.84
N GLY D 175 11.52 56.21 -33.09
CA GLY D 175 12.02 56.49 -31.77
C GLY D 175 13.18 57.45 -31.69
N ALA D 176 13.56 58.08 -32.81
CA ALA D 176 14.67 59.02 -32.82
C ALA D 176 14.48 60.06 -33.93
N GLY D 177 15.54 60.41 -34.64
CA GLY D 177 15.47 61.45 -35.65
C GLY D 177 15.58 61.00 -37.10
N GLY D 178 15.42 59.71 -37.38
CA GLY D 178 15.62 59.21 -38.73
C GLY D 178 14.45 59.39 -39.68
N ASN D 179 13.30 59.87 -39.21
CA ASN D 179 12.12 60.04 -40.05
C ASN D 179 11.77 58.75 -40.78
N ALA D 180 11.72 57.66 -40.03
CA ALA D 180 11.29 56.37 -40.57
C ALA D 180 9.78 56.19 -40.52
N VAL D 181 9.11 56.80 -39.55
CA VAL D 181 7.66 56.66 -39.41
C VAL D 181 6.91 57.95 -39.71
N THR D 182 7.59 59.10 -39.66
CA THR D 182 7.07 60.37 -40.11
C THR D 182 7.99 60.96 -41.19
N PRO D 183 7.45 61.62 -42.20
CA PRO D 183 8.32 62.29 -43.18
C PRO D 183 8.96 63.53 -42.57
N SER D 184 10.07 63.95 -43.18
CA SER D 184 10.78 65.12 -42.71
C SER D 184 9.86 66.34 -42.75
N LYS D 185 9.85 67.10 -41.66
CA LYS D 185 9.03 68.31 -41.59
C LYS D 185 9.76 69.40 -42.38
N SER D 186 9.36 69.59 -43.64
CA SER D 186 10.08 70.49 -44.53
C SER D 186 9.66 71.94 -44.37
N GLY D 187 8.49 72.21 -43.79
CA GLY D 187 8.01 73.57 -43.70
C GLY D 187 6.89 73.77 -42.70
N VAL D 188 5.73 74.23 -43.17
CA VAL D 188 4.63 74.55 -42.27
C VAL D 188 3.79 73.34 -41.89
N HIS D 189 3.82 72.26 -42.67
CA HIS D 189 3.00 71.09 -42.38
C HIS D 189 3.47 70.43 -41.08
N ALA D 190 2.53 70.12 -40.19
CA ALA D 190 2.88 69.63 -38.87
C ALA D 190 1.77 68.75 -38.33
N CYS D 191 2.14 67.92 -37.35
CA CYS D 191 1.19 67.16 -36.53
C CYS D 191 1.80 67.10 -35.13
N LYS D 192 1.36 68.00 -34.25
CA LYS D 192 1.94 68.04 -32.91
C LYS D 192 1.49 66.88 -32.03
N LEU D 193 0.52 66.08 -32.45
CA LEU D 193 0.01 65.02 -31.59
C LEU D 193 1.00 63.87 -31.42
N LEU D 194 1.93 63.67 -32.36
CA LEU D 194 2.73 62.45 -32.42
C LEU D 194 3.98 62.50 -31.56
N ILE D 195 4.24 63.61 -30.88
CA ILE D 195 5.40 63.74 -29.99
C ILE D 195 4.92 64.44 -28.73
N ALA D 196 5.18 63.83 -27.58
CA ALA D 196 4.77 64.40 -26.29
C ALA D 196 5.89 65.26 -25.71
N HIS D 197 6.31 66.25 -26.49
CA HIS D 197 7.45 67.11 -26.18
C HIS D 197 7.22 68.45 -26.86
N ASN D 198 7.86 69.50 -26.35
CA ASN D 198 7.49 70.86 -26.72
C ASN D 198 8.15 71.36 -28.01
N THR D 199 9.30 70.81 -28.40
CA THR D 199 10.02 71.33 -29.55
C THR D 199 9.22 71.13 -30.83
N ALA D 200 8.73 69.92 -31.06
CA ALA D 200 7.94 69.60 -32.25
C ALA D 200 6.63 68.91 -31.92
N GLY D 201 6.23 68.87 -30.64
CA GLY D 201 5.02 68.18 -30.26
C GLY D 201 4.05 69.02 -29.45
N TYR D 202 3.18 68.37 -28.68
CA TYR D 202 2.13 69.07 -27.94
C TYR D 202 2.49 69.33 -26.49
N GLY D 203 3.69 68.95 -26.05
CA GLY D 203 4.11 69.27 -24.70
C GLY D 203 4.23 70.77 -24.51
N ASP D 204 3.94 71.22 -23.29
CA ASP D 204 4.06 72.63 -22.95
C ASP D 204 5.31 72.81 -22.11
N GLY D 205 6.26 73.58 -22.62
CA GLY D 205 7.49 73.88 -21.93
C GLY D 205 8.45 72.72 -21.77
N GLY D 206 8.09 71.53 -22.23
CA GLY D 206 8.92 70.37 -22.05
C GLY D 206 8.11 69.10 -22.29
N GLY D 207 8.80 67.98 -22.15
CA GLY D 207 8.16 66.70 -22.36
C GLY D 207 7.41 66.20 -21.14
N VAL D 208 6.63 65.14 -21.36
CA VAL D 208 5.90 64.46 -20.30
C VAL D 208 6.88 63.56 -19.56
N THR D 209 6.38 62.83 -18.55
CA THR D 209 7.28 62.05 -17.70
C THR D 209 7.88 60.86 -18.45
N ALA D 210 7.09 60.18 -19.28
CA ALA D 210 7.58 58.97 -19.92
C ALA D 210 6.80 58.71 -21.20
N ASP D 211 7.39 57.90 -22.08
CA ASP D 211 6.75 57.58 -23.35
C ASP D 211 5.34 57.04 -23.11
N ILE D 212 4.46 57.26 -24.10
CA ILE D 212 3.04 56.98 -24.01
C ILE D 212 2.67 55.93 -25.04
N ASP D 213 2.00 54.86 -24.59
CA ASP D 213 1.49 53.85 -25.50
C ASP D 213 0.20 54.32 -26.17
N VAL D 214 0.18 54.28 -27.50
CA VAL D 214 -1.02 54.53 -28.28
C VAL D 214 -1.23 53.33 -29.21
N PHE D 215 -2.38 53.30 -29.86
CA PHE D 215 -2.79 52.11 -30.63
C PHE D 215 -2.70 50.85 -29.76
N ALA D 216 -3.10 50.99 -28.50
CA ALA D 216 -3.07 49.89 -27.53
C ALA D 216 -1.67 49.29 -27.38
N GLY D 217 -0.64 50.12 -27.62
CA GLY D 217 0.73 49.71 -27.45
C GLY D 217 1.47 49.35 -28.73
N TYR D 218 0.80 49.38 -29.88
CA TYR D 218 1.50 49.16 -31.14
C TYR D 218 2.54 50.24 -31.42
N MET D 219 2.36 51.43 -30.84
CA MET D 219 3.22 52.56 -31.09
C MET D 219 3.42 53.33 -29.80
N LYS D 220 4.61 53.91 -29.64
CA LYS D 220 4.95 54.75 -28.50
C LYS D 220 5.13 56.19 -28.95
N VAL D 221 4.37 57.10 -28.35
CA VAL D 221 4.63 58.53 -28.50
C VAL D 221 5.67 58.93 -27.45
N LYS D 222 6.75 59.55 -27.91
CA LYS D 222 7.92 59.78 -27.08
C LYS D 222 7.75 61.00 -26.20
N ALA D 223 8.30 60.92 -24.98
CA ALA D 223 8.37 62.06 -24.08
C ALA D 223 9.53 62.98 -24.40
N THR D 224 10.36 62.62 -25.37
CA THR D 224 11.50 63.40 -25.82
C THR D 224 11.26 63.79 -27.28
N ASP D 225 12.14 64.65 -27.79
CA ASP D 225 12.03 65.13 -29.18
C ASP D 225 12.47 64.01 -30.11
N ALA D 226 11.53 63.12 -30.42
CA ALA D 226 11.80 61.94 -31.25
C ALA D 226 10.48 61.44 -31.82
N GLU D 227 10.53 60.90 -33.03
CA GLU D 227 9.34 60.39 -33.68
C GLU D 227 8.87 59.11 -32.97
N PRO D 228 7.61 58.72 -33.21
CA PRO D 228 7.07 57.55 -32.51
C PRO D 228 7.86 56.27 -32.84
N LYS D 229 7.86 55.34 -31.88
CA LYS D 229 8.57 54.08 -32.02
C LYS D 229 7.58 52.94 -32.13
N LEU D 230 7.69 52.15 -33.20
CA LEU D 230 6.81 51.00 -33.41
C LEU D 230 7.27 49.81 -32.57
N ALA D 231 6.29 49.08 -32.02
CA ALA D 231 6.58 47.91 -31.22
C ALA D 231 7.20 46.81 -32.08
N ALA D 232 7.97 45.94 -31.42
CA ALA D 232 8.48 44.75 -32.09
C ALA D 232 7.36 43.75 -32.35
N LYS D 233 7.51 42.97 -33.43
CA LYS D 233 6.49 42.00 -33.81
C LYS D 233 6.14 41.09 -32.63
N SER D 234 7.15 40.62 -31.89
CA SER D 234 6.88 39.71 -30.78
C SER D 234 6.19 40.40 -29.61
N ASP D 235 6.31 41.72 -29.48
CA ASP D 235 5.60 42.44 -28.43
C ASP D 235 4.09 42.42 -28.65
N LEU D 236 3.64 42.09 -29.86
CA LEU D 236 2.23 42.06 -30.18
C LEU D 236 1.64 40.66 -30.10
N GLU D 237 2.43 39.68 -29.69
CA GLU D 237 2.03 38.29 -29.77
C GLU D 237 2.16 37.61 -28.42
N GLU D 238 1.42 36.52 -28.25
CA GLU D 238 1.46 35.72 -27.03
C GLU D 238 2.90 35.42 -26.67
N GLY D 239 3.24 35.58 -25.39
CA GLY D 239 4.57 35.33 -24.91
C GLY D 239 5.52 36.51 -25.02
N GLY D 240 5.08 37.60 -25.64
CA GLY D 240 5.94 38.75 -25.85
C GLY D 240 6.14 39.55 -24.59
N GLY D 241 6.97 40.58 -24.70
CA GLY D 241 7.20 41.47 -23.58
C GLY D 241 5.99 42.34 -23.30
N GLY D 242 6.17 43.39 -22.52
CA GLY D 242 5.07 44.23 -22.12
C GLY D 242 4.85 45.42 -23.05
N GLY D 243 3.76 46.14 -22.78
CA GLY D 243 3.44 47.37 -23.46
C GLY D 243 2.29 47.29 -24.43
N ALA D 244 1.92 46.08 -24.89
CA ALA D 244 0.84 45.92 -25.87
C ALA D 244 0.00 44.70 -25.47
N GLU D 245 -0.55 44.76 -24.25
CA GLU D 245 -1.27 43.60 -23.71
C GLU D 245 -2.50 43.27 -24.53
N ALA D 246 -3.19 44.28 -25.05
CA ALA D 246 -4.42 44.02 -25.81
C ALA D 246 -4.15 43.26 -27.10
N TRP D 247 -2.96 43.44 -27.69
CA TRP D 247 -2.61 42.69 -28.89
C TRP D 247 -2.32 41.24 -28.55
N LYS D 248 -1.50 41.02 -27.52
CA LYS D 248 -1.18 39.64 -27.13
C LYS D 248 -2.43 38.88 -26.72
N ALA D 249 -3.31 39.51 -25.94
CA ALA D 249 -4.51 38.82 -25.47
C ALA D 249 -5.43 38.45 -26.64
N LEU D 250 -5.48 39.26 -27.69
CA LEU D 250 -6.29 38.91 -28.85
C LEU D 250 -5.67 37.76 -29.63
N HIS D 251 -4.34 37.78 -29.81
CA HIS D 251 -3.67 36.65 -30.44
C HIS D 251 -3.96 35.36 -29.68
N THR D 252 -3.77 35.39 -28.35
CA THR D 252 -4.07 34.22 -27.53
C THR D 252 -5.51 33.78 -27.72
N ALA D 253 -6.46 34.72 -27.65
CA ALA D 253 -7.86 34.37 -27.83
C ALA D 253 -8.09 33.70 -29.17
N ILE D 254 -7.42 34.20 -30.22
CA ILE D 254 -7.56 33.61 -31.55
C ILE D 254 -6.89 32.25 -31.61
N LYS D 255 -5.73 32.08 -30.95
CA LYS D 255 -5.09 30.78 -30.93
C LYS D 255 -5.98 29.73 -30.30
N GLN D 256 -6.77 30.12 -29.29
CA GLN D 256 -7.53 29.15 -28.52
C GLN D 256 -8.95 28.94 -29.01
N GLU D 257 -9.30 29.44 -30.19
CA GLU D 257 -10.66 29.24 -30.68
C GLU D 257 -10.91 27.76 -30.96
N ALA D 258 -12.15 27.35 -30.72
CA ALA D 258 -12.55 25.97 -30.89
C ALA D 258 -12.72 25.65 -32.38
N ASP D 259 -12.70 24.36 -32.69
CA ASP D 259 -12.81 23.89 -34.07
C ASP D 259 -14.28 23.62 -34.37
N ALA D 260 -14.83 24.31 -35.37
CA ALA D 260 -16.22 24.17 -35.75
C ALA D 260 -16.54 22.80 -36.34
N GLU D 261 -15.53 22.07 -36.80
CA GLU D 261 -15.71 20.74 -37.37
C GLU D 261 -15.16 19.66 -36.45
N ALA D 262 -15.09 19.95 -35.15
CA ALA D 262 -14.52 19.01 -34.20
C ALA D 262 -15.22 17.66 -34.27
N ALA D 263 -14.46 16.61 -33.98
CA ALA D 263 -15.01 15.26 -33.95
C ALA D 263 -16.17 15.15 -32.97
N GLU D 264 -16.13 15.94 -31.88
CA GLU D 264 -17.15 15.86 -30.85
C GLU D 264 -18.52 16.31 -31.32
N LEU D 265 -18.61 16.95 -32.49
CA LEU D 265 -19.87 17.51 -32.96
C LEU D 265 -20.51 16.76 -34.14
N THR D 266 -19.81 15.77 -34.70
CA THR D 266 -20.05 15.26 -36.07
C THR D 266 -20.37 13.78 -35.99
N ASN D 267 -21.31 13.29 -36.78
CA ASN D 267 -21.60 11.85 -36.89
C ASN D 267 -20.30 11.12 -37.20
N GLU D 268 -20.11 9.98 -36.57
CA GLU D 268 -19.03 9.01 -36.88
C GLU D 268 -19.31 8.28 -38.19
N THR D 269 -18.25 7.96 -38.96
CA THR D 269 -18.36 7.55 -40.35
C THR D 269 -17.75 6.19 -40.70
N GLY D 270 -16.87 5.63 -39.88
CA GLY D 270 -16.15 4.43 -40.28
C GLY D 270 -17.00 3.21 -40.56
N LYS D 271 -16.37 2.05 -40.71
CA LYS D 271 -17.12 0.79 -40.72
C LYS D 271 -17.81 0.62 -39.37
N LEU D 272 -19.05 0.12 -39.39
CA LEU D 272 -19.87 0.10 -38.18
C LEU D 272 -19.13 -0.51 -37.01
N GLY D 273 -18.30 -1.53 -37.27
CA GLY D 273 -17.56 -2.19 -36.20
C GLY D 273 -16.37 -1.40 -35.68
N GLU D 274 -15.91 -0.41 -36.43
CA GLU D 274 -14.85 0.48 -35.97
C GLU D 274 -15.38 1.73 -35.28
N ARG D 275 -16.68 2.00 -35.38
CA ARG D 275 -17.24 3.22 -34.81
C ARG D 275 -17.27 3.12 -33.30
N ARG D 276 -16.37 3.85 -32.63
CA ARG D 276 -16.17 3.69 -31.19
C ARG D 276 -17.46 3.92 -30.41
N HIS D 277 -18.25 4.93 -30.80
CA HIS D 277 -19.43 5.27 -30.01
C HIS D 277 -20.64 4.41 -30.38
N PHE D 278 -20.69 3.85 -31.59
CA PHE D 278 -21.65 2.79 -31.87
C PHE D 278 -21.42 1.60 -30.95
N LEU D 279 -20.16 1.19 -30.82
CA LEU D 279 -19.81 0.02 -30.00
C LEU D 279 -20.16 0.25 -28.54
N ALA D 280 -19.88 1.45 -28.01
CA ALA D 280 -20.19 1.73 -26.61
C ALA D 280 -21.69 1.67 -26.38
N ALA D 281 -22.48 2.25 -27.31
CA ALA D 281 -23.92 2.19 -27.21
C ALA D 281 -24.43 0.76 -27.23
N ALA D 282 -23.96 -0.03 -28.19
CA ALA D 282 -24.36 -1.43 -28.26
C ALA D 282 -23.97 -2.17 -26.98
N THR D 283 -22.76 -1.91 -26.48
CA THR D 283 -22.31 -2.58 -25.27
C THR D 283 -23.22 -2.31 -24.10
N ASN D 284 -23.71 -1.07 -23.98
CA ASN D 284 -24.47 -0.68 -22.80
C ASN D 284 -25.94 -1.03 -22.90
N VAL D 285 -26.53 -0.97 -24.11
CA VAL D 285 -27.96 -1.17 -24.24
C VAL D 285 -28.35 -2.57 -24.73
N LEU D 286 -27.43 -3.34 -25.29
CA LEU D 286 -27.75 -4.69 -25.77
C LEU D 286 -27.17 -5.77 -24.84
N GLY D 297 -19.96 -6.57 -28.18
CA GLY D 297 -19.69 -5.25 -28.73
C GLY D 297 -19.75 -5.24 -30.25
N ARG D 298 -18.63 -5.58 -30.89
CA ARG D 298 -18.58 -5.60 -32.35
C ARG D 298 -19.66 -6.52 -32.91
N ALA D 299 -19.69 -7.78 -32.45
CA ALA D 299 -20.66 -8.74 -32.98
C ALA D 299 -22.09 -8.23 -32.82
N ALA D 300 -22.38 -7.59 -31.69
CA ALA D 300 -23.73 -7.08 -31.46
C ALA D 300 -24.07 -5.95 -32.44
N VAL D 301 -23.14 -5.02 -32.66
CA VAL D 301 -23.36 -3.97 -33.66
C VAL D 301 -23.65 -4.56 -35.02
N GLU D 302 -22.76 -5.44 -35.50
CA GLU D 302 -22.87 -5.93 -36.87
C GLU D 302 -24.10 -6.80 -37.06
N ALA D 303 -24.55 -7.48 -36.01
CA ALA D 303 -25.76 -8.29 -36.11
C ALA D 303 -27.03 -7.44 -36.14
N ALA D 304 -27.04 -6.32 -35.40
CA ALA D 304 -28.22 -5.48 -35.36
C ALA D 304 -28.48 -4.83 -36.72
N PHE D 305 -27.43 -4.46 -37.43
CA PHE D 305 -27.56 -3.74 -38.70
C PHE D 305 -27.36 -4.63 -39.91
N GLY D 306 -27.03 -5.90 -39.71
CA GLY D 306 -26.79 -6.81 -40.82
C GLY D 306 -25.76 -6.28 -41.79
N SER D 307 -24.62 -5.84 -41.27
CA SER D 307 -23.59 -5.25 -42.12
C SER D 307 -22.34 -4.99 -41.30
N ASP D 308 -21.18 -5.20 -41.92
CA ASP D 308 -19.91 -4.74 -41.39
C ASP D 308 -19.36 -3.55 -42.19
N SER D 309 -20.15 -3.02 -43.13
CA SER D 309 -19.68 -2.02 -44.06
C SER D 309 -19.73 -0.62 -43.45
N GLU D 310 -19.18 0.35 -44.19
CA GLU D 310 -19.24 1.75 -43.82
C GLU D 310 -20.47 2.34 -44.49
N GLY D 311 -21.61 2.24 -43.81
CA GLY D 311 -22.88 2.61 -44.38
C GLY D 311 -23.94 1.54 -44.18
N GLY D 312 -23.62 0.53 -43.37
CA GLY D 312 -24.60 -0.46 -42.99
C GLY D 312 -25.75 0.07 -42.18
N ASP D 313 -25.70 1.34 -41.78
CA ASP D 313 -26.78 1.99 -41.05
C ASP D 313 -27.71 2.79 -41.95
N ARG D 314 -27.35 2.99 -43.21
CA ARG D 314 -28.15 3.85 -44.07
C ARG D 314 -29.56 3.31 -44.26
N LYS D 315 -29.74 1.99 -44.24
CA LYS D 315 -31.04 1.40 -44.53
C LYS D 315 -32.04 1.72 -43.42
N ILE D 316 -31.64 1.52 -42.16
CA ILE D 316 -32.52 1.83 -41.04
C ILE D 316 -32.69 3.34 -40.91
N ILE D 317 -31.64 4.12 -41.19
CA ILE D 317 -31.76 5.57 -41.14
C ILE D 317 -32.84 6.05 -42.12
N GLU D 318 -32.81 5.53 -43.35
CA GLU D 318 -33.78 5.94 -44.35
C GLU D 318 -35.19 5.51 -43.97
N LEU D 319 -35.31 4.34 -43.33
CA LEU D 319 -36.62 3.86 -42.89
C LEU D 319 -37.22 4.81 -41.87
N ILE D 320 -36.41 5.31 -40.92
CA ILE D 320 -36.90 6.26 -39.93
C ILE D 320 -37.38 7.54 -40.62
N GLU D 321 -36.57 8.07 -41.53
CA GLU D 321 -36.89 9.36 -42.15
C GLU D 321 -38.18 9.30 -42.94
N LYS D 322 -38.43 8.18 -43.61
CA LYS D 322 -39.57 8.06 -44.51
C LYS D 322 -40.85 7.56 -43.84
N GLU D 323 -40.82 7.25 -42.54
CA GLU D 323 -42.01 6.74 -41.88
C GLU D 323 -43.14 7.78 -41.93
N LEU D 324 -44.32 7.34 -42.37
CA LEU D 324 -45.45 8.23 -42.55
C LEU D 324 -46.20 8.42 -41.23
N ILE D 325 -46.42 9.68 -40.86
CA ILE D 325 -47.19 10.07 -39.69
C ILE D 325 -48.53 10.59 -40.18
N VAL D 326 -49.60 9.83 -39.93
CA VAL D 326 -50.91 10.13 -40.52
C VAL D 326 -51.55 11.31 -39.80
N LYS D 327 -52.36 12.07 -40.54
CA LYS D 327 -53.17 13.12 -39.93
C LYS D 327 -53.93 12.55 -38.74
N GLY D 328 -54.01 13.33 -37.67
CA GLY D 328 -54.65 12.90 -36.46
C GLY D 328 -53.72 12.23 -35.45
N THR D 329 -52.58 11.73 -35.91
CA THR D 329 -51.60 11.14 -34.99
C THR D 329 -51.04 12.26 -34.11
N ALA D 330 -51.24 12.13 -32.81
CA ALA D 330 -50.91 13.20 -31.86
C ALA D 330 -51.61 14.51 -32.21
N ASN D 331 -52.84 14.40 -32.74
CA ASN D 331 -53.68 15.54 -33.07
C ASN D 331 -53.06 16.42 -34.15
N ARG D 332 -52.16 15.84 -34.95
CA ARG D 332 -51.51 16.58 -36.03
C ARG D 332 -52.50 16.83 -37.17
N ASP D 333 -52.30 17.96 -37.85
CA ASP D 333 -53.27 18.46 -38.81
C ASP D 333 -53.03 17.98 -40.24
N ALA D 334 -51.92 17.30 -40.51
CA ALA D 334 -51.64 16.82 -41.85
C ALA D 334 -50.62 15.70 -41.79
N ASP D 335 -50.65 14.85 -42.82
CA ASP D 335 -49.64 13.81 -42.97
C ASP D 335 -48.28 14.45 -43.19
N GLU D 336 -47.24 13.76 -42.74
CA GLU D 336 -45.88 14.24 -42.89
C GLU D 336 -44.92 13.07 -42.70
N SER D 337 -43.76 13.15 -43.35
CA SER D 337 -42.72 12.16 -43.14
C SER D 337 -41.97 12.47 -41.86
N LEU D 338 -41.62 11.41 -41.11
CA LEU D 338 -40.94 11.60 -39.84
C LEU D 338 -39.64 12.36 -40.00
N GLY D 339 -38.95 12.18 -41.13
CA GLY D 339 -37.69 12.87 -41.37
C GLY D 339 -37.83 14.36 -41.59
N ASN D 340 -39.04 14.88 -41.74
CA ASN D 340 -39.27 16.30 -41.92
C ASN D 340 -39.81 17.00 -40.67
N ILE D 341 -40.07 16.25 -39.60
CA ILE D 341 -40.57 16.84 -38.36
C ILE D 341 -39.37 17.34 -37.55
N LYS D 342 -39.34 18.64 -37.28
CA LYS D 342 -38.12 19.28 -36.80
C LYS D 342 -38.40 20.30 -35.70
N THR D 343 -39.30 19.99 -34.79
CA THR D 343 -39.42 20.75 -33.55
C THR D 343 -39.49 19.76 -32.38
N LEU D 344 -38.92 20.18 -31.24
CA LEU D 344 -38.91 19.30 -30.09
C LEU D 344 -40.32 19.08 -29.53
N LYS D 345 -41.18 20.10 -29.62
CA LYS D 345 -42.56 19.92 -29.18
C LYS D 345 -43.26 18.83 -29.98
N GLU D 346 -43.16 18.90 -31.31
CA GLU D 346 -43.83 17.91 -32.16
C GLU D 346 -43.25 16.52 -31.94
N LEU D 347 -41.93 16.41 -31.90
CA LEU D 347 -41.30 15.09 -31.73
C LEU D 347 -41.59 14.52 -30.34
N GLY D 348 -41.58 15.36 -29.32
CA GLY D 348 -41.89 14.89 -27.98
C GLY D 348 -43.33 14.45 -27.83
N GLU D 349 -44.24 15.12 -28.53
CA GLU D 349 -45.65 14.72 -28.48
C GLU D 349 -45.87 13.40 -29.21
N LEU D 350 -45.11 13.15 -30.29
CA LEU D 350 -45.21 11.89 -31.00
C LEU D 350 -44.68 10.75 -30.16
N LEU D 351 -43.52 10.94 -29.50
CA LEU D 351 -42.98 9.90 -28.64
C LEU D 351 -43.94 9.59 -27.50
N SER D 352 -44.54 10.63 -26.90
CA SER D 352 -45.50 10.42 -25.83
C SER D 352 -46.73 9.69 -26.32
N TYR D 353 -47.26 10.10 -27.49
CA TYR D 353 -48.40 9.42 -28.06
C TYR D 353 -48.16 7.93 -28.22
N PHE D 354 -47.01 7.56 -28.78
CA PHE D 354 -46.73 6.15 -29.02
C PHE D 354 -46.30 5.41 -27.77
N GLN D 355 -45.61 6.09 -26.85
CA GLN D 355 -45.29 5.46 -25.56
C GLN D 355 -46.56 5.16 -24.79
N LEU D 356 -47.54 6.08 -24.84
CA LEU D 356 -48.81 5.82 -24.19
C LEU D 356 -49.53 4.63 -24.85
N LYS D 357 -49.55 4.60 -26.18
CA LYS D 357 -50.17 3.47 -26.88
C LYS D 357 -49.52 2.15 -26.47
N ASN D 358 -48.18 2.12 -26.42
CA ASN D 358 -47.48 0.89 -26.03
C ASN D 358 -47.85 0.46 -24.62
N SER D 359 -47.93 1.40 -23.68
CA SER D 359 -48.34 1.06 -22.32
C SER D 359 -49.71 0.40 -22.31
N ASN D 360 -50.65 0.94 -23.07
CA ASN D 360 -51.98 0.35 -23.12
C ASN D 360 -51.95 -1.00 -23.81
N THR D 361 -51.09 -1.18 -24.82
CA THR D 361 -50.94 -2.49 -25.43
C THR D 361 -50.40 -3.50 -24.44
N ILE D 362 -49.45 -3.08 -23.60
CA ILE D 362 -48.85 -4.01 -22.65
C ILE D 362 -49.89 -4.45 -21.62
N ASN D 363 -50.64 -3.48 -21.07
CA ASN D 363 -51.65 -3.81 -20.07
C ASN D 363 -52.74 -4.70 -20.63
N GLU D 364 -53.19 -4.43 -21.86
CA GLU D 364 -54.25 -5.22 -22.47
C GLU D 364 -53.80 -6.66 -22.69
N LEU D 365 -52.59 -6.85 -23.22
CA LEU D 365 -52.08 -8.20 -23.43
C LEU D 365 -51.87 -8.92 -22.10
N ARG D 366 -51.35 -8.21 -21.10
CA ARG D 366 -51.12 -8.84 -19.80
C ARG D 366 -52.44 -9.24 -19.15
N ASN D 367 -53.49 -8.43 -19.33
CA ASN D 367 -54.80 -8.78 -18.79
C ASN D 367 -55.36 -10.02 -19.47
N LYS D 368 -55.17 -10.14 -20.79
CA LYS D 368 -55.63 -11.34 -21.50
C LYS D 368 -54.94 -12.59 -20.97
N LEU D 369 -53.63 -12.49 -20.68
CA LEU D 369 -52.86 -13.64 -20.25
C LEU D 369 -53.13 -14.06 -18.82
N LYS D 370 -53.62 -13.14 -17.98
CA LYS D 370 -53.87 -13.45 -16.57
C LYS D 370 -55.26 -14.05 -16.36
N VAL E 1 52.18 -19.03 31.23
CA VAL E 1 52.85 -18.80 29.95
C VAL E 1 52.15 -17.66 29.21
N ASN E 2 52.95 -16.71 28.71
CA ASN E 2 52.42 -15.54 28.04
C ASN E 2 52.15 -15.83 26.57
N GLY E 3 51.22 -15.06 26.00
CA GLY E 3 50.98 -15.07 24.55
C GLY E 3 49.57 -15.44 24.14
N ALA E 4 48.64 -15.66 25.05
CA ALA E 4 47.26 -15.99 24.68
C ALA E 4 46.46 -14.69 24.54
N GLY E 5 45.15 -14.82 24.34
CA GLY E 5 44.29 -13.68 24.12
C GLY E 5 43.87 -13.00 25.41
N LEU E 6 42.94 -12.07 25.26
CA LEU E 6 42.49 -11.21 26.35
C LEU E 6 41.24 -11.79 27.00
N LEU E 7 41.25 -11.90 28.33
CA LEU E 7 40.12 -12.46 29.05
C LEU E 7 38.89 -11.56 28.94
N GLN E 8 37.72 -12.19 28.92
CA GLN E 8 36.46 -11.46 28.79
C GLN E 8 36.15 -10.63 30.02
N THR E 9 36.69 -10.97 31.18
CA THR E 9 36.49 -10.10 32.33
C THR E 9 37.11 -8.72 32.10
N VAL E 10 38.02 -8.60 31.13
CA VAL E 10 38.63 -7.33 30.76
C VAL E 10 37.82 -6.66 29.65
N TRP E 11 37.71 -7.34 28.49
CA TRP E 11 37.14 -6.66 27.34
C TRP E 11 35.61 -6.60 27.38
N GLY E 12 34.96 -7.47 28.15
CA GLY E 12 33.52 -7.44 28.27
C GLY E 12 33.03 -6.09 28.74
N PRO E 13 33.53 -5.63 29.89
CA PRO E 13 33.16 -4.28 30.35
C PRO E 13 33.51 -3.19 29.35
N VAL E 14 34.62 -3.33 28.62
CA VAL E 14 34.99 -2.34 27.62
C VAL E 14 33.98 -2.35 26.47
N CYS E 15 33.53 -3.53 26.07
CA CYS E 15 32.46 -3.64 25.08
C CYS E 15 31.18 -2.98 25.56
N GLU E 16 30.79 -3.24 26.81
CA GLU E 16 29.56 -2.66 27.34
C GLU E 16 29.65 -1.14 27.34
N LEU E 17 30.81 -0.60 27.72
CA LEU E 17 31.00 0.84 27.77
C LEU E 17 30.86 1.46 26.38
N THR E 18 31.60 0.94 25.40
CA THR E 18 31.56 1.53 24.07
C THR E 18 30.14 1.48 23.49
N SER E 19 29.37 0.44 23.85
CA SER E 19 27.98 0.38 23.45
C SER E 19 27.16 1.51 24.09
N GLU E 20 27.47 1.87 25.34
CA GLU E 20 26.78 3.00 25.96
C GLU E 20 27.14 4.31 25.30
N LEU E 21 28.41 4.48 24.93
CA LEU E 21 28.85 5.72 24.31
C LEU E 21 28.12 5.99 23.00
N ASP E 22 27.60 4.95 22.35
CA ASP E 22 26.89 5.15 21.08
C ASP E 22 25.75 6.14 21.25
N GLY E 23 24.99 6.03 22.33
CA GLY E 23 23.81 6.83 22.54
C GLY E 23 23.99 8.13 23.31
N GLN E 24 25.22 8.54 23.62
CA GLN E 24 25.43 9.74 24.43
C GLN E 24 25.02 11.01 23.70
N ALA E 25 25.33 11.12 22.40
CA ALA E 25 25.04 12.35 21.67
C ALA E 25 23.54 12.58 21.58
N GLY E 26 22.76 11.51 21.35
CA GLY E 26 21.32 11.67 21.27
C GLY E 26 20.71 12.04 22.61
N ALA E 27 21.26 11.51 23.70
CA ALA E 27 20.81 11.91 25.03
C ALA E 27 21.17 13.37 25.30
N ALA E 28 22.37 13.80 24.89
CA ALA E 28 22.74 15.20 25.05
C ALA E 28 21.83 16.09 24.20
N LEU E 29 21.49 15.63 23.00
CA LEU E 29 20.57 16.37 22.15
C LEU E 29 19.22 16.52 22.83
N LYS E 30 18.72 15.44 23.42
CA LYS E 30 17.42 15.50 24.09
C LYS E 30 17.40 16.53 25.21
N LYS E 31 18.44 16.54 26.05
CA LYS E 31 18.46 17.49 27.15
C LYS E 31 18.59 18.93 26.67
N GLU E 32 19.37 19.17 25.62
CA GLU E 32 19.45 20.52 25.07
C GLU E 32 18.08 20.96 24.56
N GLN E 33 17.37 20.07 23.87
CA GLN E 33 16.03 20.41 23.39
C GLN E 33 15.09 20.72 24.56
N GLU E 34 15.18 19.93 25.64
CA GLU E 34 14.33 20.15 26.79
C GLU E 34 14.64 21.48 27.46
N MET E 35 15.92 21.87 27.47
CA MET E 35 16.30 23.16 28.04
C MET E 35 15.72 24.31 27.22
N LEU E 36 15.76 24.21 25.89
CA LEU E 36 15.20 25.25 25.04
C LEU E 36 13.69 25.37 25.23
N ALA E 37 13.01 24.24 25.50
CA ALA E 37 11.58 24.30 25.71
C ALA E 37 11.23 25.08 26.96
N LYS E 38 12.03 24.93 28.02
CA LYS E 38 11.79 25.70 29.25
C LYS E 38 11.96 27.19 28.98
N ILE E 39 13.05 27.56 28.31
CA ILE E 39 13.31 28.97 28.02
C ILE E 39 12.18 29.55 27.19
N ASN E 40 11.75 28.83 26.15
CA ASN E 40 10.65 29.29 25.33
C ASN E 40 9.36 29.37 26.12
N ASP E 41 9.17 28.47 27.10
CA ASP E 41 7.98 28.52 27.94
C ASP E 41 7.95 29.81 28.75
N MET E 42 9.10 30.28 29.25
CA MET E 42 9.13 31.55 29.97
C MET E 42 8.77 32.72 29.06
N GLN E 43 9.35 32.74 27.86
CA GLN E 43 9.09 33.83 26.92
C GLN E 43 7.61 33.88 26.54
N MET E 44 6.98 32.72 26.34
CA MET E 44 5.58 32.72 25.96
C MET E 44 4.68 33.10 27.13
N ALA E 45 5.06 32.74 28.36
CA ALA E 45 4.29 33.18 29.52
C ALA E 45 4.37 34.70 29.68
N GLN E 46 5.52 35.29 29.37
CA GLN E 46 5.61 36.74 29.38
C GLN E 46 4.61 37.35 28.40
N LEU E 47 4.52 36.78 27.19
CA LEU E 47 3.63 37.33 26.18
C LEU E 47 2.16 37.14 26.56
N ARG E 48 1.81 36.01 27.18
CA ARG E 48 0.41 35.82 27.57
C ARG E 48 0.00 36.83 28.64
N ALA E 49 0.86 37.03 29.64
CA ALA E 49 0.57 38.03 30.66
C ALA E 49 0.44 39.42 30.05
N ALA E 50 1.30 39.75 29.08
CA ALA E 50 1.22 41.05 28.43
C ALA E 50 -0.02 41.16 27.56
N ILE E 51 -0.39 40.08 26.87
CA ILE E 51 -1.60 40.10 26.04
C ILE E 51 -2.83 40.31 26.90
N TYR E 52 -2.91 39.60 28.03
CA TYR E 52 -4.07 39.75 28.91
C TYR E 52 -4.18 41.18 29.42
N LEU E 53 -3.04 41.80 29.74
CA LEU E 53 -3.05 43.17 30.25
C LEU E 53 -3.49 44.15 29.17
N ALA E 54 -2.98 43.99 27.95
CA ALA E 54 -3.41 44.84 26.84
C ALA E 54 -4.89 44.62 26.52
N LYS E 55 -5.35 43.37 26.59
CA LYS E 55 -6.74 43.06 26.23
C LYS E 55 -7.72 43.60 27.26
N ASN E 56 -7.34 43.64 28.54
CA ASN E 56 -8.23 44.04 29.63
C ASN E 56 -7.59 45.19 30.39
N PRO E 57 -7.48 46.37 29.76
CA PRO E 57 -6.82 47.50 30.45
C PRO E 57 -7.46 47.84 31.79
N SER E 58 -8.75 47.57 31.94
CA SER E 58 -9.47 47.93 33.16
C SER E 58 -9.46 46.83 34.21
N THR E 59 -8.67 45.77 34.00
CA THR E 59 -8.59 44.69 34.98
C THR E 59 -8.19 45.26 36.34
N PRO E 60 -8.70 44.68 37.45
CA PRO E 60 -8.21 45.07 38.77
C PRO E 60 -6.84 44.50 39.13
N HIS E 61 -6.27 43.66 38.27
CA HIS E 61 -5.00 43.01 38.55
C HIS E 61 -3.83 43.64 37.79
N GLN E 62 -3.87 44.94 37.48
CA GLN E 62 -2.84 45.51 36.64
C GLN E 62 -1.45 45.42 37.28
N ASN E 63 -1.37 45.59 38.61
CA ASN E 63 -0.06 45.51 39.26
C ASN E 63 0.48 44.09 39.24
N ALA E 64 -0.38 43.10 39.49
CA ALA E 64 0.06 41.71 39.43
C ALA E 64 0.53 41.33 38.04
N LEU E 65 -0.15 41.82 37.00
CA LEU E 65 0.24 41.51 35.63
C LEU E 65 1.56 42.20 35.27
N ALA E 66 1.79 43.41 35.79
CA ALA E 66 3.07 44.08 35.57
C ALA E 66 4.22 43.34 36.24
N VAL E 67 3.96 42.76 37.41
CA VAL E 67 5.00 41.98 38.08
C VAL E 67 5.31 40.71 37.30
N LEU E 68 4.27 40.00 36.83
CA LEU E 68 4.49 38.74 36.13
C LEU E 68 5.24 38.92 34.82
N THR E 69 4.88 39.95 34.03
CA THR E 69 5.55 40.15 32.75
C THR E 69 7.03 40.45 32.98
N ALA E 70 7.35 41.28 33.97
CA ALA E 70 8.74 41.58 34.26
C ALA E 70 9.46 40.36 34.84
N TYR E 71 8.76 39.55 35.62
CA TYR E 71 9.35 38.34 36.19
C TYR E 71 9.64 37.30 35.12
N TYR E 72 8.66 37.04 34.24
CA TYR E 72 8.90 36.07 33.17
C TYR E 72 9.97 36.56 32.20
N ALA E 73 10.09 37.89 32.04
CA ALA E 73 11.17 38.43 31.24
C ALA E 73 12.51 38.15 31.89
N GLU E 74 12.61 38.32 33.22
CA GLU E 74 13.84 37.96 33.92
C GLU E 74 14.11 36.47 33.80
N ARG E 75 13.06 35.64 33.91
CA ARG E 75 13.24 34.20 33.78
C ARG E 75 13.66 33.82 32.36
N ALA E 76 13.11 34.49 31.35
CA ALA E 76 13.51 34.21 29.98
C ALA E 76 14.97 34.58 29.75
N GLY E 77 15.41 35.69 30.34
CA GLY E 77 16.81 36.07 30.24
C GLY E 77 17.73 35.17 31.03
N SER E 78 17.29 34.75 32.22
CA SER E 78 18.12 33.87 33.04
C SER E 78 18.27 32.49 32.41
N GLY E 79 17.19 31.98 31.80
CA GLY E 79 17.29 30.71 31.09
C GLY E 79 18.18 30.80 29.87
N LYS E 80 18.03 31.88 29.08
CA LYS E 80 18.86 32.02 27.88
C LYS E 80 20.33 32.06 28.24
N ALA E 81 20.70 32.80 29.27
CA ALA E 81 22.09 32.89 29.69
C ALA E 81 22.61 31.55 30.20
N TYR E 82 21.78 30.80 30.93
CA TYR E 82 22.21 29.50 31.43
C TYR E 82 22.46 28.53 30.29
N PHE E 83 21.61 28.55 29.25
CA PHE E 83 21.82 27.69 28.09
C PHE E 83 23.11 28.07 27.36
N LEU E 84 23.39 29.37 27.22
CA LEU E 84 24.62 29.78 26.57
C LEU E 84 25.84 29.31 27.35
N HIS E 85 25.75 29.27 28.69
CA HIS E 85 26.85 28.74 29.48
C HIS E 85 26.93 27.21 29.39
N ALA E 86 25.79 26.53 29.27
CA ALA E 86 25.78 25.08 29.22
C ALA E 86 26.08 24.53 27.82
N LEU E 87 25.95 25.36 26.80
CA LEU E 87 26.14 24.87 25.43
C LEU E 87 27.56 24.39 25.19
N PRO E 88 28.60 25.13 25.59
CA PRO E 88 29.97 24.60 25.42
C PRO E 88 30.18 23.30 26.16
N LYS E 89 29.57 23.16 27.34
CA LYS E 89 29.73 21.95 28.12
C LYS E 89 29.04 20.77 27.44
N ALA E 90 27.87 21.01 26.83
CA ALA E 90 27.20 19.96 26.08
C ALA E 90 28.03 19.55 24.87
N VAL E 91 28.51 20.53 24.11
CA VAL E 91 29.36 20.23 22.95
C VAL E 91 30.55 19.39 23.37
N ASP E 92 31.22 19.78 24.46
CA ASP E 92 32.44 19.07 24.84
C ASP E 92 32.14 17.64 25.27
N SER E 93 31.01 17.40 25.94
CA SER E 93 30.64 16.05 26.34
C SER E 93 30.33 15.18 25.12
N ILE E 94 29.67 15.74 24.11
CA ILE E 94 29.43 15.01 22.87
C ILE E 94 30.76 14.67 22.21
N ARG E 95 31.67 15.65 22.17
CA ARG E 95 32.97 15.50 21.53
C ARG E 95 33.84 14.49 22.26
N ARG E 96 33.95 14.61 23.58
CA ARG E 96 34.85 13.75 24.34
C ARG E 96 34.33 12.31 24.35
N ALA E 97 33.01 12.15 24.41
CA ALA E 97 32.43 10.81 24.46
C ALA E 97 32.63 10.07 23.14
N ALA E 98 32.35 10.73 22.03
CA ALA E 98 32.54 10.09 20.73
C ALA E 98 34.01 9.82 20.46
N TYR E 99 34.90 10.70 20.95
CA TYR E 99 36.33 10.52 20.76
C TYR E 99 36.83 9.28 21.49
N LEU E 100 36.40 9.08 22.73
CA LEU E 100 36.78 7.86 23.45
C LEU E 100 36.24 6.64 22.73
N LYS E 101 34.98 6.69 22.28
CA LYS E 101 34.40 5.54 21.60
C LYS E 101 35.19 5.17 20.35
N GLY E 102 35.66 6.18 19.61
CA GLY E 102 36.49 5.92 18.45
C GLY E 102 37.75 5.14 18.80
N HIS E 103 38.41 5.53 19.89
CA HIS E 103 39.56 4.78 20.40
C HIS E 103 39.18 3.33 20.69
N LEU E 104 38.12 3.12 21.47
CA LEU E 104 37.77 1.78 21.92
C LEU E 104 37.33 0.89 20.75
N ASP E 105 36.60 1.45 19.79
CA ASP E 105 36.09 0.65 18.68
C ASP E 105 37.22 0.25 17.74
N GLU E 106 38.20 1.12 17.54
CA GLU E 106 39.32 0.78 16.67
C GLU E 106 40.07 -0.44 17.19
N TYR E 107 40.42 -0.44 18.49
CA TYR E 107 41.21 -1.53 19.02
C TYR E 107 40.38 -2.78 19.28
N LEU E 108 39.14 -2.62 19.76
CA LEU E 108 38.27 -3.78 19.94
C LEU E 108 38.09 -4.54 18.64
N ASN E 109 37.79 -3.81 17.55
CA ASN E 109 37.61 -4.43 16.25
C ASN E 109 38.87 -5.17 15.83
N LEU E 110 40.04 -4.54 16.03
CA LEU E 110 41.30 -5.18 15.67
C LEU E 110 41.47 -6.51 16.40
N LEU E 111 41.21 -6.52 17.71
CA LEU E 111 41.32 -7.76 18.47
C LEU E 111 40.24 -8.76 18.09
N GLU E 112 38.99 -8.29 17.94
CA GLU E 112 37.90 -9.20 17.61
C GLU E 112 38.15 -9.89 16.28
N LYS E 113 38.65 -9.15 15.28
CA LYS E 113 38.87 -9.68 13.95
C LYS E 113 40.15 -10.47 13.81
N SER E 114 41.07 -10.37 14.77
CA SER E 114 42.28 -11.20 14.79
C SER E 114 41.96 -12.58 15.35
N SER E 115 41.09 -13.28 14.62
CA SER E 115 40.56 -14.57 15.05
C SER E 115 40.51 -15.49 13.84
N GLY E 116 40.85 -16.75 14.06
CA GLY E 116 40.92 -17.71 12.97
C GLY E 116 42.08 -18.65 13.15
N GLY E 117 41.81 -19.95 13.15
CA GLY E 117 42.87 -20.91 13.41
C GLY E 117 43.43 -20.70 14.80
N ASN E 118 44.76 -20.67 14.89
CA ASN E 118 45.39 -20.49 16.18
C ASN E 118 45.14 -19.10 16.76
N ASN E 119 44.87 -18.11 15.91
CA ASN E 119 44.70 -16.74 16.38
C ASN E 119 43.39 -16.62 17.16
N LYS E 120 43.51 -16.25 18.44
CA LYS E 120 42.34 -16.09 19.33
C LYS E 120 42.66 -14.95 20.28
N CYS E 121 42.27 -13.73 19.89
CA CYS E 121 42.68 -12.53 20.61
C CYS E 121 41.65 -12.03 21.62
N LEU E 122 40.36 -12.23 21.35
CA LEU E 122 39.31 -12.01 22.34
C LEU E 122 38.76 -13.38 22.70
N VAL E 123 39.08 -13.85 23.90
CA VAL E 123 38.64 -15.15 24.39
C VAL E 123 37.75 -14.94 25.60
N THR E 124 37.17 -16.03 26.09
CA THR E 124 36.28 -15.97 27.24
C THR E 124 37.05 -16.21 28.53
N THR E 125 37.19 -17.48 28.93
CA THR E 125 37.85 -17.82 30.19
C THR E 125 39.16 -18.58 30.01
N ASP E 126 39.42 -19.16 28.84
CA ASP E 126 40.64 -19.91 28.61
C ASP E 126 41.19 -19.54 27.24
N ASP E 127 42.39 -20.05 26.95
CA ASP E 127 43.12 -19.68 25.74
C ASP E 127 42.47 -20.23 24.47
N ALA E 128 41.56 -21.20 24.58
CA ALA E 128 41.06 -21.94 23.42
C ALA E 128 39.65 -21.53 22.98
N THR E 129 38.96 -20.69 23.73
CA THR E 129 37.57 -20.32 23.45
C THR E 129 37.54 -18.88 22.96
N VAL E 130 37.43 -18.70 21.63
CA VAL E 130 37.44 -17.39 21.01
C VAL E 130 36.02 -16.84 20.98
N ALA E 131 35.91 -15.51 21.08
CA ALA E 131 34.61 -14.85 21.06
C ALA E 131 34.01 -14.83 19.66
N THR E 132 32.70 -15.04 19.58
CA THR E 132 31.95 -15.01 18.33
C THR E 132 30.69 -14.18 18.52
N ARG E 133 30.10 -13.74 17.40
CA ARG E 133 28.82 -13.03 17.45
C ARG E 133 27.69 -14.06 17.56
N GLY E 134 26.75 -13.83 18.46
CA GLY E 134 25.66 -14.75 18.75
C GLY E 134 24.37 -14.67 17.96
N GLY E 135 24.33 -13.92 16.85
CA GLY E 135 23.11 -13.84 16.05
C GLY E 135 22.33 -12.57 16.32
N ASP E 136 22.19 -12.22 17.58
CA ASP E 136 21.67 -10.92 17.97
C ASP E 136 22.75 -9.85 17.91
N GLN E 137 23.87 -10.16 17.25
CA GLN E 137 25.06 -9.33 17.12
C GLN E 137 25.76 -9.06 18.45
N LYS E 138 25.39 -9.80 19.50
CA LYS E 138 26.16 -9.74 20.74
C LYS E 138 27.45 -10.55 20.61
N LEU E 139 28.48 -10.09 21.30
CA LEU E 139 29.80 -10.72 21.27
C LEU E 139 29.98 -11.55 22.53
N ALA E 140 29.86 -12.87 22.39
CA ALA E 140 29.90 -13.79 23.53
C ALA E 140 28.99 -13.32 24.66
N GLY E 141 27.78 -12.92 24.29
CA GLY E 141 26.78 -12.51 25.25
C GLY E 141 26.88 -11.07 25.72
N LYS E 142 27.81 -10.29 25.19
CA LYS E 142 27.99 -8.90 25.60
C LYS E 142 27.59 -7.96 24.47
N ASN E 143 26.97 -6.84 24.83
CA ASN E 143 26.75 -5.76 23.89
C ASN E 143 28.08 -5.18 23.44
N CYS E 144 28.32 -5.17 22.12
CA CYS E 144 29.59 -4.65 21.62
C CYS E 144 29.37 -4.04 20.22
N LYS E 145 28.71 -2.88 20.17
CA LYS E 145 28.44 -2.21 18.90
C LYS E 145 29.57 -1.24 18.59
N LEU E 146 30.38 -1.57 17.58
CA LEU E 146 31.59 -0.82 17.23
C LEU E 146 31.33 0.22 16.15
N SER E 147 30.18 0.88 16.18
CA SER E 147 29.83 1.91 15.22
C SER E 147 28.78 2.81 15.85
N LEU E 148 28.53 3.95 15.21
CA LEU E 148 27.54 4.91 15.70
C LEU E 148 26.17 4.65 15.08
N SER E 149 25.16 4.57 15.92
CA SER E 149 23.78 4.48 15.45
C SER E 149 23.32 5.87 15.00
N PRO E 150 22.27 5.93 14.18
CA PRO E 150 21.74 7.24 13.79
C PRO E 150 21.36 8.09 14.99
N LEU E 151 21.65 9.39 14.90
CA LEU E 151 21.37 10.30 15.99
C LEU E 151 19.87 10.47 16.17
N LYS E 152 19.38 10.19 17.37
CA LYS E 152 17.97 10.36 17.70
C LYS E 152 17.85 10.92 19.12
N PRO E 153 16.92 11.86 19.33
CA PRO E 153 16.77 12.44 20.68
C PRO E 153 16.08 11.48 21.65
N VAL E 154 16.82 10.50 22.16
CA VAL E 154 16.30 9.53 23.12
C VAL E 154 17.32 9.38 24.23
N ASP E 155 16.84 9.19 25.46
CA ASP E 155 17.72 9.00 26.60
C ASP E 155 18.49 7.69 26.48
N ALA E 156 19.72 7.70 26.98
CA ALA E 156 20.58 6.51 26.92
C ALA E 156 21.51 6.54 28.13
N ALA E 157 21.44 5.49 28.95
CA ALA E 157 22.22 5.45 30.17
C ALA E 157 23.71 5.37 29.88
N LEU E 158 24.50 6.14 30.63
CA LEU E 158 25.96 6.03 30.64
C LEU E 158 26.35 5.79 32.09
N THR E 159 26.63 4.53 32.43
CA THR E 159 26.87 4.12 33.81
C THR E 159 28.33 3.74 34.07
N TYR E 160 29.09 3.39 33.03
CA TYR E 160 30.50 3.06 33.20
C TYR E 160 31.36 4.29 33.43
N ILE E 161 30.87 5.47 33.06
CA ILE E 161 31.53 6.74 33.34
C ILE E 161 30.46 7.68 33.85
N THR E 162 30.64 8.20 35.07
CA THR E 162 29.70 9.13 35.68
C THR E 162 30.48 10.25 36.35
N LYS E 163 29.74 11.13 37.04
CA LYS E 163 30.37 12.19 37.81
C LYS E 163 31.28 11.63 38.90
N ALA E 164 30.93 10.46 39.44
CA ALA E 164 31.72 9.84 40.50
C ALA E 164 33.00 9.20 39.98
N GLY E 165 33.12 9.02 38.66
CA GLY E 165 34.31 8.44 38.06
C GLY E 165 33.93 7.27 37.19
N VAL E 166 34.88 6.39 36.95
CA VAL E 166 34.63 5.19 36.17
C VAL E 166 34.12 4.10 37.11
N GLY E 167 33.50 3.09 36.52
CA GLY E 167 33.03 1.96 37.29
C GLY E 167 32.89 0.72 36.43
N LYS E 168 32.80 -0.43 37.10
CA LYS E 168 32.48 -1.71 36.49
C LYS E 168 33.58 -2.23 35.55
N LEU E 169 34.78 -1.68 35.63
CA LEU E 169 35.92 -2.17 34.88
C LEU E 169 36.91 -2.86 35.81
N ARG E 170 37.76 -3.70 35.23
CA ARG E 170 38.93 -4.20 35.96
C ARG E 170 40.07 -3.19 35.90
N TYR E 171 40.88 -3.17 36.96
CA TYR E 171 41.99 -2.24 37.07
C TYR E 171 43.24 -2.96 37.57
N ASP E 172 44.38 -2.28 37.37
CA ASP E 172 45.61 -2.55 38.10
C ASP E 172 46.37 -3.79 37.63
N ASP E 173 45.65 -4.86 37.29
CA ASP E 173 46.26 -6.17 37.12
C ASP E 173 47.11 -6.25 35.86
N GLY E 174 47.96 -7.28 35.83
CA GLY E 174 48.77 -7.56 34.67
C GLY E 174 50.16 -6.98 34.77
N GLY E 175 50.83 -6.94 33.63
CA GLY E 175 52.14 -6.34 33.55
C GLY E 175 53.29 -7.28 33.85
N ALA E 176 53.02 -8.57 33.97
CA ALA E 176 54.07 -9.53 34.29
C ALA E 176 53.71 -10.92 33.77
N GLY E 177 54.01 -11.97 34.54
CA GLY E 177 53.79 -13.34 34.09
C GLY E 177 52.69 -14.08 34.81
N GLY E 178 51.82 -13.35 35.53
CA GLY E 178 50.81 -13.98 36.35
C GLY E 178 49.55 -14.44 35.66
N ASN E 179 49.39 -14.15 34.36
CA ASN E 179 48.20 -14.55 33.62
C ASN E 179 46.92 -14.10 34.33
N ALA E 180 46.94 -12.84 34.76
CA ALA E 180 45.77 -12.20 35.35
C ALA E 180 44.87 -11.57 34.29
N VAL E 181 45.45 -11.14 33.17
CA VAL E 181 44.70 -10.49 32.10
C VAL E 181 44.63 -11.35 30.85
N THR E 182 45.52 -12.31 30.68
CA THR E 182 45.46 -13.32 29.65
C THR E 182 45.50 -14.70 30.29
N PRO E 183 44.79 -15.69 29.73
CA PRO E 183 44.92 -17.05 30.24
C PRO E 183 46.25 -17.65 29.84
N SER E 184 46.70 -18.62 30.62
CA SER E 184 47.97 -19.27 30.30
C SER E 184 47.88 -19.88 28.91
N LYS E 185 48.92 -19.65 28.11
CA LYS E 185 48.99 -20.15 26.74
C LYS E 185 49.31 -21.64 26.83
N SER E 186 48.29 -22.49 26.71
CA SER E 186 48.46 -23.91 26.93
C SER E 186 48.95 -24.68 25.72
N GLY E 187 48.82 -24.12 24.52
CA GLY E 187 49.18 -24.86 23.32
C GLY E 187 49.36 -24.00 22.09
N VAL E 188 48.54 -24.26 21.05
CA VAL E 188 48.70 -23.55 19.79
C VAL E 188 47.99 -22.21 19.78
N HIS E 189 46.99 -22.02 20.64
CA HIS E 189 46.20 -20.79 20.64
C HIS E 189 47.08 -19.61 21.03
N ALA E 190 46.99 -18.52 20.28
CA ALA E 190 47.90 -17.40 20.50
C ALA E 190 47.25 -16.08 20.07
N CYS E 191 47.78 -14.99 20.63
CA CYS E 191 47.44 -13.65 20.16
C CYS E 191 48.70 -12.79 20.32
N LYS E 192 49.45 -12.61 19.24
CA LYS E 192 50.74 -11.90 19.32
C LYS E 192 50.50 -10.41 19.52
N LEU E 193 49.29 -9.89 19.34
CA LEU E 193 49.10 -8.44 19.38
C LEU E 193 49.27 -7.86 20.78
N LEU E 194 49.07 -8.66 21.83
CA LEU E 194 48.95 -8.10 23.16
C LEU E 194 50.30 -7.88 23.85
N ILE E 195 51.41 -8.18 23.18
CA ILE E 195 52.74 -7.95 23.72
C ILE E 195 53.62 -7.42 22.60
N ALA E 196 54.26 -6.28 22.83
CA ALA E 196 55.16 -5.67 21.84
C ALA E 196 56.58 -6.17 22.06
N HIS E 197 56.73 -7.50 21.97
CA HIS E 197 57.98 -8.18 22.26
C HIS E 197 58.01 -9.48 21.46
N ASN E 198 59.23 -10.00 21.23
CA ASN E 198 59.39 -11.07 20.25
C ASN E 198 59.11 -12.47 20.78
N THR E 199 59.23 -12.68 22.10
CA THR E 199 59.09 -14.04 22.61
C THR E 199 57.67 -14.57 22.43
N ALA E 200 56.67 -13.80 22.89
CA ALA E 200 55.27 -14.22 22.80
C ALA E 200 54.39 -13.15 22.18
N GLY E 201 54.98 -12.10 21.59
CA GLY E 201 54.22 -11.01 21.00
C GLY E 201 54.61 -10.76 19.58
N TYR E 202 54.37 -9.53 19.10
CA TYR E 202 54.61 -9.20 17.70
C TYR E 202 55.93 -8.47 17.46
N GLY E 203 56.75 -8.28 18.50
CA GLY E 203 58.06 -7.70 18.28
C GLY E 203 58.91 -8.58 17.39
N ASP E 204 59.76 -7.94 16.59
CA ASP E 204 60.69 -8.65 15.72
C ASP E 204 62.08 -8.53 16.32
N GLY E 205 62.66 -9.65 16.74
CA GLY E 205 63.99 -9.68 17.29
C GLY E 205 64.14 -9.04 18.65
N GLY E 206 63.09 -8.49 19.21
CA GLY E 206 63.18 -7.80 20.49
C GLY E 206 61.97 -6.93 20.72
N GLY E 207 61.97 -6.29 21.89
CA GLY E 207 60.86 -5.44 22.26
C GLY E 207 60.98 -4.04 21.69
N VAL E 208 59.88 -3.29 21.83
CA VAL E 208 59.84 -1.89 21.42
C VAL E 208 60.48 -1.05 22.51
N THR E 209 60.52 0.27 22.31
CA THR E 209 61.27 1.13 23.22
C THR E 209 60.59 1.25 24.58
N ALA E 210 59.26 1.32 24.62
CA ALA E 210 58.55 1.54 25.88
C ALA E 210 57.13 1.02 25.75
N ASP E 211 56.50 0.79 26.90
CA ASP E 211 55.11 0.33 26.94
C ASP E 211 54.20 1.26 26.14
N ILE E 212 53.14 0.70 25.57
CA ILE E 212 52.27 1.40 24.65
C ILE E 212 50.86 1.48 25.23
N ASP E 213 50.30 2.69 25.28
CA ASP E 213 48.92 2.89 25.71
C ASP E 213 47.97 2.47 24.59
N VAL E 214 47.05 1.55 24.90
CA VAL E 214 45.98 1.16 23.99
C VAL E 214 44.66 1.31 24.75
N PHE E 215 43.54 1.19 24.03
CA PHE E 215 42.25 1.53 24.60
C PHE E 215 42.28 2.94 25.21
N ALA E 216 42.94 3.86 24.51
CA ALA E 216 43.08 5.25 24.97
C ALA E 216 43.77 5.34 26.33
N GLY E 217 44.60 4.35 26.65
CA GLY E 217 45.36 4.37 27.89
C GLY E 217 44.76 3.55 29.01
N TYR E 218 43.62 2.90 28.79
CA TYR E 218 43.09 1.99 29.79
C TYR E 218 44.00 0.79 29.99
N MET E 219 44.81 0.44 28.99
CA MET E 219 45.66 -0.75 29.06
C MET E 219 46.99 -0.40 28.41
N LYS E 220 48.06 -0.98 28.94
CA LYS E 220 49.40 -0.83 28.40
C LYS E 220 49.86 -2.16 27.84
N VAL E 221 50.23 -2.18 26.57
CA VAL E 221 50.93 -3.32 25.98
C VAL E 221 52.41 -3.18 26.28
N LYS E 222 53.01 -4.24 26.84
CA LYS E 222 54.35 -4.15 27.40
C LYS E 222 55.41 -4.30 26.31
N ALA E 223 56.51 -3.57 26.49
CA ALA E 223 57.69 -3.69 25.65
C ALA E 223 58.58 -4.85 26.07
N THR E 224 58.24 -5.53 27.16
CA THR E 224 58.97 -6.68 27.67
C THR E 224 58.07 -7.91 27.62
N ASP E 225 58.64 -9.08 27.90
CA ASP E 225 57.87 -10.33 27.87
C ASP E 225 56.96 -10.34 29.11
N ALA E 226 55.81 -9.71 28.97
CA ALA E 226 54.85 -9.56 30.06
C ALA E 226 53.47 -9.27 29.48
N GLU E 227 52.44 -9.77 30.16
CA GLU E 227 51.07 -9.54 29.71
C GLU E 227 50.68 -8.08 29.93
N PRO E 228 49.60 -7.63 29.29
CA PRO E 228 49.22 -6.21 29.39
C PRO E 228 48.91 -5.80 30.83
N LYS E 229 49.11 -4.51 31.10
CA LYS E 229 48.92 -3.93 32.41
C LYS E 229 47.71 -3.00 32.37
N LEU E 230 46.72 -3.28 33.22
CA LEU E 230 45.53 -2.44 33.29
C LEU E 230 45.81 -1.21 34.15
N ALA E 231 45.26 -0.07 33.72
CA ALA E 231 45.45 1.16 34.47
C ALA E 231 44.72 1.09 35.82
N ALA E 232 45.24 1.87 36.77
CA ALA E 232 44.53 2.03 38.03
C ALA E 232 43.27 2.85 37.79
N LYS E 233 42.26 2.59 38.61
CA LYS E 233 41.00 3.32 38.52
C LYS E 233 41.23 4.83 38.54
N SER E 234 42.13 5.29 39.43
CA SER E 234 42.31 6.73 39.57
C SER E 234 42.99 7.34 38.34
N ASP E 235 43.77 6.56 37.58
CA ASP E 235 44.43 7.06 36.35
C ASP E 235 43.41 7.28 35.24
N LEU E 236 42.17 6.80 35.39
CA LEU E 236 41.14 7.02 34.39
C LEU E 236 40.21 8.16 34.77
N GLU E 237 40.52 8.88 35.84
CA GLU E 237 39.62 9.88 36.39
C GLU E 237 40.34 11.21 36.52
N GLU E 238 39.56 12.28 36.65
CA GLU E 238 40.10 13.61 36.80
C GLU E 238 41.21 13.66 37.85
N GLY E 239 42.33 14.28 37.49
CA GLY E 239 43.44 14.47 38.39
C GLY E 239 44.47 13.35 38.43
N GLY E 240 44.23 12.21 37.78
CA GLY E 240 45.17 11.11 37.89
C GLY E 240 46.41 11.30 37.06
N GLY E 241 47.39 10.45 37.32
CA GLY E 241 48.60 10.37 36.51
C GLY E 241 48.32 9.62 35.22
N GLY E 242 49.40 9.25 34.53
CA GLY E 242 49.32 8.43 33.32
C GLY E 242 48.92 9.19 32.09
N GLY E 243 48.76 8.46 30.99
CA GLY E 243 48.44 9.12 29.73
C GLY E 243 47.04 8.82 29.24
N ALA E 244 46.18 8.25 30.08
CA ALA E 244 44.77 8.00 29.73
C ALA E 244 44.01 9.32 29.75
N GLU E 245 44.41 10.17 29.10
CA GLU E 245 43.79 11.50 29.00
C GLU E 245 42.34 11.40 28.53
N ALA E 246 42.11 10.71 27.48
CA ALA E 246 40.78 10.63 26.84
C ALA E 246 39.78 10.22 27.91
N TRP E 247 40.20 9.41 28.88
CA TRP E 247 39.31 8.99 29.95
C TRP E 247 39.14 10.10 30.98
N LYS E 248 40.25 10.68 31.43
CA LYS E 248 40.19 11.73 32.44
C LYS E 248 39.39 12.92 31.93
N ALA E 249 39.63 13.34 30.69
CA ALA E 249 38.94 14.49 30.14
C ALA E 249 37.45 14.23 29.97
N LEU E 250 37.05 12.99 29.65
CA LEU E 250 35.62 12.70 29.54
C LEU E 250 34.96 12.74 30.91
N HIS E 251 35.64 12.23 31.93
CA HIS E 251 35.13 12.34 33.29
C HIS E 251 34.93 13.80 33.68
N THR E 252 35.93 14.64 33.43
CA THR E 252 35.80 16.06 33.74
C THR E 252 34.62 16.66 33.00
N ALA E 253 34.50 16.39 31.70
CA ALA E 253 33.38 16.93 30.93
C ALA E 253 32.06 16.50 31.52
N ILE E 254 31.97 15.27 32.00
CA ILE E 254 30.72 14.76 32.58
C ILE E 254 30.44 15.45 33.91
N LYS E 255 31.49 15.68 34.71
CA LYS E 255 31.31 16.38 35.98
C LYS E 255 30.76 17.78 35.76
N GLN E 256 31.11 18.43 34.65
CA GLN E 256 30.76 19.82 34.43
C GLN E 256 29.48 19.99 33.61
N GLU E 257 28.71 18.92 33.41
CA GLU E 257 27.47 19.04 32.67
C GLU E 257 26.45 19.88 33.44
N ALA E 258 25.63 20.61 32.68
CA ALA E 258 24.67 21.52 33.29
C ALA E 258 23.50 20.76 33.91
N ASP E 259 22.79 21.44 34.81
CA ASP E 259 21.66 20.86 35.53
C ASP E 259 20.37 21.13 34.75
N ALA E 260 19.69 20.05 34.36
CA ALA E 260 18.49 20.19 33.55
C ALA E 260 17.34 20.84 34.29
N GLU E 261 17.35 20.80 35.62
CA GLU E 261 16.34 21.43 36.44
C GLU E 261 16.95 22.58 37.25
N ALA E 262 18.00 23.20 36.71
CA ALA E 262 18.69 24.28 37.42
C ALA E 262 17.72 25.37 37.81
N ALA E 263 18.03 26.05 38.92
CA ALA E 263 17.18 27.15 39.37
C ALA E 263 17.04 28.22 38.31
N GLU E 264 18.08 28.42 37.50
CA GLU E 264 18.07 29.46 36.48
C GLU E 264 17.09 29.18 35.35
N LEU E 265 16.56 27.95 35.27
CA LEU E 265 15.68 27.55 34.17
C LEU E 265 14.24 27.37 34.58
N THR E 266 13.93 27.35 35.89
CA THR E 266 12.66 26.78 36.43
C THR E 266 11.91 27.94 37.09
N ASN E 267 10.61 27.84 37.33
CA ASN E 267 9.88 28.90 38.05
C ASN E 267 10.38 28.90 39.50
N GLU E 268 10.44 30.08 40.08
CA GLU E 268 10.62 30.31 41.53
C GLU E 268 9.42 29.85 42.34
N THR E 269 9.65 29.35 43.57
CA THR E 269 8.61 28.84 44.46
C THR E 269 8.72 29.55 45.81
N GLY E 270 7.84 29.19 46.73
CA GLY E 270 7.85 29.77 48.06
C GLY E 270 6.86 30.91 48.20
N LYS E 271 6.76 31.39 49.44
CA LYS E 271 5.90 32.53 49.73
C LYS E 271 6.23 33.69 48.80
N LEU E 272 5.19 34.31 48.24
CA LEU E 272 5.39 35.34 47.22
C LEU E 272 6.37 36.40 47.68
N GLY E 273 6.17 36.93 48.89
CA GLY E 273 7.00 38.00 49.40
C GLY E 273 8.43 37.62 49.66
N GLU E 274 8.78 36.35 49.48
CA GLU E 274 10.14 35.88 49.67
C GLU E 274 10.81 35.46 48.37
N ARG E 275 10.11 35.55 47.24
CA ARG E 275 10.68 35.19 45.95
C ARG E 275 11.56 36.34 45.45
N ARG E 276 12.86 36.11 45.37
CA ARG E 276 13.81 37.18 45.08
C ARG E 276 13.46 37.91 43.78
N HIS E 277 13.06 37.18 42.75
CA HIS E 277 12.87 37.79 41.44
C HIS E 277 11.50 38.44 41.30
N PHE E 278 10.50 37.97 42.05
CA PHE E 278 9.26 38.72 42.18
C PHE E 278 9.52 40.07 42.83
N LEU E 279 10.28 40.09 43.93
CA LEU E 279 10.55 41.32 44.64
C LEU E 279 11.33 42.31 43.80
N ALA E 280 12.33 41.83 43.05
CA ALA E 280 13.12 42.69 42.18
C ALA E 280 12.26 43.27 41.06
N ALA E 281 11.37 42.45 40.50
CA ALA E 281 10.46 42.94 39.46
C ALA E 281 9.59 44.06 40.01
N ALA E 282 8.99 43.84 41.19
CA ALA E 282 8.15 44.86 41.80
C ALA E 282 8.92 46.15 42.04
N THR E 283 10.16 46.05 42.53
CA THR E 283 10.96 47.23 42.78
C THR E 283 11.14 48.06 41.52
N ASN E 284 11.32 47.40 40.37
CA ASN E 284 11.65 48.11 39.14
C ASN E 284 10.43 48.62 38.38
N VAL E 285 9.31 47.89 38.38
CA VAL E 285 8.16 48.27 37.58
C VAL E 285 7.03 48.95 38.36
N LEU E 286 6.99 48.80 39.67
CA LEU E 286 5.92 49.41 40.47
C LEU E 286 6.43 50.62 41.25
N ALA E 296 8.53 47.38 51.69
CA ALA E 296 8.21 48.07 50.45
C ALA E 296 7.96 47.07 49.32
N GLY E 297 9.03 46.37 48.92
CA GLY E 297 8.88 45.39 47.85
C GLY E 297 7.91 44.29 48.20
N ARG E 298 8.08 43.67 49.37
CA ARG E 298 7.21 42.57 49.77
C ARG E 298 5.77 43.03 49.89
N ALA E 299 5.55 44.17 50.55
CA ALA E 299 4.20 44.71 50.68
C ALA E 299 3.57 44.91 49.32
N ALA E 300 4.34 45.44 48.37
CA ALA E 300 3.81 45.67 47.02
C ALA E 300 3.42 44.37 46.36
N VAL E 301 4.22 43.31 46.53
CA VAL E 301 3.91 42.03 45.91
C VAL E 301 2.65 41.42 46.51
N GLU E 302 2.53 41.47 47.84
CA GLU E 302 1.39 40.84 48.48
C GLU E 302 0.09 41.57 48.21
N ALA E 303 0.15 42.89 48.03
CA ALA E 303 -1.05 43.66 47.68
C ALA E 303 -1.44 43.41 46.23
N ALA E 304 -0.47 43.40 45.32
CA ALA E 304 -0.76 43.20 43.90
C ALA E 304 -1.47 41.87 43.68
N PHE E 305 -1.04 40.82 44.36
CA PHE E 305 -1.63 39.49 44.18
C PHE E 305 -2.75 39.19 45.17
N GLY E 306 -2.77 39.87 46.31
CA GLY E 306 -3.82 39.65 47.28
C GLY E 306 -3.59 38.45 48.15
N SER E 307 -2.34 38.10 48.42
CA SER E 307 -2.00 36.88 49.14
C SER E 307 -0.52 36.91 49.45
N ASP E 308 -0.13 36.11 50.46
CA ASP E 308 1.26 35.94 50.83
C ASP E 308 1.74 34.49 50.75
N SER E 309 0.86 33.53 50.46
CA SER E 309 1.21 32.12 50.52
C SER E 309 2.09 31.71 49.34
N GLU E 310 2.45 30.41 49.33
CA GLU E 310 3.23 29.85 48.23
C GLU E 310 2.47 29.84 46.92
N GLY E 311 1.14 29.85 46.95
CA GLY E 311 0.35 29.73 45.74
C GLY E 311 -0.53 30.93 45.46
N GLY E 312 -0.18 32.09 46.01
CA GLY E 312 -0.99 33.29 45.83
C GLY E 312 -1.06 33.79 44.40
N ASP E 313 -0.14 33.35 43.54
CA ASP E 313 -0.12 33.76 42.14
C ASP E 313 -0.95 32.83 41.25
N ARG E 314 -1.46 31.73 41.79
CA ARG E 314 -2.16 30.75 40.97
C ARG E 314 -3.44 31.31 40.37
N LYS E 315 -4.10 32.24 41.06
CA LYS E 315 -5.38 32.73 40.59
C LYS E 315 -5.21 33.58 39.33
N ILE E 316 -4.24 34.50 39.32
CA ILE E 316 -4.03 35.32 38.13
C ILE E 316 -3.48 34.48 36.99
N ILE E 317 -2.63 33.49 37.29
CA ILE E 317 -2.11 32.63 36.24
C ILE E 317 -3.26 31.93 35.51
N GLU E 318 -4.22 31.41 36.26
CA GLU E 318 -5.36 30.74 35.65
C GLU E 318 -6.17 31.74 34.86
N LEU E 319 -6.26 32.96 35.35
CA LEU E 319 -7.02 34.02 34.64
C LEU E 319 -6.43 34.17 33.24
N ILE E 320 -5.10 34.26 33.09
CA ILE E 320 -4.46 34.41 31.79
C ILE E 320 -4.71 33.20 30.88
N GLU E 321 -4.51 32.00 31.44
CA GLU E 321 -4.60 30.79 30.62
C GLU E 321 -6.01 30.58 30.08
N LYS E 322 -7.04 30.88 30.87
CA LYS E 322 -8.41 30.60 30.50
C LYS E 322 -9.07 31.73 29.72
N GLU E 323 -8.39 32.86 29.52
CA GLU E 323 -8.98 33.97 28.81
C GLU E 323 -9.36 33.58 27.38
N LEU E 324 -10.58 33.91 26.98
CA LEU E 324 -11.08 33.54 25.67
C LEU E 324 -10.64 34.56 24.63
N ILE E 325 -10.02 34.08 23.55
CA ILE E 325 -9.67 34.88 22.38
C ILE E 325 -10.64 34.48 21.28
N VAL E 326 -11.57 35.39 20.95
CA VAL E 326 -12.68 35.07 20.06
C VAL E 326 -12.21 35.05 18.61
N LYS E 327 -12.91 34.27 17.79
CA LYS E 327 -12.70 34.28 16.35
C LYS E 327 -12.69 35.70 15.82
N GLY E 328 -11.79 35.98 14.88
CA GLY E 328 -11.63 37.30 14.32
C GLY E 328 -10.59 38.16 14.99
N THR E 329 -10.23 37.85 16.24
CA THR E 329 -9.20 38.60 16.95
C THR E 329 -7.85 38.37 16.28
N ALA E 330 -7.25 39.46 15.77
CA ALA E 330 -6.01 39.36 15.00
C ALA E 330 -6.17 38.40 13.83
N ASN E 331 -7.38 38.37 13.27
CA ASN E 331 -7.71 37.55 12.11
C ASN E 331 -7.61 36.06 12.39
N ARG E 332 -7.72 35.66 13.66
CA ARG E 332 -7.69 34.24 14.01
C ARG E 332 -8.99 33.57 13.57
N ASP E 333 -8.89 32.30 13.17
CA ASP E 333 -10.00 31.64 12.49
C ASP E 333 -10.94 30.89 13.42
N ALA E 334 -10.63 30.78 14.70
CA ALA E 334 -11.48 30.03 15.61
C ALA E 334 -11.23 30.50 17.03
N ASP E 335 -12.24 30.30 17.88
CA ASP E 335 -12.10 30.60 19.30
C ASP E 335 -11.04 29.70 19.94
N GLU E 336 -10.37 30.24 20.95
CA GLU E 336 -9.38 29.45 21.66
C GLU E 336 -9.02 30.15 22.97
N SER E 337 -8.59 29.35 23.94
CA SER E 337 -8.08 29.90 25.20
C SER E 337 -6.65 30.39 25.04
N LEU E 338 -6.34 31.52 25.67
CA LEU E 338 -5.00 32.11 25.55
C LEU E 338 -3.92 31.15 26.01
N GLY E 339 -4.20 30.30 27.00
CA GLY E 339 -3.24 29.34 27.51
C GLY E 339 -2.89 28.21 26.56
N ASN E 340 -3.61 28.08 25.45
CA ASN E 340 -3.29 27.06 24.45
C ASN E 340 -2.58 27.64 23.24
N ILE E 341 -2.38 28.95 23.21
CA ILE E 341 -1.71 29.62 22.09
C ILE E 341 -0.21 29.55 22.34
N LYS E 342 0.52 28.87 21.44
CA LYS E 342 1.88 28.47 21.75
C LYS E 342 2.81 28.65 20.55
N THR E 343 2.65 29.74 19.82
CA THR E 343 3.65 30.16 18.85
C THR E 343 3.92 31.65 19.02
N LEU E 344 5.15 32.05 18.74
CA LEU E 344 5.53 33.45 18.89
C LEU E 344 4.81 34.33 17.89
N LYS E 345 4.54 33.80 16.69
CA LYS E 345 3.80 34.58 15.69
C LYS E 345 2.39 34.90 16.20
N GLU E 346 1.68 33.89 16.67
CA GLU E 346 0.31 34.10 17.14
C GLU E 346 0.29 35.02 18.35
N LEU E 347 1.18 34.79 19.32
CA LEU E 347 1.22 35.62 20.51
C LEU E 347 1.67 37.04 20.18
N GLY E 348 2.65 37.19 19.28
CA GLY E 348 3.09 38.52 18.90
C GLY E 348 2.03 39.29 18.15
N GLU E 349 1.23 38.59 17.33
CA GLU E 349 0.16 39.26 16.61
C GLU E 349 -0.97 39.68 17.54
N LEU E 350 -1.23 38.90 18.59
CA LEU E 350 -2.26 39.27 19.55
C LEU E 350 -1.84 40.50 20.36
N LEU E 351 -0.60 40.51 20.84
CA LEU E 351 -0.12 41.67 21.60
C LEU E 351 -0.15 42.92 20.74
N SER E 352 0.27 42.80 19.48
CA SER E 352 0.25 43.95 18.57
C SER E 352 -1.18 44.42 18.32
N TYR E 353 -2.08 43.46 18.07
CA TYR E 353 -3.48 43.81 17.85
C TYR E 353 -4.04 44.63 19.01
N PHE E 354 -3.80 44.18 20.24
CA PHE E 354 -4.36 44.88 21.40
C PHE E 354 -3.59 46.14 21.74
N GLN E 355 -2.28 46.17 21.53
CA GLN E 355 -1.54 47.41 21.73
C GLN E 355 -2.03 48.49 20.78
N LEU E 356 -2.34 48.10 19.54
CA LEU E 356 -2.88 49.05 18.57
C LEU E 356 -4.23 49.59 19.03
N LYS E 357 -5.11 48.69 19.48
CA LYS E 357 -6.40 49.13 20.01
C LYS E 357 -6.22 50.08 21.19
N ASN E 358 -5.31 49.77 22.10
CA ASN E 358 -5.07 50.64 23.25
C ASN E 358 -4.61 52.02 22.83
N SER E 359 -3.71 52.10 21.84
CA SER E 359 -3.28 53.40 21.34
C SER E 359 -4.47 54.21 20.84
N ASN E 360 -5.37 53.57 20.10
CA ASN E 360 -6.54 54.27 19.59
C ASN E 360 -7.51 54.64 20.72
N THR E 361 -7.62 53.79 21.74
CA THR E 361 -8.48 54.13 22.88
C THR E 361 -7.96 55.35 23.62
N ILE E 362 -6.65 55.44 23.82
CA ILE E 362 -6.10 56.59 24.54
C ILE E 362 -6.29 57.86 23.72
N ASN E 363 -6.02 57.80 22.42
CA ASN E 363 -6.18 58.98 21.57
C ASN E 363 -7.63 59.44 21.54
N GLU E 364 -8.57 58.50 21.43
CA GLU E 364 -9.99 58.86 21.36
C GLU E 364 -10.45 59.52 22.65
N LEU E 365 -10.07 58.96 23.79
CA LEU E 365 -10.46 59.53 25.07
C LEU E 365 -9.80 60.90 25.27
N ARG E 366 -8.53 61.04 24.88
CA ARG E 366 -7.86 62.33 25.03
C ARG E 366 -8.53 63.39 24.16
N ASN E 367 -8.98 63.00 22.97
CA ASN E 367 -9.68 63.95 22.11
C ASN E 367 -11.00 64.39 22.71
N LYS E 368 -11.76 63.44 23.29
CA LYS E 368 -13.02 63.80 23.94
C LYS E 368 -12.79 64.72 25.13
N LEU E 369 -11.76 64.44 25.94
CA LEU E 369 -11.57 65.22 27.15
C LEU E 369 -11.08 66.63 26.84
N LYS E 370 -10.45 66.84 25.69
CA LYS E 370 -9.96 68.16 25.33
C LYS E 370 -11.06 68.99 24.67
N ALA E 371 -12.05 68.35 24.07
CA ALA E 371 -13.18 69.05 23.48
C ALA E 371 -14.20 69.49 24.51
N VAL E 372 -14.19 68.93 25.71
CA VAL E 372 -15.14 69.31 26.76
C VAL E 372 -14.78 70.72 27.24
N VAL F 1 -18.27 28.87 -6.13
CA VAL F 1 -17.23 28.90 -7.15
C VAL F 1 -16.18 27.83 -6.87
N ASN F 2 -15.85 27.04 -7.90
CA ASN F 2 -14.88 25.97 -7.77
C ASN F 2 -13.46 26.51 -7.85
N GLY F 3 -12.54 25.78 -7.22
CA GLY F 3 -11.11 26.04 -7.38
C GLY F 3 -10.34 26.34 -6.11
N ALA F 4 -10.96 26.31 -4.93
CA ALA F 4 -10.24 26.58 -3.69
C ALA F 4 -9.68 25.29 -3.10
N GLY F 5 -9.09 25.39 -1.90
CA GLY F 5 -8.43 24.28 -1.27
C GLY F 5 -9.40 23.32 -0.59
N LEU F 6 -8.81 22.30 0.07
CA LEU F 6 -9.57 21.21 0.68
C LEU F 6 -9.87 21.50 2.15
N LEU F 7 -11.14 21.37 2.52
CA LEU F 7 -11.57 21.70 3.87
C LEU F 7 -11.02 20.71 4.89
N GLN F 8 -10.75 21.23 6.10
CA GLN F 8 -10.18 20.40 7.15
C GLN F 8 -11.13 19.34 7.67
N THR F 9 -12.44 19.52 7.52
CA THR F 9 -13.36 18.46 7.91
C THR F 9 -13.17 17.21 7.05
N VAL F 10 -12.53 17.34 5.89
CA VAL F 10 -12.18 16.20 5.06
C VAL F 10 -10.80 15.66 5.44
N TRP F 11 -9.77 16.52 5.38
CA TRP F 11 -8.41 16.01 5.51
C TRP F 11 -7.97 15.85 6.96
N GLY F 12 -8.61 16.52 7.91
CA GLY F 12 -8.28 16.34 9.30
C GLY F 12 -8.40 14.89 9.73
N PRO F 13 -9.58 14.29 9.50
CA PRO F 13 -9.73 12.86 9.82
C PRO F 13 -8.75 11.99 9.06
N VAL F 14 -8.41 12.33 7.82
CA VAL F 14 -7.44 11.54 7.07
C VAL F 14 -6.06 11.63 7.71
N CYS F 15 -5.68 12.84 8.14
CA CYS F 15 -4.41 13.02 8.87
C CYS F 15 -4.37 12.18 10.14
N GLU F 16 -5.46 12.19 10.91
CA GLU F 16 -5.52 11.39 12.13
C GLU F 16 -5.39 9.91 11.83
N LEU F 17 -6.03 9.43 10.76
CA LEU F 17 -5.93 8.01 10.40
C LEU F 17 -4.49 7.64 10.04
N THR F 18 -3.83 8.45 9.19
CA THR F 18 -2.49 8.08 8.77
C THR F 18 -1.50 8.15 9.92
N SER F 19 -1.78 9.01 10.92
CA SER F 19 -0.96 9.03 12.13
C SER F 19 -1.16 7.76 12.95
N GLU F 20 -2.38 7.20 12.96
CA GLU F 20 -2.61 5.94 13.68
C GLU F 20 -1.94 4.76 12.98
N LEU F 21 -1.91 4.77 11.64
CA LEU F 21 -1.33 3.65 10.90
C LEU F 21 0.16 3.50 11.19
N ASP F 22 0.83 4.60 11.55
CA ASP F 22 2.25 4.57 11.88
C ASP F 22 2.57 3.46 12.86
N GLY F 23 1.76 3.30 13.91
CA GLY F 23 2.03 2.35 14.96
C GLY F 23 1.48 0.95 14.76
N GLN F 24 0.81 0.67 13.64
CA GLN F 24 0.14 -0.61 13.47
C GLN F 24 1.12 -1.77 13.43
N ALA F 25 2.26 -1.60 12.74
CA ALA F 25 3.21 -2.70 12.61
C ALA F 25 3.82 -3.08 13.95
N GLY F 26 4.11 -2.09 14.79
CA GLY F 26 4.67 -2.39 16.10
C GLY F 26 3.69 -3.13 16.99
N ALA F 27 2.40 -2.80 16.88
CA ALA F 27 1.38 -3.50 17.66
C ALA F 27 1.20 -4.93 17.16
N ALA F 28 1.31 -5.13 15.85
CA ALA F 28 1.26 -6.49 15.30
C ALA F 28 2.47 -7.31 15.76
N LEU F 29 3.65 -6.69 15.79
CA LEU F 29 4.85 -7.38 16.27
C LEU F 29 4.67 -7.81 17.71
N LYS F 30 4.21 -6.90 18.57
CA LYS F 30 4.03 -7.22 19.98
C LYS F 30 3.10 -8.41 20.16
N LYS F 31 2.01 -8.46 19.40
CA LYS F 31 1.05 -9.56 19.50
C LYS F 31 1.67 -10.89 19.04
N GLU F 32 2.54 -10.84 18.03
CA GLU F 32 3.23 -12.05 17.57
C GLU F 32 4.22 -12.55 18.61
N GLN F 33 4.93 -11.64 19.26
CA GLN F 33 5.89 -12.04 20.30
C GLN F 33 5.17 -12.67 21.48
N GLU F 34 3.99 -12.15 21.82
CA GLU F 34 3.22 -12.73 22.91
C GLU F 34 2.70 -14.11 22.53
N MET F 35 2.31 -14.29 21.26
CA MET F 35 1.88 -15.60 20.81
C MET F 35 3.02 -16.62 20.87
N LEU F 36 4.20 -16.25 20.36
CA LEU F 36 5.35 -17.13 20.43
C LEU F 36 5.75 -17.44 21.87
N ALA F 37 5.58 -16.48 22.78
CA ALA F 37 5.92 -16.72 24.19
C ALA F 37 5.04 -17.80 24.80
N LYS F 38 3.75 -17.83 24.42
CA LYS F 38 2.85 -18.84 24.96
C LYS F 38 3.21 -20.23 24.44
N ILE F 39 3.51 -20.34 23.15
CA ILE F 39 3.90 -21.62 22.57
C ILE F 39 5.16 -22.15 23.24
N ASN F 40 6.15 -21.28 23.46
CA ASN F 40 7.37 -21.69 24.13
C ASN F 40 7.10 -22.12 25.56
N ASP F 41 6.16 -21.45 26.24
CA ASP F 41 5.83 -21.81 27.60
C ASP F 41 5.25 -23.23 27.67
N MET F 42 4.45 -23.61 26.67
CA MET F 42 3.95 -24.97 26.60
C MET F 42 5.10 -25.95 26.37
N GLN F 43 5.99 -25.65 25.43
CA GLN F 43 7.11 -26.55 25.16
C GLN F 43 8.00 -26.72 26.38
N MET F 44 8.26 -25.63 27.11
CA MET F 44 9.12 -25.77 28.29
C MET F 44 8.41 -26.48 29.43
N ALA F 45 7.08 -26.30 29.55
CA ALA F 45 6.35 -27.03 30.57
C ALA F 45 6.44 -28.53 30.34
N GLN F 46 6.40 -28.96 29.07
CA GLN F 46 6.60 -30.37 28.74
C GLN F 46 7.96 -30.86 29.24
N LEU F 47 9.01 -30.09 28.94
CA LEU F 47 10.36 -30.51 29.31
C LEU F 47 10.53 -30.57 30.82
N ARG F 48 9.93 -29.62 31.56
CA ARG F 48 10.07 -29.62 33.01
C ARG F 48 9.40 -30.83 33.63
N ALA F 49 8.20 -31.20 33.15
CA ALA F 49 7.53 -32.38 33.65
C ALA F 49 8.30 -33.64 33.30
N ALA F 50 8.91 -33.68 32.11
CA ALA F 50 9.71 -34.84 31.73
C ALA F 50 10.97 -34.92 32.56
N ILE F 51 11.62 -33.79 32.84
CA ILE F 51 12.82 -33.78 33.66
C ILE F 51 12.50 -34.25 35.08
N TYR F 52 11.40 -33.76 35.64
CA TYR F 52 11.06 -34.14 37.01
C TYR F 52 10.74 -35.62 37.11
N LEU F 53 10.11 -36.18 36.07
CA LEU F 53 9.85 -37.61 36.04
C LEU F 53 11.16 -38.39 35.94
N ALA F 54 12.05 -37.98 35.03
CA ALA F 54 13.34 -38.65 34.88
C ALA F 54 14.18 -38.51 36.14
N LYS F 55 14.09 -37.37 36.82
CA LYS F 55 14.90 -37.16 38.03
C LYS F 55 14.36 -37.95 39.21
N ASN F 56 13.06 -38.25 39.20
CA ASN F 56 12.40 -38.92 40.32
C ASN F 56 11.61 -40.11 39.79
N PRO F 57 12.30 -41.14 39.29
CA PRO F 57 11.57 -42.28 38.68
C PRO F 57 10.61 -42.96 39.63
N SER F 58 10.87 -42.92 40.93
CA SER F 58 10.04 -43.61 41.92
C SER F 58 8.94 -42.73 42.49
N THR F 59 8.68 -41.57 41.90
CA THR F 59 7.65 -40.68 42.39
C THR F 59 6.30 -41.41 42.43
N PRO F 60 5.43 -41.05 43.39
CA PRO F 60 4.05 -41.55 43.35
C PRO F 60 3.20 -40.92 42.26
N HIS F 61 3.72 -39.93 41.52
CA HIS F 61 2.96 -39.19 40.52
C HIS F 61 3.40 -39.56 39.11
N GLN F 62 3.84 -40.80 38.91
CA GLN F 62 4.34 -41.21 37.60
C GLN F 62 3.27 -41.08 36.53
N ASN F 63 2.03 -41.47 36.83
CA ASN F 63 0.98 -41.41 35.82
C ASN F 63 0.59 -39.97 35.51
N ALA F 64 0.51 -39.12 36.54
CA ALA F 64 0.17 -37.73 36.33
C ALA F 64 1.23 -37.02 35.48
N LEU F 65 2.50 -37.31 35.75
CA LEU F 65 3.56 -36.67 34.97
C LEU F 65 3.55 -37.14 33.52
N ALA F 66 3.18 -38.40 33.27
CA ALA F 66 3.04 -38.88 31.90
C ALA F 66 1.94 -38.13 31.17
N VAL F 67 0.82 -37.87 31.86
CA VAL F 67 -0.27 -37.12 31.24
C VAL F 67 0.16 -35.68 30.99
N LEU F 68 0.87 -35.07 31.94
CA LEU F 68 1.27 -33.67 31.80
C LEU F 68 2.25 -33.49 30.64
N THR F 69 3.22 -34.40 30.50
CA THR F 69 4.17 -34.27 29.39
C THR F 69 3.45 -34.44 28.05
N ALA F 70 2.56 -35.43 27.96
CA ALA F 70 1.81 -35.63 26.73
C ALA F 70 0.83 -34.49 26.48
N TYR F 71 0.27 -33.91 27.54
CA TYR F 71 -0.64 -32.78 27.38
C TYR F 71 0.09 -31.55 26.89
N TYR F 72 1.20 -31.19 27.54
CA TYR F 72 1.97 -30.03 27.11
C TYR F 72 2.53 -30.22 25.71
N ALA F 73 2.82 -31.46 25.31
CA ALA F 73 3.27 -31.72 23.95
C ALA F 73 2.18 -31.39 22.94
N GLU F 74 0.94 -31.77 23.24
CA GLU F 74 -0.18 -31.41 22.37
C GLU F 74 -0.39 -29.90 22.32
N ARG F 75 -0.26 -29.24 23.48
CA ARG F 75 -0.42 -27.78 23.51
C ARG F 75 0.65 -27.11 22.65
N ALA F 76 1.88 -27.61 22.70
CA ALA F 76 2.96 -27.01 21.91
C ALA F 76 2.72 -27.18 20.42
N GLY F 77 2.20 -28.33 20.00
CA GLY F 77 1.89 -28.57 18.57
C GLY F 77 0.65 -27.83 18.11
N SER F 78 -0.35 -27.61 18.97
CA SER F 78 -1.60 -26.89 18.67
C SER F 78 -1.32 -25.40 18.64
N GLY F 79 -0.43 -24.95 19.50
CA GLY F 79 -0.02 -23.56 19.54
C GLY F 79 0.81 -23.25 18.32
N LYS F 80 1.81 -24.07 17.96
CA LYS F 80 2.62 -23.87 16.77
C LYS F 80 1.74 -23.82 15.52
N ALA F 81 0.77 -24.72 15.41
CA ALA F 81 -0.08 -24.75 14.24
C ALA F 81 -0.94 -23.48 14.14
N TYR F 82 -1.47 -23.01 15.28
CA TYR F 82 -2.29 -21.80 15.26
C TYR F 82 -1.46 -20.59 14.86
N PHE F 83 -0.23 -20.49 15.37
CA PHE F 83 0.65 -19.40 14.96
C PHE F 83 0.84 -19.40 13.45
N LEU F 84 1.02 -20.57 12.85
CA LEU F 84 1.22 -20.65 11.41
C LEU F 84 -0.04 -20.24 10.65
N HIS F 85 -1.22 -20.46 11.23
CA HIS F 85 -2.45 -19.96 10.62
C HIS F 85 -2.55 -18.45 10.79
N ALA F 86 -2.06 -17.91 11.92
CA ALA F 86 -2.16 -16.50 12.20
C ALA F 86 -1.07 -15.69 11.53
N LEU F 87 0.03 -16.34 11.09
CA LEU F 87 1.16 -15.60 10.55
C LEU F 87 0.83 -14.91 9.24
N PRO F 88 0.22 -15.56 8.26
CA PRO F 88 -0.19 -14.81 7.05
C PRO F 88 -1.13 -13.66 7.37
N LYS F 89 -2.01 -13.85 8.36
CA LYS F 89 -2.96 -12.81 8.71
C LYS F 89 -2.25 -11.60 9.31
N ALA F 90 -1.23 -11.85 10.13
CA ALA F 90 -0.46 -10.74 10.69
C ALA F 90 0.37 -10.05 9.60
N VAL F 91 1.00 -10.84 8.73
CA VAL F 91 1.79 -10.26 7.64
C VAL F 91 0.92 -9.38 6.76
N ASP F 92 -0.26 -9.87 6.37
CA ASP F 92 -1.09 -9.09 5.47
C ASP F 92 -1.64 -7.83 6.14
N SER F 93 -1.84 -7.85 7.47
CA SER F 93 -2.29 -6.64 8.15
C SER F 93 -1.18 -5.60 8.20
N ILE F 94 0.04 -6.01 8.51
CA ILE F 94 1.19 -5.10 8.48
C ILE F 94 1.38 -4.52 7.08
N ARG F 95 1.25 -5.38 6.07
CA ARG F 95 1.48 -4.98 4.68
C ARG F 95 0.41 -4.02 4.21
N ARG F 96 -0.88 -4.36 4.41
CA ARG F 96 -1.97 -3.54 3.93
C ARG F 96 -2.05 -2.21 4.67
N ALA F 97 -1.72 -2.20 5.96
CA ALA F 97 -1.78 -0.94 6.72
C ALA F 97 -0.70 0.03 6.23
N ALA F 98 0.52 -0.46 6.05
CA ALA F 98 1.61 0.40 5.60
C ALA F 98 1.36 0.88 4.17
N TYR F 99 0.75 0.04 3.33
CA TYR F 99 0.47 0.42 1.95
C TYR F 99 -0.56 1.56 1.87
N LEU F 100 -1.63 1.47 2.66
CA LEU F 100 -2.60 2.57 2.69
C LEU F 100 -1.94 3.85 3.18
N LYS F 101 -1.11 3.76 4.22
CA LYS F 101 -0.45 4.95 4.76
C LYS F 101 0.41 5.62 3.70
N GLY F 102 1.14 4.83 2.91
CA GLY F 102 1.95 5.42 1.86
C GLY F 102 1.14 6.22 0.88
N HIS F 103 -0.02 5.69 0.47
CA HIS F 103 -0.94 6.44 -0.38
C HIS F 103 -1.33 7.76 0.27
N LEU F 104 -1.78 7.70 1.54
CA LEU F 104 -2.26 8.90 2.22
C LEU F 104 -1.14 9.92 2.41
N ASP F 105 0.04 9.45 2.83
CA ASP F 105 1.15 10.37 3.08
C ASP F 105 1.59 11.05 1.79
N GLU F 106 1.60 10.31 0.68
CA GLU F 106 2.04 10.89 -0.58
C GLU F 106 1.16 12.05 -1.00
N TYR F 107 -0.16 11.86 -0.95
CA TYR F 107 -1.07 12.90 -1.39
C TYR F 107 -1.22 14.00 -0.35
N LEU F 108 -1.24 13.64 0.94
CA LEU F 108 -1.31 14.66 1.98
C LEU F 108 -0.09 15.59 1.94
N ASN F 109 1.09 15.02 1.68
CA ASN F 109 2.31 15.83 1.62
C ASN F 109 2.26 16.79 0.43
N LEU F 110 1.76 16.31 -0.72
CA LEU F 110 1.68 17.16 -1.90
C LEU F 110 0.75 18.34 -1.66
N LEU F 111 -0.43 18.09 -1.10
CA LEU F 111 -1.38 19.17 -0.84
C LEU F 111 -0.84 20.13 0.20
N GLU F 112 -0.27 19.61 1.30
CA GLU F 112 0.20 20.49 2.36
C GLU F 112 1.30 21.43 1.87
N LYS F 113 2.24 20.92 1.09
CA LYS F 113 3.38 21.72 0.64
C LYS F 113 3.08 22.51 -0.62
N SER F 114 1.95 22.26 -1.29
CA SER F 114 1.52 23.13 -2.40
C SER F 114 0.87 24.38 -1.80
N SER F 115 1.71 25.15 -1.10
CA SER F 115 1.28 26.28 -0.30
C SER F 115 2.28 27.42 -0.49
N GLY F 116 1.75 28.62 -0.74
CA GLY F 116 2.59 29.79 -0.93
C GLY F 116 1.92 30.78 -1.85
N GLY F 117 1.84 32.04 -1.44
CA GLY F 117 1.11 33.02 -2.25
C GLY F 117 -0.35 32.65 -2.34
N ASN F 118 -0.90 32.72 -3.56
CA ASN F 118 -2.29 32.36 -3.76
C ASN F 118 -2.52 30.87 -3.52
N ASN F 119 -1.51 30.03 -3.71
CA ASN F 119 -1.71 28.58 -3.59
C ASN F 119 -2.00 28.22 -2.14
N LYS F 120 -3.19 27.65 -1.89
CA LYS F 120 -3.58 27.20 -0.55
C LYS F 120 -4.41 25.93 -0.72
N CYS F 121 -3.76 24.79 -0.54
CA CYS F 121 -4.35 23.51 -0.90
C CYS F 121 -4.95 22.74 0.27
N LEU F 122 -4.41 22.89 1.47
CA LEU F 122 -5.05 22.41 2.69
C LEU F 122 -5.46 23.64 3.51
N VAL F 123 -6.76 23.89 3.61
CA VAL F 123 -7.29 25.04 4.33
C VAL F 123 -8.09 24.54 5.52
N THR F 124 -8.49 25.49 6.39
CA THR F 124 -9.30 25.14 7.54
C THR F 124 -10.78 25.21 7.17
N THR F 125 -11.39 26.39 7.31
CA THR F 125 -12.80 26.57 7.00
C THR F 125 -13.10 27.55 5.88
N ASP F 126 -12.12 28.32 5.41
CA ASP F 126 -12.33 29.22 4.29
C ASP F 126 -11.15 29.13 3.33
N ASP F 127 -11.30 29.77 2.18
CA ASP F 127 -10.32 29.67 1.11
C ASP F 127 -9.00 30.36 1.45
N ALA F 128 -8.96 31.20 2.48
CA ALA F 128 -7.84 32.09 2.74
C ALA F 128 -6.92 31.62 3.86
N THR F 129 -7.29 30.58 4.61
CA THR F 129 -6.55 30.16 5.80
C THR F 129 -5.89 28.81 5.51
N VAL F 130 -4.60 28.82 5.19
CA VAL F 130 -3.89 27.61 4.85
C VAL F 130 -3.37 26.96 6.12
N ALA F 131 -3.34 25.63 6.12
CA ALA F 131 -2.88 24.88 7.28
C ALA F 131 -1.37 25.02 7.47
N THR F 132 -0.95 25.16 8.73
CA THR F 132 0.46 25.30 9.05
C THR F 132 0.82 24.36 10.21
N ARG F 133 2.10 24.03 10.31
CA ARG F 133 2.60 23.21 11.40
C ARG F 133 2.80 24.05 12.65
N GLY F 134 2.40 23.50 13.79
CA GLY F 134 2.62 24.13 15.08
C GLY F 134 3.90 23.68 15.75
N GLY F 135 4.10 24.16 16.98
CA GLY F 135 5.29 23.80 17.73
C GLY F 135 5.36 22.33 18.08
N ASP F 136 4.20 21.68 18.24
CA ASP F 136 4.12 20.25 18.49
C ASP F 136 4.01 19.43 17.20
N GLN F 137 4.33 20.02 16.06
CA GLN F 137 4.30 19.39 14.74
C GLN F 137 2.89 19.01 14.28
N LYS F 138 1.86 19.42 15.01
CA LYS F 138 0.51 19.24 14.50
C LYS F 138 0.25 20.19 13.33
N LEU F 139 -0.65 19.77 12.45
CA LEU F 139 -1.04 20.53 11.27
C LEU F 139 -2.42 21.12 11.51
N ALA F 140 -2.48 22.43 11.73
CA ALA F 140 -3.71 23.12 12.13
C ALA F 140 -4.42 22.35 13.24
N GLY F 141 -3.63 21.90 14.22
CA GLY F 141 -4.15 21.28 15.42
C GLY F 141 -4.36 19.77 15.34
N LYS F 142 -4.07 19.15 14.20
CA LYS F 142 -4.30 17.72 14.03
C LYS F 142 -2.98 16.99 13.89
N ASN F 143 -2.88 15.82 14.54
CA ASN F 143 -1.77 14.93 14.25
C ASN F 143 -1.77 14.56 12.78
N CYS F 144 -0.61 14.73 12.13
CA CYS F 144 -0.48 14.41 10.71
C CYS F 144 0.97 13.99 10.51
N LYS F 145 1.33 12.81 11.03
CA LYS F 145 2.68 12.30 10.94
C LYS F 145 2.79 11.53 9.63
N LEU F 146 3.49 12.10 8.65
CA LEU F 146 3.55 11.58 7.29
C LEU F 146 4.79 10.74 7.03
N SER F 147 5.19 9.92 8.00
CA SER F 147 6.38 9.10 7.87
C SER F 147 6.27 7.97 8.90
N LEU F 148 7.16 6.99 8.77
CA LEU F 148 7.18 5.86 9.67
C LEU F 148 8.16 6.09 10.81
N SER F 149 7.68 5.91 12.04
CA SER F 149 8.54 5.97 13.21
C SER F 149 9.25 4.63 13.41
N PRO F 150 10.33 4.62 14.20
CA PRO F 150 11.04 3.37 14.44
C PRO F 150 10.12 2.28 14.99
N LEU F 151 10.32 1.06 14.50
CA LEU F 151 9.50 -0.06 14.93
C LEU F 151 9.74 -0.34 16.41
N LYS F 152 8.65 -0.38 17.18
CA LYS F 152 8.73 -0.71 18.59
C LYS F 152 7.54 -1.61 18.94
N PRO F 153 7.76 -2.66 19.73
CA PRO F 153 6.64 -3.54 20.09
C PRO F 153 5.76 -2.93 21.18
N VAL F 154 4.94 -1.96 20.78
CA VAL F 154 4.08 -1.23 21.70
C VAL F 154 2.67 -1.20 21.13
N ASP F 155 1.69 -1.15 22.02
CA ASP F 155 0.31 -1.00 21.60
C ASP F 155 0.11 0.32 20.87
N ALA F 156 -0.75 0.31 19.86
CA ALA F 156 -1.07 1.52 19.11
C ALA F 156 -2.52 1.42 18.68
N ALA F 157 -3.34 2.35 19.16
CA ALA F 157 -4.76 2.33 18.84
C ALA F 157 -4.98 2.63 17.37
N LEU F 158 -5.90 1.88 16.76
CA LEU F 158 -6.36 2.12 15.40
C LEU F 158 -7.87 2.24 15.46
N THR F 159 -8.39 3.47 15.33
CA THR F 159 -9.80 3.73 15.56
C THR F 159 -10.58 4.10 14.30
N TYR F 160 -9.91 4.59 13.27
CA TYR F 160 -10.59 4.96 12.03
C TYR F 160 -10.92 3.77 11.16
N ILE F 161 -10.24 2.64 11.36
CA ILE F 161 -10.52 1.40 10.65
C ILE F 161 -10.48 0.29 11.68
N THR F 162 -11.58 -0.46 11.79
CA THR F 162 -11.67 -1.56 12.74
C THR F 162 -12.39 -2.71 12.05
N LYS F 163 -12.63 -3.78 12.82
CA LYS F 163 -13.36 -4.93 12.29
C LYS F 163 -14.75 -4.55 11.82
N ALA F 164 -15.38 -3.54 12.43
CA ALA F 164 -16.71 -3.12 12.05
C ALA F 164 -16.75 -2.24 10.81
N GLY F 165 -15.60 -1.78 10.32
CA GLY F 165 -15.53 -0.94 9.15
C GLY F 165 -14.76 0.33 9.46
N VAL F 166 -14.92 1.32 8.61
CA VAL F 166 -14.27 2.61 8.83
C VAL F 166 -15.19 3.48 9.67
N GLY F 167 -14.60 4.51 10.28
CA GLY F 167 -15.37 5.45 11.07
C GLY F 167 -14.71 6.81 11.13
N LYS F 168 -15.50 7.82 11.53
CA LYS F 168 -15.00 9.19 11.81
C LYS F 168 -14.51 9.92 10.56
N LEU F 169 -14.87 9.49 9.36
CA LEU F 169 -14.54 10.20 8.13
C LEU F 169 -15.81 10.80 7.53
N ARG F 170 -15.62 11.83 6.71
CA ARG F 170 -16.73 12.30 5.88
C ARG F 170 -16.86 11.39 4.65
N TYR F 171 -18.11 11.20 4.23
CA TYR F 171 -18.42 10.38 3.07
C TYR F 171 -19.33 11.13 2.10
N ASP F 172 -19.38 10.62 0.86
CA ASP F 172 -20.44 10.89 -0.10
C ASP F 172 -20.40 12.26 -0.76
N ASP F 173 -20.07 13.30 -0.01
CA ASP F 173 -20.31 14.66 -0.48
C ASP F 173 -19.35 15.05 -1.60
N GLY F 174 -19.74 16.07 -2.35
CA GLY F 174 -18.91 16.64 -3.39
C GLY F 174 -19.36 16.24 -4.78
N GLY F 175 -18.48 16.50 -5.75
CA GLY F 175 -18.72 16.08 -7.10
C GLY F 175 -19.48 17.07 -7.96
N ALA F 176 -19.72 18.28 -7.47
CA ALA F 176 -20.44 19.28 -8.25
C ALA F 176 -20.00 20.69 -7.85
N GLY F 177 -20.94 21.64 -7.81
CA GLY F 177 -20.62 23.01 -7.50
C GLY F 177 -21.10 23.46 -6.13
N GLY F 178 -21.31 22.49 -5.22
CA GLY F 178 -21.86 22.79 -3.92
C GLY F 178 -20.87 23.26 -2.87
N ASN F 179 -19.58 23.26 -3.19
CA ASN F 179 -18.54 23.62 -2.23
C ASN F 179 -18.77 22.93 -0.89
N ALA F 180 -19.02 21.62 -0.94
CA ALA F 180 -19.15 20.82 0.27
C ALA F 180 -17.81 20.34 0.80
N VAL F 181 -16.83 20.16 -0.08
CA VAL F 181 -15.50 19.72 0.33
C VAL F 181 -14.43 20.76 0.09
N THR F 182 -14.72 21.80 -0.67
CA THR F 182 -13.84 22.94 -0.84
C THR F 182 -14.64 24.21 -0.54
N PRO F 183 -14.03 25.21 0.09
CA PRO F 183 -14.76 26.45 0.32
C PRO F 183 -14.93 27.21 -0.99
N SER F 184 -15.94 28.06 -1.05
CA SER F 184 -16.16 28.82 -2.27
C SER F 184 -14.92 29.66 -2.58
N LYS F 185 -14.52 29.67 -3.84
CA LYS F 185 -13.37 30.44 -4.26
C LYS F 185 -13.81 31.89 -4.39
N SER F 186 -13.46 32.71 -3.40
CA SER F 186 -13.93 34.08 -3.32
C SER F 186 -13.00 35.08 -3.98
N GLY F 187 -11.74 34.74 -4.19
CA GLY F 187 -10.77 35.71 -4.68
C GLY F 187 -9.58 35.07 -5.35
N VAL F 188 -8.38 35.44 -4.90
CA VAL F 188 -7.16 34.97 -5.54
C VAL F 188 -6.69 33.63 -5.01
N HIS F 189 -7.19 33.19 -3.86
CA HIS F 189 -6.72 31.94 -3.25
C HIS F 189 -7.23 30.75 -4.04
N ALA F 190 -6.35 29.77 -4.27
CA ALA F 190 -6.69 28.69 -5.19
C ALA F 190 -5.83 27.46 -4.90
N CYS F 191 -6.32 26.33 -5.38
CA CYS F 191 -5.54 25.08 -5.41
C CYS F 191 -5.95 24.35 -6.68
N LYS F 192 -5.13 24.45 -7.73
CA LYS F 192 -5.46 23.83 -9.01
C LYS F 192 -5.38 22.30 -8.96
N LEU F 193 -4.77 21.71 -7.93
CA LEU F 193 -4.59 20.27 -7.89
C LEU F 193 -5.90 19.49 -7.73
N LEU F 194 -6.95 20.09 -7.18
CA LEU F 194 -8.13 19.34 -6.77
C LEU F 194 -9.14 19.09 -7.88
N ILE F 195 -8.89 19.61 -9.09
CA ILE F 195 -9.77 19.37 -10.23
C ILE F 195 -8.89 19.13 -11.46
N ALA F 196 -9.19 18.04 -12.18
CA ALA F 196 -8.44 17.69 -13.40
C ALA F 196 -9.15 18.25 -14.64
N HIS F 197 -9.29 19.57 -14.64
CA HIS F 197 -10.04 20.30 -15.66
C HIS F 197 -9.48 21.71 -15.76
N ASN F 198 -9.70 22.35 -16.91
CA ASN F 198 -8.96 23.57 -17.21
C ASN F 198 -9.57 24.81 -16.58
N THR F 199 -10.88 24.83 -16.33
CA THR F 199 -11.52 26.06 -15.88
C THR F 199 -11.01 26.48 -14.50
N ALA F 200 -10.97 25.54 -13.55
CA ALA F 200 -10.55 25.83 -12.19
C ALA F 200 -9.53 24.81 -11.65
N GLY F 201 -8.96 23.98 -12.52
CA GLY F 201 -8.05 22.94 -12.11
C GLY F 201 -6.76 22.98 -12.91
N TYR F 202 -6.11 21.83 -13.00
CA TYR F 202 -4.78 21.74 -13.60
C TYR F 202 -4.80 21.19 -15.01
N GLY F 203 -5.97 20.97 -15.60
CA GLY F 203 -6.04 20.47 -16.96
C GLY F 203 -5.63 21.54 -17.96
N ASP F 204 -4.97 21.11 -19.03
CA ASP F 204 -4.54 22.02 -20.09
C ASP F 204 -5.52 21.90 -21.26
N GLY F 205 -6.20 23.01 -21.56
CA GLY F 205 -7.13 23.07 -22.66
C GLY F 205 -8.40 22.28 -22.48
N GLY F 206 -8.51 21.47 -21.44
CA GLY F 206 -9.68 20.65 -21.23
C GLY F 206 -9.45 19.67 -20.11
N GLY F 207 -10.46 18.82 -19.88
CA GLY F 207 -10.38 17.86 -18.82
C GLY F 207 -9.64 16.61 -19.23
N VAL F 208 -9.33 15.77 -18.25
CA VAL F 208 -8.71 14.48 -18.51
C VAL F 208 -9.81 13.51 -18.93
N THR F 209 -9.44 12.28 -19.29
CA THR F 209 -10.42 11.36 -19.83
C THR F 209 -11.46 10.98 -18.79
N ALA F 210 -11.03 10.72 -17.55
CA ALA F 210 -11.95 10.24 -16.52
C ALA F 210 -11.50 10.70 -15.14
N ASP F 211 -12.46 10.70 -14.21
CA ASP F 211 -12.19 11.06 -12.82
C ASP F 211 -11.06 10.20 -12.26
N ILE F 212 -10.31 10.78 -11.32
CA ILE F 212 -9.08 10.18 -10.81
C ILE F 212 -9.25 9.84 -9.34
N ASP F 213 -8.97 8.59 -8.98
CA ASP F 213 -8.97 8.16 -7.59
C ASP F 213 -7.70 8.69 -6.92
N VAL F 214 -7.87 9.43 -5.83
CA VAL F 214 -6.76 9.88 -4.99
C VAL F 214 -7.07 9.45 -3.57
N PHE F 215 -6.08 9.63 -2.67
CA PHE F 215 -6.19 9.07 -1.33
C PHE F 215 -6.53 7.58 -1.40
N ALA F 216 -5.94 6.90 -2.38
CA ALA F 216 -6.21 5.47 -2.63
C ALA F 216 -7.70 5.20 -2.88
N GLY F 217 -8.42 6.17 -3.43
CA GLY F 217 -9.82 6.00 -3.76
C GLY F 217 -10.81 6.51 -2.74
N TYR F 218 -10.34 7.08 -1.63
CA TYR F 218 -11.27 7.73 -0.71
C TYR F 218 -11.90 8.96 -1.36
N MET F 219 -11.23 9.55 -2.35
CA MET F 219 -11.70 10.76 -3.01
C MET F 219 -11.44 10.65 -4.51
N LYS F 220 -12.35 11.20 -5.32
CA LYS F 220 -12.15 11.32 -6.76
C LYS F 220 -11.95 12.78 -7.15
N VAL F 221 -10.84 13.06 -7.84
CA VAL F 221 -10.67 14.35 -8.51
C VAL F 221 -11.35 14.28 -9.87
N LYS F 222 -12.20 15.26 -10.15
CA LYS F 222 -13.11 15.17 -11.28
C LYS F 222 -12.42 15.62 -12.57
N ALA F 223 -12.79 14.97 -13.67
CA ALA F 223 -12.35 15.35 -15.00
C ALA F 223 -13.21 16.46 -15.60
N THR F 224 -14.25 16.87 -14.88
CA THR F 224 -15.11 17.98 -15.24
C THR F 224 -14.92 19.08 -14.22
N ASP F 225 -15.51 20.25 -14.51
CA ASP F 225 -15.44 21.38 -13.60
C ASP F 225 -16.31 21.09 -12.38
N ALA F 226 -15.74 20.38 -11.42
CA ALA F 226 -16.46 19.97 -10.23
C ALA F 226 -15.45 19.68 -9.11
N GLU F 227 -15.86 19.98 -7.88
CA GLU F 227 -15.01 19.71 -6.74
C GLU F 227 -14.93 18.21 -6.49
N PRO F 228 -13.95 17.77 -5.69
CA PRO F 228 -13.74 16.33 -5.49
C PRO F 228 -14.95 15.64 -4.88
N LYS F 229 -15.08 14.34 -5.17
CA LYS F 229 -16.18 13.51 -4.70
C LYS F 229 -15.67 12.55 -3.63
N LEU F 230 -16.25 12.60 -2.44
CA LEU F 230 -15.88 11.65 -1.38
C LEU F 230 -16.58 10.33 -1.61
N ALA F 231 -15.88 9.24 -1.30
CA ALA F 231 -16.47 7.92 -1.45
C ALA F 231 -17.55 7.68 -0.39
N ALA F 232 -18.47 6.79 -0.71
CA ALA F 232 -19.43 6.32 0.28
C ALA F 232 -18.72 5.45 1.31
N LYS F 233 -19.27 5.43 2.54
CA LYS F 233 -18.66 4.68 3.62
C LYS F 233 -18.46 3.22 3.24
N SER F 234 -19.45 2.61 2.58
CA SER F 234 -19.38 1.20 2.23
C SER F 234 -18.37 0.91 1.13
N ASP F 235 -18.02 1.89 0.30
CA ASP F 235 -16.99 1.69 -0.71
C ASP F 235 -15.60 1.54 -0.10
N LEU F 236 -15.45 1.89 1.17
CA LEU F 236 -14.19 1.76 1.89
C LEU F 236 -14.12 0.45 2.68
N GLU F 237 -15.11 -0.42 2.54
CA GLU F 237 -15.26 -1.58 3.41
C GLU F 237 -15.44 -2.83 2.55
N GLU F 238 -15.14 -3.97 3.17
CA GLU F 238 -15.22 -5.27 2.48
C GLU F 238 -16.53 -5.42 1.72
N GLY F 239 -16.44 -5.91 0.48
CA GLY F 239 -17.61 -6.14 -0.33
C GLY F 239 -18.22 -4.91 -0.98
N GLY F 240 -17.65 -3.73 -0.75
CA GLY F 240 -18.24 -2.52 -1.27
C GLY F 240 -18.01 -2.40 -2.78
N GLY F 241 -18.60 -1.33 -3.34
CA GLY F 241 -18.51 -1.05 -4.75
C GLY F 241 -17.11 -0.74 -5.19
N GLY F 242 -16.90 -0.40 -6.47
CA GLY F 242 -15.56 -0.33 -6.98
C GLY F 242 -14.86 0.93 -6.57
N GLY F 243 -13.53 0.88 -6.67
CA GLY F 243 -12.73 2.00 -6.26
C GLY F 243 -12.36 1.78 -4.81
N ALA F 244 -11.14 2.12 -4.44
CA ALA F 244 -10.67 2.07 -3.06
C ALA F 244 -10.42 0.63 -2.59
N GLU F 245 -9.75 -0.15 -3.44
CA GLU F 245 -9.44 -1.53 -3.07
C GLU F 245 -8.53 -1.57 -1.85
N ALA F 246 -7.61 -0.59 -1.76
CA ALA F 246 -6.67 -0.54 -0.64
C ALA F 246 -7.41 -0.38 0.69
N TRP F 247 -8.52 0.35 0.69
CA TRP F 247 -9.32 0.47 1.90
C TRP F 247 -10.08 -0.83 2.18
N LYS F 248 -10.81 -1.33 1.17
CA LYS F 248 -11.57 -2.55 1.35
C LYS F 248 -10.67 -3.70 1.78
N ALA F 249 -9.50 -3.83 1.15
CA ALA F 249 -8.60 -4.95 1.49
C ALA F 249 -8.00 -4.81 2.87
N LEU F 250 -7.77 -3.57 3.34
CA LEU F 250 -7.27 -3.41 4.70
C LEU F 250 -8.34 -3.78 5.72
N HIS F 251 -9.60 -3.39 5.45
CA HIS F 251 -10.68 -3.81 6.34
C HIS F 251 -10.77 -5.33 6.43
N THR F 252 -10.62 -6.01 5.28
CA THR F 252 -10.68 -7.47 5.27
C THR F 252 -9.56 -8.08 6.10
N ALA F 253 -8.34 -7.57 5.93
CA ALA F 253 -7.21 -8.10 6.70
C ALA F 253 -7.41 -7.88 8.20
N ILE F 254 -7.93 -6.72 8.60
CA ILE F 254 -8.14 -6.45 10.01
C ILE F 254 -9.24 -7.34 10.58
N LYS F 255 -10.28 -7.59 9.78
CA LYS F 255 -11.34 -8.51 10.20
C LYS F 255 -10.80 -9.90 10.49
N GLN F 256 -9.76 -10.31 9.77
CA GLN F 256 -9.24 -11.67 9.83
C GLN F 256 -8.13 -11.84 10.86
N GLU F 257 -7.92 -10.85 11.71
CA GLU F 257 -6.86 -10.94 12.71
C GLU F 257 -7.08 -12.13 13.63
N ALA F 258 -5.98 -12.70 14.12
CA ALA F 258 -6.05 -13.87 14.98
C ALA F 258 -6.39 -13.45 16.41
N ASP F 259 -6.82 -14.43 17.20
CA ASP F 259 -7.16 -14.21 18.60
C ASP F 259 -5.95 -14.54 19.45
N ALA F 260 -5.41 -13.53 20.13
CA ALA F 260 -4.23 -13.72 20.96
C ALA F 260 -4.49 -14.63 22.15
N GLU F 261 -5.75 -14.86 22.50
CA GLU F 261 -6.12 -15.72 23.61
C GLU F 261 -6.92 -16.93 23.14
N ALA F 262 -6.68 -17.36 21.90
CA ALA F 262 -7.39 -18.50 21.35
C ALA F 262 -7.19 -19.74 22.22
N ALA F 263 -8.19 -20.64 22.18
CA ALA F 263 -8.10 -21.88 22.93
C ALA F 263 -6.89 -22.70 22.51
N GLU F 264 -6.45 -22.54 21.26
CA GLU F 264 -5.29 -23.28 20.77
C GLU F 264 -3.99 -22.87 21.44
N LEU F 265 -3.98 -21.73 22.14
CA LEU F 265 -2.75 -21.17 22.69
C LEU F 265 -2.67 -21.23 24.21
N THR F 266 -3.77 -21.58 24.89
CA THR F 266 -4.03 -21.22 26.31
C THR F 266 -4.32 -22.50 27.09
N ASN F 267 -3.77 -22.65 28.30
CA ASN F 267 -3.98 -23.87 29.10
C ASN F 267 -5.47 -24.14 29.21
N GLU F 268 -5.83 -25.40 29.11
CA GLU F 268 -7.20 -25.90 29.39
C GLU F 268 -7.55 -25.76 30.87
N THR F 269 -8.83 -25.47 31.18
CA THR F 269 -9.31 -25.25 32.53
C THR F 269 -10.51 -26.15 32.82
N GLY F 270 -11.01 -26.06 34.05
CA GLY F 270 -12.17 -26.82 34.47
C GLY F 270 -11.79 -28.07 35.24
N LYS F 271 -12.81 -28.89 35.50
CA LYS F 271 -12.59 -30.16 36.18
C LYS F 271 -11.65 -31.02 35.35
N LEU F 272 -10.65 -31.61 36.02
CA LEU F 272 -9.66 -32.42 35.32
C LEU F 272 -10.31 -33.49 34.46
N GLY F 273 -11.46 -34.00 34.88
CA GLY F 273 -12.12 -35.07 34.15
C GLY F 273 -12.80 -34.61 32.87
N GLU F 274 -13.11 -33.32 32.75
CA GLU F 274 -13.76 -32.79 31.56
C GLU F 274 -12.77 -32.21 30.55
N ARG F 275 -11.51 -32.06 30.93
CA ARG F 275 -10.51 -31.49 30.03
C ARG F 275 -10.25 -32.42 28.85
N ARG F 276 -10.67 -31.99 27.65
CA ARG F 276 -10.65 -32.89 26.49
C ARG F 276 -9.25 -33.39 26.17
N HIS F 277 -8.24 -32.50 26.23
CA HIS F 277 -6.88 -32.90 25.84
C HIS F 277 -6.15 -33.61 26.97
N PHE F 278 -6.56 -33.42 28.22
CA PHE F 278 -6.11 -34.31 29.29
C PHE F 278 -6.56 -35.74 29.01
N LEU F 279 -7.83 -35.90 28.64
CA LEU F 279 -8.36 -37.23 28.39
C LEU F 279 -7.69 -37.88 27.19
N ALA F 280 -7.47 -37.12 26.11
CA ALA F 280 -6.78 -37.68 24.96
C ALA F 280 -5.39 -38.13 25.34
N ALA F 281 -4.72 -37.36 26.21
CA ALA F 281 -3.40 -37.75 26.68
C ALA F 281 -3.46 -39.02 27.50
N ALA F 282 -4.39 -39.08 28.46
CA ALA F 282 -4.52 -40.27 29.29
C ALA F 282 -4.91 -41.48 28.45
N THR F 283 -5.83 -41.29 27.51
CA THR F 283 -6.23 -42.39 26.64
C THR F 283 -5.03 -42.94 25.86
N ASN F 284 -4.10 -42.07 25.49
CA ASN F 284 -3.00 -42.47 24.61
C ASN F 284 -1.76 -42.94 25.35
N VAL F 285 -1.55 -42.49 26.59
CA VAL F 285 -0.32 -42.82 27.31
C VAL F 285 -0.52 -43.88 28.39
N LEU F 286 -1.74 -44.08 28.87
CA LEU F 286 -1.98 -45.03 29.95
C LEU F 286 -2.60 -46.34 29.44
N ALA F 296 -13.92 -44.00 32.37
CA ALA F 296 -13.05 -44.76 31.49
C ALA F 296 -11.71 -44.03 31.29
N GLY F 297 -11.78 -42.87 30.66
CA GLY F 297 -10.62 -42.01 30.52
C GLY F 297 -10.57 -40.99 31.63
N ARG F 298 -11.74 -40.45 31.98
CA ARG F 298 -11.85 -39.53 33.11
C ARG F 298 -11.52 -40.22 34.42
N ALA F 299 -11.63 -41.54 34.49
CA ALA F 299 -11.26 -42.26 35.70
C ALA F 299 -9.76 -42.29 35.87
N ALA F 300 -9.01 -42.46 34.77
CA ALA F 300 -7.56 -42.52 34.85
C ALA F 300 -6.95 -41.17 35.17
N VAL F 301 -7.60 -40.08 34.76
CA VAL F 301 -7.08 -38.75 35.07
C VAL F 301 -7.34 -38.40 36.54
N GLU F 302 -8.50 -38.77 37.06
CA GLU F 302 -8.79 -38.54 38.47
C GLU F 302 -7.90 -39.38 39.36
N ALA F 303 -7.59 -40.61 38.94
CA ALA F 303 -6.71 -41.47 39.71
C ALA F 303 -5.28 -40.92 39.73
N ALA F 304 -4.78 -40.48 38.57
CA ALA F 304 -3.40 -40.01 38.48
C ALA F 304 -3.17 -38.80 39.38
N PHE F 305 -4.07 -37.82 39.33
CA PHE F 305 -3.98 -36.62 40.15
C PHE F 305 -4.68 -36.75 41.49
N GLY F 306 -5.27 -37.90 41.79
CA GLY F 306 -5.97 -38.12 43.04
C GLY F 306 -7.02 -37.05 43.33
N SER F 307 -7.54 -36.42 42.28
CA SER F 307 -8.47 -35.32 42.46
C SER F 307 -9.30 -35.16 41.20
N ASP F 308 -10.46 -34.52 41.36
CA ASP F 308 -11.32 -34.15 40.25
C ASP F 308 -11.66 -32.66 40.26
N SER F 309 -11.08 -31.89 41.18
CA SER F 309 -11.36 -30.46 41.28
C SER F 309 -10.74 -29.72 40.09
N GLU F 310 -10.95 -28.40 40.07
CA GLU F 310 -10.46 -27.56 38.98
C GLU F 310 -8.99 -27.20 39.14
N GLY F 311 -8.43 -27.33 40.34
CA GLY F 311 -7.02 -27.08 40.55
C GLY F 311 -6.27 -28.31 41.00
N GLY F 312 -6.74 -29.49 40.57
CA GLY F 312 -6.16 -30.74 41.01
C GLY F 312 -4.74 -30.97 40.53
N ASP F 313 -4.35 -30.31 39.44
CA ASP F 313 -3.00 -30.43 38.91
C ASP F 313 -2.01 -29.49 39.58
N ARG F 314 -2.49 -28.63 40.49
CA ARG F 314 -1.65 -27.57 41.04
C ARG F 314 -0.57 -28.11 41.97
N LYS F 315 -0.89 -29.13 42.77
CA LYS F 315 0.11 -29.69 43.68
C LYS F 315 1.29 -30.24 42.89
N ILE F 316 1.04 -31.08 41.89
CA ILE F 316 2.12 -31.65 41.10
C ILE F 316 2.83 -30.58 40.30
N ILE F 317 2.08 -29.62 39.73
CA ILE F 317 2.71 -28.54 38.97
C ILE F 317 3.64 -27.75 39.88
N GLU F 318 3.18 -27.46 41.10
CA GLU F 318 4.01 -26.76 42.06
C GLU F 318 5.24 -27.58 42.44
N LEU F 319 5.08 -28.90 42.55
CA LEU F 319 6.22 -29.77 42.80
C LEU F 319 7.26 -29.66 41.71
N ILE F 320 6.82 -29.66 40.45
CA ILE F 320 7.75 -29.52 39.34
C ILE F 320 8.51 -28.20 39.42
N GLU F 321 7.78 -27.10 39.66
CA GLU F 321 8.40 -25.78 39.61
C GLU F 321 9.41 -25.59 40.73
N LYS F 322 9.15 -26.15 41.90
CA LYS F 322 10.00 -25.93 43.06
C LYS F 322 11.13 -26.96 43.20
N GLU F 323 11.15 -28.00 42.36
CA GLU F 323 12.21 -28.99 42.43
C GLU F 323 13.58 -28.33 42.35
N LEU F 324 14.48 -28.73 43.25
CA LEU F 324 15.81 -28.18 43.33
C LEU F 324 16.75 -28.91 42.36
N ILE F 325 17.47 -28.13 41.56
CA ILE F 325 18.53 -28.64 40.69
C ILE F 325 19.86 -28.15 41.26
N VAL F 326 20.64 -29.06 41.84
CA VAL F 326 21.83 -28.69 42.60
C VAL F 326 22.99 -28.40 41.65
N LYS F 327 23.90 -27.55 42.12
CA LYS F 327 25.18 -27.34 41.44
C LYS F 327 25.78 -28.68 41.03
N GLY F 328 26.36 -28.71 39.83
CA GLY F 328 26.97 -29.91 39.30
C GLY F 328 26.06 -30.78 38.45
N THR F 329 24.75 -30.67 38.63
CA THR F 329 23.82 -31.41 37.77
C THR F 329 23.92 -30.89 36.35
N ALA F 330 24.27 -31.78 35.42
CA ALA F 330 24.51 -31.41 34.04
C ALA F 330 25.51 -30.25 33.96
N ASN F 331 26.48 -30.27 34.87
CA ASN F 331 27.57 -29.30 34.91
C ASN F 331 27.11 -27.89 35.20
N ARG F 332 25.94 -27.72 35.82
CA ARG F 332 25.42 -26.38 36.08
C ARG F 332 26.20 -25.70 37.20
N ASP F 333 26.38 -24.39 37.05
CA ASP F 333 27.28 -23.65 37.93
C ASP F 333 26.67 -23.33 39.30
N ALA F 334 25.37 -23.54 39.50
CA ALA F 334 24.76 -23.16 40.76
C ALA F 334 23.40 -23.83 40.90
N ASP F 335 22.94 -23.90 42.15
CA ASP F 335 21.63 -24.45 42.45
C ASP F 335 20.52 -23.55 41.90
N GLU F 336 19.42 -24.17 41.50
CA GLU F 336 18.27 -23.42 41.00
C GLU F 336 17.03 -24.28 41.11
N SER F 337 15.88 -23.62 41.22
CA SER F 337 14.60 -24.31 41.16
C SER F 337 14.25 -24.57 39.70
N LEU F 338 13.70 -25.76 39.44
CA LEU F 338 13.43 -26.15 38.07
C LEU F 338 12.49 -25.17 37.37
N GLY F 339 11.56 -24.57 38.10
CA GLY F 339 10.60 -23.66 37.50
C GLY F 339 11.20 -22.39 36.92
N ASN F 340 12.43 -22.05 37.30
CA ASN F 340 13.07 -20.83 36.81
C ASN F 340 14.06 -21.07 35.68
N ILE F 341 14.26 -22.32 35.27
CA ILE F 341 15.13 -22.64 34.14
C ILE F 341 14.30 -22.50 32.87
N LYS F 342 14.72 -21.59 31.99
CA LYS F 342 13.86 -21.13 30.90
C LYS F 342 14.64 -20.99 29.60
N THR F 343 15.51 -21.96 29.31
CA THR F 343 16.14 -22.06 28.00
C THR F 343 16.12 -23.52 27.56
N LEU F 344 15.89 -23.74 26.26
CA LEU F 344 15.82 -25.10 25.74
C LEU F 344 17.15 -25.83 25.85
N LYS F 345 18.26 -25.12 25.69
CA LYS F 345 19.57 -25.73 25.87
C LYS F 345 19.72 -26.28 27.29
N GLU F 346 19.35 -25.48 28.29
CA GLU F 346 19.47 -25.91 29.68
C GLU F 346 18.55 -27.08 29.98
N LEU F 347 17.28 -26.98 29.55
CA LEU F 347 16.31 -28.02 29.87
C LEU F 347 16.63 -29.32 29.13
N GLY F 348 17.11 -29.21 27.89
CA GLY F 348 17.47 -30.40 27.14
C GLY F 348 18.66 -31.13 27.73
N GLU F 349 19.66 -30.38 28.20
CA GLU F 349 20.81 -31.02 28.84
C GLU F 349 20.41 -31.68 30.16
N LEU F 350 19.43 -31.11 30.86
CA LEU F 350 18.94 -31.75 32.09
C LEU F 350 18.20 -33.04 31.77
N LEU F 351 17.29 -33.00 30.79
CA LEU F 351 16.57 -34.20 30.41
C LEU F 351 17.53 -35.29 29.95
N SER F 352 18.51 -34.91 29.12
CA SER F 352 19.51 -35.87 28.65
C SER F 352 20.32 -36.43 29.81
N TYR F 353 20.75 -35.55 30.72
CA TYR F 353 21.54 -35.96 31.87
C TYR F 353 20.83 -37.03 32.68
N PHE F 354 19.55 -36.81 32.99
CA PHE F 354 18.82 -37.75 33.84
C PHE F 354 18.39 -39.00 33.08
N GLN F 355 18.14 -38.90 31.77
CA GLN F 355 17.87 -40.10 30.99
C GLN F 355 19.10 -41.00 30.95
N LEU F 356 20.29 -40.43 30.83
CA LEU F 356 21.51 -41.23 30.88
C LEU F 356 21.66 -41.88 32.25
N LYS F 357 21.40 -41.14 33.32
CA LYS F 357 21.41 -41.72 34.66
C LYS F 357 20.41 -42.87 34.77
N ASN F 358 19.21 -42.70 34.18
CA ASN F 358 18.20 -43.75 34.24
C ASN F 358 18.63 -45.01 33.48
N SER F 359 19.22 -44.88 32.31
CA SER F 359 19.66 -46.04 31.56
C SER F 359 20.70 -46.83 32.37
N ASN F 360 21.66 -46.11 32.95
CA ASN F 360 22.69 -46.78 33.74
C ASN F 360 22.07 -47.41 34.98
N THR F 361 21.01 -46.80 35.52
CA THR F 361 20.33 -47.38 36.68
C THR F 361 19.58 -48.66 36.31
N ILE F 362 18.91 -48.68 35.16
CA ILE F 362 18.19 -49.89 34.76
C ILE F 362 19.17 -51.02 34.50
N ASN F 363 20.25 -50.74 33.78
CA ASN F 363 21.25 -51.77 33.50
C ASN F 363 21.85 -52.31 34.78
N GLU F 364 22.21 -51.42 35.72
CA GLU F 364 22.76 -51.86 37.00
C GLU F 364 21.73 -52.68 37.78
N LEU F 365 20.48 -52.23 37.82
CA LEU F 365 19.44 -52.96 38.54
C LEU F 365 19.18 -54.31 37.89
N ARG F 366 19.01 -54.32 36.57
CA ARG F 366 18.72 -55.58 35.87
C ARG F 366 19.83 -56.59 36.06
N ASN F 367 21.08 -56.15 36.20
CA ASN F 367 22.19 -57.08 36.38
C ASN F 367 22.21 -57.67 37.78
N LYS F 368 21.85 -56.87 38.80
CA LYS F 368 21.80 -57.40 40.16
C LYS F 368 20.67 -58.41 40.32
N LEU F 369 19.54 -58.16 39.66
CA LEU F 369 18.47 -59.16 39.62
C LEU F 369 18.90 -60.42 38.87
N LYS F 370 19.92 -60.32 38.02
CA LYS F 370 20.43 -61.44 37.23
C LYS F 370 19.59 -61.60 35.96
N VAL G 1 12.14 23.97 -23.28
CA VAL G 1 10.84 24.61 -22.92
C VAL G 1 10.24 23.70 -21.84
N ASN G 2 9.83 24.25 -20.72
CA ASN G 2 9.32 23.46 -19.59
C ASN G 2 7.81 23.29 -19.73
N GLY G 3 7.23 22.21 -19.19
CA GLY G 3 5.79 22.03 -19.10
C GLY G 3 5.26 20.73 -19.68
N ALA G 4 6.09 19.84 -20.20
CA ALA G 4 5.62 18.59 -20.77
C ALA G 4 5.58 17.50 -19.69
N GLY G 5 5.28 16.27 -20.09
CA GLY G 5 5.15 15.18 -19.14
C GLY G 5 6.49 14.57 -18.76
N LEU G 6 6.40 13.46 -18.03
CA LEU G 6 7.56 12.81 -17.44
C LEU G 6 8.06 11.69 -18.36
N LEU G 7 9.36 11.70 -18.64
CA LEU G 7 9.95 10.71 -19.53
C LEU G 7 9.92 9.32 -18.91
N GLN G 8 9.73 8.31 -19.77
CA GLN G 8 9.66 6.93 -19.29
C GLN G 8 11.00 6.42 -18.76
N THR G 9 12.12 7.02 -19.17
CA THR G 9 13.39 6.63 -18.58
C THR G 9 13.41 6.93 -17.08
N VAL G 10 12.51 7.79 -16.61
CA VAL G 10 12.38 8.09 -15.19
C VAL G 10 11.34 7.16 -14.56
N TRP G 11 10.10 7.20 -15.04
CA TRP G 11 9.02 6.47 -14.38
C TRP G 11 9.00 4.98 -14.74
N GLY G 12 9.63 4.58 -15.85
CA GLY G 12 9.68 3.19 -16.22
C GLY G 12 10.27 2.33 -15.12
N PRO G 13 11.49 2.65 -14.71
CA PRO G 13 12.09 1.94 -13.58
C PRO G 13 11.25 1.99 -12.31
N VAL G 14 10.55 3.11 -12.08
CA VAL G 14 9.71 3.22 -10.90
C VAL G 14 8.52 2.27 -11.00
N CYS G 15 7.94 2.13 -12.19
CA CYS G 15 6.87 1.13 -12.39
C CYS G 15 7.38 -0.27 -12.09
N GLU G 16 8.56 -0.60 -12.61
CA GLU G 16 9.12 -1.94 -12.40
C GLU G 16 9.36 -2.20 -10.92
N LEU G 17 9.90 -1.21 -10.20
CA LEU G 17 10.18 -1.38 -8.78
C LEU G 17 8.90 -1.60 -8.00
N THR G 18 7.91 -0.72 -8.18
CA THR G 18 6.67 -0.85 -7.41
C THR G 18 6.00 -2.19 -7.70
N SER G 19 6.14 -2.70 -8.93
CA SER G 19 5.62 -4.02 -9.24
C SER G 19 6.35 -5.10 -8.46
N GLU G 20 7.66 -4.94 -8.24
CA GLU G 20 8.41 -5.91 -7.45
C GLU G 20 8.01 -5.87 -5.98
N LEU G 21 7.74 -4.68 -5.45
CA LEU G 21 7.36 -4.57 -4.04
C LEU G 21 6.08 -5.31 -3.73
N ASP G 22 5.23 -5.52 -4.75
CA ASP G 22 3.97 -6.22 -4.55
C ASP G 22 4.17 -7.59 -3.92
N GLY G 23 5.21 -8.31 -4.34
CA GLY G 23 5.48 -9.64 -3.86
C GLY G 23 6.41 -9.73 -2.67
N GLN G 24 6.81 -8.60 -2.09
CA GLN G 24 7.78 -8.64 -1.00
C GLN G 24 7.20 -9.28 0.26
N ALA G 25 5.95 -8.97 0.59
CA ALA G 25 5.38 -9.52 1.82
C ALA G 25 5.29 -11.04 1.74
N GLY G 26 4.94 -11.57 0.57
CA GLY G 26 4.86 -13.01 0.41
C GLY G 26 6.22 -13.68 0.51
N ALA G 27 7.26 -13.02 0.00
CA ALA G 27 8.62 -13.55 0.12
C ALA G 27 9.06 -13.58 1.58
N ALA G 28 8.74 -12.53 2.34
CA ALA G 28 9.08 -12.51 3.75
C ALA G 28 8.31 -13.58 4.52
N LEU G 29 7.04 -13.79 4.17
CA LEU G 29 6.27 -14.84 4.81
C LEU G 29 6.89 -16.20 4.56
N LYS G 30 7.31 -16.46 3.32
CA LYS G 30 7.92 -17.75 2.99
C LYS G 30 9.18 -17.97 3.83
N LYS G 31 10.02 -16.94 3.98
CA LYS G 31 11.24 -17.09 4.76
C LYS G 31 10.90 -17.38 6.22
N GLU G 32 9.85 -16.73 6.73
CA GLU G 32 9.43 -16.98 8.10
C GLU G 32 8.97 -18.42 8.28
N GLN G 33 8.17 -18.92 7.33
CA GLN G 33 7.71 -20.30 7.39
C GLN G 33 8.86 -21.28 7.31
N GLU G 34 9.81 -21.03 6.40
CA GLU G 34 10.94 -21.94 6.25
C GLU G 34 11.80 -21.94 7.51
N MET G 35 11.94 -20.78 8.13
CA MET G 35 12.72 -20.66 9.35
C MET G 35 12.08 -21.43 10.50
N LEU G 36 10.75 -21.33 10.63
CA LEU G 36 10.05 -22.04 11.69
C LEU G 36 10.11 -23.55 11.49
N ALA G 37 10.14 -24.02 10.23
CA ALA G 37 10.20 -25.46 9.98
C ALA G 37 11.54 -26.05 10.43
N LYS G 38 12.64 -25.35 10.19
CA LYS G 38 13.94 -25.84 10.64
C LYS G 38 13.99 -25.95 12.16
N ILE G 39 13.50 -24.92 12.85
CA ILE G 39 13.48 -24.95 14.31
C ILE G 39 12.67 -26.16 14.79
N ASN G 40 11.52 -26.40 14.15
CA ASN G 40 10.71 -27.56 14.52
C ASN G 40 11.41 -28.88 14.18
N ASP G 41 12.20 -28.91 13.11
CA ASP G 41 12.97 -30.10 12.78
C ASP G 41 13.99 -30.43 13.88
N MET G 42 14.64 -29.41 14.45
CA MET G 42 15.57 -29.64 15.55
C MET G 42 14.82 -30.17 16.78
N GLN G 43 13.68 -29.55 17.10
CA GLN G 43 12.91 -29.97 18.26
C GLN G 43 12.46 -31.42 18.13
N MET G 44 12.09 -31.84 16.92
CA MET G 44 11.63 -33.21 16.70
C MET G 44 12.80 -34.19 16.72
N ALA G 45 13.97 -33.78 16.22
CA ALA G 45 15.15 -34.64 16.29
C ALA G 45 15.58 -34.88 17.73
N GLN G 46 15.46 -33.85 18.57
CA GLN G 46 15.73 -34.02 20.00
C GLN G 46 14.83 -35.08 20.61
N LEU G 47 13.53 -35.02 20.28
CA LEU G 47 12.56 -35.95 20.86
C LEU G 47 12.79 -37.37 20.35
N ARG G 48 13.19 -37.52 19.09
CA ARG G 48 13.42 -38.86 18.54
C ARG G 48 14.60 -39.54 19.24
N ALA G 49 15.71 -38.82 19.40
CA ALA G 49 16.85 -39.39 20.12
C ALA G 49 16.48 -39.72 21.56
N ALA G 50 15.67 -38.87 22.19
CA ALA G 50 15.24 -39.12 23.56
C ALA G 50 14.29 -40.32 23.61
N ILE G 51 13.39 -40.45 22.64
CA ILE G 51 12.49 -41.61 22.60
C ILE G 51 13.29 -42.89 22.44
N TYR G 52 14.28 -42.88 21.53
CA TYR G 52 15.08 -44.08 21.32
C TYR G 52 15.84 -44.46 22.58
N LEU G 53 16.36 -43.47 23.31
CA LEU G 53 17.09 -43.75 24.54
C LEU G 53 16.18 -44.33 25.61
N ALA G 54 14.99 -43.75 25.78
CA ALA G 54 14.02 -44.29 26.73
C ALA G 54 13.58 -45.69 26.33
N LYS G 55 13.40 -45.92 25.03
CA LYS G 55 12.94 -47.21 24.53
C LYS G 55 14.01 -48.28 24.69
N ASN G 56 15.28 -47.91 24.60
CA ASN G 56 16.38 -48.88 24.60
C ASN G 56 17.42 -48.50 25.65
N PRO G 57 17.08 -48.63 26.93
CA PRO G 57 18.05 -48.28 27.99
C PRO G 57 19.35 -49.06 27.89
N SER G 58 19.33 -50.27 27.32
CA SER G 58 20.50 -51.12 27.26
C SER G 58 21.34 -50.89 26.00
N THR G 59 21.03 -49.87 25.21
CA THR G 59 21.82 -49.56 24.03
C THR G 59 23.28 -49.39 24.43
N PRO G 60 24.24 -49.81 23.59
CA PRO G 60 25.64 -49.48 23.84
C PRO G 60 26.01 -48.05 23.50
N HIS G 61 25.07 -47.28 22.93
CA HIS G 61 25.32 -45.91 22.51
C HIS G 61 24.73 -44.89 23.47
N GLN G 62 24.71 -45.21 24.78
CA GLN G 62 24.03 -44.35 25.74
C GLN G 62 24.61 -42.94 25.73
N ASN G 63 25.94 -42.83 25.64
CA ASN G 63 26.58 -41.52 25.67
C ASN G 63 26.29 -40.73 24.41
N ALA G 64 26.34 -41.38 23.23
CA ALA G 64 26.05 -40.67 21.99
C ALA G 64 24.63 -40.13 21.97
N LEU G 65 23.67 -40.89 22.50
CA LEU G 65 22.28 -40.43 22.50
C LEU G 65 22.10 -39.25 23.45
N ALA G 66 22.81 -39.25 24.58
CA ALA G 66 22.74 -38.11 25.48
C ALA G 66 23.31 -36.86 24.84
N VAL G 67 24.36 -37.00 24.03
CA VAL G 67 24.92 -35.86 23.33
C VAL G 67 23.97 -35.34 22.26
N LEU G 68 23.37 -36.24 21.48
CA LEU G 68 22.51 -35.80 20.39
C LEU G 68 21.27 -35.08 20.91
N THR G 69 20.64 -35.59 21.97
CA THR G 69 19.47 -34.93 22.52
C THR G 69 19.81 -33.54 23.05
N ALA G 70 20.94 -33.43 23.77
CA ALA G 70 21.37 -32.13 24.28
C ALA G 70 21.83 -31.21 23.15
N TYR G 71 22.43 -31.78 22.10
CA TYR G 71 22.85 -30.97 20.96
C TYR G 71 21.64 -30.44 20.21
N TYR G 72 20.66 -31.32 19.95
CA TYR G 72 19.46 -30.88 19.25
C TYR G 72 18.64 -29.89 20.09
N ALA G 73 18.71 -30.00 21.41
CA ALA G 73 18.05 -29.00 22.25
C ALA G 73 18.73 -27.65 22.12
N GLU G 74 20.07 -27.63 22.11
CA GLU G 74 20.79 -26.38 21.89
C GLU G 74 20.48 -25.82 20.50
N ARG G 75 20.39 -26.70 19.50
CA ARG G 75 20.07 -26.24 18.15
C ARG G 75 18.67 -25.65 18.08
N ALA G 76 17.71 -26.27 18.78
CA ALA G 76 16.36 -25.73 18.81
C ALA G 76 16.33 -24.40 19.56
N GLY G 77 17.14 -24.27 20.61
CA GLY G 77 17.22 -23.01 21.31
C GLY G 77 17.91 -21.93 20.49
N SER G 78 18.96 -22.29 19.75
CA SER G 78 19.65 -21.32 18.92
C SER G 78 18.78 -20.88 17.75
N GLY G 79 18.04 -21.81 17.15
CA GLY G 79 17.12 -21.44 16.08
C GLY G 79 15.97 -20.59 16.58
N LYS G 80 15.38 -20.96 17.71
CA LYS G 80 14.30 -20.18 18.28
C LYS G 80 14.76 -18.77 18.62
N ALA G 81 15.95 -18.65 19.21
CA ALA G 81 16.48 -17.33 19.55
C ALA G 81 16.77 -16.52 18.29
N TYR G 82 17.28 -17.16 17.24
CA TYR G 82 17.55 -16.45 16.00
C TYR G 82 16.26 -15.94 15.37
N PHE G 83 15.19 -16.75 15.41
CA PHE G 83 13.92 -16.31 14.85
C PHE G 83 13.36 -15.11 15.60
N LEU G 84 13.41 -15.14 16.92
CA LEU G 84 12.87 -14.02 17.70
C LEU G 84 13.64 -12.74 17.43
N HIS G 85 14.95 -12.85 17.22
CA HIS G 85 15.73 -11.66 16.87
C HIS G 85 15.41 -11.19 15.46
N ALA G 86 15.11 -12.11 14.55
CA ALA G 86 14.83 -11.74 13.16
C ALA G 86 13.40 -11.24 12.97
N LEU G 87 12.50 -11.54 13.90
CA LEU G 87 11.09 -11.22 13.70
C LEU G 87 10.84 -9.72 13.58
N PRO G 88 11.40 -8.86 14.43
CA PRO G 88 11.23 -7.41 14.19
C PRO G 88 11.80 -6.99 12.85
N LYS G 89 12.86 -7.64 12.37
CA LYS G 89 13.44 -7.27 11.08
C LYS G 89 12.52 -7.66 9.93
N ALA G 90 11.87 -8.81 10.02
CA ALA G 90 10.91 -9.22 8.99
C ALA G 90 9.72 -8.27 8.97
N VAL G 91 9.15 -7.98 10.14
CA VAL G 91 8.00 -7.07 10.21
C VAL G 91 8.36 -5.73 9.57
N ASP G 92 9.53 -5.18 9.90
CA ASP G 92 9.89 -3.87 9.38
C ASP G 92 10.13 -3.92 7.88
N SER G 93 10.68 -5.03 7.35
CA SER G 93 10.87 -5.13 5.92
C SER G 93 9.54 -5.18 5.18
N ILE G 94 8.54 -5.87 5.75
CA ILE G 94 7.20 -5.86 5.18
C ILE G 94 6.61 -4.46 5.24
N ARG G 95 6.75 -3.81 6.39
CA ARG G 95 6.17 -2.49 6.61
C ARG G 95 6.81 -1.45 5.69
N ARG G 96 8.15 -1.43 5.62
CA ARG G 96 8.84 -0.39 4.86
C ARG G 96 8.64 -0.56 3.36
N ALA G 97 8.60 -1.81 2.88
CA ALA G 97 8.43 -2.05 1.45
C ALA G 97 7.01 -1.67 1.00
N ALA G 98 6.00 -2.06 1.77
CA ALA G 98 4.62 -1.72 1.42
C ALA G 98 4.36 -0.23 1.52
N TYR G 99 4.99 0.43 2.49
CA TYR G 99 4.81 1.87 2.65
C TYR G 99 5.39 2.63 1.47
N LEU G 100 6.59 2.26 1.02
CA LEU G 100 7.15 2.88 -0.18
C LEU G 100 6.28 2.60 -1.40
N LYS G 101 5.81 1.37 -1.55
CA LYS G 101 4.96 1.05 -2.70
C LYS G 101 3.71 1.91 -2.72
N GLY G 102 3.12 2.18 -1.55
CA GLY G 102 1.96 3.05 -1.50
C GLY G 102 2.26 4.46 -1.99
N HIS G 103 3.40 5.01 -1.57
CA HIS G 103 3.82 6.31 -2.09
C HIS G 103 3.90 6.28 -3.60
N LEU G 104 4.59 5.26 -4.15
CA LEU G 104 4.83 5.22 -5.58
C LEU G 104 3.53 5.03 -6.35
N ASP G 105 2.60 4.22 -5.81
CA ASP G 105 1.37 3.94 -6.54
C ASP G 105 0.46 5.17 -6.59
N GLU G 106 0.39 5.94 -5.49
CA GLU G 106 -0.47 7.12 -5.46
C GLU G 106 -0.05 8.11 -6.55
N TYR G 107 1.25 8.42 -6.63
CA TYR G 107 1.70 9.43 -7.58
C TYR G 107 1.75 8.90 -9.00
N LEU G 108 2.18 7.65 -9.17
CA LEU G 108 2.14 7.03 -10.50
C LEU G 108 0.72 7.03 -11.06
N ASN G 109 -0.25 6.63 -10.23
CA ASN G 109 -1.64 6.63 -10.66
C ASN G 109 -2.11 8.03 -11.04
N LEU G 110 -1.78 9.03 -10.22
CA LEU G 110 -2.19 10.41 -10.53
C LEU G 110 -1.65 10.86 -11.88
N LEU G 111 -0.37 10.60 -12.15
CA LEU G 111 0.19 10.98 -13.44
C LEU G 111 -0.41 10.16 -14.57
N GLU G 112 -0.57 8.85 -14.38
CA GLU G 112 -1.09 7.98 -15.44
C GLU G 112 -2.49 8.41 -15.86
N LYS G 113 -3.36 8.73 -14.89
CA LYS G 113 -4.74 9.10 -15.18
C LYS G 113 -4.89 10.55 -15.60
N SER G 114 -3.86 11.38 -15.41
CA SER G 114 -3.88 12.77 -15.88
C SER G 114 -3.53 12.79 -17.37
N SER G 115 -4.44 12.20 -18.15
CA SER G 115 -4.26 11.98 -19.57
C SER G 115 -5.58 12.28 -20.28
N GLY G 116 -5.49 12.92 -21.44
CA GLY G 116 -6.67 13.31 -22.18
C GLY G 116 -6.50 14.66 -22.84
N GLY G 117 -6.71 14.71 -24.15
CA GLY G 117 -6.49 15.95 -24.88
C GLY G 117 -5.04 16.35 -24.76
N ASN G 118 -4.81 17.63 -24.44
CA ASN G 118 -3.45 18.13 -24.30
C ASN G 118 -2.73 17.49 -23.12
N ASN G 119 -3.49 17.02 -22.12
CA ASN G 119 -2.87 16.46 -20.92
C ASN G 119 -2.17 15.14 -21.25
N LYS G 120 -0.87 15.10 -21.03
CA LYS G 120 -0.05 13.92 -21.27
C LYS G 120 1.06 13.96 -20.21
N CYS G 121 0.82 13.29 -19.09
CA CYS G 121 1.70 13.42 -17.92
C CYS G 121 2.73 12.30 -17.82
N LEU G 122 2.41 11.10 -18.25
CA LEU G 122 3.39 10.03 -18.40
C LEU G 122 3.61 9.82 -19.88
N VAL G 123 4.77 10.22 -20.38
CA VAL G 123 5.09 10.09 -21.79
C VAL G 123 6.20 9.07 -21.95
N THR G 124 6.49 8.71 -23.20
CA THR G 124 7.54 7.75 -23.48
C THR G 124 8.86 8.46 -23.76
N THR G 125 9.09 8.83 -25.04
CA THR G 125 10.32 9.49 -25.45
C THR G 125 10.13 10.92 -25.92
N ASP G 126 8.90 11.33 -26.25
CA ASP G 126 8.64 12.69 -26.71
C ASP G 126 7.40 13.23 -26.02
N ASP G 127 7.14 14.52 -26.23
CA ASP G 127 6.08 15.20 -25.49
C ASP G 127 4.68 14.77 -25.93
N ALA G 128 4.53 14.13 -27.09
CA ALA G 128 3.22 13.92 -27.69
C ALA G 128 2.70 12.49 -27.55
N THR G 129 3.50 11.56 -27.03
CA THR G 129 3.13 10.15 -26.95
C THR G 129 2.84 9.82 -25.49
N VAL G 130 1.56 9.72 -25.14
CA VAL G 130 1.16 9.43 -23.78
C VAL G 130 1.17 7.92 -23.57
N ALA G 131 1.53 7.50 -22.36
CA ALA G 131 1.58 6.07 -22.05
C ALA G 131 0.17 5.52 -21.89
N THR G 132 -0.05 4.31 -22.39
CA THR G 132 -1.34 3.64 -22.30
C THR G 132 -1.13 2.21 -21.84
N ARG G 133 -2.20 1.62 -21.30
CA ARG G 133 -2.19 0.24 -20.86
C ARG G 133 -2.41 -0.70 -22.03
N GLY G 134 -1.61 -1.76 -22.11
CA GLY G 134 -1.77 -2.78 -23.12
C GLY G 134 -2.75 -3.85 -22.66
N GLY G 135 -2.95 -4.84 -23.55
CA GLY G 135 -3.85 -5.94 -23.22
C GLY G 135 -3.46 -6.68 -21.96
N ASP G 136 -2.16 -6.88 -21.76
CA ASP G 136 -1.62 -7.48 -20.55
C ASP G 136 -1.51 -6.48 -19.39
N GLN G 137 -2.14 -5.32 -19.51
CA GLN G 137 -2.10 -4.26 -18.48
C GLN G 137 -0.70 -3.70 -18.26
N LYS G 138 0.23 -3.94 -19.17
CA LYS G 138 1.50 -3.23 -19.10
C LYS G 138 1.32 -1.79 -19.57
N LEU G 139 2.10 -0.90 -18.97
CA LEU G 139 2.01 0.53 -19.25
C LEU G 139 3.15 0.91 -20.18
N ALA G 140 2.85 1.14 -21.45
CA ALA G 140 3.85 1.39 -22.47
C ALA G 140 4.96 0.34 -22.38
N GLY G 141 4.55 -0.92 -22.25
CA GLY G 141 5.47 -2.06 -22.23
C GLY G 141 6.13 -2.37 -20.91
N LYS G 142 5.79 -1.65 -19.84
CA LYS G 142 6.43 -1.83 -18.53
C LYS G 142 5.45 -2.47 -17.55
N ASN G 143 5.99 -3.34 -16.67
CA ASN G 143 5.23 -3.80 -15.53
C ASN G 143 4.92 -2.61 -14.64
N CYS G 144 3.64 -2.36 -14.38
CA CYS G 144 3.24 -1.23 -13.54
C CYS G 144 1.95 -1.61 -12.81
N LYS G 145 2.08 -2.51 -11.84
CA LYS G 145 0.92 -2.96 -11.07
C LYS G 145 0.77 -2.06 -9.85
N LEU G 146 -0.26 -1.21 -9.86
CA LEU G 146 -0.47 -0.20 -8.82
C LEU G 146 -1.40 -0.69 -7.74
N SER G 147 -1.27 -1.95 -7.33
CA SER G 147 -2.08 -2.52 -6.27
C SER G 147 -1.37 -3.73 -5.70
N LEU G 148 -1.88 -4.20 -4.56
CA LEU G 148 -1.35 -5.38 -3.89
C LEU G 148 -2.11 -6.63 -4.33
N SER G 149 -1.38 -7.66 -4.74
CA SER G 149 -1.98 -8.95 -5.03
C SER G 149 -2.29 -9.70 -3.74
N PRO G 150 -3.17 -10.70 -3.80
CA PRO G 150 -3.41 -11.52 -2.60
C PRO G 150 -2.11 -12.11 -2.10
N LEU G 151 -1.96 -12.15 -0.78
CA LEU G 151 -0.74 -12.63 -0.17
C LEU G 151 -0.58 -14.12 -0.44
N LYS G 152 0.56 -14.51 -0.99
CA LYS G 152 0.87 -15.90 -1.31
C LYS G 152 2.30 -16.18 -0.87
N PRO G 153 2.57 -17.29 -0.19
CA PRO G 153 3.95 -17.57 0.24
C PRO G 153 4.86 -18.04 -0.89
N VAL G 154 5.35 -17.12 -1.71
CA VAL G 154 6.24 -17.48 -2.81
C VAL G 154 7.40 -16.48 -2.87
N ASP G 155 8.57 -16.98 -3.22
CA ASP G 155 9.71 -16.08 -3.39
C ASP G 155 9.43 -15.14 -4.57
N ALA G 156 9.91 -13.92 -4.47
CA ALA G 156 9.66 -12.90 -5.50
C ALA G 156 10.87 -12.00 -5.60
N ALA G 157 11.44 -11.90 -6.80
CA ALA G 157 12.68 -11.15 -6.97
C ALA G 157 12.46 -9.67 -6.65
N LEU G 158 13.42 -9.11 -5.92
CA LEU G 158 13.49 -7.67 -5.67
C LEU G 158 14.89 -7.23 -6.09
N THR G 159 15.00 -6.63 -7.28
CA THR G 159 16.29 -6.32 -7.88
C THR G 159 16.64 -4.84 -7.91
N TYR G 160 15.64 -3.96 -7.83
CA TYR G 160 15.91 -2.52 -7.85
C TYR G 160 16.45 -2.01 -6.51
N ILE G 161 16.20 -2.72 -5.43
CA ILE G 161 16.76 -2.38 -4.12
C ILE G 161 17.27 -3.66 -3.48
N THR G 162 18.56 -3.68 -3.11
CA THR G 162 19.19 -4.85 -2.50
C THR G 162 20.02 -4.40 -1.31
N LYS G 163 20.74 -5.36 -0.71
CA LYS G 163 21.66 -5.00 0.38
C LYS G 163 22.71 -4.02 -0.09
N ALA G 164 23.10 -4.10 -1.36
CA ALA G 164 24.12 -3.21 -1.92
C ALA G 164 23.61 -1.80 -2.18
N GLY G 165 22.29 -1.59 -2.17
CA GLY G 165 21.68 -0.30 -2.38
C GLY G 165 20.65 -0.38 -3.48
N VAL G 166 20.34 0.77 -4.07
CA VAL G 166 19.39 0.84 -5.16
C VAL G 166 20.12 0.63 -6.48
N GLY G 167 19.37 0.28 -7.51
CA GLY G 167 19.94 0.10 -8.83
C GLY G 167 18.92 0.29 -9.93
N LYS G 168 19.43 0.49 -11.14
CA LYS G 168 18.65 0.52 -12.37
C LYS G 168 17.70 1.71 -12.46
N LEU G 169 17.88 2.73 -11.63
CA LEU G 169 17.13 3.96 -11.70
C LEU G 169 18.02 5.09 -12.20
N ARG G 170 17.38 6.15 -12.69
CA ARG G 170 18.08 7.39 -12.98
C ARG G 170 18.23 8.21 -11.72
N TYR G 171 19.32 8.99 -11.66
CA TYR G 171 19.62 9.82 -10.51
C TYR G 171 20.05 11.21 -10.97
N ASP G 172 19.99 12.17 -10.05
CA ASP G 172 20.68 13.45 -10.15
C ASP G 172 20.05 14.43 -11.13
N ASP G 173 19.59 13.96 -12.27
CA ASP G 173 19.30 14.85 -13.39
C ASP G 173 18.09 15.73 -13.10
N GLY G 174 17.97 16.80 -13.88
CA GLY G 174 16.82 17.67 -13.82
C GLY G 174 17.05 18.89 -12.95
N GLY G 175 15.94 19.54 -12.61
CA GLY G 175 15.94 20.67 -11.72
C GLY G 175 16.12 22.02 -12.38
N ALA G 176 16.08 22.10 -13.70
CA ALA G 176 16.27 23.37 -14.40
C ALA G 176 15.57 23.34 -15.75
N GLY G 177 16.20 23.91 -16.79
CA GLY G 177 15.59 24.02 -18.10
C GLY G 177 16.16 23.13 -19.17
N GLY G 178 16.95 22.12 -18.82
CA GLY G 178 17.61 21.27 -19.80
C GLY G 178 16.77 20.15 -20.36
N ASN G 179 15.55 19.96 -19.88
CA ASN G 179 14.67 18.89 -20.35
C ASN G 179 15.38 17.54 -20.27
N ALA G 180 15.96 17.27 -19.09
CA ALA G 180 16.59 15.98 -18.84
C ALA G 180 15.59 14.93 -18.37
N VAL G 181 14.54 15.34 -17.68
CA VAL G 181 13.55 14.40 -17.16
C VAL G 181 12.19 14.54 -17.83
N THR G 182 11.90 15.67 -18.46
CA THR G 182 10.72 15.88 -19.29
C THR G 182 11.19 16.32 -20.69
N PRO G 183 10.48 15.92 -21.75
CA PRO G 183 10.85 16.43 -23.08
C PRO G 183 10.43 17.89 -23.23
N SER G 184 11.13 18.59 -24.13
CA SER G 184 10.80 19.99 -24.38
C SER G 184 9.35 20.10 -24.85
N LYS G 185 8.63 21.06 -24.28
CA LYS G 185 7.23 21.28 -24.61
C LYS G 185 7.16 21.97 -25.97
N SER G 186 6.89 21.18 -27.01
CA SER G 186 6.95 21.65 -28.38
C SER G 186 5.67 22.32 -28.84
N GLY G 187 4.55 22.09 -28.16
CA GLY G 187 3.28 22.65 -28.60
C GLY G 187 2.20 22.62 -27.53
N VAL G 188 1.08 21.96 -27.81
CA VAL G 188 -0.05 21.97 -26.89
C VAL G 188 0.09 20.92 -25.79
N HIS G 189 0.90 19.88 -25.99
CA HIS G 189 1.02 18.81 -25.02
C HIS G 189 1.63 19.35 -23.73
N ALA G 190 1.00 19.04 -22.59
CA ALA G 190 1.41 19.63 -21.32
C ALA G 190 1.07 18.70 -20.17
N CYS G 191 1.76 18.92 -19.06
CA CYS G 191 1.40 18.28 -17.78
C CYS G 191 1.72 19.29 -16.67
N LYS G 192 0.70 20.02 -16.22
CA LYS G 192 0.92 21.07 -15.24
C LYS G 192 1.27 20.54 -13.85
N LEU G 193 1.14 19.23 -13.61
CA LEU G 193 1.39 18.69 -12.29
C LEU G 193 2.87 18.69 -11.92
N LEU G 194 3.77 18.70 -12.90
CA LEU G 194 5.16 18.42 -12.62
C LEU G 194 5.95 19.64 -12.18
N ILE G 195 5.34 20.82 -12.16
CA ILE G 195 5.99 22.04 -11.71
C ILE G 195 5.02 22.81 -10.83
N ALA G 196 5.42 23.14 -9.61
CA ALA G 196 4.56 23.86 -8.69
C ALA G 196 4.79 25.37 -8.82
N HIS G 197 4.55 25.85 -10.05
CA HIS G 197 4.81 27.23 -10.45
C HIS G 197 3.84 27.59 -11.57
N ASN G 198 3.58 28.89 -11.73
CA ASN G 198 2.44 29.30 -12.55
C ASN G 198 2.75 29.37 -14.04
N THR G 199 4.01 29.54 -14.45
CA THR G 199 4.29 29.73 -15.87
C THR G 199 3.97 28.48 -16.67
N ALA G 200 4.47 27.32 -16.22
CA ALA G 200 4.25 26.06 -16.92
C ALA G 200 3.72 24.96 -16.00
N GLY G 201 3.30 25.30 -14.79
CA GLY G 201 2.83 24.30 -13.85
C GLY G 201 1.45 24.62 -13.30
N TYR G 202 1.14 24.08 -12.12
CA TYR G 202 -0.18 24.23 -11.53
C TYR G 202 -0.24 25.34 -10.49
N GLY G 203 0.86 26.03 -10.25
CA GLY G 203 0.82 27.17 -9.34
C GLY G 203 -0.08 28.26 -9.86
N ASP G 204 -0.72 28.98 -8.93
CA ASP G 204 -1.58 30.10 -9.25
C ASP G 204 -0.89 31.40 -8.88
N GLY G 205 -0.60 32.22 -9.89
CA GLY G 205 0.02 33.51 -9.69
C GLY G 205 1.46 33.47 -9.24
N GLY G 206 2.03 32.29 -9.03
CA GLY G 206 3.39 32.17 -8.55
C GLY G 206 3.64 30.78 -8.04
N GLY G 207 4.87 30.56 -7.61
CA GLY G 207 5.28 29.27 -7.11
C GLY G 207 4.89 29.07 -5.65
N VAL G 208 5.08 27.84 -5.20
CA VAL G 208 4.85 27.48 -3.80
C VAL G 208 6.10 27.85 -3.00
N THR G 209 6.05 27.59 -1.69
CA THR G 209 7.11 28.05 -0.80
C THR G 209 8.42 27.30 -1.01
N ALA G 210 8.35 25.99 -1.28
CA ALA G 210 9.57 25.21 -1.38
C ALA G 210 9.33 23.97 -2.24
N ASP G 211 10.42 23.41 -2.75
CA ASP G 211 10.35 22.20 -3.56
C ASP G 211 9.61 21.11 -2.80
N ILE G 212 8.94 20.23 -3.55
CA ILE G 212 8.05 19.22 -2.97
C ILE G 212 8.60 17.83 -3.30
N ASP G 213 8.79 17.01 -2.27
CA ASP G 213 9.20 15.64 -2.48
C ASP G 213 8.01 14.81 -2.95
N VAL G 214 8.17 14.15 -4.09
CA VAL G 214 7.19 13.20 -4.61
C VAL G 214 7.92 11.88 -4.84
N PHE G 215 7.15 10.83 -5.12
CA PHE G 215 7.70 9.47 -5.16
C PHE G 215 8.47 9.19 -3.87
N ALA G 216 7.93 9.67 -2.75
CA ALA G 216 8.56 9.51 -1.45
C ALA G 216 9.96 10.13 -1.41
N GLY G 217 10.21 11.13 -2.24
CA GLY G 217 11.48 11.82 -2.26
C GLY G 217 12.43 11.39 -3.34
N TYR G 218 12.07 10.41 -4.17
CA TYR G 218 12.90 10.07 -5.31
C TYR G 218 12.99 11.23 -6.29
N MET G 219 12.01 12.13 -6.28
CA MET G 219 11.93 13.23 -7.22
C MET G 219 11.42 14.47 -6.51
N LYS G 220 11.92 15.63 -6.92
CA LYS G 220 11.44 16.91 -6.41
C LYS G 220 10.70 17.68 -7.49
N VAL G 221 9.47 18.07 -7.19
CA VAL G 221 8.73 19.03 -8.01
C VAL G 221 9.11 20.43 -7.55
N LYS G 222 9.56 21.26 -8.50
CA LYS G 222 10.20 22.52 -8.15
C LYS G 222 9.18 23.61 -7.89
N ALA G 223 9.50 24.49 -6.93
CA ALA G 223 8.69 25.67 -6.68
C ALA G 223 9.02 26.79 -7.65
N THR G 224 10.00 26.60 -8.52
CA THR G 224 10.40 27.57 -9.53
C THR G 224 10.10 27.00 -10.90
N ASP G 225 10.27 27.83 -11.93
CA ASP G 225 10.03 27.41 -13.31
C ASP G 225 11.17 26.50 -13.73
N ALA G 226 11.06 25.22 -13.36
CA ALA G 226 12.11 24.25 -13.61
C ALA G 226 11.52 22.85 -13.53
N GLU G 227 12.03 21.95 -14.38
CA GLU G 227 11.56 20.58 -14.40
C GLU G 227 11.99 19.84 -13.13
N PRO G 228 11.37 18.69 -12.84
CA PRO G 228 11.68 17.98 -11.59
C PRO G 228 13.15 17.58 -11.50
N LYS G 229 13.61 17.44 -10.25
CA LYS G 229 14.99 17.10 -9.92
C LYS G 229 15.04 15.71 -9.32
N LEU G 230 15.84 14.82 -9.92
CA LEU G 230 15.99 13.47 -9.40
C LEU G 230 16.97 13.45 -8.24
N ALA G 231 16.66 12.65 -7.22
CA ALA G 231 17.53 12.51 -6.06
C ALA G 231 18.83 11.81 -6.45
N ALA G 232 19.87 12.05 -5.65
CA ALA G 232 21.13 11.35 -5.78
C ALA G 232 20.99 9.90 -5.30
N LYS G 233 21.78 9.01 -5.92
CA LYS G 233 21.76 7.61 -5.54
C LYS G 233 21.99 7.44 -4.04
N SER G 234 22.95 8.19 -3.48
CA SER G 234 23.30 8.03 -2.07
C SER G 234 22.18 8.48 -1.14
N ASP G 235 21.31 9.39 -1.61
CA ASP G 235 20.20 9.83 -0.78
C ASP G 235 19.16 8.74 -0.59
N LEU G 236 19.18 7.69 -1.42
CA LEU G 236 18.21 6.62 -1.35
C LEU G 236 18.71 5.42 -0.55
N GLU G 237 19.88 5.51 0.06
CA GLU G 237 20.53 4.37 0.68
C GLU G 237 20.92 4.70 2.12
N GLU G 238 21.10 3.65 2.92
CA GLU G 238 21.50 3.80 4.31
C GLU G 238 22.70 4.73 4.43
N GLY G 239 22.64 5.66 5.38
CA GLY G 239 23.72 6.59 5.61
C GLY G 239 23.66 7.84 4.75
N GLY G 240 22.70 7.91 3.84
CA GLY G 240 22.61 9.02 2.92
C GLY G 240 22.09 10.29 3.58
N GLY G 241 22.05 11.36 2.79
CA GLY G 241 21.51 12.62 3.25
C GLY G 241 20.01 12.57 3.41
N GLY G 242 19.37 13.74 3.50
CA GLY G 242 17.95 13.79 3.73
C GLY G 242 17.13 13.90 2.46
N GLY G 243 15.82 13.83 2.64
CA GLY G 243 14.85 14.03 1.58
C GLY G 243 14.13 12.78 1.12
N ALA G 244 14.66 11.59 1.41
CA ALA G 244 14.04 10.35 0.95
C ALA G 244 14.14 9.27 2.03
N GLU G 245 13.58 9.57 3.21
CA GLU G 245 13.73 8.66 4.34
C GLU G 245 13.10 7.30 4.06
N ALA G 246 11.97 7.28 3.33
CA ALA G 246 11.30 6.02 3.07
C ALA G 246 12.17 5.09 2.23
N TRP G 247 13.02 5.65 1.38
CA TRP G 247 13.93 4.82 0.59
C TRP G 247 15.08 4.29 1.46
N LYS G 248 15.71 5.17 2.24
CA LYS G 248 16.80 4.73 3.10
C LYS G 248 16.33 3.69 4.10
N ALA G 249 15.16 3.92 4.70
CA ALA G 249 14.66 2.98 5.70
C ALA G 249 14.39 1.61 5.11
N LEU G 250 13.94 1.55 3.85
CA LEU G 250 13.72 0.26 3.21
C LEU G 250 15.04 -0.43 2.90
N HIS G 251 16.03 0.33 2.41
CA HIS G 251 17.35 -0.26 2.19
C HIS G 251 17.92 -0.80 3.49
N THR G 252 17.86 -0.01 4.56
CA THR G 252 18.33 -0.47 5.86
C THR G 252 17.62 -1.76 6.28
N ALA G 253 16.29 -1.77 6.17
CA ALA G 253 15.53 -2.96 6.53
C ALA G 253 15.97 -4.18 5.71
N ILE G 254 16.28 -3.98 4.42
CA ILE G 254 16.73 -5.09 3.59
C ILE G 254 18.13 -5.53 3.98
N LYS G 255 19.00 -4.58 4.31
CA LYS G 255 20.35 -4.92 4.73
C LYS G 255 20.34 -5.81 5.96
N GLN G 256 19.38 -5.60 6.85
CA GLN G 256 19.34 -6.27 8.14
C GLN G 256 18.44 -7.49 8.13
N GLU G 257 18.02 -7.96 6.95
CA GLU G 257 17.17 -9.13 6.85
C GLU G 257 17.92 -10.39 7.28
N ALA G 258 17.19 -11.32 7.87
CA ALA G 258 17.79 -12.54 8.38
C ALA G 258 18.10 -13.49 7.23
N ASP G 259 19.04 -14.41 7.50
CA ASP G 259 19.49 -15.40 6.53
C ASP G 259 18.76 -16.71 6.77
N ALA G 260 18.09 -17.22 5.73
CA ALA G 260 17.35 -18.46 5.86
C ALA G 260 18.26 -19.67 6.07
N GLU G 261 19.55 -19.55 5.71
CA GLU G 261 20.51 -20.62 5.91
C GLU G 261 21.53 -20.28 7.00
N ALA G 262 21.15 -19.41 7.93
CA ALA G 262 22.07 -18.98 8.98
C ALA G 262 22.57 -20.20 9.77
N ALA G 263 23.80 -20.07 10.27
CA ALA G 263 24.39 -21.14 11.07
C ALA G 263 23.54 -21.44 12.31
N GLU G 264 22.86 -20.44 12.85
CA GLU G 264 22.06 -20.64 14.06
C GLU G 264 20.88 -21.57 13.82
N LEU G 265 20.53 -21.83 12.56
CA LEU G 265 19.38 -22.64 12.21
C LEU G 265 19.75 -24.00 11.63
N THR G 266 21.00 -24.20 11.18
CA THR G 266 21.36 -25.18 10.11
C THR G 266 22.52 -26.08 10.57
N ASN G 267 22.33 -26.83 11.63
CA ASN G 267 23.11 -28.07 11.92
C ASN G 267 24.57 -27.63 12.05
N GLU G 268 25.49 -28.55 12.19
CA GLU G 268 26.92 -28.29 11.87
C GLU G 268 27.57 -29.59 11.40
N THR G 269 28.53 -29.49 10.46
CA THR G 269 28.91 -30.56 9.54
C THR G 269 30.39 -30.89 9.64
N ARG G 275 33.52 -29.46 16.01
CA ARG G 275 32.15 -28.95 16.13
C ARG G 275 31.92 -28.35 17.50
N ARG G 276 31.78 -27.02 17.55
CA ARG G 276 31.70 -26.32 18.83
C ARG G 276 30.54 -26.84 19.69
N HIS G 277 29.39 -27.08 19.08
CA HIS G 277 28.18 -27.36 19.85
C HIS G 277 28.02 -28.83 20.24
N PHE G 278 28.56 -29.78 19.47
CA PHE G 278 28.67 -31.14 19.96
C PHE G 278 29.55 -31.21 21.21
N LEU G 279 30.70 -30.53 21.16
CA LEU G 279 31.63 -30.57 22.28
C LEU G 279 31.01 -29.99 23.55
N ALA G 280 30.25 -28.90 23.40
CA ALA G 280 29.62 -28.30 24.58
C ALA G 280 28.58 -29.23 25.18
N ALA G 281 27.77 -29.89 24.35
CA ALA G 281 26.77 -30.82 24.86
C ALA G 281 27.43 -31.96 25.63
N ALA G 282 28.45 -32.59 25.03
CA ALA G 282 29.14 -33.67 25.70
C ALA G 282 29.72 -33.22 27.05
N THR G 283 30.30 -32.02 27.07
CA THR G 283 30.93 -31.53 28.30
C THR G 283 29.95 -31.48 29.47
N ASN G 284 28.70 -31.09 29.20
CA ASN G 284 27.73 -30.85 30.27
C ASN G 284 26.99 -32.10 30.73
N VAL G 285 26.74 -33.05 29.82
CA VAL G 285 25.97 -34.25 30.16
C VAL G 285 26.86 -35.44 30.51
N LEU G 286 28.14 -35.41 30.17
CA LEU G 286 29.06 -36.48 30.52
C LEU G 286 30.01 -36.05 31.63
N LYS G 315 25.59 -42.74 11.78
CA LYS G 315 25.35 -44.15 12.09
C LYS G 315 24.36 -44.26 13.24
N ILE G 316 24.59 -43.49 14.31
CA ILE G 316 23.62 -43.46 15.40
C ILE G 316 22.35 -42.77 14.92
N ILE G 317 22.50 -41.76 14.06
CA ILE G 317 21.36 -41.08 13.48
C ILE G 317 20.51 -42.04 12.66
N GLU G 318 21.15 -42.89 11.84
CA GLU G 318 20.41 -43.79 10.98
C GLU G 318 19.62 -44.82 11.80
N LEU G 319 20.19 -45.30 12.89
CA LEU G 319 19.45 -46.24 13.74
C LEU G 319 18.22 -45.57 14.36
N ILE G 320 18.36 -44.32 14.81
CA ILE G 320 17.21 -43.62 15.37
C ILE G 320 16.12 -43.52 14.32
N GLU G 321 16.48 -43.09 13.10
CA GLU G 321 15.48 -42.90 12.05
C GLU G 321 14.80 -44.21 11.69
N LYS G 322 15.56 -45.31 11.67
CA LYS G 322 15.05 -46.59 11.21
C LYS G 322 14.42 -47.43 12.32
N GLU G 323 14.43 -46.96 13.57
CA GLU G 323 13.85 -47.73 14.66
C GLU G 323 12.36 -47.96 14.43
N LEU G 324 11.92 -49.20 14.57
CA LEU G 324 10.53 -49.54 14.35
C LEU G 324 9.73 -49.25 15.60
N ILE G 325 8.66 -48.47 15.45
CA ILE G 325 7.69 -48.20 16.52
C ILE G 325 6.46 -49.02 16.17
N VAL G 326 6.23 -50.09 16.92
CA VAL G 326 5.21 -51.07 16.54
C VAL G 326 3.82 -50.54 16.85
N LYS G 327 2.85 -51.04 16.09
CA LYS G 327 1.45 -50.75 16.35
C LYS G 327 1.10 -50.98 17.81
N GLY G 328 0.26 -50.10 18.36
CA GLY G 328 -0.12 -50.17 19.75
C GLY G 328 0.76 -49.37 20.69
N THR G 329 1.99 -49.08 20.29
CA THR G 329 2.88 -48.26 21.09
C THR G 329 2.34 -46.85 21.17
N ALA G 330 2.03 -46.40 22.39
CA ALA G 330 1.36 -45.12 22.60
C ALA G 330 0.06 -45.04 21.80
N ASN G 331 -0.60 -46.18 21.64
CA ASN G 331 -1.87 -46.29 20.94
C ASN G 331 -1.78 -45.92 19.47
N ARG G 332 -0.59 -46.02 18.87
CA ARG G 332 -0.47 -45.77 17.45
C ARG G 332 -1.11 -46.92 16.68
N ASP G 333 -1.70 -46.59 15.53
CA ASP G 333 -2.56 -47.53 14.82
C ASP G 333 -1.83 -48.38 13.80
N ALA G 334 -0.54 -48.12 13.55
CA ALA G 334 0.20 -48.87 12.55
C ALA G 334 1.69 -48.76 12.84
N ASP G 335 2.44 -49.75 12.38
CA ASP G 335 3.88 -49.68 12.46
C ASP G 335 4.41 -48.52 11.63
N GLU G 336 5.52 -47.94 12.08
CA GLU G 336 6.16 -46.84 11.37
C GLU G 336 7.57 -46.70 11.89
N SER G 337 8.46 -46.20 11.03
CA SER G 337 9.82 -45.90 11.44
C SER G 337 9.85 -44.60 12.22
N LEU G 338 10.66 -44.57 13.29
CA LEU G 338 10.71 -43.40 14.16
C LEU G 338 11.09 -42.15 13.38
N GLY G 339 11.93 -42.29 12.36
CA GLY G 339 12.35 -41.14 11.57
C GLY G 339 11.25 -40.53 10.72
N ASN G 340 10.09 -41.16 10.61
CA ASN G 340 8.95 -40.65 9.78
C ASN G 340 7.83 -40.14 10.68
N ILE G 341 7.98 -40.14 12.02
CA ILE G 341 6.99 -39.57 12.93
C ILE G 341 7.35 -38.10 13.12
N LYS G 342 6.43 -37.19 12.74
CA LYS G 342 6.81 -35.80 12.52
C LYS G 342 5.78 -34.82 13.09
N THR G 343 5.24 -35.11 14.27
CA THR G 343 4.49 -34.10 15.02
C THR G 343 4.89 -34.12 16.49
N LEU G 344 4.77 -32.95 17.13
CA LEU G 344 5.14 -32.83 18.54
C LEU G 344 4.20 -33.61 19.43
N LYS G 345 2.91 -33.68 19.08
CA LYS G 345 1.97 -34.47 19.87
C LYS G 345 2.35 -35.94 19.86
N GLU G 346 2.59 -36.49 18.67
CA GLU G 346 2.93 -37.91 18.57
C GLU G 346 4.26 -38.20 19.27
N LEU G 347 5.26 -37.36 19.03
CA LEU G 347 6.56 -37.59 19.66
C LEU G 347 6.51 -37.37 21.17
N GLY G 348 5.75 -36.38 21.62
CA GLY G 348 5.63 -36.17 23.05
C GLY G 348 4.90 -37.30 23.75
N GLU G 349 3.91 -37.90 23.09
CA GLU G 349 3.23 -39.05 23.66
C GLU G 349 4.12 -40.28 23.67
N LEU G 350 5.00 -40.43 22.69
CA LEU G 350 5.92 -41.57 22.70
C LEU G 350 6.94 -41.42 23.82
N LEU G 351 7.52 -40.23 23.98
CA LEU G 351 8.47 -39.99 25.06
C LEU G 351 7.82 -40.21 26.42
N SER G 352 6.58 -39.74 26.58
CA SER G 352 5.89 -39.96 27.85
C SER G 352 5.63 -41.44 28.10
N TYR G 353 5.19 -42.17 27.07
CA TYR G 353 4.95 -43.60 27.20
C TYR G 353 6.19 -44.34 27.69
N PHE G 354 7.34 -44.10 27.07
CA PHE G 354 8.54 -44.84 27.45
C PHE G 354 9.13 -44.33 28.75
N GLN G 355 8.98 -43.04 29.06
CA GLN G 355 9.41 -42.54 30.36
C GLN G 355 8.61 -43.20 31.48
N LEU G 356 7.30 -43.38 31.27
CA LEU G 356 6.49 -44.06 32.26
C LEU G 356 6.92 -45.52 32.42
N LYS G 357 7.15 -46.20 31.29
CA LYS G 357 7.63 -47.58 31.37
C LYS G 357 8.95 -47.67 32.14
N ASN G 358 9.89 -46.77 31.86
CA ASN G 358 11.15 -46.76 32.59
C ASN G 358 10.94 -46.52 34.08
N SER G 359 10.03 -45.60 34.43
CA SER G 359 9.70 -45.37 35.83
C SER G 359 9.15 -46.63 36.49
N ASN G 360 8.25 -47.34 35.78
CA ASN G 360 7.68 -48.57 36.32
C ASN G 360 8.72 -49.68 36.41
N THR G 361 9.68 -49.72 35.48
CA THR G 361 10.74 -50.72 35.53
C THR G 361 11.64 -50.51 36.73
N ILE G 362 11.96 -49.26 37.05
CA ILE G 362 12.85 -48.98 38.19
C ILE G 362 12.18 -49.34 39.52
N ASN G 363 10.92 -48.96 39.70
CA ASN G 363 10.23 -49.29 40.94
C ASN G 363 10.11 -50.80 41.11
N GLU G 364 9.81 -51.51 40.03
CA GLU G 364 9.65 -52.96 40.11
C GLU G 364 10.95 -53.63 40.52
N LEU G 365 12.07 -53.25 39.90
CA LEU G 365 13.36 -53.85 40.25
C LEU G 365 13.77 -53.50 41.67
N ARG G 366 13.57 -52.25 42.08
CA ARG G 366 13.96 -51.86 43.44
C ARG G 366 13.14 -52.60 44.49
N ASN G 367 11.84 -52.80 44.24
CA ASN G 367 11.03 -53.55 45.20
C ASN G 367 11.43 -55.01 45.24
N LYS G 368 11.68 -55.61 44.06
CA LYS G 368 12.12 -57.01 44.02
C LYS G 368 13.49 -57.18 44.67
N LEU G 369 14.42 -56.25 44.44
CA LEU G 369 15.78 -56.39 44.94
C LEU G 369 15.90 -56.10 46.43
N LYS G 370 14.97 -55.34 47.01
CA LYS G 370 15.03 -55.02 48.43
C LYS G 370 13.65 -55.07 49.06
N VAL H 1 59.25 -7.63 -1.25
CA VAL H 1 59.07 -8.51 -0.11
C VAL H 1 58.32 -7.78 1.00
N ASN H 2 57.27 -8.43 1.50
CA ASN H 2 56.39 -7.85 2.50
C ASN H 2 57.03 -7.86 3.89
N GLY H 3 56.45 -7.06 4.79
CA GLY H 3 56.81 -7.13 6.20
C GLY H 3 57.38 -5.85 6.80
N ALA H 4 57.63 -4.80 6.03
CA ALA H 4 58.17 -3.57 6.57
C ALA H 4 57.03 -2.61 6.95
N GLY H 5 57.40 -1.43 7.44
CA GLY H 5 56.44 -0.49 8.00
C GLY H 5 55.63 0.28 6.96
N LEU H 6 54.82 1.21 7.47
CA LEU H 6 53.86 1.95 6.66
C LEU H 6 54.49 3.21 6.08
N LEU H 7 54.42 3.35 4.75
CA LEU H 7 54.98 4.52 4.08
C LEU H 7 54.32 5.80 4.57
N GLN H 8 55.13 6.85 4.71
CA GLN H 8 54.63 8.14 5.17
C GLN H 8 53.66 8.77 4.19
N THR H 9 53.76 8.43 2.90
CA THR H 9 52.77 8.91 1.94
C THR H 9 51.37 8.40 2.27
N VAL H 10 51.27 7.34 3.07
CA VAL H 10 49.98 6.82 3.51
C VAL H 10 49.57 7.53 4.79
N TRP H 11 50.40 7.42 5.83
CA TRP H 11 50.00 7.93 7.15
C TRP H 11 50.30 9.41 7.35
N GLY H 12 50.99 10.06 6.43
CA GLY H 12 51.24 11.48 6.54
C GLY H 12 49.95 12.27 6.52
N PRO H 13 49.16 12.11 5.45
CA PRO H 13 47.89 12.85 5.37
C PRO H 13 46.92 12.49 6.48
N VAL H 14 46.91 11.23 6.95
CA VAL H 14 46.03 10.86 8.06
C VAL H 14 46.41 11.62 9.31
N CYS H 15 47.72 11.85 9.52
CA CYS H 15 48.16 12.66 10.65
C CYS H 15 47.65 14.09 10.53
N GLU H 16 47.78 14.69 9.35
CA GLU H 16 47.29 16.05 9.15
C GLU H 16 45.78 16.13 9.35
N LEU H 17 45.06 15.11 8.86
CA LEU H 17 43.61 15.09 9.00
C LEU H 17 43.21 15.04 10.47
N THR H 18 43.75 14.08 11.22
CA THR H 18 43.35 13.94 12.61
C THR H 18 43.70 15.18 13.42
N SER H 19 44.76 15.89 13.03
CA SER H 19 45.11 17.13 13.71
C SER H 19 44.09 18.24 13.43
N GLU H 20 43.47 18.22 12.24
CA GLU H 20 42.43 19.21 11.95
C GLU H 20 41.12 18.88 12.66
N LEU H 21 40.82 17.60 12.84
CA LEU H 21 39.58 17.21 13.52
C LEU H 21 39.56 17.71 14.97
N ASP H 22 40.72 18.00 15.55
CA ASP H 22 40.79 18.46 16.93
C ASP H 22 39.92 19.70 17.15
N GLY H 23 39.92 20.63 16.20
CA GLY H 23 39.21 21.88 16.33
C GLY H 23 37.83 21.94 15.70
N GLN H 24 37.27 20.80 15.26
CA GLN H 24 35.97 20.84 14.59
C GLN H 24 34.86 21.22 15.55
N ALA H 25 34.87 20.69 16.77
CA ALA H 25 33.77 20.95 17.69
C ALA H 25 33.68 22.44 18.03
N GLY H 26 34.81 23.09 18.29
CA GLY H 26 34.78 24.50 18.63
C GLY H 26 34.28 25.36 17.49
N ALA H 27 34.56 24.95 16.25
CA ALA H 27 34.01 25.67 15.10
C ALA H 27 32.51 25.47 15.00
N ALA H 28 32.04 24.23 15.20
CA ALA H 28 30.60 23.99 15.26
C ALA H 28 29.96 24.80 16.38
N LEU H 29 30.61 24.84 17.56
CA LEU H 29 30.09 25.64 18.66
C LEU H 29 29.95 27.11 18.27
N LYS H 30 30.94 27.66 17.57
CA LYS H 30 30.87 29.07 17.18
C LYS H 30 29.67 29.34 16.28
N LYS H 31 29.44 28.46 15.30
CA LYS H 31 28.31 28.67 14.38
C LYS H 31 26.98 28.57 15.09
N GLU H 32 26.86 27.74 16.12
CA GLU H 32 25.62 27.70 16.88
C GLU H 32 25.40 29.00 17.64
N GLN H 33 26.44 29.50 18.33
CA GLN H 33 26.33 30.75 19.06
C GLN H 33 25.96 31.91 18.14
N GLU H 34 26.53 31.92 16.92
CA GLU H 34 26.20 32.98 15.98
C GLU H 34 24.73 32.91 15.57
N MET H 35 24.22 31.70 15.35
CA MET H 35 22.81 31.55 15.01
C MET H 35 21.91 32.02 16.15
N LEU H 36 22.25 31.65 17.39
CA LEU H 36 21.43 32.05 18.53
C LEU H 36 21.42 33.55 18.72
N ALA H 37 22.49 34.24 18.33
CA ALA H 37 22.51 35.69 18.44
C ALA H 37 21.55 36.34 17.44
N LYS H 38 21.51 35.82 16.21
CA LYS H 38 20.55 36.32 15.23
C LYS H 38 19.12 36.18 15.76
N ILE H 39 18.82 35.03 16.36
CA ILE H 39 17.48 34.76 16.85
C ILE H 39 17.13 35.72 17.98
N ASN H 40 18.04 35.89 18.93
CA ASN H 40 17.83 36.85 20.01
C ASN H 40 17.64 38.26 19.49
N ASP H 41 18.36 38.63 18.42
CA ASP H 41 18.18 39.95 17.82
C ASP H 41 16.74 40.17 17.37
N MET H 42 16.11 39.14 16.79
CA MET H 42 14.73 39.28 16.35
C MET H 42 13.81 39.51 17.54
N GLN H 43 13.97 38.71 18.60
CA GLN H 43 13.10 38.81 19.77
C GLN H 43 13.23 40.18 20.42
N MET H 44 14.43 40.74 20.48
CA MET H 44 14.61 42.04 21.11
C MET H 44 14.08 43.18 20.24
N ALA H 45 14.17 43.05 18.92
CA ALA H 45 13.57 44.07 18.06
C ALA H 45 12.05 44.12 18.26
N GLN H 46 11.43 42.95 18.39
CA GLN H 46 10.00 42.92 18.73
C GLN H 46 9.72 43.73 19.99
N LEU H 47 10.50 43.50 21.05
CA LEU H 47 10.25 44.16 22.31
C LEU H 47 10.49 45.66 22.23
N ARG H 48 11.51 46.09 21.46
CA ARG H 48 11.78 47.52 21.34
C ARG H 48 10.65 48.23 20.60
N ALA H 49 10.12 47.61 19.54
CA ALA H 49 9.01 48.21 18.81
C ALA H 49 7.76 48.24 19.68
N ALA H 50 7.55 47.21 20.50
CA ALA H 50 6.40 47.19 21.39
C ALA H 50 6.55 48.21 22.51
N ILE H 51 7.77 48.37 23.05
CA ILE H 51 8.01 49.40 24.06
C ILE H 51 7.74 50.78 23.47
N TYR H 52 8.25 51.04 22.27
CA TYR H 52 8.07 52.35 21.66
C TYR H 52 6.59 52.68 21.49
N LEU H 53 5.81 51.71 21.01
CA LEU H 53 4.37 51.92 20.85
C LEU H 53 3.69 52.14 22.19
N ALA H 54 4.08 51.39 23.22
CA ALA H 54 3.48 51.58 24.53
C ALA H 54 3.88 52.92 25.14
N LYS H 55 5.12 53.35 24.90
CA LYS H 55 5.59 54.62 25.45
C LYS H 55 4.94 55.82 24.76
N ASN H 56 4.59 55.68 23.48
CA ASN H 56 4.07 56.79 22.68
C ASN H 56 2.76 56.38 22.02
N PRO H 57 1.67 56.28 22.80
CA PRO H 57 0.39 55.87 22.20
C PRO H 57 -0.07 56.77 21.08
N SER H 58 0.18 58.09 21.19
CA SER H 58 -0.29 59.04 20.19
C SER H 58 0.63 59.15 18.99
N THR H 59 1.57 58.21 18.83
CA THR H 59 2.49 58.24 17.71
C THR H 59 1.69 58.24 16.40
N PRO H 60 2.20 58.90 15.35
CA PRO H 60 1.58 58.76 14.03
C PRO H 60 1.90 57.44 13.35
N HIS H 61 2.79 56.62 13.91
CA HIS H 61 3.24 55.38 13.30
C HIS H 61 2.63 54.16 13.98
N GLN H 62 1.39 54.28 14.45
CA GLN H 62 0.77 53.17 15.19
C GLN H 62 0.70 51.91 14.33
N ASN H 63 0.11 52.02 13.14
CA ASN H 63 -0.03 50.86 12.28
C ASN H 63 1.33 50.30 11.90
N ALA H 64 2.30 51.17 11.62
CA ALA H 64 3.64 50.70 11.27
C ALA H 64 4.25 49.92 12.44
N LEU H 65 4.08 50.43 13.66
CA LEU H 65 4.60 49.73 14.83
C LEU H 65 3.86 48.43 15.09
N ALA H 66 2.58 48.37 14.74
CA ALA H 66 1.82 47.14 14.91
C ALA H 66 2.31 46.06 13.94
N VAL H 67 2.70 46.45 12.72
CA VAL H 67 3.25 45.50 11.78
C VAL H 67 4.63 45.04 12.22
N LEU H 68 5.47 45.98 12.67
CA LEU H 68 6.85 45.63 13.02
C LEU H 68 6.89 44.63 14.17
N THR H 69 6.13 44.91 15.24
CA THR H 69 6.12 43.99 16.37
C THR H 69 5.67 42.60 15.94
N ALA H 70 4.62 42.53 15.11
CA ALA H 70 4.14 41.24 14.63
C ALA H 70 5.15 40.57 13.71
N TYR H 71 5.84 41.35 12.88
CA TYR H 71 6.82 40.80 11.96
C TYR H 71 8.04 40.25 12.71
N TYR H 72 8.56 41.01 13.68
CA TYR H 72 9.69 40.51 14.45
C TYR H 72 9.31 39.30 15.29
N ALA H 73 8.08 39.25 15.80
CA ALA H 73 7.65 38.07 16.51
C ALA H 73 7.65 36.86 15.60
N GLU H 74 7.20 37.02 14.36
CA GLU H 74 7.24 35.93 13.39
C GLU H 74 8.67 35.54 13.06
N ARG H 75 9.57 36.52 12.99
CA ARG H 75 10.97 36.21 12.73
C ARG H 75 11.58 35.44 13.90
N ALA H 76 11.26 35.86 15.13
CA ALA H 76 11.77 35.15 16.30
C ALA H 76 11.34 33.70 16.30
N GLY H 77 10.08 33.44 15.95
CA GLY H 77 9.61 32.06 15.89
C GLY H 77 10.23 31.29 14.73
N SER H 78 10.35 31.94 13.58
CA SER H 78 10.94 31.28 12.42
C SER H 78 12.41 30.93 12.69
N GLY H 79 13.14 31.85 13.32
CA GLY H 79 14.53 31.56 13.67
C GLY H 79 14.65 30.49 14.73
N LYS H 80 13.78 30.53 15.74
CA LYS H 80 13.74 29.49 16.76
C LYS H 80 13.53 28.12 16.13
N ALA H 81 12.58 28.01 15.21
CA ALA H 81 12.32 26.73 14.55
C ALA H 81 13.53 26.27 13.75
N TYR H 82 14.19 27.19 13.03
CA TYR H 82 15.32 26.81 12.21
C TYR H 82 16.49 26.32 13.05
N PHE H 83 16.67 26.88 14.25
CA PHE H 83 17.76 26.44 15.11
C PHE H 83 17.50 25.05 15.65
N LEU H 84 16.24 24.73 15.98
CA LEU H 84 15.91 23.40 16.44
C LEU H 84 16.08 22.37 15.33
N HIS H 85 15.73 22.75 14.09
CA HIS H 85 16.00 21.87 12.96
C HIS H 85 17.49 21.74 12.70
N ALA H 86 18.26 22.80 12.94
CA ALA H 86 19.70 22.75 12.73
C ALA H 86 20.44 22.06 13.86
N LEU H 87 19.81 21.87 15.02
CA LEU H 87 20.54 21.38 16.19
C LEU H 87 21.02 19.95 16.01
N PRO H 88 20.18 18.99 15.58
CA PRO H 88 20.70 17.63 15.37
C PRO H 88 21.85 17.57 14.38
N LYS H 89 21.85 18.45 13.37
CA LYS H 89 22.92 18.43 12.38
C LYS H 89 24.23 18.91 12.97
N ALA H 90 24.20 19.95 13.83
CA ALA H 90 25.41 20.38 14.52
C ALA H 90 25.94 19.28 15.43
N VAL H 91 25.05 18.69 16.24
CA VAL H 91 25.48 17.66 17.19
C VAL H 91 26.11 16.49 16.46
N ASP H 92 25.50 16.03 15.37
CA ASP H 92 26.02 14.87 14.65
C ASP H 92 27.39 15.16 14.06
N SER H 93 27.61 16.38 13.54
CA SER H 93 28.91 16.70 12.96
C SER H 93 29.99 16.70 14.03
N ILE H 94 29.67 17.16 15.24
CA ILE H 94 30.62 17.10 16.34
C ILE H 94 30.91 15.65 16.69
N ARG H 95 29.86 14.84 16.83
CA ARG H 95 29.98 13.45 17.20
C ARG H 95 30.76 12.66 16.15
N ARG H 96 30.33 12.74 14.89
CA ARG H 96 31.00 11.99 13.83
C ARG H 96 32.45 12.42 13.67
N ALA H 97 32.72 13.72 13.79
CA ALA H 97 34.09 14.21 13.63
C ALA H 97 35.00 13.67 14.72
N ALA H 98 34.58 13.78 15.97
CA ALA H 98 35.41 13.29 17.08
C ALA H 98 35.57 11.78 17.00
N TYR H 99 34.52 11.07 16.57
CA TYR H 99 34.57 9.61 16.49
C TYR H 99 35.65 9.15 15.53
N LEU H 100 35.71 9.74 14.33
CA LEU H 100 36.76 9.37 13.38
C LEU H 100 38.14 9.67 13.96
N LYS H 101 38.29 10.82 14.62
CA LYS H 101 39.59 11.18 15.18
C LYS H 101 40.07 10.14 16.20
N GLY H 102 39.17 9.67 17.06
CA GLY H 102 39.55 8.66 18.03
C GLY H 102 40.00 7.38 17.38
N HIS H 103 39.29 6.95 16.33
CA HIS H 103 39.76 5.86 15.49
C HIS H 103 41.18 6.11 15.00
N LEU H 104 41.40 7.27 14.36
CA LEU H 104 42.70 7.56 13.78
C LEU H 104 43.78 7.63 14.85
N ASP H 105 43.45 8.21 16.01
CA ASP H 105 44.45 8.40 17.03
C ASP H 105 44.89 7.08 17.66
N GLU H 106 43.97 6.12 17.79
CA GLU H 106 44.32 4.84 18.40
C GLU H 106 45.33 4.09 17.54
N TYR H 107 45.09 4.02 16.23
CA TYR H 107 45.96 3.22 15.38
C TYR H 107 47.25 3.95 15.04
N LEU H 108 47.19 5.26 14.80
CA LEU H 108 48.42 6.03 14.61
C LEU H 108 49.35 5.85 15.81
N ASN H 109 48.80 5.92 17.02
CA ASN H 109 49.62 5.78 18.22
C ASN H 109 50.19 4.37 18.34
N LEU H 110 49.40 3.35 18.01
CA LEU H 110 49.91 1.98 18.07
C LEU H 110 51.11 1.80 17.14
N LEU H 111 50.94 2.16 15.86
CA LEU H 111 52.05 2.08 14.92
C LEU H 111 53.22 2.94 15.37
N GLU H 112 52.96 4.20 15.72
CA GLU H 112 54.04 5.11 16.10
C GLU H 112 54.89 4.52 17.22
N LYS H 113 54.25 3.98 18.25
CA LYS H 113 54.96 3.50 19.42
C LYS H 113 55.55 2.11 19.22
N SER H 114 55.10 1.36 18.22
CA SER H 114 55.70 0.06 17.91
C SER H 114 57.04 0.30 17.20
N SER H 115 57.96 0.89 17.95
CA SER H 115 59.24 1.36 17.43
C SER H 115 60.33 0.99 18.44
N GLY H 116 61.46 0.53 17.91
CA GLY H 116 62.56 0.08 18.76
C GLY H 116 63.32 -1.08 18.16
N GLY H 117 64.62 -0.92 17.97
CA GLY H 117 65.41 -1.98 17.36
C GLY H 117 64.97 -2.25 15.94
N ASN H 118 64.61 -3.49 15.65
CA ASN H 118 64.15 -3.86 14.32
C ASN H 118 62.73 -3.35 14.04
N ASN H 119 61.95 -3.09 15.09
CA ASN H 119 60.55 -2.70 14.91
C ASN H 119 60.49 -1.26 14.40
N LYS H 120 59.91 -1.08 13.21
CA LYS H 120 59.75 0.24 12.60
C LYS H 120 58.44 0.21 11.82
N CYS H 121 57.36 0.62 12.47
CA CYS H 121 56.03 0.50 11.89
C CYS H 121 55.59 1.74 11.12
N LEU H 122 55.98 2.93 11.58
CA LEU H 122 55.78 4.16 10.81
C LEU H 122 57.13 4.56 10.25
N VAL H 123 57.29 4.43 8.93
CA VAL H 123 58.53 4.74 8.25
C VAL H 123 58.28 5.88 7.28
N THR H 124 59.36 6.50 6.83
CA THR H 124 59.26 7.56 5.84
C THR H 124 59.22 6.98 4.42
N THR H 125 60.35 6.99 3.72
CA THR H 125 60.40 6.56 2.32
C THR H 125 61.01 5.19 2.11
N ASP H 126 61.74 4.65 3.09
CA ASP H 126 62.26 3.30 2.98
C ASP H 126 61.83 2.48 4.19
N ASP H 127 62.35 1.26 4.31
CA ASP H 127 62.00 0.40 5.43
C ASP H 127 62.85 0.63 6.66
N ALA H 128 63.95 1.38 6.55
CA ALA H 128 64.95 1.47 7.61
C ALA H 128 64.92 2.77 8.39
N THR H 129 63.99 3.68 8.10
CA THR H 129 63.98 5.01 8.73
C THR H 129 62.63 5.17 9.42
N VAL H 130 62.63 5.05 10.73
CA VAL H 130 61.41 5.15 11.52
C VAL H 130 61.10 6.62 11.79
N ALA H 131 59.82 6.95 11.85
CA ALA H 131 59.39 8.31 12.15
C ALA H 131 59.58 8.61 13.63
N THR H 132 60.08 9.81 13.94
CA THR H 132 60.36 10.20 15.32
C THR H 132 59.77 11.57 15.59
N ARG H 133 59.47 11.83 16.87
CA ARG H 133 58.93 13.12 17.28
C ARG H 133 60.06 14.14 17.43
N GLY H 134 59.84 15.33 16.88
CA GLY H 134 60.79 16.42 17.07
C GLY H 134 60.40 17.31 18.24
N GLY H 135 61.29 18.26 18.54
CA GLY H 135 61.03 19.20 19.61
C GLY H 135 59.73 19.96 19.44
N ASP H 136 59.22 20.09 18.22
CA ASP H 136 57.95 20.75 17.94
C ASP H 136 56.75 19.80 18.04
N GLN H 137 56.96 18.55 18.47
CA GLN H 137 55.91 17.54 18.58
C GLN H 137 55.40 17.06 17.23
N LYS H 138 56.05 17.44 16.14
CA LYS H 138 55.69 16.91 14.83
C LYS H 138 56.36 15.56 14.62
N LEU H 139 55.68 14.68 13.90
CA LEU H 139 56.14 13.32 13.64
C LEU H 139 56.68 13.26 12.22
N ALA H 140 58.01 13.21 12.09
CA ALA H 140 58.69 13.24 10.79
C ALA H 140 58.20 14.42 9.94
N GLY H 141 58.04 15.57 10.60
CA GLY H 141 57.67 16.80 9.91
C GLY H 141 56.19 17.02 9.71
N LYS H 142 55.33 16.10 10.18
CA LYS H 142 53.89 16.21 10.00
C LYS H 142 53.21 16.55 11.32
N ASN H 143 52.17 17.37 11.25
CA ASN H 143 51.31 17.56 12.42
C ASN H 143 50.58 16.26 12.71
N CYS H 144 50.71 15.78 13.95
CA CYS H 144 50.07 14.53 14.35
C CYS H 144 49.72 14.64 15.84
N LYS H 145 48.75 15.49 16.14
CA LYS H 145 48.28 15.69 17.51
C LYS H 145 47.22 14.64 17.82
N LEU H 146 47.58 13.65 18.62
CA LEU H 146 46.71 12.51 18.92
C LEU H 146 45.90 12.73 20.19
N SER H 147 45.24 13.88 20.28
CA SER H 147 44.48 14.23 21.48
C SER H 147 43.60 15.44 21.16
N LEU H 148 42.64 15.70 22.04
CA LEU H 148 41.76 16.84 21.95
C LEU H 148 42.26 17.97 22.86
N SER H 149 42.25 19.19 22.32
CA SER H 149 42.59 20.39 23.08
C SER H 149 41.37 20.92 23.81
N PRO H 150 41.57 21.77 24.82
CA PRO H 150 40.43 22.43 25.45
C PRO H 150 39.52 23.09 24.43
N LEU H 151 38.22 22.92 24.61
CA LEU H 151 37.24 23.48 23.69
C LEU H 151 37.29 25.00 23.75
N LYS H 152 37.32 25.64 22.58
CA LYS H 152 37.15 27.08 22.49
C LYS H 152 36.42 27.39 21.20
N PRO H 153 35.54 28.40 21.20
CA PRO H 153 34.72 28.69 20.00
C PRO H 153 35.49 29.51 18.97
N VAL H 154 36.42 28.86 18.28
CA VAL H 154 37.25 29.52 17.28
C VAL H 154 37.20 28.72 15.99
N ASP H 155 37.24 29.43 14.87
CA ASP H 155 37.29 28.77 13.57
C ASP H 155 38.49 27.83 13.52
N ALA H 156 38.37 26.78 12.69
CA ALA H 156 39.45 25.81 12.51
C ALA H 156 39.28 25.14 11.17
N ALA H 157 40.30 25.23 10.32
CA ALA H 157 40.18 24.76 8.95
C ALA H 157 40.08 23.24 8.89
N LEU H 158 39.14 22.75 8.09
CA LEU H 158 38.97 21.32 7.83
C LEU H 158 39.03 21.14 6.32
N THR H 159 40.20 20.75 5.80
CA THR H 159 40.45 20.71 4.37
C THR H 159 40.52 19.30 3.79
N TYR H 160 40.80 18.29 4.60
CA TYR H 160 40.91 16.93 4.07
C TYR H 160 39.55 16.29 3.85
N ILE H 161 38.50 16.78 4.52
CA ILE H 161 37.14 16.32 4.29
C ILE H 161 36.24 17.55 4.25
N THR H 162 35.59 17.77 3.11
CA THR H 162 34.68 18.90 2.94
C THR H 162 33.39 18.42 2.28
N LYS H 163 32.52 19.36 1.91
CA LYS H 163 31.27 18.99 1.25
C LYS H 163 31.53 18.28 -0.07
N ALA H 164 32.62 18.63 -0.75
CA ALA H 164 32.94 17.99 -2.03
C ALA H 164 33.39 16.55 -1.85
N GLY H 165 33.92 16.21 -0.68
CA GLY H 165 34.38 14.87 -0.39
C GLY H 165 35.71 14.92 0.34
N VAL H 166 36.41 13.80 0.36
CA VAL H 166 37.74 13.76 0.97
C VAL H 166 38.77 14.28 -0.03
N GLY H 167 39.92 14.68 0.49
CA GLY H 167 40.97 15.24 -0.34
C GLY H 167 42.34 15.00 0.25
N LYS H 168 43.33 14.90 -0.64
CA LYS H 168 44.75 14.89 -0.28
C LYS H 168 45.19 13.59 0.38
N LEU H 169 44.48 12.49 0.11
CA LEU H 169 44.81 11.18 0.67
C LEU H 169 45.08 10.20 -0.46
N ARG H 170 45.87 9.16 -0.18
CA ARG H 170 46.07 8.09 -1.14
C ARG H 170 44.89 7.12 -1.09
N TYR H 171 44.56 6.53 -2.25
CA TYR H 171 43.45 5.60 -2.36
C TYR H 171 43.87 4.37 -3.15
N ASP H 172 43.13 3.27 -2.94
CA ASP H 172 43.10 2.10 -3.80
C ASP H 172 44.29 1.15 -3.65
N ASP H 173 45.50 1.68 -3.55
CA ASP H 173 46.70 0.88 -3.70
C ASP H 173 46.82 -0.18 -2.61
N GLY H 174 47.63 -1.20 -2.89
CA GLY H 174 47.94 -2.24 -1.95
C GLY H 174 47.14 -3.51 -2.16
N GLY H 175 47.21 -4.39 -1.17
CA GLY H 175 46.45 -5.62 -1.18
C GLY H 175 47.16 -6.82 -1.75
N ALA H 176 48.42 -6.68 -2.16
CA ALA H 176 49.17 -7.79 -2.75
C ALA H 176 50.65 -7.69 -2.38
N GLY H 177 51.53 -7.96 -3.33
CA GLY H 177 52.96 -7.97 -3.06
C GLY H 177 53.74 -6.91 -3.79
N GLY H 178 53.05 -5.86 -4.23
CA GLY H 178 53.70 -4.80 -4.99
C GLY H 178 54.46 -3.78 -4.17
N ASN H 179 54.33 -3.81 -2.84
CA ASN H 179 54.97 -2.83 -1.97
C ASN H 179 54.53 -1.42 -2.33
N ALA H 180 53.21 -1.21 -2.38
CA ALA H 180 52.63 0.08 -2.68
C ALA H 180 52.39 0.92 -1.43
N VAL H 181 51.95 0.30 -0.34
CA VAL H 181 51.78 1.01 0.93
C VAL H 181 52.95 0.78 1.88
N THR H 182 53.72 -0.30 1.69
CA THR H 182 54.91 -0.59 2.47
C THR H 182 56.12 -0.71 1.56
N PRO H 183 57.28 -0.21 1.98
CA PRO H 183 58.50 -0.43 1.20
C PRO H 183 58.98 -1.87 1.33
N SER H 184 59.72 -2.30 0.31
CA SER H 184 60.23 -3.67 0.29
C SER H 184 61.14 -3.92 1.48
N LYS H 185 60.83 -4.97 2.25
CA LYS H 185 61.61 -5.33 3.43
C LYS H 185 62.99 -5.81 2.99
N SER H 186 63.98 -4.93 3.09
CA SER H 186 65.32 -5.24 2.59
C SER H 186 66.16 -6.04 3.57
N GLY H 187 65.81 -6.06 4.85
CA GLY H 187 66.62 -6.77 5.83
C GLY H 187 65.97 -6.96 7.18
N VAL H 188 66.63 -6.47 8.23
CA VAL H 188 66.18 -6.73 9.60
C VAL H 188 64.93 -5.94 9.95
N HIS H 189 64.73 -4.78 9.32
CA HIS H 189 63.67 -3.88 9.75
C HIS H 189 62.30 -4.46 9.37
N ALA H 190 61.35 -4.37 10.31
CA ALA H 190 60.07 -5.04 10.12
C ALA H 190 58.98 -4.33 10.92
N CYS H 191 57.74 -4.72 10.63
CA CYS H 191 56.58 -4.30 11.41
C CYS H 191 55.50 -5.37 11.21
N LYS H 192 55.37 -6.26 12.18
CA LYS H 192 54.45 -7.38 12.05
C LYS H 192 52.99 -6.99 12.23
N LEU H 193 52.70 -5.73 12.57
CA LEU H 193 51.30 -5.35 12.79
C LEU H 193 50.53 -5.20 11.49
N LEU H 194 51.22 -4.90 10.39
CA LEU H 194 50.55 -4.51 9.15
C LEU H 194 50.01 -5.68 8.35
N ILE H 195 50.28 -6.93 8.76
CA ILE H 195 49.75 -8.10 8.08
C ILE H 195 49.21 -9.07 9.12
N ALA H 196 47.98 -9.52 8.94
CA ALA H 196 47.36 -10.50 9.83
C ALA H 196 47.63 -11.92 9.35
N HIS H 197 48.92 -12.24 9.19
CA HIS H 197 49.35 -13.54 8.68
C HIS H 197 50.71 -13.84 9.31
N ASN H 198 51.08 -15.13 9.30
CA ASN H 198 52.23 -15.58 10.08
C ASN H 198 53.57 -15.43 9.38
N THR H 199 53.60 -15.39 8.05
CA THR H 199 54.87 -15.38 7.33
C THR H 199 55.61 -14.07 7.55
N ALA H 200 54.94 -12.93 7.40
CA ALA H 200 55.55 -11.63 7.58
C ALA H 200 54.71 -10.69 8.45
N GLY H 201 53.71 -11.22 9.16
CA GLY H 201 52.83 -10.44 9.99
C GLY H 201 52.77 -11.00 11.40
N TYR H 202 51.64 -10.73 12.07
CA TYR H 202 51.48 -11.08 13.47
C TYR H 202 50.61 -12.31 13.70
N GLY H 203 50.13 -12.96 12.64
CA GLY H 203 49.38 -14.18 12.82
C GLY H 203 50.26 -15.31 13.32
N ASP H 204 49.69 -16.22 14.12
CA ASP H 204 50.38 -17.41 14.65
C ASP H 204 49.89 -18.60 13.83
N GLY H 205 50.77 -19.30 13.11
CA GLY H 205 50.47 -20.50 12.36
C GLY H 205 49.74 -20.30 11.05
N GLY H 206 49.19 -19.11 10.82
CA GLY H 206 48.43 -18.85 9.62
C GLY H 206 47.74 -17.51 9.75
N GLY H 207 46.92 -17.20 8.74
CA GLY H 207 46.21 -15.95 8.74
C GLY H 207 44.98 -15.96 9.64
N VAL H 208 44.36 -14.79 9.74
CA VAL H 208 43.08 -14.66 10.43
C VAL H 208 41.98 -15.00 9.43
N THR H 209 40.72 -14.98 9.89
CA THR H 209 39.62 -15.44 9.05
C THR H 209 39.36 -14.48 7.90
N ALA H 210 39.49 -13.17 8.13
CA ALA H 210 39.13 -12.19 7.12
C ALA H 210 39.92 -10.92 7.31
N ASP H 211 40.15 -10.20 6.20
CA ASP H 211 40.82 -8.92 6.25
C ASP H 211 40.17 -8.01 7.30
N ILE H 212 40.98 -7.11 7.85
CA ILE H 212 40.60 -6.30 9.00
C ILE H 212 40.69 -4.83 8.63
N ASP H 213 39.63 -4.09 8.92
CA ASP H 213 39.60 -2.65 8.69
C ASP H 213 40.31 -1.93 9.82
N VAL H 214 41.31 -1.11 9.46
CA VAL H 214 42.01 -0.23 10.40
C VAL H 214 41.94 1.18 9.84
N PHE H 215 42.29 2.16 10.69
CA PHE H 215 42.11 3.57 10.34
C PHE H 215 40.65 3.88 10.03
N ALA H 216 39.73 3.18 10.69
CA ALA H 216 38.29 3.34 10.49
C ALA H 216 37.84 2.87 9.11
N GLY H 217 38.49 1.86 8.56
CA GLY H 217 38.17 1.37 7.23
C GLY H 217 38.94 2.04 6.10
N TYR H 218 39.70 3.09 6.40
CA TYR H 218 40.54 3.70 5.37
C TYR H 218 41.58 2.73 4.84
N MET H 219 41.93 1.69 5.59
CA MET H 219 42.98 0.76 5.21
C MET H 219 42.60 -0.64 5.66
N LYS H 220 42.84 -1.63 4.80
CA LYS H 220 42.57 -3.03 5.10
C LYS H 220 43.88 -3.73 5.44
N VAL H 221 43.91 -4.45 6.55
CA VAL H 221 45.02 -5.34 6.88
C VAL H 221 44.65 -6.74 6.40
N LYS H 222 45.57 -7.37 5.68
CA LYS H 222 45.24 -8.58 4.95
C LYS H 222 45.39 -9.83 5.83
N ALA H 223 44.41 -10.71 5.71
CA ALA H 223 44.46 -12.02 6.37
C ALA H 223 45.37 -13.00 5.62
N THR H 224 45.84 -12.62 4.44
CA THR H 224 46.80 -13.39 3.68
C THR H 224 48.13 -12.62 3.64
N ASP H 225 49.15 -13.29 3.12
CA ASP H 225 50.50 -12.70 3.01
C ASP H 225 50.43 -11.62 1.93
N ALA H 226 49.96 -10.45 2.31
CA ALA H 226 49.85 -9.33 1.40
C ALA H 226 49.82 -8.04 2.21
N GLU H 227 50.37 -6.98 1.62
CA GLU H 227 50.41 -5.70 2.30
C GLU H 227 49.00 -5.10 2.42
N PRO H 228 48.81 -4.12 3.28
CA PRO H 228 47.48 -3.52 3.44
C PRO H 228 47.00 -2.87 2.15
N LYS H 229 45.67 -2.89 1.96
CA LYS H 229 45.03 -2.24 0.83
C LYS H 229 44.32 -0.97 1.28
N LEU H 230 44.55 0.12 0.56
CA LEU H 230 43.86 1.37 0.81
C LEU H 230 42.47 1.35 0.20
N ALA H 231 41.53 2.01 0.87
CA ALA H 231 40.17 2.07 0.36
C ALA H 231 40.10 3.00 -0.84
N ALA H 232 39.07 2.80 -1.65
CA ALA H 232 38.80 3.71 -2.75
C ALA H 232 38.23 5.03 -2.23
N LYS H 233 38.61 6.13 -2.88
CA LYS H 233 38.06 7.43 -2.53
C LYS H 233 36.55 7.38 -2.44
N SER H 234 35.91 6.63 -3.33
CA SER H 234 34.45 6.52 -3.32
C SER H 234 33.96 5.81 -2.06
N ASP H 235 34.72 4.84 -1.55
CA ASP H 235 34.33 4.15 -0.33
C ASP H 235 34.47 5.05 0.90
N LEU H 236 35.21 6.14 0.78
CA LEU H 236 35.37 7.09 1.88
C LEU H 236 34.32 8.19 1.87
N GLU H 237 33.40 8.16 0.92
CA GLU H 237 32.49 9.28 0.69
C GLU H 237 31.05 8.80 0.64
N GLU H 238 30.15 9.74 0.86
CA GLU H 238 28.72 9.51 0.79
C GLU H 238 28.35 8.65 -0.39
N GLY H 239 27.61 7.57 -0.12
CA GLY H 239 27.11 6.70 -1.16
C GLY H 239 28.00 5.53 -1.51
N GLY H 240 29.26 5.52 -1.07
CA GLY H 240 30.16 4.45 -1.42
C GLY H 240 29.87 3.18 -0.64
N GLY H 241 30.58 2.12 -1.03
CA GLY H 241 30.50 0.84 -0.37
C GLY H 241 31.63 0.64 0.62
N GLY H 242 31.83 -0.61 1.02
CA GLY H 242 32.91 -0.95 1.91
C GLY H 242 32.57 -0.81 3.37
N GLY H 243 33.58 -0.97 4.20
CA GLY H 243 33.43 -0.85 5.65
C GLY H 243 34.11 0.38 6.21
N ALA H 244 34.00 1.50 5.50
CA ALA H 244 34.57 2.77 5.93
C ALA H 244 33.47 3.74 6.36
N GLU H 245 32.50 3.23 7.13
CA GLU H 245 31.29 3.99 7.41
C GLU H 245 31.58 5.29 8.17
N ALA H 246 32.60 5.29 9.02
CA ALA H 246 32.88 6.50 9.81
C ALA H 246 33.38 7.63 8.92
N TRP H 247 34.10 7.32 7.84
CA TRP H 247 34.47 8.35 6.88
C TRP H 247 33.26 8.85 6.11
N LYS H 248 32.45 7.92 5.59
CA LYS H 248 31.26 8.31 4.83
C LYS H 248 30.31 9.13 5.68
N ALA H 249 30.08 8.70 6.93
CA ALA H 249 29.11 9.38 7.78
C ALA H 249 29.54 10.80 8.11
N LEU H 250 30.85 11.05 8.20
CA LEU H 250 31.30 12.41 8.46
C LEU H 250 31.15 13.28 7.22
N HIS H 251 31.41 12.72 6.04
CA HIS H 251 31.14 13.47 4.81
C HIS H 251 29.68 13.89 4.76
N THR H 252 28.77 12.96 5.03
CA THR H 252 27.34 13.27 5.03
C THR H 252 27.03 14.38 6.03
N ALA H 253 27.56 14.26 7.25
CA ALA H 253 27.28 15.26 8.28
C ALA H 253 27.72 16.66 7.83
N ILE H 254 28.91 16.76 7.24
CA ILE H 254 29.38 18.06 6.76
C ILE H 254 28.45 18.61 5.68
N LYS H 255 28.00 17.74 4.77
CA LYS H 255 27.12 18.20 3.69
C LYS H 255 25.76 18.64 4.21
N GLN H 256 25.31 18.12 5.35
CA GLN H 256 24.01 18.46 5.89
C GLN H 256 24.06 19.62 6.88
N GLU H 257 25.23 20.23 7.06
CA GLU H 257 25.33 21.39 7.94
C GLU H 257 24.32 22.45 7.53
N ALA H 258 23.80 23.17 8.52
CA ALA H 258 22.76 24.15 8.26
C ALA H 258 23.36 25.40 7.61
N ASP H 259 22.48 26.29 7.18
CA ASP H 259 22.86 27.53 6.51
C ASP H 259 22.86 28.65 7.54
N ALA H 260 24.03 29.24 7.78
CA ALA H 260 24.11 30.37 8.71
C ALA H 260 23.36 31.59 8.19
N GLU H 261 23.10 31.67 6.88
CA GLU H 261 22.42 32.81 6.28
C GLU H 261 21.02 32.44 5.79
N ALA H 262 20.40 31.45 6.42
CA ALA H 262 19.08 31.00 5.97
C ALA H 262 18.07 32.13 6.00
N ALA H 263 17.17 32.12 5.01
CA ALA H 263 16.07 33.08 5.00
C ALA H 263 15.30 33.06 6.30
N GLU H 264 15.22 31.89 6.95
CA GLU H 264 14.52 31.75 8.21
C GLU H 264 15.19 32.49 9.36
N LEU H 265 16.43 32.94 9.18
CA LEU H 265 17.17 33.60 10.23
C LEU H 265 17.36 35.10 10.03
N THR H 266 17.04 35.64 8.85
CA THR H 266 17.42 36.99 8.49
C THR H 266 16.21 37.87 8.18
N ASN H 267 16.31 39.17 8.36
CA ASN H 267 15.27 40.14 7.97
C ASN H 267 14.94 39.98 6.49
N GLU H 268 13.65 40.06 6.18
CA GLU H 268 13.09 40.30 4.84
C GLU H 268 13.51 41.69 4.37
N THR H 269 13.99 41.76 3.14
CA THR H 269 14.40 42.97 2.42
C THR H 269 13.54 43.03 1.17
N GLY H 270 13.72 44.06 0.36
CA GLY H 270 12.88 44.35 -0.82
C GLY H 270 11.88 45.42 -0.48
N LYS H 271 11.05 45.77 -1.45
CA LYS H 271 9.93 46.70 -1.26
C LYS H 271 8.98 46.06 -0.26
N LEU H 272 8.35 46.88 0.57
CA LEU H 272 7.59 46.44 1.76
C LEU H 272 6.37 45.64 1.29
N GLY H 273 5.87 45.98 0.11
CA GLY H 273 4.67 45.40 -0.50
C GLY H 273 4.87 43.97 -0.93
N GLU H 274 6.10 43.60 -1.24
CA GLU H 274 6.48 42.24 -1.70
C GLU H 274 7.06 41.42 -0.55
N ARG H 275 7.14 41.97 0.66
CA ARG H 275 7.68 41.29 1.86
C ARG H 275 6.56 40.47 2.49
N ARG H 276 6.60 39.16 2.33
CA ARG H 276 5.46 38.27 2.56
C ARG H 276 5.05 38.27 4.04
N HIS H 277 6.01 38.40 4.96
CA HIS H 277 5.78 38.37 6.41
C HIS H 277 5.32 39.74 6.90
N PHE H 278 5.78 40.82 6.30
CA PHE H 278 5.19 42.17 6.53
C PHE H 278 3.72 42.12 6.17
N LEU H 279 3.42 41.59 4.99
CA LEU H 279 2.06 41.52 4.41
C LEU H 279 1.17 40.68 5.29
N ALA H 280 1.67 39.54 5.74
CA ALA H 280 0.95 38.61 6.63
C ALA H 280 0.66 39.28 7.96
N ALA H 281 1.68 39.89 8.55
CA ALA H 281 1.62 40.63 9.82
C ALA H 281 0.49 41.64 9.68
N ALA H 282 0.53 42.39 8.60
CA ALA H 282 -0.37 43.52 8.31
C ALA H 282 -1.81 43.03 8.11
N THR H 283 -2.00 41.98 7.33
CA THR H 283 -3.30 41.32 7.11
C THR H 283 -3.91 40.94 8.46
N ASN H 284 -3.11 40.38 9.37
CA ASN H 284 -3.59 39.76 10.62
C ASN H 284 -3.87 40.81 11.69
N VAL H 285 -3.00 41.81 11.84
CA VAL H 285 -3.07 42.79 12.97
C VAL H 285 -3.89 44.03 12.58
N LEU H 286 -3.93 44.42 11.31
CA LEU H 286 -4.72 45.58 10.81
C LEU H 286 -6.03 45.08 10.19
N GLY H 287 -6.25 43.77 10.17
CA GLY H 287 -7.53 43.16 9.77
C GLY H 287 -7.87 43.56 8.37
N THR H 288 -6.90 43.42 7.47
CA THR H 288 -6.98 43.90 6.08
C THR H 288 -7.87 42.94 5.28
N ASN H 295 -5.04 41.82 -2.94
CA ASN H 295 -4.12 42.97 -2.84
C ASN H 295 -4.74 44.07 -1.97
N ALA H 296 -4.64 43.94 -0.65
CA ALA H 296 -5.09 45.03 0.25
C ALA H 296 -4.05 45.27 1.34
N GLY H 297 -3.32 44.23 1.72
CA GLY H 297 -2.20 44.32 2.68
C GLY H 297 -1.09 45.15 2.11
N ARG H 298 -0.79 44.97 0.83
CA ARG H 298 0.16 45.81 0.07
C ARG H 298 -0.17 47.29 0.31
N ALA H 299 -1.45 47.64 0.17
CA ALA H 299 -1.95 49.02 0.28
C ALA H 299 -1.86 49.47 1.74
N ALA H 300 -2.14 48.56 2.67
CA ALA H 300 -2.09 48.78 4.12
C ALA H 300 -0.67 49.08 4.56
N VAL H 301 0.28 48.28 4.11
CA VAL H 301 1.71 48.36 4.52
C VAL H 301 2.25 49.67 3.95
N GLU H 302 1.94 49.96 2.70
CA GLU H 302 2.40 51.18 2.01
C GLU H 302 1.81 52.40 2.72
N ALA H 303 0.58 52.31 3.20
CA ALA H 303 -0.08 53.41 3.92
C ALA H 303 0.63 53.62 5.25
N ALA H 304 0.88 52.54 5.97
CA ALA H 304 1.38 52.55 7.37
C ALA H 304 2.82 53.09 7.40
N PHE H 305 3.66 52.63 6.50
CA PHE H 305 5.11 52.93 6.49
C PHE H 305 5.39 54.14 5.60
N GLY H 306 4.37 54.65 4.92
CA GLY H 306 4.50 55.77 3.98
C GLY H 306 5.44 55.42 2.84
N GLY H 311 13.70 50.03 1.63
CA GLY H 311 13.61 51.22 2.50
C GLY H 311 12.18 51.53 2.86
N GLY H 312 11.94 52.52 3.71
CA GLY H 312 10.57 52.97 4.08
C GLY H 312 10.20 52.52 5.46
N ASP H 313 10.80 51.42 5.92
CA ASP H 313 10.72 50.88 7.30
C ASP H 313 11.79 51.52 8.18
N ARG H 314 12.78 52.18 7.58
CA ARG H 314 14.02 52.55 8.30
C ARG H 314 13.76 53.76 9.18
N LYS H 315 12.80 54.60 8.83
CA LYS H 315 12.47 55.82 9.59
C LYS H 315 11.94 55.39 10.95
N ILE H 316 10.98 54.48 10.97
CA ILE H 316 10.36 53.98 12.24
C ILE H 316 11.41 53.17 12.99
N ILE H 317 12.24 52.38 12.31
CA ILE H 317 13.32 51.57 12.94
C ILE H 317 14.27 52.52 13.68
N GLU H 318 14.72 53.56 13.00
CA GLU H 318 15.60 54.62 13.54
C GLU H 318 14.94 55.30 14.74
N LEU H 319 13.67 55.67 14.65
CA LEU H 319 12.92 56.27 15.79
C LEU H 319 12.95 55.33 17.01
N ILE H 320 12.74 54.04 16.81
CA ILE H 320 12.71 53.06 17.93
C ILE H 320 14.10 53.10 18.59
N GLU H 321 15.16 53.01 17.80
CA GLU H 321 16.56 52.83 18.28
C GLU H 321 16.99 54.08 19.06
N LYS H 322 16.65 55.26 18.55
CA LYS H 322 17.17 56.57 19.01
C LYS H 322 16.33 57.09 20.16
N GLU H 323 15.25 56.40 20.53
CA GLU H 323 14.34 56.86 21.61
C GLU H 323 15.05 56.87 22.95
N LEU H 324 15.01 58.00 23.63
CA LEU H 324 15.64 58.18 24.95
C LEU H 324 14.77 57.53 26.01
N ILE H 325 15.36 56.66 26.80
CA ILE H 325 14.82 56.09 28.05
C ILE H 325 15.59 56.78 29.16
N VAL H 326 14.90 57.57 29.97
CA VAL H 326 15.47 58.52 30.94
C VAL H 326 15.71 57.75 32.23
N LYS H 327 16.69 58.16 33.02
CA LYS H 327 16.91 57.67 34.39
C LYS H 327 15.59 57.75 35.15
N GLY H 328 15.28 56.69 35.91
CA GLY H 328 14.08 56.55 36.74
C GLY H 328 13.02 55.71 36.07
N THR H 329 13.04 55.66 34.74
CA THR H 329 12.11 54.82 33.94
C THR H 329 12.38 53.38 34.29
N ALA H 330 11.44 52.75 34.96
CA ALA H 330 11.51 51.36 35.44
C ALA H 330 12.75 51.17 36.34
N ASN H 331 13.06 52.18 37.13
CA ASN H 331 14.16 52.23 38.13
C ASN H 331 15.52 52.09 37.45
N ARG H 332 15.64 52.54 36.20
CA ARG H 332 16.95 52.60 35.50
C ARG H 332 17.77 53.72 36.15
N ASP H 333 19.09 53.53 36.25
CA ASP H 333 20.03 54.35 37.06
C ASP H 333 20.75 55.37 36.17
N ALA H 334 20.55 55.31 34.86
CA ALA H 334 21.08 56.27 33.89
C ALA H 334 20.23 56.28 32.63
N ASP H 335 20.34 57.37 31.86
CA ASP H 335 19.77 57.55 30.52
C ASP H 335 20.43 56.55 29.57
N GLU H 336 19.67 56.01 28.64
CA GLU H 336 20.13 55.14 27.55
C GLU H 336 19.14 55.21 26.41
N SER H 337 19.64 55.08 25.19
CA SER H 337 18.83 54.92 23.98
C SER H 337 18.25 53.51 23.95
N LEU H 338 17.01 53.36 23.52
CA LEU H 338 16.24 52.08 23.59
C LEU H 338 17.00 51.03 22.80
N GLY H 339 17.63 51.47 21.71
CA GLY H 339 18.43 50.68 20.78
C GLY H 339 19.61 50.01 21.44
N ASN H 340 20.16 50.58 22.50
CA ASN H 340 21.33 50.05 23.22
C ASN H 340 20.92 49.10 24.36
N ILE H 341 19.62 48.92 24.62
CA ILE H 341 19.10 48.09 25.74
C ILE H 341 18.93 46.67 25.19
N LYS H 342 19.76 45.73 25.68
CA LYS H 342 20.07 44.42 25.07
C LYS H 342 20.10 43.30 26.13
N THR H 343 19.20 43.35 27.11
CA THR H 343 18.84 42.21 27.97
C THR H 343 17.32 42.09 28.04
N LEU H 344 16.86 40.85 28.17
CA LEU H 344 15.44 40.50 28.17
C LEU H 344 14.83 41.01 29.48
N LYS H 345 15.54 40.93 30.59
CA LYS H 345 15.08 41.52 31.87
C LYS H 345 14.75 43.00 31.68
N GLU H 346 15.68 43.76 31.11
CA GLU H 346 15.58 45.23 30.95
C GLU H 346 14.43 45.56 30.02
N LEU H 347 14.37 44.92 28.85
CA LEU H 347 13.33 45.20 27.84
C LEU H 347 11.95 44.82 28.41
N GLY H 348 11.86 43.72 29.11
CA GLY H 348 10.58 43.27 29.71
C GLY H 348 10.06 44.21 30.78
N GLU H 349 10.95 44.64 31.66
CA GLU H 349 10.62 45.61 32.74
C GLU H 349 10.16 46.94 32.17
N LEU H 350 10.71 47.36 31.03
CA LEU H 350 10.26 48.58 30.30
C LEU H 350 8.86 48.36 29.67
N LEU H 351 8.62 47.25 29.00
CA LEU H 351 7.29 46.93 28.42
C LEU H 351 6.27 46.89 29.54
N SER H 352 6.57 46.25 30.65
CA SER H 352 5.71 46.16 31.86
C SER H 352 5.35 47.55 32.37
N TYR H 353 6.38 48.34 32.64
CA TYR H 353 6.28 49.72 33.17
C TYR H 353 5.28 50.50 32.31
N PHE H 354 5.54 50.58 31.02
CA PHE H 354 4.73 51.38 30.08
C PHE H 354 3.33 50.78 29.89
N GLN H 355 3.17 49.46 29.91
CA GLN H 355 1.83 48.83 29.80
C GLN H 355 1.02 49.21 31.04
N LEU H 356 1.64 49.21 32.21
CA LEU H 356 0.96 49.56 33.47
C LEU H 356 0.48 51.01 33.40
N LYS H 357 1.32 51.92 32.91
CA LYS H 357 0.99 53.35 32.76
C LYS H 357 -0.18 53.48 31.78
N ASN H 358 -0.15 52.77 30.66
CA ASN H 358 -1.22 52.79 29.64
C ASN H 358 -2.54 52.36 30.27
N SER H 359 -2.48 51.34 31.12
CA SER H 359 -3.67 50.82 31.82
C SER H 359 -4.24 51.93 32.67
N ASN H 360 -3.40 52.53 33.51
CA ASN H 360 -3.82 53.56 34.48
C ASN H 360 -4.29 54.83 33.76
N THR H 361 -3.69 55.17 32.63
CA THR H 361 -4.08 56.29 31.75
C THR H 361 -5.51 56.06 31.27
N ILE H 362 -5.80 54.87 30.76
CA ILE H 362 -7.14 54.54 30.20
C ILE H 362 -8.18 54.70 31.31
N ASN H 363 -7.88 54.21 32.50
CA ASN H 363 -8.85 54.18 33.62
C ASN H 363 -9.12 55.61 34.10
N GLU H 364 -8.08 56.38 34.31
CA GLU H 364 -8.14 57.79 34.75
C GLU H 364 -8.95 58.59 33.73
N LEU H 365 -8.59 58.52 32.46
CA LEU H 365 -9.24 59.32 31.39
C LEU H 365 -10.73 58.99 31.38
N ARG H 366 -11.08 57.71 31.54
CA ARG H 366 -12.49 57.25 31.47
C ARG H 366 -13.25 57.86 32.66
N ASN H 367 -12.68 57.79 33.85
CA ASN H 367 -13.29 58.31 35.10
C ASN H 367 -13.54 59.81 34.92
N LYS H 368 -12.60 60.52 34.32
CA LYS H 368 -12.65 62.00 34.17
C LYS H 368 -13.71 62.36 33.14
N LEU H 369 -13.80 61.61 32.05
CA LEU H 369 -14.80 61.88 30.99
C LEU H 369 -16.21 61.64 31.53
N LYS H 370 -16.38 60.63 32.37
CA LYS H 370 -17.66 60.32 33.06
C LYS H 370 -18.09 61.52 33.90
N ALA H 371 -17.14 62.19 34.54
CA ALA H 371 -17.36 63.29 35.50
C ALA H 371 -17.62 64.63 34.80
N VAL H 372 -17.05 64.87 33.60
CA VAL H 372 -17.04 66.21 32.91
C VAL H 372 -17.74 66.12 31.56
#